data_8UWA
#
_entry.id   8UWA
#
_cell.length_a   158.040
_cell.length_b   158.040
_cell.length_c   417.206
_cell.angle_alpha   90.000
_cell.angle_beta   90.000
_cell.angle_gamma   120.000
#
_symmetry.space_group_name_H-M   'P 31 2 1'
#
loop_
_entity.id
_entity.type
_entity.pdbx_description
1 polymer '09-1B12 light chain'
2 polymer Hemagglutinin
3 polymer '09-1B12 heavy chain'
4 branched alpha-D-mannopyranose-(1-3)-beta-D-mannopyranose-(1-4)-2-acetamido-2-deoxy-beta-D-glucopyranose-(1-4)-2-acetamido-2-deoxy-beta-D-glucopyranose
5 branched alpha-D-mannopyranose-(1-3)-[alpha-D-mannopyranose-(1-6)]alpha-D-mannopyranose-(1-6)-[alpha-D-mannopyranose-(1-3)]beta-D-mannopyranose-(1-4)-2-acetamido-2-deoxy-beta-D-glucopyranose-(1-4)-2-acetamido-2-deoxy-beta-D-glucopyranose
6 branched beta-D-mannopyranose-(1-4)-2-acetamido-2-deoxy-beta-D-glucopyranose-(1-4)-2-acetamido-2-deoxy-beta-D-glucopyranose
7 branched alpha-D-mannopyranose-(1-3)-[alpha-D-mannopyranose-(1-6)]beta-D-mannopyranose-(1-4)-2-acetamido-2-deoxy-beta-D-glucopyranose-(1-4)-2-acetamido-2-deoxy-beta-D-glucopyranose
8 branched alpha-D-mannopyranose-(1-6)-beta-D-mannopyranose-(1-4)-2-acetamido-2-deoxy-beta-D-glucopyranose-(1-4)-2-acetamido-2-deoxy-beta-D-glucopyranose
9 branched 2-acetamido-2-deoxy-beta-D-glucopyranose-(1-4)-2-acetamido-2-deoxy-beta-D-glucopyranose
10 branched alpha-D-mannopyranose-(1-3)-alpha-D-mannopyranose-(1-6)-[alpha-D-mannopyranose-(1-3)]beta-D-mannopyranose-(1-4)-2-acetamido-2-deoxy-beta-D-glucopyranose-(1-4)-2-acetamido-2-deoxy-beta-D-glucopyranose
11 non-polymer 2-acetamido-2-deoxy-beta-D-glucopyranose
#
loop_
_entity_poly.entity_id
_entity_poly.type
_entity_poly.pdbx_seq_one_letter_code
_entity_poly.pdbx_strand_id
1 'polypeptide(L)'
;EIVLTQSPGTLSLSPGERATLSCRASQSVTNRFIAWYQHKPGQSPRLLIYGASSRATGIPDRFSGRGSGTDFTLTISRLE
PEDFAVYYCQQYDTSPRWTFGQGTKLEIKRTVAAPSVFIFPPSDEQLKSGTASVVCLLNNFYPREAKVQWKVDNALQSGN
SQESVTEQDSKDSTYSLSSTLTLSKADYEKHKVYACEVTHQGLSSPVTKSFNRGEC
;
D,E,G
2 'polypeptide(L)'
;QKLPGNDNSTATLCLGHHAVPNGTIVKTITNDQIEVTNATELVQSSSTGEICDSPHQILDGKNCTLIDALLGDPQCDGFQ
NKKWDLFVERSKAYSNCYPYDVPDYASLRSLVASSGTLEFNNESFNWTGVTQNGTSSACIRRSKNSFFSRLNWLTHLNFK
YPALNVTMPNNEQFDKLYIWGVHHPGTDKDQIFLYAQASGRITVSTKRSQQTVSPNIGSRPRVRNIPSRISIYWTIVKPG
DILLINSTGNLIAPRGYFKIRSGKSSIMRSDAPIGKCNSECITPNGSIPNDKPFQNVNRITYGACPRYVKQNTLKLATGM
RNVPEKQTRGIFGAIAGFIENGWEGMVDGWYGFRHQNSEGRGQAADLKSTQAAIDQINGKLNRLIGKTNEKFHQIEKEFS
EVEGRIQDLEKYVEDTKIDLWSYNAELLVALENQHTIDLTDSEMNKLFEKTKKQLRENAEDMGNGCFKIYHKCDNACIGS
IRNGTYDHDVYRDEALNNRFQIKGAGSSLEVLFQ
;
A,B,C
3 'polypeptide(L)'
;QVQLVQSAPEVKRPGASVRLSCKASGYTFNTYGIIWVRQAPGQGLEWMGWISAYTGNTNYAQKVQGRVTMTTDITTSTAY
LELRGLRSDDTAVYYCARGLLQGAVILDSYHYALDFWGQGTTVTVSGASTKGPSVFPLAPSSKSTSGGTAALGCLVKDYF
PEPVTVSWNSGALTSGVHTFPAVLQSSGLYSLSSVVTVPSSSLGTQTYICNVNHKPSNTKVDKRVEPKSCDKGSSLEVLF
;
F,H,U
#
# COMPACT_ATOMS: atom_id res chain seq x y z
N GLU A 1 16.54 2.69 29.36
CA GLU A 1 16.76 1.76 28.26
C GLU A 1 15.56 0.84 28.11
N ILE A 2 15.63 -0.06 27.12
CA ILE A 2 14.63 -1.11 27.02
C ILE A 2 14.76 -2.03 28.22
N VAL A 3 13.65 -2.26 28.91
CA VAL A 3 13.65 -3.03 30.15
C VAL A 3 12.83 -4.28 29.92
N LEU A 4 13.42 -5.43 30.22
CA LEU A 4 12.76 -6.72 30.12
C LEU A 4 12.41 -7.19 31.53
N THR A 5 11.13 -7.46 31.77
CA THR A 5 10.66 -7.89 33.08
C THR A 5 10.31 -9.37 33.04
N GLN A 6 10.97 -10.16 33.90
CA GLN A 6 10.77 -11.59 33.97
C GLN A 6 9.72 -11.94 35.01
N SER A 7 9.19 -13.17 34.90
CA SER A 7 8.07 -13.58 35.73
C SER A 7 7.92 -15.08 35.67
N PRO A 8 7.61 -15.75 36.79
CA PRO A 8 7.65 -15.20 38.16
C PRO A 8 9.08 -15.18 38.66
N GLY A 9 9.41 -14.34 39.63
CA GLY A 9 10.79 -14.27 40.12
C GLY A 9 11.27 -15.59 40.70
N THR A 10 10.40 -16.26 41.45
CA THR A 10 10.68 -17.59 41.98
C THR A 10 9.54 -18.53 41.60
N LEU A 11 9.88 -19.67 41.04
CA LEU A 11 8.90 -20.68 40.64
C LEU A 11 9.29 -22.01 41.27
N SER A 12 8.35 -22.59 42.02
CA SER A 12 8.57 -23.88 42.67
C SER A 12 7.64 -24.91 42.03
N LEU A 13 8.22 -25.93 41.42
CA LEU A 13 7.48 -26.99 40.76
C LEU A 13 8.06 -28.33 41.17
N SER A 14 7.25 -29.37 41.07
CA SER A 14 7.78 -30.68 41.36
C SER A 14 8.51 -31.23 40.13
N PRO A 15 9.51 -32.09 40.33
CA PRO A 15 10.15 -32.73 39.17
C PRO A 15 9.14 -33.51 38.34
N GLY A 16 9.29 -33.40 37.02
CA GLY A 16 8.35 -34.00 36.10
C GLY A 16 7.16 -33.14 35.73
N GLU A 17 7.18 -31.85 36.06
CA GLU A 17 6.08 -30.93 35.75
C GLU A 17 6.56 -29.86 34.79
N ARG A 18 5.70 -29.51 33.83
CA ARG A 18 6.01 -28.45 32.90
C ARG A 18 6.16 -27.12 33.62
N ALA A 19 7.09 -26.29 33.14
CA ALA A 19 7.31 -24.96 33.70
C ALA A 19 7.28 -23.93 32.59
N THR A 20 6.56 -22.83 32.82
CA THR A 20 6.42 -21.76 31.85
C THR A 20 6.94 -20.47 32.46
N LEU A 21 7.93 -19.85 31.80
CA LEU A 21 8.49 -18.58 32.22
C LEU A 21 8.05 -17.49 31.23
N SER A 22 7.93 -16.26 31.74
CA SER A 22 7.40 -15.17 30.92
C SER A 22 8.30 -13.95 31.04
N CYS A 23 8.70 -13.40 29.90
CA CYS A 23 9.47 -12.16 29.84
C CYS A 23 8.69 -11.16 28.97
N ARG A 24 8.36 -10.01 29.54
CA ARG A 24 7.68 -8.96 28.81
C ARG A 24 8.65 -7.82 28.53
N ALA A 25 8.72 -7.41 27.25
CA ALA A 25 9.58 -6.33 26.82
C ALA A 25 8.84 -5.00 26.91
N SER A 26 9.59 -3.95 27.23
CA SER A 26 9.01 -2.62 27.31
C SER A 26 8.48 -2.18 25.95
N GLN A 27 9.21 -2.50 24.88
CA GLN A 27 8.82 -2.14 23.53
C GLN A 27 8.87 -3.37 22.63
N SER A 28 8.15 -3.29 21.52
CA SER A 28 8.10 -4.41 20.59
C SER A 28 9.48 -4.73 20.04
N VAL A 29 9.76 -6.02 19.91
CA VAL A 29 11.03 -6.51 19.42
C VAL A 29 10.77 -7.49 18.28
N THR A 30 11.57 -7.39 17.21
CA THR A 30 11.55 -8.42 16.18
C THR A 30 12.07 -9.72 16.78
N ASN A 31 11.43 -10.83 16.41
CA ASN A 31 11.82 -12.13 16.93
C ASN A 31 13.28 -12.47 16.65
N ARG A 32 13.95 -11.67 15.81
CA ARG A 32 15.37 -11.88 15.54
C ARG A 32 16.22 -11.73 16.80
N PHE A 33 15.72 -11.04 17.82
CA PHE A 33 16.40 -10.86 19.09
C PHE A 33 15.59 -11.56 20.18
N ILE A 34 15.97 -11.30 21.44
CA ILE A 34 15.33 -11.88 22.63
C ILE A 34 15.71 -13.35 22.75
N ALA A 35 16.81 -13.63 23.46
CA ALA A 35 17.28 -15.00 23.63
C ALA A 35 17.34 -15.36 25.12
N TRP A 36 17.28 -16.66 25.38
CA TRP A 36 17.15 -17.19 26.74
C TRP A 36 18.40 -17.94 27.15
N TYR A 37 18.89 -17.65 28.36
CA TYR A 37 20.10 -18.25 28.94
C TYR A 37 19.81 -18.97 30.25
N GLN A 38 20.70 -19.90 30.59
CA GLN A 38 20.66 -20.64 31.85
C GLN A 38 21.96 -20.42 32.61
N HIS A 39 21.86 -20.22 33.92
CA HIS A 39 23.02 -19.99 34.79
C HIS A 39 22.91 -20.88 36.01
N LYS A 40 23.44 -22.10 35.89
CA LYS A 40 23.58 -22.94 37.07
C LYS A 40 24.61 -22.31 38.01
N PRO A 41 24.36 -22.33 39.32
CA PRO A 41 25.28 -21.66 40.25
C PRO A 41 26.69 -22.24 40.16
N GLY A 42 27.69 -21.35 40.22
CA GLY A 42 29.08 -21.76 40.17
C GLY A 42 29.59 -22.15 38.80
N GLN A 43 28.85 -21.86 37.74
CA GLN A 43 29.24 -22.25 36.40
C GLN A 43 28.99 -21.09 35.44
N SER A 44 29.61 -21.17 34.27
CA SER A 44 29.42 -20.15 33.26
C SER A 44 28.00 -20.23 32.69
N PRO A 45 27.40 -19.10 32.34
CA PRO A 45 26.06 -19.12 31.74
C PRO A 45 26.03 -19.86 30.42
N ARG A 46 24.92 -20.54 30.16
CA ARG A 46 24.73 -21.33 28.96
C ARG A 46 23.62 -20.74 28.11
N LEU A 47 23.76 -20.88 26.80
CA LEU A 47 22.75 -20.40 25.86
C LEU A 47 21.79 -21.54 25.54
N LEU A 48 20.52 -21.38 25.92
CA LEU A 48 19.50 -22.35 25.58
C LEU A 48 18.75 -22.01 24.30
N ILE A 49 18.18 -20.81 24.20
CA ILE A 49 17.37 -20.45 23.04
C ILE A 49 17.96 -19.21 22.39
N TYR A 50 18.41 -19.35 21.15
CA TYR A 50 18.79 -18.21 20.33
C TYR A 50 17.65 -17.88 19.38
N GLY A 51 17.75 -16.72 18.75
CA GLY A 51 16.63 -16.22 17.98
C GLY A 51 15.46 -16.00 18.91
N ALA A 52 14.30 -16.51 18.54
CA ALA A 52 13.14 -16.52 19.42
C ALA A 52 12.72 -17.91 19.83
N SER A 53 12.76 -18.88 18.90
CA SER A 53 12.26 -20.22 19.17
C SER A 53 13.19 -21.32 18.64
N SER A 54 14.47 -21.04 18.50
CA SER A 54 15.42 -21.99 17.93
C SER A 54 16.32 -22.52 19.04
N ARG A 55 16.36 -23.84 19.20
CA ARG A 55 17.23 -24.46 20.19
C ARG A 55 18.69 -24.35 19.76
N ALA A 56 19.56 -24.09 20.72
CA ALA A 56 20.99 -24.08 20.44
C ALA A 56 21.51 -25.50 20.25
N THR A 57 22.66 -25.61 19.58
CA THR A 57 23.24 -26.92 19.31
C THR A 57 23.56 -27.63 20.61
N GLY A 58 23.16 -28.90 20.71
CA GLY A 58 23.39 -29.68 21.92
C GLY A 58 22.54 -29.28 23.10
N ILE A 59 21.28 -28.92 22.86
CA ILE A 59 20.36 -28.54 23.94
C ILE A 59 19.22 -29.55 23.94
N PRO A 60 18.78 -30.03 25.10
CA PRO A 60 17.69 -31.02 25.13
C PRO A 60 16.43 -30.49 24.47
N ASP A 61 15.71 -31.41 23.82
CA ASP A 61 14.52 -31.03 23.06
C ASP A 61 13.40 -30.52 23.95
N ARG A 62 13.47 -30.77 25.26
CA ARG A 62 12.38 -30.35 26.15
C ARG A 62 12.25 -28.83 26.17
N PHE A 63 13.37 -28.12 26.22
CA PHE A 63 13.34 -26.66 26.22
C PHE A 63 12.69 -26.15 24.94
N SER A 64 11.71 -25.25 25.08
CA SER A 64 10.95 -24.76 23.93
C SER A 64 10.74 -23.26 24.09
N GLY A 65 11.37 -22.47 23.22
CA GLY A 65 11.12 -21.04 23.19
C GLY A 65 9.94 -20.70 22.30
N ARG A 66 9.26 -19.61 22.64
CA ARG A 66 8.09 -19.17 21.89
C ARG A 66 7.78 -17.73 22.26
N GLY A 67 6.83 -17.14 21.57
CA GLY A 67 6.36 -15.80 21.87
C GLY A 67 6.69 -14.80 20.78
N SER A 68 6.07 -13.63 20.90
CA SER A 68 6.21 -12.60 19.88
C SER A 68 5.80 -11.25 20.48
N GLY A 69 6.37 -10.19 19.92
CA GLY A 69 6.00 -8.85 20.36
C GLY A 69 6.55 -8.53 21.74
N THR A 70 5.67 -8.12 22.64
CA THR A 70 6.09 -7.77 24.00
C THR A 70 6.40 -9.01 24.83
N ASP A 71 5.63 -10.08 24.66
CA ASP A 71 5.69 -11.24 25.52
C ASP A 71 6.44 -12.39 24.84
N PHE A 72 7.39 -12.97 25.57
CA PHE A 72 8.14 -14.14 25.13
C PHE A 72 8.15 -15.16 26.26
N THR A 73 8.08 -16.44 25.92
CA THR A 73 7.97 -17.49 26.92
C THR A 73 8.94 -18.62 26.63
N LEU A 74 9.43 -19.23 27.69
CA LEU A 74 10.22 -20.45 27.62
C LEU A 74 9.49 -21.54 28.42
N THR A 75 9.22 -22.66 27.77
CA THR A 75 8.49 -23.76 28.38
C THR A 75 9.39 -24.99 28.44
N ILE A 76 9.51 -25.56 29.63
CA ILE A 76 10.27 -26.77 29.89
C ILE A 76 9.28 -27.89 30.17
N SER A 77 9.28 -28.89 29.29
CA SER A 77 8.48 -30.09 29.48
C SER A 77 9.30 -31.16 30.19
N ARG A 78 8.68 -31.83 31.16
CA ARG A 78 9.32 -32.93 31.88
C ARG A 78 10.62 -32.46 32.56
N LEU A 79 10.44 -31.57 33.53
CA LEU A 79 11.57 -31.02 34.27
C LEU A 79 12.36 -32.13 34.96
N GLU A 80 13.68 -32.08 34.85
CA GLU A 80 14.61 -33.05 35.41
C GLU A 80 15.61 -32.34 36.32
N PRO A 81 16.30 -33.08 37.20
CA PRO A 81 17.14 -32.41 38.20
C PRO A 81 18.23 -31.54 37.61
N GLU A 82 18.72 -31.85 36.42
CA GLU A 82 19.70 -31.01 35.74
C GLU A 82 19.18 -29.59 35.52
N ASP A 83 17.86 -29.40 35.48
CA ASP A 83 17.26 -28.13 35.04
C ASP A 83 17.25 -27.05 36.11
N PHE A 84 17.51 -27.37 37.39
CA PHE A 84 17.40 -26.36 38.43
C PHE A 84 18.47 -25.28 38.20
N ALA A 85 18.03 -24.05 37.96
CA ALA A 85 18.97 -22.95 37.72
C ALA A 85 18.22 -21.62 37.77
N VAL A 86 18.91 -20.56 37.37
CA VAL A 86 18.31 -19.25 37.14
C VAL A 86 18.34 -18.98 35.64
N TYR A 87 17.22 -18.53 35.10
CA TYR A 87 17.10 -18.31 33.67
C TYR A 87 17.00 -16.82 33.37
N TYR A 88 17.66 -16.39 32.31
CA TYR A 88 17.84 -14.98 32.02
C TYR A 88 17.30 -14.61 30.64
N CYS A 89 16.55 -13.52 30.61
CA CYS A 89 16.03 -12.91 29.39
C CYS A 89 17.10 -12.03 28.75
N GLN A 90 17.13 -11.98 27.42
CA GLN A 90 18.10 -11.14 26.72
C GLN A 90 17.43 -10.50 25.52
N GLN A 91 17.88 -9.28 25.17
CA GLN A 91 17.52 -8.65 23.90
C GLN A 91 18.79 -8.19 23.18
N TYR A 92 18.59 -7.54 22.04
CA TYR A 92 19.69 -6.94 21.28
C TYR A 92 19.13 -5.79 20.46
N ASP A 93 20.00 -4.85 20.09
CA ASP A 93 19.59 -3.71 19.29
C ASP A 93 20.74 -3.31 18.37
N THR A 94 20.44 -2.37 17.45
CA THR A 94 21.36 -2.05 16.36
C THR A 94 22.72 -1.60 16.88
N SER A 95 22.75 -0.59 17.73
CA SER A 95 23.99 -0.27 18.43
C SER A 95 24.17 -1.26 19.56
N PRO A 96 25.22 -2.10 19.53
CA PRO A 96 25.19 -3.32 20.36
C PRO A 96 24.98 -3.04 21.83
N ARG A 97 23.81 -3.41 22.31
CA ARG A 97 23.41 -3.30 23.71
C ARG A 97 22.60 -4.55 24.02
N TRP A 98 23.06 -5.31 25.01
CA TRP A 98 22.48 -6.60 25.33
C TRP A 98 21.86 -6.45 26.71
N THR A 99 20.64 -5.94 26.76
CA THR A 99 19.98 -5.70 28.03
C THR A 99 19.43 -7.01 28.56
N PHE A 100 19.88 -7.39 29.76
CA PHE A 100 19.54 -8.67 30.36
C PHE A 100 18.24 -8.52 31.17
N GLY A 101 17.89 -9.56 31.93
CA GLY A 101 16.72 -9.52 32.78
C GLY A 101 17.10 -9.79 34.23
N GLN A 102 16.13 -9.59 35.12
CA GLN A 102 16.38 -9.81 36.54
C GLN A 102 16.65 -11.28 36.83
N GLY A 103 15.94 -12.18 36.17
CA GLY A 103 16.17 -13.59 36.36
C GLY A 103 15.02 -14.26 37.10
N THR A 104 14.78 -15.53 36.74
CA THR A 104 13.79 -16.37 37.41
C THR A 104 14.49 -17.59 37.97
N LYS A 105 14.24 -17.90 39.24
CA LYS A 105 14.87 -19.03 39.91
C LYS A 105 13.88 -20.18 40.01
N LEU A 106 14.33 -21.37 39.66
CA LEU A 106 13.50 -22.59 39.73
C LEU A 106 13.84 -23.32 41.02
N GLU A 107 13.05 -23.07 42.07
CA GLU A 107 13.19 -23.75 43.36
C GLU A 107 12.36 -25.03 43.35
N ILE A 108 12.81 -25.97 42.52
CA ILE A 108 12.10 -27.22 42.36
C ILE A 108 12.18 -28.03 43.65
N LYS A 109 11.23 -28.98 43.78
CA LYS A 109 10.99 -29.87 44.92
C LYS A 109 10.01 -29.24 45.91
N ARG A 110 9.48 -30.06 46.82
CA ARG A 110 8.35 -29.69 47.66
C ARG A 110 8.41 -30.41 49.01
N THR A 111 7.24 -30.65 49.64
CA THR A 111 7.13 -31.35 50.92
C THR A 111 7.66 -30.56 52.11
N VAL A 112 6.82 -29.66 52.63
CA VAL A 112 7.09 -28.78 53.76
C VAL A 112 7.85 -29.51 54.86
N ALA A 113 8.88 -28.86 55.42
CA ALA A 113 9.73 -29.42 56.45
C ALA A 113 9.90 -28.43 57.59
N ALA A 114 10.02 -28.96 58.80
CA ALA A 114 10.10 -28.12 60.00
C ALA A 114 11.55 -27.85 60.35
N PRO A 115 11.93 -26.59 60.56
CA PRO A 115 13.33 -26.27 60.91
C PRO A 115 13.71 -26.82 62.28
N SER A 116 14.97 -27.26 62.39
CA SER A 116 15.57 -27.58 63.68
C SER A 116 16.40 -26.39 64.11
N VAL A 117 16.09 -25.84 65.29
CA VAL A 117 16.69 -24.61 65.77
C VAL A 117 17.70 -24.94 66.85
N PHE A 118 18.92 -24.42 66.70
CA PHE A 118 19.97 -24.58 67.69
C PHE A 118 20.62 -23.22 67.93
N ILE A 119 20.98 -22.94 69.18
CA ILE A 119 21.62 -21.67 69.51
C ILE A 119 23.00 -21.95 70.09
N PHE A 120 24.01 -21.26 69.56
CA PHE A 120 25.41 -21.42 69.94
C PHE A 120 25.90 -20.16 70.63
N PRO A 121 26.38 -20.30 71.87
CA PRO A 121 26.86 -19.15 72.63
C PRO A 121 28.22 -18.70 72.12
N PRO A 122 28.59 -17.45 72.39
CA PRO A 122 29.93 -16.97 72.01
C PRO A 122 31.02 -17.75 72.73
N SER A 123 32.11 -18.01 72.01
CA SER A 123 33.26 -18.67 72.60
C SER A 123 34.05 -17.70 73.48
N ASP A 124 34.73 -18.26 74.49
CA ASP A 124 35.47 -17.41 75.42
C ASP A 124 36.64 -16.72 74.72
N GLU A 125 37.26 -17.39 73.75
CA GLU A 125 38.38 -16.78 73.02
C GLU A 125 37.93 -15.53 72.27
N GLN A 126 36.79 -15.61 71.59
CA GLN A 126 36.24 -14.45 70.92
C GLN A 126 35.92 -13.34 71.92
N LEU A 127 35.46 -13.70 73.11
CA LEU A 127 35.21 -12.71 74.15
C LEU A 127 36.50 -12.02 74.58
N LYS A 128 37.59 -12.78 74.68
CA LYS A 128 38.88 -12.18 74.98
C LYS A 128 39.29 -11.19 73.89
N SER A 129 38.99 -11.52 72.63
CA SER A 129 39.28 -10.59 71.55
C SER A 129 38.50 -9.28 71.68
N GLY A 130 37.36 -9.29 72.39
CA GLY A 130 36.57 -8.09 72.59
C GLY A 130 35.33 -7.97 71.75
N THR A 131 35.03 -8.95 70.90
CA THR A 131 33.82 -8.98 70.09
C THR A 131 33.07 -10.28 70.37
N ALA A 132 31.75 -10.20 70.52
CA ALA A 132 30.92 -11.35 70.85
C ALA A 132 29.96 -11.64 69.71
N SER A 133 29.89 -12.90 69.29
CA SER A 133 28.98 -13.32 68.24
C SER A 133 28.14 -14.49 68.75
N VAL A 134 26.83 -14.37 68.60
CA VAL A 134 25.87 -15.40 69.00
C VAL A 134 25.27 -15.96 67.72
N VAL A 135 25.18 -17.29 67.63
CA VAL A 135 24.78 -17.93 66.38
C VAL A 135 23.47 -18.68 66.58
N CYS A 136 22.50 -18.45 65.69
CA CYS A 136 21.27 -19.22 65.66
C CYS A 136 21.21 -19.97 64.35
N LEU A 137 21.01 -21.29 64.42
CA LEU A 137 21.08 -22.18 63.27
C LEU A 137 19.71 -22.81 63.03
N LEU A 138 19.24 -22.69 61.79
CA LEU A 138 18.03 -23.33 61.31
C LEU A 138 18.47 -24.43 60.36
N ASN A 139 18.13 -25.67 60.66
CA ASN A 139 18.64 -26.81 59.89
C ASN A 139 17.49 -27.56 59.24
N ASN A 140 17.64 -27.83 57.94
CA ASN A 140 16.78 -28.73 57.17
C ASN A 140 15.32 -28.29 57.19
N PHE A 141 15.07 -27.12 56.61
CA PHE A 141 13.73 -26.53 56.58
C PHE A 141 13.35 -26.17 55.15
N TYR A 142 12.07 -26.38 54.83
CA TYR A 142 11.48 -26.03 53.56
C TYR A 142 10.04 -25.60 53.82
N PRO A 143 9.57 -24.53 53.17
CA PRO A 143 10.23 -23.71 52.16
C PRO A 143 11.21 -22.71 52.75
N ARG A 144 11.74 -21.82 51.91
CA ARG A 144 12.79 -20.88 52.31
C ARG A 144 12.27 -19.71 53.13
N GLU A 145 10.96 -19.58 53.29
CA GLU A 145 10.36 -18.45 53.97
C GLU A 145 10.43 -18.68 55.48
N ALA A 146 11.30 -17.93 56.16
CA ALA A 146 11.44 -18.03 57.61
C ALA A 146 11.90 -16.69 58.16
N LYS A 147 11.50 -16.39 59.40
CA LYS A 147 11.88 -15.13 60.03
C LYS A 147 12.48 -15.41 61.39
N VAL A 148 13.64 -14.81 61.66
CA VAL A 148 14.33 -14.96 62.93
C VAL A 148 14.42 -13.59 63.58
N GLN A 149 13.94 -13.49 64.82
CA GLN A 149 14.04 -12.29 65.63
C GLN A 149 14.87 -12.59 66.87
N TRP A 150 15.89 -11.78 67.11
CA TRP A 150 16.71 -11.93 68.29
C TRP A 150 16.07 -11.23 69.48
N LYS A 151 16.25 -11.81 70.66
CA LYS A 151 15.67 -11.29 71.91
C LYS A 151 16.74 -11.31 72.99
N VAL A 152 17.14 -10.14 73.46
CA VAL A 152 18.17 -9.99 74.48
C VAL A 152 17.48 -9.44 75.72
N ASP A 153 17.22 -10.32 76.69
CA ASP A 153 16.39 -10.00 77.86
C ASP A 153 15.01 -9.52 77.41
N ASN A 154 14.37 -10.32 76.54
CA ASN A 154 13.03 -10.04 76.02
C ASN A 154 12.98 -8.74 75.24
N ALA A 155 14.10 -8.33 74.64
CA ALA A 155 14.18 -7.10 73.87
C ALA A 155 14.35 -7.43 72.39
N LEU A 156 13.47 -6.90 71.55
CA LEU A 156 13.53 -7.16 70.12
C LEU A 156 14.76 -6.48 69.52
N GLN A 157 15.51 -7.23 68.71
CA GLN A 157 16.75 -6.73 68.12
C GLN A 157 16.53 -6.26 66.69
N SER A 158 17.39 -5.33 66.25
CA SER A 158 17.29 -4.77 64.92
C SER A 158 18.64 -4.22 64.50
N GLY A 159 19.09 -4.59 63.31
CA GLY A 159 20.24 -3.99 62.67
C GLY A 159 21.59 -4.49 63.13
N ASN A 160 21.65 -5.45 64.04
CA ASN A 160 22.91 -5.98 64.54
C ASN A 160 23.04 -7.48 64.29
N SER A 161 22.39 -7.97 63.24
CA SER A 161 22.45 -9.37 62.88
C SER A 161 22.53 -9.52 61.37
N GLN A 162 23.19 -10.59 60.93
CA GLN A 162 23.29 -10.93 59.53
C GLN A 162 22.86 -12.37 59.30
N GLU A 163 22.19 -12.62 58.18
CA GLU A 163 21.72 -13.95 57.85
C GLU A 163 22.47 -14.51 56.65
N SER A 164 22.48 -15.84 56.57
CA SER A 164 23.13 -16.55 55.47
C SER A 164 22.37 -17.83 55.19
N VAL A 165 22.07 -18.09 53.91
CA VAL A 165 21.26 -19.22 53.51
C VAL A 165 22.06 -20.08 52.53
N THR A 166 21.99 -21.39 52.72
CA THR A 166 22.60 -22.31 51.78
C THR A 166 21.68 -22.56 50.59
N GLU A 167 22.27 -23.06 49.51
CA GLU A 167 21.48 -23.51 48.38
C GLU A 167 20.71 -24.78 48.75
N GLN A 168 19.71 -25.12 47.94
CA GLN A 168 18.91 -26.30 48.21
C GLN A 168 19.78 -27.54 48.21
N ASP A 169 19.63 -28.38 49.24
CA ASP A 169 20.45 -29.57 49.37
C ASP A 169 20.13 -30.57 48.27
N SER A 170 21.16 -31.31 47.85
CA SER A 170 20.96 -32.27 46.77
C SER A 170 20.10 -33.46 47.21
N LYS A 171 20.25 -33.89 48.47
CA LYS A 171 19.57 -35.12 48.91
C LYS A 171 18.12 -34.86 49.31
N ASP A 172 17.89 -34.08 50.37
CA ASP A 172 16.55 -33.86 50.89
C ASP A 172 15.91 -32.57 50.40
N SER A 173 16.65 -31.75 49.66
CA SER A 173 16.11 -30.54 49.03
C SER A 173 15.56 -29.56 50.06
N THR A 174 16.26 -29.42 51.18
CA THR A 174 15.89 -28.48 52.23
C THR A 174 16.88 -27.33 52.27
N TYR A 175 16.55 -26.33 53.10
CA TYR A 175 17.42 -25.18 53.30
C TYR A 175 17.97 -25.18 54.71
N SER A 176 19.08 -24.45 54.88
CA SER A 176 19.68 -24.23 56.19
C SER A 176 20.13 -22.79 56.27
N LEU A 177 19.84 -22.15 57.41
CA LEU A 177 20.09 -20.73 57.60
C LEU A 177 20.88 -20.50 58.87
N SER A 178 21.71 -19.46 58.85
CA SER A 178 22.47 -19.04 60.02
C SER A 178 22.24 -17.56 60.25
N SER A 179 21.85 -17.20 61.48
CA SER A 179 21.67 -15.81 61.87
C SER A 179 22.69 -15.48 62.95
N THR A 180 23.57 -14.53 62.68
CA THR A 180 24.65 -14.15 63.58
C THR A 180 24.34 -12.78 64.16
N LEU A 181 24.23 -12.72 65.49
CA LEU A 181 24.08 -11.47 66.21
C LEU A 181 25.44 -11.03 66.72
N THR A 182 25.88 -9.85 66.32
CA THR A 182 27.21 -9.34 66.64
C THR A 182 27.09 -8.18 67.61
N LEU A 183 27.81 -8.27 68.73
CA LEU A 183 27.78 -7.23 69.76
C LEU A 183 29.19 -7.03 70.30
N SER A 184 29.36 -5.94 71.03
CA SER A 184 30.60 -5.70 71.76
C SER A 184 30.58 -6.49 73.07
N LYS A 185 31.77 -6.71 73.63
CA LYS A 185 31.87 -7.51 74.84
C LYS A 185 31.17 -6.84 76.02
N ALA A 186 31.30 -5.51 76.13
CA ALA A 186 30.62 -4.79 77.18
C ALA A 186 29.10 -4.90 77.02
N ASP A 187 28.60 -4.64 75.81
CA ASP A 187 27.18 -4.80 75.54
C ASP A 187 26.74 -6.23 75.79
N TYR A 188 27.60 -7.21 75.46
CA TYR A 188 27.26 -8.60 75.69
C TYR A 188 27.11 -8.91 77.18
N GLU A 189 28.04 -8.42 78.00
CA GLU A 189 27.96 -8.65 79.44
C GLU A 189 26.91 -7.77 80.12
N LYS A 190 26.31 -6.81 79.42
CA LYS A 190 25.25 -6.02 80.01
C LYS A 190 24.01 -6.85 80.34
N HIS A 191 23.74 -7.91 79.57
CA HIS A 191 22.47 -8.62 79.67
C HIS A 191 22.70 -10.11 79.94
N LYS A 192 21.60 -10.82 80.19
CA LYS A 192 21.64 -12.22 80.64
C LYS A 192 21.00 -13.19 79.65
N VAL A 193 19.75 -12.98 79.27
CA VAL A 193 19.01 -13.95 78.48
C VAL A 193 19.16 -13.63 77.00
N TYR A 194 19.59 -14.63 76.22
CA TYR A 194 19.76 -14.48 74.78
C TYR A 194 18.96 -15.57 74.09
N ALA A 195 18.02 -15.17 73.25
CA ALA A 195 17.15 -16.12 72.57
C ALA A 195 17.01 -15.74 71.11
N CYS A 196 16.80 -16.74 70.26
CA CYS A 196 16.37 -16.52 68.90
C CYS A 196 15.01 -17.14 68.72
N GLU A 197 14.08 -16.37 68.14
CA GLU A 197 12.70 -16.78 67.91
C GLU A 197 12.50 -16.94 66.41
N VAL A 198 12.07 -18.13 66.01
CA VAL A 198 12.00 -18.55 64.61
C VAL A 198 10.55 -18.81 64.27
N THR A 199 10.08 -18.19 63.19
CA THR A 199 8.76 -18.46 62.63
C THR A 199 8.92 -19.04 61.24
N HIS A 200 8.25 -20.16 60.99
CA HIS A 200 8.35 -20.87 59.73
C HIS A 200 7.01 -21.54 59.44
N GLN A 201 6.79 -21.87 58.16
CA GLN A 201 5.53 -22.43 57.72
C GLN A 201 5.22 -23.76 58.41
N GLY A 202 6.24 -24.59 58.64
CA GLY A 202 6.07 -25.89 59.24
C GLY A 202 5.93 -25.89 60.75
N LEU A 203 5.83 -24.73 61.38
CA LEU A 203 5.68 -24.62 62.82
C LEU A 203 4.34 -23.96 63.14
N SER A 204 3.56 -24.60 64.01
CA SER A 204 2.28 -24.02 64.44
C SER A 204 2.50 -22.75 65.24
N SER A 205 3.56 -22.71 66.03
CA SER A 205 3.88 -21.57 66.89
C SER A 205 5.35 -21.24 66.72
N PRO A 206 5.74 -19.99 66.95
CA PRO A 206 7.18 -19.65 66.89
C PRO A 206 8.00 -20.44 67.91
N VAL A 207 9.18 -20.89 67.47
CA VAL A 207 10.09 -21.66 68.31
C VAL A 207 11.13 -20.72 68.88
N THR A 208 11.31 -20.74 70.20
CA THR A 208 12.32 -19.92 70.84
C THR A 208 13.40 -20.80 71.46
N LYS A 209 14.66 -20.54 71.10
CA LYS A 209 15.80 -21.21 71.71
C LYS A 209 16.62 -20.18 72.46
N SER A 210 16.87 -20.44 73.74
CA SER A 210 17.40 -19.45 74.66
C SER A 210 18.54 -20.02 75.48
N PHE A 211 19.42 -19.13 75.94
CA PHE A 211 20.51 -19.47 76.82
C PHE A 211 20.86 -18.26 77.68
N ASN A 212 21.32 -18.54 78.91
CA ASN A 212 21.67 -17.51 79.86
C ASN A 212 23.17 -17.27 79.84
N ARG A 213 23.57 -15.99 79.81
CA ARG A 213 24.98 -15.64 79.77
C ARG A 213 25.68 -16.12 81.04
N GLY A 214 26.87 -16.69 80.88
CA GLY A 214 27.63 -17.21 82.00
C GLY A 214 26.96 -18.36 82.72
N GLU A 215 26.23 -19.20 82.00
CA GLU A 215 25.49 -20.31 82.61
C GLU A 215 25.44 -21.44 81.58
N CYS A 216 26.16 -22.54 81.86
CA CYS A 216 26.23 -23.63 80.90
C CYS A 216 25.68 -24.92 81.52
N GLU B 1 -3.92 29.39 -12.31
CA GLU B 1 -3.68 29.35 -10.88
C GLU B 1 -4.90 28.81 -10.14
N ILE B 2 -4.83 28.79 -8.81
CA ILE B 2 -5.92 28.30 -7.98
C ILE B 2 -6.85 29.48 -7.73
N VAL B 3 -7.85 29.62 -8.60
CA VAL B 3 -8.83 30.69 -8.49
C VAL B 3 -9.86 30.32 -7.42
N LEU B 4 -10.24 31.31 -6.61
CA LEU B 4 -11.18 31.13 -5.52
C LEU B 4 -12.44 31.93 -5.80
N THR B 5 -13.60 31.28 -5.62
CA THR B 5 -14.89 31.90 -5.90
C THR B 5 -15.70 32.01 -4.62
N GLN B 6 -16.18 33.20 -4.32
CA GLN B 6 -16.88 33.44 -3.06
C GLN B 6 -18.39 33.52 -3.29
N SER B 7 -19.13 32.70 -2.58
CA SER B 7 -20.57 32.63 -2.62
C SER B 7 -21.16 33.38 -1.44
N PRO B 8 -22.49 33.58 -1.45
CA PRO B 8 -23.08 34.84 -1.96
C PRO B 8 -22.25 36.09 -1.89
N GLY B 9 -22.25 36.79 -3.03
CA GLY B 9 -21.44 37.98 -3.19
C GLY B 9 -21.87 39.13 -2.30
N THR B 10 -23.18 39.27 -2.10
CA THR B 10 -23.73 40.23 -1.15
C THR B 10 -24.79 39.53 -0.31
N LEU B 11 -24.72 39.73 1.01
CA LEU B 11 -25.64 39.11 1.95
C LEU B 11 -26.22 40.18 2.86
N SER B 12 -27.55 40.15 3.04
CA SER B 12 -28.25 41.08 3.91
C SER B 12 -28.97 40.30 5.00
N LEU B 13 -28.74 40.68 6.26
CA LEU B 13 -29.16 39.91 7.42
C LEU B 13 -29.32 40.85 8.61
N SER B 14 -30.43 40.72 9.33
CA SER B 14 -30.67 41.57 10.49
C SER B 14 -29.69 41.23 11.62
N PRO B 15 -29.40 42.20 12.49
CA PRO B 15 -28.50 41.92 13.62
C PRO B 15 -29.03 40.78 14.49
N GLY B 16 -28.11 39.93 14.93
CA GLY B 16 -28.48 38.81 15.77
C GLY B 16 -28.88 37.55 15.03
N GLU B 17 -28.40 37.36 13.81
CA GLU B 17 -28.69 36.17 13.03
C GLU B 17 -27.38 35.53 12.59
N ARG B 18 -27.40 34.20 12.49
CA ARG B 18 -26.24 33.47 11.98
C ARG B 18 -26.07 33.71 10.48
N ALA B 19 -24.82 33.76 10.06
CA ALA B 19 -24.45 34.02 8.67
C ALA B 19 -23.41 33.01 8.23
N THR B 20 -23.54 32.55 6.98
CA THR B 20 -22.64 31.59 6.38
C THR B 20 -22.10 32.16 5.07
N LEU B 21 -20.76 32.21 4.96
CA LEU B 21 -20.07 32.74 3.80
C LEU B 21 -19.29 31.62 3.13
N SER B 22 -19.36 31.51 1.79
CA SER B 22 -18.81 30.34 1.12
C SER B 22 -17.60 30.72 0.28
N CYS B 23 -16.56 29.89 0.35
CA CYS B 23 -15.39 30.01 -0.52
C CYS B 23 -15.20 28.66 -1.21
N ARG B 24 -15.19 28.68 -2.53
CA ARG B 24 -15.12 27.49 -3.37
C ARG B 24 -13.80 27.51 -4.13
N ALA B 25 -13.05 26.42 -4.01
CA ALA B 25 -11.71 26.31 -4.59
C ALA B 25 -11.77 25.59 -5.93
N SER B 26 -11.01 26.10 -6.90
CA SER B 26 -10.96 25.46 -8.21
C SER B 26 -10.37 24.06 -8.12
N GLN B 27 -9.38 23.88 -7.25
CA GLN B 27 -8.74 22.58 -7.05
C GLN B 27 -8.64 22.30 -5.56
N SER B 28 -8.52 21.02 -5.23
CA SER B 28 -8.45 20.62 -3.83
C SER B 28 -7.17 21.13 -3.18
N VAL B 29 -7.31 21.67 -1.97
CA VAL B 29 -6.20 22.23 -1.20
C VAL B 29 -6.31 21.71 0.23
N THR B 30 -5.16 21.45 0.86
CA THR B 30 -5.14 21.02 2.24
C THR B 30 -5.77 22.09 3.13
N ASN B 31 -6.32 21.64 4.26
CA ASN B 31 -6.91 22.57 5.22
C ASN B 31 -5.89 23.49 5.86
N ARG B 32 -4.60 23.19 5.69
CA ARG B 32 -3.54 24.01 6.28
C ARG B 32 -3.62 25.45 5.79
N PHE B 33 -3.87 25.63 4.50
CA PHE B 33 -3.98 26.94 3.88
C PHE B 33 -5.44 27.39 3.93
N ILE B 34 -5.80 28.40 3.13
CA ILE B 34 -7.18 28.89 3.00
C ILE B 34 -7.64 29.57 4.28
N ALA B 35 -7.03 30.71 4.60
CA ALA B 35 -7.43 31.53 5.73
C ALA B 35 -8.44 32.60 5.31
N TRP B 36 -9.06 33.21 6.33
CA TRP B 36 -10.20 34.10 6.18
C TRP B 36 -9.91 35.44 6.83
N TYR B 37 -10.13 36.52 6.08
CA TYR B 37 -9.77 37.88 6.45
C TYR B 37 -10.98 38.79 6.39
N GLN B 38 -10.90 39.88 7.16
CA GLN B 38 -11.95 40.90 7.22
C GLN B 38 -11.39 42.25 6.80
N HIS B 39 -12.15 42.96 5.96
CA HIS B 39 -11.81 44.32 5.54
C HIS B 39 -12.99 45.22 5.87
N LYS B 40 -12.77 46.18 6.77
CA LYS B 40 -13.70 47.23 7.18
C LYS B 40 -13.42 48.50 6.41
N PRO B 41 -14.45 49.17 5.91
CA PRO B 41 -14.25 50.32 5.02
C PRO B 41 -13.36 51.38 5.66
N GLY B 42 -12.36 51.82 4.92
CA GLY B 42 -11.44 52.83 5.40
C GLY B 42 -10.45 52.33 6.43
N GLN B 43 -10.33 51.03 6.62
CA GLN B 43 -9.45 50.46 7.64
C GLN B 43 -8.61 49.36 7.02
N SER B 44 -7.46 49.10 7.65
CA SER B 44 -6.58 48.05 7.16
C SER B 44 -7.24 46.69 7.35
N PRO B 45 -7.03 45.74 6.43
CA PRO B 45 -7.66 44.42 6.58
C PRO B 45 -7.16 43.69 7.82
N ARG B 46 -8.05 42.88 8.39
CA ARG B 46 -7.79 42.13 9.62
C ARG B 46 -7.90 40.63 9.36
N LEU B 47 -7.13 39.86 10.15
CA LEU B 47 -7.17 38.41 10.06
C LEU B 47 -8.16 37.88 11.09
N LEU B 48 -9.14 37.12 10.63
CA LEU B 48 -10.10 36.48 11.52
C LEU B 48 -9.76 35.02 11.78
N ILE B 49 -9.70 34.20 10.72
CA ILE B 49 -9.51 32.76 10.89
C ILE B 49 -8.25 32.36 10.13
N TYR B 50 -7.29 31.78 10.83
CA TYR B 50 -6.10 31.26 10.17
C TYR B 50 -6.17 29.74 10.09
N GLY B 51 -5.40 29.19 9.16
CA GLY B 51 -5.55 27.78 8.84
C GLY B 51 -6.92 27.54 8.23
N ALA B 52 -7.66 26.60 8.79
CA ALA B 52 -9.01 26.30 8.36
C ALA B 52 -10.04 26.65 9.42
N SER B 53 -9.85 26.18 10.65
CA SER B 53 -10.80 26.40 11.72
C SER B 53 -10.23 27.16 12.92
N SER B 54 -8.92 27.32 13.00
CA SER B 54 -8.32 27.97 14.16
C SER B 54 -8.70 29.44 14.22
N ARG B 55 -8.96 29.92 15.43
CA ARG B 55 -9.34 31.31 15.68
C ARG B 55 -8.10 32.13 16.03
N ALA B 56 -7.92 33.24 15.33
CA ALA B 56 -6.80 34.11 15.61
C ALA B 56 -6.97 34.79 16.96
N THR B 57 -5.84 35.18 17.56
CA THR B 57 -5.86 35.81 18.87
C THR B 57 -6.64 37.12 18.82
N GLY B 58 -7.48 37.33 19.82
CA GLY B 58 -8.27 38.54 19.92
C GLY B 58 -9.52 38.55 19.08
N ILE B 59 -9.87 37.45 18.44
CA ILE B 59 -11.05 37.34 17.59
C ILE B 59 -12.19 36.76 18.42
N PRO B 60 -13.38 37.36 18.41
CA PRO B 60 -14.48 36.83 19.21
C PRO B 60 -14.81 35.40 18.83
N ASP B 61 -15.18 34.61 19.84
CA ASP B 61 -15.46 33.19 19.62
C ASP B 61 -16.70 32.96 18.76
N ARG B 62 -17.55 33.98 18.60
CA ARG B 62 -18.69 33.85 17.70
C ARG B 62 -18.24 33.51 16.28
N PHE B 63 -17.09 34.05 15.86
CA PHE B 63 -16.53 33.70 14.55
C PHE B 63 -16.04 32.26 14.56
N SER B 64 -16.46 31.48 13.58
CA SER B 64 -15.98 30.11 13.46
C SER B 64 -15.72 29.80 12.00
N GLY B 65 -14.69 29.00 11.73
CA GLY B 65 -14.36 28.60 10.37
C GLY B 65 -14.36 27.09 10.24
N ARG B 66 -14.67 26.62 9.03
CA ARG B 66 -14.77 25.18 8.83
C ARG B 66 -14.62 24.89 7.34
N GLY B 67 -14.41 23.61 7.02
CA GLY B 67 -14.40 23.19 5.62
C GLY B 67 -13.31 22.23 5.22
N SER B 68 -13.42 21.68 4.01
CA SER B 68 -12.43 20.76 3.48
C SER B 68 -12.46 20.79 1.96
N GLY B 69 -11.36 20.35 1.37
CA GLY B 69 -11.21 20.23 -0.07
C GLY B 69 -11.64 21.47 -0.84
N THR B 70 -12.68 21.31 -1.67
CA THR B 70 -13.12 22.42 -2.50
C THR B 70 -13.89 23.47 -1.71
N ASP B 71 -14.62 23.06 -0.66
CA ASP B 71 -15.60 23.95 -0.03
C ASP B 71 -15.13 24.36 1.36
N PHE B 72 -15.18 25.66 1.64
CA PHE B 72 -14.81 26.21 2.93
C PHE B 72 -15.84 27.25 3.31
N THR B 73 -16.21 27.31 4.59
CA THR B 73 -17.27 28.19 5.05
C THR B 73 -16.85 28.93 6.31
N LEU B 74 -17.38 30.15 6.44
CA LEU B 74 -17.21 30.98 7.62
C LEU B 74 -18.57 31.25 8.23
N THR B 75 -18.74 30.94 9.51
CA THR B 75 -20.01 31.06 10.22
C THR B 75 -19.88 32.08 11.34
N ILE B 76 -20.80 33.04 11.35
CA ILE B 76 -20.84 34.09 12.37
C ILE B 76 -22.19 33.99 13.08
N SER B 77 -22.16 33.98 14.41
CA SER B 77 -23.38 33.92 15.20
C SER B 77 -23.48 35.15 16.09
N ARG B 78 -24.72 35.47 16.48
CA ARG B 78 -25.00 36.65 17.31
C ARG B 78 -24.42 37.91 16.68
N LEU B 79 -24.76 38.11 15.42
CA LEU B 79 -24.24 39.22 14.61
C LEU B 79 -24.43 40.56 15.32
N GLU B 80 -23.32 41.23 15.58
CA GLU B 80 -23.27 42.54 16.23
C GLU B 80 -22.82 43.62 15.25
N PRO B 81 -23.00 44.90 15.58
CA PRO B 81 -22.62 45.97 14.64
C PRO B 81 -21.14 46.01 14.30
N GLU B 82 -20.26 45.46 15.15
CA GLU B 82 -18.85 45.44 14.80
C GLU B 82 -18.59 44.59 13.55
N ASP B 83 -19.44 43.59 13.30
CA ASP B 83 -19.13 42.56 12.29
C ASP B 83 -19.32 43.03 10.85
N PHE B 84 -20.12 44.08 10.60
CA PHE B 84 -20.51 44.37 9.23
C PHE B 84 -19.30 44.88 8.45
N ALA B 85 -18.90 44.15 7.42
CA ALA B 85 -17.71 44.49 6.64
C ALA B 85 -17.72 43.65 5.37
N VAL B 86 -16.61 43.67 4.64
CA VAL B 86 -16.36 42.80 3.49
C VAL B 86 -15.42 41.70 3.94
N TYR B 87 -15.60 40.49 3.42
CA TYR B 87 -14.82 39.34 3.85
C TYR B 87 -14.09 38.72 2.66
N TYR B 88 -12.86 38.25 2.90
CA TYR B 88 -12.02 37.70 1.85
C TYR B 88 -11.44 36.35 2.28
N CYS B 89 -11.06 35.55 1.29
CA CYS B 89 -10.60 34.18 1.49
C CYS B 89 -9.37 33.93 0.62
N GLN B 90 -8.33 33.31 1.19
CA GLN B 90 -7.07 33.19 0.45
C GLN B 90 -6.34 31.88 0.80
N GLN B 91 -5.36 31.52 -0.03
CA GLN B 91 -4.54 30.33 0.21
C GLN B 91 -3.11 30.60 -0.29
N TYR B 92 -2.31 29.54 -0.37
CA TYR B 92 -0.87 29.65 -0.57
C TYR B 92 -0.38 28.59 -1.55
N ASP B 93 0.54 28.99 -2.44
CA ASP B 93 1.26 28.08 -3.32
C ASP B 93 2.66 27.82 -2.76
N THR B 94 3.21 26.65 -3.11
CA THR B 94 4.48 26.23 -2.51
C THR B 94 5.57 27.26 -2.71
N SER B 95 5.74 27.74 -3.94
CA SER B 95 6.49 28.97 -4.15
C SER B 95 5.59 30.13 -3.73
N PRO B 96 5.98 30.94 -2.76
CA PRO B 96 5.01 31.88 -2.13
C PRO B 96 4.17 32.66 -3.11
N ARG B 97 2.87 32.39 -3.03
CA ARG B 97 1.85 32.94 -3.91
C ARG B 97 0.54 32.89 -3.14
N TRP B 98 -0.26 33.96 -3.24
CA TRP B 98 -1.44 34.12 -2.40
C TRP B 98 -2.60 34.62 -3.26
N THR B 99 -3.39 33.68 -3.78
CA THR B 99 -4.58 34.04 -4.54
C THR B 99 -5.70 34.38 -3.56
N PHE B 100 -6.33 35.53 -3.76
CA PHE B 100 -7.35 36.04 -2.87
C PHE B 100 -8.75 35.76 -3.44
N GLY B 101 -9.77 36.33 -2.81
CA GLY B 101 -11.15 36.11 -3.22
C GLY B 101 -11.83 37.34 -3.76
N GLN B 102 -12.96 37.15 -4.44
CA GLN B 102 -13.64 38.28 -5.08
C GLN B 102 -14.17 39.28 -4.06
N GLY B 103 -14.69 38.79 -2.94
CA GLY B 103 -15.26 39.68 -1.94
C GLY B 103 -16.73 39.48 -1.70
N THR B 104 -17.10 39.06 -0.49
CA THR B 104 -18.49 38.96 -0.07
C THR B 104 -18.82 40.16 0.81
N LYS B 105 -19.86 40.90 0.44
CA LYS B 105 -20.24 42.11 1.16
C LYS B 105 -21.38 41.78 2.11
N LEU B 106 -21.19 42.06 3.39
CA LEU B 106 -22.22 41.88 4.40
C LEU B 106 -22.94 43.21 4.68
N GLU B 107 -23.52 43.78 3.62
CA GLU B 107 -24.40 44.93 3.82
C GLU B 107 -25.68 44.45 4.47
N ILE B 108 -25.95 44.92 5.68
CA ILE B 108 -27.00 44.29 6.45
C ILE B 108 -27.74 45.32 7.30
N LYS B 109 -28.75 44.86 8.03
CA LYS B 109 -29.84 45.65 8.63
C LYS B 109 -30.89 45.91 7.56
N ARG B 110 -32.16 45.96 7.97
CA ARG B 110 -33.33 45.94 7.09
C ARG B 110 -34.22 47.14 7.40
N THR B 111 -35.54 47.00 7.17
CA THR B 111 -36.52 48.09 7.21
C THR B 111 -36.48 48.96 5.95
N VAL B 112 -37.06 48.42 4.87
CA VAL B 112 -37.27 49.11 3.61
C VAL B 112 -37.72 50.54 3.90
N ALA B 113 -37.03 51.51 3.29
CA ALA B 113 -37.26 52.92 3.51
C ALA B 113 -37.39 53.64 2.17
N ALA B 114 -38.40 54.49 2.06
CA ALA B 114 -38.63 55.20 0.81
C ALA B 114 -37.58 56.30 0.63
N PRO B 115 -37.03 56.46 -0.57
CA PRO B 115 -36.08 57.55 -0.81
C PRO B 115 -36.76 58.91 -0.79
N SER B 116 -36.02 59.91 -0.29
CA SER B 116 -36.42 61.30 -0.43
C SER B 116 -35.65 61.90 -1.59
N VAL B 117 -36.36 62.36 -2.62
CA VAL B 117 -35.76 62.78 -3.87
C VAL B 117 -35.81 64.30 -3.97
N PHE B 118 -34.67 64.91 -4.30
CA PHE B 118 -34.56 66.34 -4.54
C PHE B 118 -33.74 66.57 -5.80
N ILE B 119 -34.00 67.68 -6.48
CA ILE B 119 -33.26 68.00 -7.70
C ILE B 119 -32.70 69.42 -7.58
N PHE B 120 -31.45 69.58 -8.00
CA PHE B 120 -30.71 70.83 -7.90
C PHE B 120 -30.30 71.27 -9.31
N PRO B 121 -30.78 72.43 -9.76
CA PRO B 121 -30.41 72.94 -11.09
C PRO B 121 -29.04 73.58 -11.07
N PRO B 122 -28.39 73.71 -12.23
CA PRO B 122 -27.05 74.30 -12.27
C PRO B 122 -27.06 75.76 -11.84
N SER B 123 -25.99 76.17 -11.16
CA SER B 123 -25.80 77.55 -10.77
C SER B 123 -25.40 78.40 -11.97
N ASP B 124 -25.66 79.71 -11.86
CA ASP B 124 -25.35 80.62 -12.95
C ASP B 124 -23.85 80.76 -13.16
N GLU B 125 -23.08 80.75 -12.07
CA GLU B 125 -21.63 80.88 -12.17
C GLU B 125 -21.02 79.73 -12.96
N GLN B 126 -21.46 78.51 -12.64
CA GLN B 126 -21.01 77.34 -13.41
C GLN B 126 -21.38 77.48 -14.87
N LEU B 127 -22.53 78.09 -15.16
CA LEU B 127 -22.91 78.37 -16.54
C LEU B 127 -21.95 79.35 -17.17
N LYS B 128 -21.49 80.35 -16.42
CA LYS B 128 -20.46 81.26 -16.93
C LYS B 128 -19.21 80.49 -17.32
N SER B 129 -18.84 79.48 -16.53
CA SER B 129 -17.66 78.69 -16.87
C SER B 129 -17.81 78.01 -18.23
N GLY B 130 -19.01 77.53 -18.55
CA GLY B 130 -19.27 76.83 -19.80
C GLY B 130 -19.66 75.38 -19.63
N THR B 131 -19.68 74.85 -18.41
CA THR B 131 -20.09 73.49 -18.12
C THR B 131 -21.27 73.54 -17.15
N ALA B 132 -22.26 72.69 -17.36
CA ALA B 132 -23.46 72.65 -16.54
C ALA B 132 -23.60 71.27 -15.90
N SER B 133 -23.98 71.28 -14.63
CA SER B 133 -24.14 70.05 -13.85
C SER B 133 -25.49 70.09 -13.15
N VAL B 134 -26.32 69.09 -13.41
CA VAL B 134 -27.63 68.94 -12.76
C VAL B 134 -27.50 67.79 -11.77
N VAL B 135 -27.95 68.01 -10.53
CA VAL B 135 -27.71 67.04 -9.47
C VAL B 135 -29.05 66.52 -8.94
N CYS B 136 -29.22 65.21 -8.95
CA CYS B 136 -30.41 64.57 -8.40
C CYS B 136 -29.99 63.74 -7.19
N LEU B 137 -30.60 64.02 -6.04
CA LEU B 137 -30.19 63.45 -4.76
C LEU B 137 -31.29 62.56 -4.21
N LEU B 138 -30.90 61.35 -3.80
CA LEU B 138 -31.76 60.40 -3.10
C LEU B 138 -31.23 60.27 -1.69
N ASN B 139 -32.06 60.55 -0.70
CA ASN B 139 -31.62 60.58 0.68
C ASN B 139 -32.40 59.58 1.52
N ASN B 140 -31.66 58.89 2.41
CA ASN B 140 -32.21 57.97 3.41
C ASN B 140 -33.14 56.94 2.78
N PHE B 141 -32.55 56.11 1.91
CA PHE B 141 -33.29 55.06 1.22
C PHE B 141 -32.63 53.71 1.45
N TYR B 142 -33.46 52.69 1.65
CA TYR B 142 -33.04 51.31 1.76
C TYR B 142 -34.08 50.47 1.04
N PRO B 143 -33.64 49.47 0.26
CA PRO B 143 -32.27 48.97 0.06
C PRO B 143 -31.42 49.84 -0.87
N ARG B 144 -30.17 49.43 -1.07
CA ARG B 144 -29.24 50.18 -1.92
C ARG B 144 -29.59 50.11 -3.40
N GLU B 145 -30.54 49.26 -3.78
CA GLU B 145 -30.92 49.11 -5.18
C GLU B 145 -31.88 50.22 -5.58
N ALA B 146 -31.46 51.08 -6.50
CA ALA B 146 -32.30 52.17 -6.98
C ALA B 146 -31.93 52.47 -8.42
N LYS B 147 -32.91 52.92 -9.21
CA LYS B 147 -32.65 53.27 -10.61
C LYS B 147 -33.07 54.71 -10.87
N VAL B 148 -32.16 55.48 -11.47
CA VAL B 148 -32.39 56.88 -11.81
C VAL B 148 -32.24 57.03 -13.32
N GLN B 149 -33.27 57.59 -13.95
CA GLN B 149 -33.27 57.85 -15.39
C GLN B 149 -33.43 59.35 -15.62
N TRP B 150 -32.62 59.89 -16.53
CA TRP B 150 -32.61 61.32 -16.79
C TRP B 150 -33.45 61.63 -18.01
N LYS B 151 -34.34 62.63 -17.89
CA LYS B 151 -35.29 62.98 -18.93
C LYS B 151 -35.12 64.46 -19.25
N VAL B 152 -34.67 64.77 -20.45
CA VAL B 152 -34.49 66.15 -20.92
C VAL B 152 -35.52 66.41 -22.01
N ASP B 153 -36.48 67.29 -21.72
CA ASP B 153 -37.61 67.54 -22.63
C ASP B 153 -38.31 66.24 -23.01
N ASN B 154 -38.51 65.37 -22.01
CA ASN B 154 -39.07 64.03 -22.20
C ASN B 154 -38.27 63.22 -23.20
N ALA B 155 -36.94 63.36 -23.15
CA ALA B 155 -36.03 62.57 -23.96
C ALA B 155 -35.03 61.88 -23.04
N LEU B 156 -34.93 60.56 -23.19
CA LEU B 156 -33.99 59.79 -22.39
C LEU B 156 -32.57 60.16 -22.78
N GLN B 157 -31.70 60.33 -21.78
CA GLN B 157 -30.29 60.64 -22.01
C GLN B 157 -29.45 59.53 -21.39
N SER B 158 -28.56 58.95 -22.21
CA SER B 158 -27.68 57.87 -21.78
C SER B 158 -26.24 58.24 -22.03
N GLY B 159 -25.37 57.87 -21.09
CA GLY B 159 -23.94 58.08 -21.22
C GLY B 159 -23.43 59.43 -20.78
N ASN B 160 -24.30 60.34 -20.33
CA ASN B 160 -23.90 61.69 -19.92
C ASN B 160 -24.09 61.94 -18.43
N SER B 161 -24.10 60.87 -17.62
CA SER B 161 -24.34 61.01 -16.18
C SER B 161 -23.44 60.04 -15.41
N GLN B 162 -23.19 60.39 -14.15
CA GLN B 162 -22.41 59.57 -13.24
C GLN B 162 -23.11 59.50 -11.89
N GLU B 163 -22.82 58.44 -11.14
CA GLU B 163 -23.52 58.18 -9.88
C GLU B 163 -22.52 57.88 -8.75
N SER B 164 -22.89 58.29 -7.54
CA SER B 164 -22.07 58.08 -6.35
C SER B 164 -22.95 57.78 -5.15
N VAL B 165 -22.56 56.80 -4.34
CA VAL B 165 -23.38 56.31 -3.25
C VAL B 165 -22.56 56.29 -1.96
N THR B 166 -23.17 56.72 -0.86
CA THR B 166 -22.53 56.64 0.44
C THR B 166 -22.66 55.23 1.02
N GLU B 167 -21.82 54.93 2.00
CA GLU B 167 -21.89 53.66 2.70
C GLU B 167 -23.09 53.66 3.66
N GLN B 168 -23.22 52.59 4.42
CA GLN B 168 -24.29 52.50 5.41
C GLN B 168 -24.10 53.57 6.48
N ASP B 169 -25.16 54.35 6.71
CA ASP B 169 -25.13 55.35 7.77
C ASP B 169 -25.32 54.65 9.11
N SER B 170 -24.44 54.95 10.07
CA SER B 170 -24.47 54.23 11.34
C SER B 170 -25.79 54.47 12.08
N LYS B 171 -26.31 55.70 12.02
CA LYS B 171 -27.49 56.04 12.81
C LYS B 171 -28.72 55.26 12.37
N ASP B 172 -29.01 55.23 11.06
CA ASP B 172 -30.23 54.62 10.56
C ASP B 172 -30.01 53.48 9.57
N SER B 173 -28.75 53.15 9.25
CA SER B 173 -28.45 52.07 8.29
C SER B 173 -29.11 52.29 6.94
N THR B 174 -29.13 53.54 6.49
CA THR B 174 -29.69 53.91 5.20
C THR B 174 -28.60 54.38 4.26
N TYR B 175 -28.92 54.36 2.97
CA TYR B 175 -28.01 54.79 1.92
C TYR B 175 -28.45 56.14 1.36
N SER B 176 -27.52 56.79 0.68
CA SER B 176 -27.80 58.03 -0.04
C SER B 176 -27.06 58.00 -1.38
N LEU B 177 -27.73 58.49 -2.42
CA LEU B 177 -27.22 58.41 -3.78
C LEU B 177 -27.29 59.77 -4.44
N SER B 178 -26.33 60.04 -5.32
CA SER B 178 -26.26 61.28 -6.07
C SER B 178 -25.98 60.97 -7.53
N SER B 179 -26.79 61.54 -8.42
CA SER B 179 -26.63 61.38 -9.85
C SER B 179 -26.36 62.75 -10.46
N THR B 180 -25.25 62.88 -11.17
CA THR B 180 -24.82 64.14 -11.75
C THR B 180 -24.85 64.03 -13.27
N LEU B 181 -25.55 64.98 -13.90
CA LEU B 181 -25.64 65.09 -15.35
C LEU B 181 -24.73 66.24 -15.80
N THR B 182 -23.78 65.94 -16.67
CA THR B 182 -22.80 66.89 -17.16
C THR B 182 -23.11 67.23 -18.61
N LEU B 183 -23.29 68.52 -18.89
CA LEU B 183 -23.64 68.97 -20.22
C LEU B 183 -22.91 70.27 -20.52
N SER B 184 -22.90 70.65 -21.79
CA SER B 184 -22.36 71.96 -22.14
C SER B 184 -23.45 73.03 -21.97
N LYS B 185 -23.01 74.28 -21.89
CA LYS B 185 -23.94 75.38 -21.68
C LYS B 185 -24.94 75.50 -22.83
N ALA B 186 -24.45 75.35 -24.08
CA ALA B 186 -25.34 75.43 -25.23
C ALA B 186 -26.39 74.32 -25.21
N ASP B 187 -25.97 73.09 -24.90
CA ASP B 187 -26.92 71.99 -24.80
C ASP B 187 -27.90 72.24 -23.66
N TYR B 188 -27.44 72.83 -22.57
CA TYR B 188 -28.34 73.17 -21.48
C TYR B 188 -29.39 74.18 -21.92
N GLU B 189 -28.99 75.17 -22.72
CA GLU B 189 -29.93 76.18 -23.18
C GLU B 189 -30.87 75.65 -24.25
N LYS B 190 -30.45 74.61 -24.99
CA LYS B 190 -31.29 74.08 -26.07
C LYS B 190 -32.59 73.45 -25.58
N HIS B 191 -32.74 73.17 -24.29
CA HIS B 191 -33.91 72.49 -23.78
C HIS B 191 -34.39 73.18 -22.52
N LYS B 192 -35.70 73.05 -22.23
CA LYS B 192 -36.32 73.78 -21.14
C LYS B 192 -36.77 72.90 -19.98
N VAL B 193 -36.95 71.60 -20.20
CA VAL B 193 -37.47 70.70 -19.17
C VAL B 193 -36.38 69.72 -18.77
N TYR B 194 -36.12 69.60 -17.46
CA TYR B 194 -35.10 68.70 -16.96
C TYR B 194 -35.67 67.93 -15.78
N ALA B 195 -35.55 66.60 -15.81
CA ALA B 195 -36.16 65.79 -14.77
C ALA B 195 -35.31 64.56 -14.49
N CYS B 196 -35.39 64.08 -13.26
CA CYS B 196 -34.84 62.79 -12.88
C CYS B 196 -35.97 61.92 -12.31
N GLU B 197 -36.04 60.68 -12.81
CA GLU B 197 -37.04 59.70 -12.41
C GLU B 197 -36.36 58.64 -11.56
N VAL B 198 -36.95 58.35 -10.41
CA VAL B 198 -36.40 57.41 -9.44
C VAL B 198 -37.38 56.25 -9.31
N THR B 199 -36.89 55.04 -9.51
CA THR B 199 -37.63 53.82 -9.25
C THR B 199 -36.93 53.07 -8.12
N HIS B 200 -37.72 52.69 -7.12
CA HIS B 200 -37.23 52.07 -5.90
C HIS B 200 -38.25 51.04 -5.42
N GLN B 201 -37.77 50.10 -4.60
CA GLN B 201 -38.66 49.09 -4.04
C GLN B 201 -39.68 49.72 -3.10
N GLY B 202 -39.26 50.73 -2.33
CA GLY B 202 -40.18 51.40 -1.43
C GLY B 202 -41.28 52.17 -2.16
N LEU B 203 -40.97 52.71 -3.34
CA LEU B 203 -41.94 53.51 -4.10
C LEU B 203 -42.71 52.60 -5.04
N SER B 204 -44.02 52.48 -4.83
CA SER B 204 -44.86 51.70 -5.73
C SER B 204 -44.92 52.34 -7.12
N SER B 205 -45.03 53.66 -7.18
CA SER B 205 -45.03 54.40 -8.43
C SER B 205 -43.76 55.23 -8.53
N PRO B 206 -43.05 55.19 -9.67
CA PRO B 206 -41.80 55.95 -9.77
C PRO B 206 -42.02 57.43 -9.53
N VAL B 207 -41.06 58.06 -8.83
CA VAL B 207 -41.18 59.45 -8.41
C VAL B 207 -40.23 60.29 -9.26
N THR B 208 -40.75 61.34 -9.86
CA THR B 208 -39.99 62.18 -10.78
C THR B 208 -39.93 63.60 -10.24
N LYS B 209 -38.73 64.16 -10.19
CA LYS B 209 -38.53 65.56 -9.79
C LYS B 209 -37.98 66.33 -10.98
N SER B 210 -38.55 67.49 -11.26
CA SER B 210 -38.25 68.22 -12.49
C SER B 210 -38.17 69.71 -12.21
N PHE B 211 -37.43 70.41 -13.08
CA PHE B 211 -37.39 71.86 -13.11
C PHE B 211 -37.38 72.33 -14.57
N ASN B 212 -37.80 73.58 -14.75
CA ASN B 212 -37.84 74.21 -16.06
C ASN B 212 -36.74 75.25 -16.15
N ARG B 213 -35.97 75.21 -17.23
CA ARG B 213 -34.83 76.12 -17.41
C ARG B 213 -35.29 77.57 -17.38
N GLY B 214 -34.55 78.40 -16.64
CA GLY B 214 -34.90 79.80 -16.51
C GLY B 214 -36.23 80.04 -15.82
N GLU B 215 -36.55 79.25 -14.80
CA GLU B 215 -37.83 79.34 -14.11
C GLU B 215 -37.65 78.77 -12.71
N CYS B 216 -37.65 79.63 -11.70
CA CYS B 216 -37.42 79.21 -10.32
C CYS B 216 -38.63 79.52 -9.45
N GLU C 1 17.23 -18.76 -20.31
CA GLU C 1 16.65 -17.47 -20.70
C GLU C 1 15.14 -17.59 -20.78
N ILE C 2 14.48 -16.51 -21.18
CA ILE C 2 13.04 -16.55 -21.44
C ILE C 2 12.78 -17.44 -22.64
N VAL C 3 11.88 -18.41 -22.47
CA VAL C 3 11.57 -19.39 -23.50
C VAL C 3 10.13 -19.19 -23.93
N LEU C 4 9.93 -19.00 -25.22
CA LEU C 4 8.61 -18.82 -25.80
C LEU C 4 8.18 -20.15 -26.43
N THR C 5 7.02 -20.66 -26.03
CA THR C 5 6.51 -21.94 -26.50
C THR C 5 5.30 -21.70 -27.39
N GLN C 6 5.36 -22.19 -28.62
CA GLN C 6 4.33 -21.93 -29.62
C GLN C 6 3.46 -23.16 -29.81
N SER C 7 2.13 -22.96 -29.82
CA SER C 7 1.18 -24.03 -30.04
C SER C 7 0.01 -23.48 -30.87
N PRO C 8 -0.66 -24.34 -31.64
CA PRO C 8 -0.21 -25.67 -32.09
C PRO C 8 0.95 -25.52 -33.06
N GLY C 9 1.88 -26.48 -33.10
CA GLY C 9 3.06 -26.33 -33.95
C GLY C 9 2.72 -26.26 -35.42
N THR C 10 1.78 -27.08 -35.87
CA THR C 10 1.29 -27.06 -37.24
C THR C 10 -0.23 -27.05 -37.21
N LEU C 11 -0.84 -26.15 -37.98
CA LEU C 11 -2.28 -25.95 -37.95
C LEU C 11 -2.80 -25.92 -39.39
N SER C 12 -3.87 -26.68 -39.65
CA SER C 12 -4.46 -26.76 -40.98
C SER C 12 -5.95 -26.44 -40.91
N LEU C 13 -6.38 -25.44 -41.68
CA LEU C 13 -7.76 -25.00 -41.70
C LEU C 13 -8.11 -24.49 -43.09
N SER C 14 -9.25 -24.91 -43.61
CA SER C 14 -9.67 -24.49 -44.94
C SER C 14 -9.89 -22.97 -44.97
N PRO C 15 -9.77 -22.36 -46.16
CA PRO C 15 -9.93 -20.89 -46.24
C PRO C 15 -11.31 -20.44 -45.78
N GLY C 16 -11.34 -19.24 -45.18
CA GLY C 16 -12.55 -18.68 -44.63
C GLY C 16 -12.87 -19.10 -43.21
N GLU C 17 -11.99 -19.86 -42.56
CA GLU C 17 -12.17 -20.32 -41.20
C GLU C 17 -11.24 -19.56 -40.26
N ARG C 18 -11.78 -19.12 -39.13
CA ARG C 18 -10.97 -18.42 -38.14
C ARG C 18 -9.89 -19.35 -37.60
N ALA C 19 -8.70 -18.81 -37.40
CA ALA C 19 -7.56 -19.56 -36.89
C ALA C 19 -6.96 -18.85 -35.68
N THR C 20 -6.49 -19.63 -34.71
CA THR C 20 -5.95 -19.10 -33.47
C THR C 20 -4.60 -19.75 -33.18
N LEU C 21 -3.59 -18.91 -32.95
CA LEU C 21 -2.24 -19.36 -32.61
C LEU C 21 -1.89 -18.82 -31.23
N SER C 22 -1.25 -19.64 -30.39
CA SER C 22 -0.98 -19.29 -29.01
C SER C 22 0.53 -19.36 -28.75
N CYS C 23 1.04 -18.34 -28.06
CA CYS C 23 2.40 -18.32 -27.54
C CYS C 23 2.34 -18.20 -26.02
N ARG C 24 2.89 -19.18 -25.32
CA ARG C 24 2.96 -19.17 -23.87
C ARG C 24 4.39 -18.89 -23.45
N ALA C 25 4.56 -17.84 -22.65
CA ALA C 25 5.88 -17.45 -22.17
C ALA C 25 6.20 -18.21 -20.89
N SER C 26 7.46 -18.63 -20.75
CA SER C 26 7.88 -19.30 -19.53
C SER C 26 7.80 -18.35 -18.35
N GLN C 27 8.13 -17.08 -18.55
CA GLN C 27 8.13 -16.09 -17.49
C GLN C 27 7.15 -14.98 -17.83
N SER C 28 6.80 -14.20 -16.81
CA SER C 28 5.83 -13.13 -16.97
C SER C 28 6.35 -12.04 -17.89
N VAL C 29 5.45 -11.45 -18.67
CA VAL C 29 5.78 -10.41 -19.63
C VAL C 29 4.77 -9.28 -19.49
N THR C 30 5.26 -8.05 -19.31
CA THR C 30 4.41 -6.89 -19.47
C THR C 30 4.07 -6.73 -20.95
N ASN C 31 2.79 -6.45 -21.22
CA ASN C 31 2.28 -6.49 -22.60
C ASN C 31 3.01 -5.54 -23.54
N ARG C 32 3.96 -4.78 -23.00
CA ARG C 32 4.80 -3.90 -23.81
C ARG C 32 5.53 -4.68 -24.90
N PHE C 33 6.11 -5.82 -24.53
CA PHE C 33 6.79 -6.69 -25.48
C PHE C 33 5.77 -7.58 -26.19
N ILE C 34 6.26 -8.65 -26.83
CA ILE C 34 5.46 -9.62 -27.55
C ILE C 34 4.98 -8.98 -28.84
N ALA C 35 5.55 -9.42 -29.95
CA ALA C 35 5.18 -8.94 -31.27
C ALA C 35 5.15 -10.15 -32.19
N TRP C 36 4.12 -10.23 -33.04
CA TRP C 36 3.97 -11.40 -33.89
C TRP C 36 4.50 -11.09 -35.28
N TYR C 37 5.27 -12.02 -35.84
CA TYR C 37 5.90 -11.86 -37.13
C TYR C 37 5.45 -12.94 -38.10
N GLN C 38 5.23 -12.55 -39.35
CA GLN C 38 4.85 -13.47 -40.42
C GLN C 38 6.03 -13.67 -41.36
N HIS C 39 6.51 -14.91 -41.46
CA HIS C 39 7.56 -15.29 -42.40
C HIS C 39 6.92 -16.12 -43.50
N LYS C 40 6.87 -15.56 -44.70
CA LYS C 40 6.44 -16.26 -45.89
C LYS C 40 7.64 -17.01 -46.50
N PRO C 41 7.39 -18.11 -47.21
CA PRO C 41 8.50 -18.84 -47.82
C PRO C 41 9.26 -17.97 -48.82
N GLY C 42 10.58 -17.96 -48.67
CA GLY C 42 11.42 -17.19 -49.57
C GLY C 42 11.15 -15.71 -49.57
N GLN C 43 10.89 -15.13 -48.39
CA GLN C 43 10.52 -13.73 -48.29
C GLN C 43 11.07 -13.17 -46.99
N SER C 44 11.21 -11.85 -46.94
CA SER C 44 11.64 -11.21 -45.72
C SER C 44 10.52 -11.26 -44.67
N PRO C 45 10.85 -11.49 -43.41
CA PRO C 45 9.81 -11.49 -42.37
C PRO C 45 9.12 -10.14 -42.25
N ARG C 46 7.83 -10.18 -41.91
CA ARG C 46 6.99 -8.99 -41.82
C ARG C 46 6.38 -8.90 -40.43
N LEU C 47 6.21 -7.67 -39.95
CA LEU C 47 5.62 -7.44 -38.64
C LEU C 47 4.11 -7.24 -38.78
N LEU C 48 3.34 -7.96 -37.95
CA LEU C 48 1.89 -7.89 -37.96
C LEU C 48 1.34 -7.19 -36.73
N ILE C 49 1.68 -7.68 -35.53
CA ILE C 49 1.19 -7.12 -34.28
C ILE C 49 2.39 -6.58 -33.52
N TYR C 50 2.47 -5.24 -33.43
CA TYR C 50 3.45 -4.54 -32.62
C TYR C 50 2.83 -4.20 -31.27
N GLY C 51 3.60 -4.42 -30.22
CA GLY C 51 3.00 -4.39 -28.91
C GLY C 51 2.08 -5.58 -28.74
N ALA C 52 1.32 -5.56 -27.65
CA ALA C 52 0.42 -6.67 -27.36
C ALA C 52 -0.68 -6.81 -28.41
N SER C 53 -1.41 -5.73 -28.68
CA SER C 53 -2.65 -5.82 -29.47
C SER C 53 -2.82 -4.63 -30.40
N SER C 54 -1.78 -4.26 -31.13
CA SER C 54 -1.89 -3.17 -32.11
C SER C 54 -1.40 -3.65 -33.46
N ARG C 55 -2.24 -3.47 -34.48
CA ARG C 55 -1.85 -3.79 -35.85
C ARG C 55 -0.91 -2.73 -36.39
N ALA C 56 0.14 -3.16 -37.08
CA ALA C 56 1.02 -2.23 -37.75
C ALA C 56 0.35 -1.64 -38.99
N THR C 57 0.86 -0.50 -39.43
CA THR C 57 0.28 0.18 -40.59
C THR C 57 0.35 -0.73 -41.82
N GLY C 58 -0.78 -0.85 -42.51
CA GLY C 58 -0.89 -1.70 -43.68
C GLY C 58 -1.39 -3.10 -43.41
N ILE C 59 -1.35 -3.56 -42.16
CA ILE C 59 -1.81 -4.90 -41.83
C ILE C 59 -3.33 -4.96 -41.93
N PRO C 60 -3.91 -5.98 -42.55
CA PRO C 60 -5.38 -6.05 -42.65
C PRO C 60 -6.03 -6.19 -41.29
N ASP C 61 -7.29 -5.76 -41.22
CA ASP C 61 -8.01 -5.73 -39.96
C ASP C 61 -8.30 -7.12 -39.40
N ARG C 62 -8.24 -8.17 -40.23
CA ARG C 62 -8.56 -9.50 -39.75
C ARG C 62 -7.60 -9.97 -38.67
N PHE C 63 -6.31 -9.67 -38.83
CA PHE C 63 -5.32 -10.02 -37.83
C PHE C 63 -5.61 -9.31 -36.51
N SER C 64 -5.60 -10.08 -35.42
CA SER C 64 -5.93 -9.51 -34.11
C SER C 64 -5.07 -10.18 -33.06
N GLY C 65 -4.63 -9.39 -32.08
CA GLY C 65 -3.80 -9.88 -31.00
C GLY C 65 -4.43 -9.66 -29.64
N ARG C 66 -4.09 -10.53 -28.69
CA ARG C 66 -4.66 -10.42 -27.35
C ARG C 66 -3.79 -11.21 -26.39
N GLY C 67 -3.96 -10.95 -25.09
CA GLY C 67 -3.28 -11.75 -24.09
C GLY C 67 -2.69 -10.98 -22.92
N SER C 68 -2.24 -11.72 -21.90
CA SER C 68 -1.65 -11.11 -20.72
C SER C 68 -0.71 -12.11 -20.06
N GLY C 69 0.19 -11.58 -19.23
CA GLY C 69 1.05 -12.42 -18.41
C GLY C 69 1.88 -13.38 -19.24
N THR C 70 1.72 -14.67 -18.94
CA THR C 70 2.43 -15.75 -19.63
C THR C 70 1.58 -16.41 -20.71
N ASP C 71 0.69 -15.66 -21.36
CA ASP C 71 -0.21 -16.27 -22.34
C ASP C 71 -0.65 -15.21 -23.35
N PHE C 72 -0.35 -15.43 -24.63
CA PHE C 72 -0.74 -14.52 -25.69
C PHE C 72 -1.30 -15.30 -26.86
N THR C 73 -2.23 -14.68 -27.60
CA THR C 73 -2.87 -15.34 -28.72
C THR C 73 -3.04 -14.36 -29.88
N LEU C 74 -3.02 -14.93 -31.09
CA LEU C 74 -3.25 -14.21 -32.34
C LEU C 74 -4.38 -14.92 -33.09
N THR C 75 -5.42 -14.17 -33.44
CA THR C 75 -6.59 -14.69 -34.12
C THR C 75 -6.70 -14.03 -35.49
N ILE C 76 -6.85 -14.85 -36.52
CA ILE C 76 -7.06 -14.40 -37.89
C ILE C 76 -8.42 -14.91 -38.33
N SER C 77 -9.37 -13.99 -38.53
CA SER C 77 -10.66 -14.34 -39.08
C SER C 77 -10.62 -14.24 -40.60
N ARG C 78 -11.50 -15.00 -41.25
CA ARG C 78 -11.64 -14.98 -42.71
C ARG C 78 -10.30 -15.27 -43.39
N LEU C 79 -9.80 -16.47 -43.15
CA LEU C 79 -8.50 -16.87 -43.66
C LEU C 79 -8.48 -16.83 -45.18
N GLU C 80 -7.42 -16.23 -45.74
CA GLU C 80 -7.30 -15.96 -47.16
C GLU C 80 -5.98 -16.49 -47.68
N PRO C 81 -5.85 -16.66 -49.01
CA PRO C 81 -4.63 -17.30 -49.55
C PRO C 81 -3.34 -16.61 -49.16
N GLU C 82 -3.34 -15.28 -49.08
CA GLU C 82 -2.12 -14.57 -48.73
C GLU C 82 -1.64 -14.94 -47.33
N ASP C 83 -2.57 -15.27 -46.43
CA ASP C 83 -2.25 -15.38 -45.00
C ASP C 83 -1.40 -16.61 -44.65
N PHE C 84 -1.31 -17.61 -45.54
CA PHE C 84 -0.77 -18.89 -45.12
C PHE C 84 0.76 -18.82 -45.16
N ALA C 85 1.39 -18.93 -43.99
CA ALA C 85 2.84 -18.79 -43.84
C ALA C 85 3.21 -19.34 -42.47
N VAL C 86 4.45 -19.08 -42.04
CA VAL C 86 4.91 -19.42 -40.69
C VAL C 86 4.79 -18.18 -39.82
N TYR C 87 4.45 -18.38 -38.56
CA TYR C 87 4.28 -17.27 -37.63
C TYR C 87 5.19 -17.46 -36.42
N TYR C 88 5.82 -16.35 -35.98
CA TYR C 88 6.80 -16.37 -34.90
C TYR C 88 6.43 -15.35 -33.83
N CYS C 89 6.92 -15.60 -32.62
CA CYS C 89 6.69 -14.72 -31.48
C CYS C 89 8.01 -14.15 -30.97
N GLN C 90 7.94 -12.95 -30.40
CA GLN C 90 9.11 -12.21 -29.97
C GLN C 90 8.88 -11.67 -28.56
N GLN C 91 9.98 -11.25 -27.92
CA GLN C 91 9.89 -10.57 -26.64
C GLN C 91 11.23 -9.87 -26.37
N TYR C 92 11.16 -8.65 -25.85
CA TYR C 92 12.33 -7.80 -25.66
C TYR C 92 12.74 -7.77 -24.20
N ASP C 93 13.98 -8.16 -23.92
CA ASP C 93 14.55 -8.01 -22.59
C ASP C 93 15.25 -6.67 -22.46
N THR C 94 15.49 -6.25 -21.21
CA THR C 94 15.96 -4.89 -20.96
C THR C 94 17.31 -4.63 -21.60
N SER C 95 18.29 -5.53 -21.37
CA SER C 95 19.52 -5.50 -22.14
C SER C 95 19.31 -6.29 -23.41
N PRO C 96 19.37 -5.65 -24.60
CA PRO C 96 18.68 -6.19 -25.76
C PRO C 96 18.79 -7.69 -25.93
N ARG C 97 17.68 -8.40 -25.75
CA ARG C 97 17.61 -9.85 -25.91
C ARG C 97 16.27 -10.12 -26.58
N TRP C 98 16.27 -10.10 -27.91
CA TRP C 98 15.05 -10.30 -28.68
C TRP C 98 14.87 -11.79 -28.96
N THR C 99 14.55 -12.53 -27.90
CA THR C 99 14.38 -13.97 -28.01
C THR C 99 13.15 -14.30 -28.85
N PHE C 100 13.30 -15.26 -29.76
CA PHE C 100 12.27 -15.62 -30.71
C PHE C 100 11.55 -16.88 -30.27
N GLY C 101 10.67 -17.40 -31.15
CA GLY C 101 9.90 -18.59 -30.86
C GLY C 101 10.21 -19.70 -31.84
N GLN C 102 9.68 -20.89 -31.53
CA GLN C 102 9.94 -22.06 -32.36
C GLN C 102 9.30 -21.93 -33.74
N GLY C 103 8.11 -21.36 -33.81
CA GLY C 103 7.43 -21.20 -35.09
C GLY C 103 6.22 -22.12 -35.24
N THR C 104 5.10 -21.56 -35.69
CA THR C 104 3.91 -22.32 -36.01
C THR C 104 3.62 -22.19 -37.49
N LYS C 105 3.36 -23.31 -38.16
CA LYS C 105 3.17 -23.35 -39.60
C LYS C 105 1.69 -23.49 -39.91
N LEU C 106 1.15 -22.55 -40.69
CA LEU C 106 -0.26 -22.56 -41.08
C LEU C 106 -0.42 -23.21 -42.46
N GLU C 107 -0.08 -24.50 -42.53
CA GLU C 107 -0.40 -25.30 -43.70
C GLU C 107 -1.91 -25.32 -43.89
N ILE C 108 -2.37 -25.05 -45.10
CA ILE C 108 -3.81 -24.87 -45.34
C ILE C 108 -4.20 -25.66 -46.58
N LYS C 109 -5.13 -26.60 -46.41
CA LYS C 109 -5.72 -27.32 -47.52
C LYS C 109 -6.81 -28.24 -46.97
N ARG C 110 -7.51 -28.87 -47.90
CA ARG C 110 -8.55 -29.88 -47.64
C ARG C 110 -8.38 -30.95 -48.71
N THR C 111 -9.42 -31.78 -48.88
CA THR C 111 -9.49 -32.71 -50.01
C THR C 111 -8.35 -33.72 -50.02
N VAL C 112 -8.44 -34.74 -49.15
CA VAL C 112 -7.50 -35.85 -49.14
C VAL C 112 -7.19 -36.30 -50.57
N ALA C 113 -5.90 -36.45 -50.89
CA ALA C 113 -5.47 -36.79 -52.23
C ALA C 113 -4.44 -37.90 -52.19
N ALA C 114 -4.46 -38.76 -53.21
CA ALA C 114 -3.59 -39.94 -53.25
C ALA C 114 -2.40 -39.70 -54.17
N PRO C 115 -1.19 -40.03 -53.73
CA PRO C 115 -0.01 -39.78 -54.57
C PRO C 115 0.00 -40.61 -55.84
N SER C 116 0.50 -40.01 -56.92
CA SER C 116 0.87 -40.75 -58.12
C SER C 116 2.33 -41.12 -58.00
N VAL C 117 2.63 -42.42 -58.08
CA VAL C 117 3.95 -42.94 -57.78
C VAL C 117 4.65 -43.34 -59.08
N PHE C 118 5.87 -42.85 -59.27
CA PHE C 118 6.70 -43.22 -60.40
C PHE C 118 8.08 -43.60 -59.88
N ILE C 119 8.74 -44.53 -60.57
CA ILE C 119 10.09 -44.95 -60.19
C ILE C 119 11.02 -44.77 -61.39
N PHE C 120 12.19 -44.16 -61.14
CA PHE C 120 13.18 -43.86 -62.16
C PHE C 120 14.47 -44.60 -61.84
N PRO C 121 14.98 -45.42 -62.75
CA PRO C 121 16.20 -46.17 -62.52
C PRO C 121 17.42 -45.32 -62.79
N PRO C 122 18.60 -45.73 -62.32
CA PRO C 122 19.82 -44.99 -62.64
C PRO C 122 20.08 -44.96 -64.14
N SER C 123 20.58 -43.82 -64.61
CA SER C 123 20.94 -43.65 -66.01
C SER C 123 22.28 -44.32 -66.30
N ASP C 124 22.48 -44.66 -67.58
CA ASP C 124 23.71 -45.33 -67.98
C ASP C 124 24.93 -44.44 -67.77
N GLU C 125 24.78 -43.14 -68.04
CA GLU C 125 25.88 -42.20 -67.84
C GLU C 125 26.30 -42.15 -66.36
N GLN C 126 25.32 -42.11 -65.46
CA GLN C 126 25.63 -42.13 -64.03
C GLN C 126 26.33 -43.43 -63.65
N LEU C 127 25.94 -44.54 -64.26
CA LEU C 127 26.65 -45.80 -64.03
C LEU C 127 28.09 -45.69 -64.50
N LYS C 128 28.34 -45.03 -65.62
CA LYS C 128 29.71 -44.78 -66.06
C LYS C 128 30.49 -43.99 -65.02
N SER C 129 29.83 -43.04 -64.36
CA SER C 129 30.52 -42.28 -63.31
C SER C 129 30.94 -43.18 -62.14
N GLY C 130 30.14 -44.20 -61.83
CA GLY C 130 30.44 -45.13 -60.75
C GLY C 130 29.52 -45.02 -59.55
N THR C 131 28.63 -44.03 -59.51
CA THR C 131 27.66 -43.87 -58.44
C THR C 131 26.27 -44.03 -59.03
N ALA C 132 25.41 -44.81 -58.37
CA ALA C 132 24.08 -45.10 -58.87
C ALA C 132 23.04 -44.47 -57.95
N SER C 133 22.08 -43.77 -58.53
CA SER C 133 21.00 -43.15 -57.78
C SER C 133 19.65 -43.60 -58.34
N VAL C 134 18.77 -44.05 -57.45
CA VAL C 134 17.44 -44.50 -57.81
C VAL C 134 16.45 -43.51 -57.22
N VAL C 135 15.45 -43.11 -58.01
CA VAL C 135 14.54 -42.05 -57.60
C VAL C 135 13.12 -42.59 -57.55
N CYS C 136 12.41 -42.33 -56.45
CA CYS C 136 10.99 -42.64 -56.36
C CYS C 136 10.24 -41.34 -56.10
N LEU C 137 9.24 -41.06 -56.94
CA LEU C 137 8.54 -39.78 -56.95
C LEU C 137 7.07 -39.99 -56.60
N LEU C 138 6.57 -39.15 -55.69
CA LEU C 138 5.16 -39.09 -55.31
C LEU C 138 4.64 -37.73 -55.72
N ASN C 139 3.55 -37.69 -56.47
CA ASN C 139 3.07 -36.44 -57.04
C ASN C 139 1.62 -36.19 -56.64
N ASN C 140 1.34 -34.93 -56.28
CA ASN C 140 0.00 -34.41 -56.03
C ASN C 140 -0.73 -35.19 -54.93
N PHE C 141 -0.13 -35.19 -53.74
CA PHE C 141 -0.68 -35.92 -52.61
C PHE C 141 -0.87 -35.00 -51.41
N TYR C 142 -2.01 -35.16 -50.74
CA TYR C 142 -2.36 -34.44 -49.52
C TYR C 142 -3.03 -35.43 -48.59
N PRO C 143 -2.68 -35.44 -47.29
CA PRO C 143 -1.77 -34.54 -46.59
C PRO C 143 -0.29 -34.85 -46.81
N ARG C 144 0.58 -34.06 -46.18
CA ARG C 144 2.01 -34.22 -46.37
C ARG C 144 2.53 -35.55 -45.84
N GLU C 145 1.89 -36.09 -44.79
CA GLU C 145 2.38 -37.31 -44.16
C GLU C 145 2.32 -38.49 -45.11
N ALA C 146 3.46 -39.19 -45.24
CA ALA C 146 3.58 -40.35 -46.10
C ALA C 146 4.86 -41.09 -45.73
N LYS C 147 4.90 -42.38 -46.02
CA LYS C 147 6.08 -43.19 -45.72
C LYS C 147 6.55 -43.90 -46.98
N VAL C 148 7.85 -43.80 -47.26
CA VAL C 148 8.48 -44.44 -48.41
C VAL C 148 9.55 -45.39 -47.88
N GLN C 149 9.49 -46.64 -48.32
CA GLN C 149 10.44 -47.68 -47.92
C GLN C 149 11.12 -48.22 -49.17
N TRP C 150 12.44 -48.23 -49.16
CA TRP C 150 13.24 -48.74 -50.28
C TRP C 150 13.54 -50.21 -50.05
N LYS C 151 13.13 -51.07 -50.98
CA LYS C 151 13.37 -52.50 -50.88
C LYS C 151 14.18 -52.96 -52.09
N VAL C 152 15.31 -53.59 -51.83
CA VAL C 152 16.19 -54.13 -52.87
C VAL C 152 16.31 -55.62 -52.63
N ASP C 153 15.88 -56.41 -53.62
CA ASP C 153 15.85 -57.87 -53.51
C ASP C 153 15.08 -58.30 -52.26
N ASN C 154 13.91 -57.67 -52.05
CA ASN C 154 13.05 -57.94 -50.91
C ASN C 154 13.77 -57.69 -49.58
N ALA C 155 14.57 -56.63 -49.54
CA ALA C 155 15.30 -56.24 -48.34
C ALA C 155 15.16 -54.74 -48.13
N LEU C 156 14.62 -54.36 -46.98
CA LEU C 156 14.51 -52.95 -46.62
C LEU C 156 15.88 -52.35 -46.37
N GLN C 157 16.08 -51.14 -46.85
CA GLN C 157 17.35 -50.43 -46.71
C GLN C 157 17.20 -49.30 -45.70
N SER C 158 18.29 -48.99 -45.00
CA SER C 158 18.29 -47.98 -43.95
C SER C 158 19.58 -47.18 -44.01
N GLY C 159 19.45 -45.86 -43.96
CA GLY C 159 20.60 -44.97 -43.92
C GLY C 159 21.20 -44.60 -45.26
N ASN C 160 20.65 -45.09 -46.36
CA ASN C 160 21.13 -44.74 -47.69
C ASN C 160 20.10 -43.96 -48.51
N SER C 161 19.07 -43.44 -47.87
CA SER C 161 17.98 -42.77 -48.55
C SER C 161 17.82 -41.35 -48.02
N GLN C 162 17.60 -40.40 -48.92
CA GLN C 162 17.34 -39.01 -48.55
C GLN C 162 16.05 -38.54 -49.22
N GLU C 163 15.30 -37.70 -48.52
CA GLU C 163 13.98 -37.26 -48.97
C GLU C 163 13.93 -35.76 -49.11
N SER C 164 13.27 -35.29 -50.17
CA SER C 164 13.05 -33.87 -50.41
C SER C 164 11.58 -33.65 -50.75
N VAL C 165 10.92 -32.77 -50.02
CA VAL C 165 9.49 -32.52 -50.16
C VAL C 165 9.27 -31.08 -50.59
N THR C 166 8.52 -30.90 -51.67
CA THR C 166 8.20 -29.56 -52.14
C THR C 166 7.12 -28.93 -51.27
N GLU C 167 7.07 -27.60 -51.29
CA GLU C 167 6.03 -26.88 -50.58
C GLU C 167 4.69 -27.04 -51.31
N GLN C 168 3.61 -26.68 -50.62
CA GLN C 168 2.29 -26.80 -51.22
C GLN C 168 2.21 -26.01 -52.51
N ASP C 169 1.79 -26.66 -53.59
CA ASP C 169 1.67 -25.99 -54.88
C ASP C 169 0.59 -24.92 -54.80
N SER C 170 0.81 -23.81 -55.51
CA SER C 170 -0.12 -22.69 -55.42
C SER C 170 -1.50 -23.05 -55.94
N LYS C 171 -1.56 -23.81 -57.03
CA LYS C 171 -2.85 -24.10 -57.66
C LYS C 171 -3.58 -25.25 -56.96
N ASP C 172 -2.99 -26.45 -56.99
CA ASP C 172 -3.68 -27.63 -56.47
C ASP C 172 -3.50 -27.80 -54.96
N SER C 173 -2.52 -27.11 -54.37
CA SER C 173 -2.26 -27.16 -52.93
C SER C 173 -2.01 -28.60 -52.46
N THR C 174 -1.25 -29.34 -53.26
CA THR C 174 -0.87 -30.71 -52.92
C THR C 174 0.64 -30.83 -52.94
N TYR C 175 1.18 -31.53 -51.94
CA TYR C 175 2.62 -31.71 -51.83
C TYR C 175 3.12 -32.71 -52.87
N SER C 176 4.44 -32.68 -53.09
CA SER C 176 5.14 -33.63 -53.93
C SER C 176 6.44 -34.02 -53.27
N LEU C 177 6.74 -35.33 -53.26
CA LEU C 177 7.87 -35.87 -52.53
C LEU C 177 8.81 -36.62 -53.47
N SER C 178 10.10 -36.55 -53.18
CA SER C 178 11.12 -37.27 -53.94
C SER C 178 12.03 -38.00 -52.96
N SER C 179 12.29 -39.27 -53.23
CA SER C 179 13.18 -40.07 -52.40
C SER C 179 14.31 -40.61 -53.26
N THR C 180 15.55 -40.40 -52.82
CA THR C 180 16.74 -40.78 -53.56
C THR C 180 17.52 -41.83 -52.77
N LEU C 181 17.84 -42.94 -53.43
CA LEU C 181 18.62 -44.03 -52.87
C LEU C 181 19.95 -44.07 -53.60
N THR C 182 21.04 -43.82 -52.88
CA THR C 182 22.38 -43.75 -53.46
C THR C 182 23.16 -45.01 -53.09
N LEU C 183 23.72 -45.66 -54.12
CA LEU C 183 24.42 -46.93 -53.98
C LEU C 183 25.69 -46.89 -54.81
N SER C 184 26.67 -47.70 -54.40
CA SER C 184 27.87 -47.89 -55.20
C SER C 184 27.55 -48.79 -56.40
N LYS C 185 28.38 -48.65 -57.44
CA LYS C 185 28.11 -49.37 -58.69
C LYS C 185 28.14 -50.88 -58.49
N ALA C 186 29.12 -51.38 -57.74
CA ALA C 186 29.19 -52.82 -57.49
C ALA C 186 27.96 -53.31 -56.74
N ASP C 187 27.54 -52.56 -55.72
CA ASP C 187 26.33 -52.93 -54.98
C ASP C 187 25.11 -52.93 -55.89
N TYR C 188 25.02 -51.95 -56.79
CA TYR C 188 23.91 -51.91 -57.73
C TYR C 188 23.92 -53.13 -58.64
N GLU C 189 25.10 -53.56 -59.09
CA GLU C 189 25.18 -54.76 -59.93
C GLU C 189 24.83 -56.03 -59.16
N LYS C 190 25.14 -56.07 -57.85
CA LYS C 190 24.96 -57.32 -57.10
C LYS C 190 23.49 -57.75 -57.03
N HIS C 191 22.59 -56.79 -56.88
CA HIS C 191 21.17 -57.09 -56.70
C HIS C 191 20.40 -56.69 -57.96
N LYS C 192 19.32 -57.43 -58.23
CA LYS C 192 18.57 -57.28 -59.48
C LYS C 192 17.27 -56.48 -59.33
N VAL C 193 16.48 -56.74 -58.29
CA VAL C 193 15.16 -56.12 -58.12
C VAL C 193 15.28 -54.86 -57.28
N TYR C 194 14.55 -53.81 -57.66
CA TYR C 194 14.57 -52.54 -56.95
C TYR C 194 13.16 -51.99 -56.90
N ALA C 195 12.67 -51.67 -55.70
CA ALA C 195 11.29 -51.23 -55.57
C ALA C 195 11.17 -50.19 -54.46
N CYS C 196 10.14 -49.37 -54.57
CA CYS C 196 9.75 -48.46 -53.51
C CYS C 196 8.30 -48.72 -53.11
N GLU C 197 8.09 -48.78 -51.80
CA GLU C 197 6.79 -48.99 -51.17
C GLU C 197 6.31 -47.68 -50.57
N VAL C 198 5.09 -47.27 -50.91
CA VAL C 198 4.50 -46.02 -50.46
C VAL C 198 3.27 -46.34 -49.63
N THR C 199 3.21 -45.80 -48.42
CA THR C 199 2.05 -45.86 -47.56
C THR C 199 1.55 -44.45 -47.32
N HIS C 200 0.26 -44.23 -47.57
CA HIS C 200 -0.37 -42.92 -47.47
C HIS C 200 -1.81 -43.09 -47.03
N GLN C 201 -2.36 -42.04 -46.43
CA GLN C 201 -3.73 -42.08 -45.93
C GLN C 201 -4.72 -42.30 -47.06
N GLY C 202 -4.58 -41.55 -48.16
CA GLY C 202 -5.53 -41.64 -49.25
C GLY C 202 -5.43 -42.94 -50.03
N LEU C 203 -4.26 -43.57 -50.02
CA LEU C 203 -4.11 -44.85 -50.69
C LEU C 203 -4.92 -45.92 -49.96
N SER C 204 -5.75 -46.65 -50.72
CA SER C 204 -6.55 -47.71 -50.13
C SER C 204 -5.66 -48.83 -49.58
N SER C 205 -4.59 -49.16 -50.28
CA SER C 205 -3.64 -50.18 -49.89
C SER C 205 -2.23 -49.66 -50.18
N PRO C 206 -1.22 -50.16 -49.46
CA PRO C 206 0.16 -49.76 -49.78
C PRO C 206 0.50 -50.09 -51.22
N VAL C 207 1.19 -49.16 -51.89
CA VAL C 207 1.43 -49.27 -53.33
C VAL C 207 2.93 -49.35 -53.57
N THR C 208 3.36 -50.34 -54.34
CA THR C 208 4.77 -50.58 -54.60
C THR C 208 5.03 -50.49 -56.10
N LYS C 209 6.05 -49.71 -56.47
CA LYS C 209 6.53 -49.63 -57.85
C LYS C 209 7.93 -50.23 -57.93
N SER C 210 8.12 -51.15 -58.87
CA SER C 210 9.32 -51.97 -58.92
C SER C 210 9.85 -52.04 -60.36
N PHE C 211 11.18 -52.14 -60.46
CA PHE C 211 11.84 -52.39 -61.72
C PHE C 211 12.99 -53.37 -61.49
N ASN C 212 13.28 -54.17 -62.51
CA ASN C 212 14.36 -55.14 -62.48
C ASN C 212 15.54 -54.61 -63.27
N ARG C 213 16.75 -54.82 -62.73
CA ARG C 213 17.96 -54.29 -63.34
C ARG C 213 18.11 -54.78 -64.78
N GLY C 214 18.10 -53.84 -65.72
CA GLY C 214 18.24 -54.17 -67.12
C GLY C 214 16.95 -54.57 -67.83
N GLU C 215 15.81 -54.52 -67.15
CA GLU C 215 14.53 -54.86 -67.78
C GLU C 215 14.18 -53.81 -68.84
N CYS C 216 13.82 -54.30 -70.03
CA CYS C 216 13.63 -53.47 -71.24
C CYS C 216 14.65 -52.33 -71.31
N ASN D 8 44.25 35.92 -26.41
CA ASN D 8 44.26 34.87 -27.43
C ASN D 8 44.29 33.49 -26.76
N SER D 9 45.44 33.15 -26.18
CA SER D 9 45.55 31.89 -25.46
C SER D 9 44.57 31.86 -24.29
N THR D 10 44.15 30.64 -23.94
CA THR D 10 43.12 30.32 -22.94
C THR D 10 41.73 30.36 -23.54
N ALA D 11 41.00 29.24 -23.48
CA ALA D 11 39.65 29.11 -23.99
C ALA D 11 38.72 28.67 -22.86
N THR D 12 37.46 28.39 -23.19
CA THR D 12 36.53 27.97 -22.14
C THR D 12 35.52 26.95 -22.66
N LEU D 13 35.18 25.98 -21.80
CA LEU D 13 34.20 24.95 -22.15
C LEU D 13 33.14 24.88 -21.08
N CYS D 14 31.88 25.11 -21.45
CA CYS D 14 30.75 25.05 -20.54
C CYS D 14 29.97 23.77 -20.76
N LEU D 15 29.25 23.35 -19.71
CA LEU D 15 28.46 22.13 -19.75
C LEU D 15 27.04 22.42 -19.28
N GLY D 16 26.05 22.06 -20.12
CA GLY D 16 24.69 22.49 -19.90
C GLY D 16 23.65 21.42 -20.17
N HIS D 17 22.41 21.74 -19.78
CA HIS D 17 21.26 20.88 -19.94
C HIS D 17 20.17 21.63 -20.68
N HIS D 18 19.27 20.88 -21.30
CA HIS D 18 18.25 21.45 -22.17
C HIS D 18 17.08 22.02 -21.35
N ALA D 19 16.22 22.77 -22.05
CA ALA D 19 15.03 23.33 -21.44
C ALA D 19 14.02 23.63 -22.53
N VAL D 20 12.79 23.92 -22.11
CA VAL D 20 11.69 24.18 -23.05
C VAL D 20 10.85 25.34 -22.56
N PRO D 21 10.24 26.08 -23.49
CA PRO D 21 9.31 27.14 -23.08
C PRO D 21 8.09 26.64 -22.34
N ASN D 22 7.57 25.46 -22.70
CA ASN D 22 6.36 24.90 -22.12
C ASN D 22 6.71 23.58 -21.43
N GLY D 23 6.39 23.48 -20.15
CA GLY D 23 6.65 22.26 -19.40
C GLY D 23 5.57 22.03 -18.38
N THR D 24 5.37 20.77 -18.01
CA THR D 24 4.29 20.43 -17.10
C THR D 24 4.78 20.49 -15.65
N ILE D 25 3.87 20.23 -14.72
CA ILE D 25 4.17 20.32 -13.29
C ILE D 25 4.06 18.94 -12.68
N VAL D 26 5.02 18.58 -11.84
CA VAL D 26 5.00 17.32 -11.12
C VAL D 26 5.28 17.59 -9.65
N LYS D 27 5.01 16.57 -8.84
CA LYS D 27 5.10 16.65 -7.38
C LYS D 27 6.13 15.65 -6.87
N THR D 28 7.33 16.12 -6.57
CA THR D 28 8.25 15.32 -5.78
C THR D 28 7.77 15.28 -4.33
N ILE D 29 8.47 14.49 -3.51
CA ILE D 29 8.07 14.35 -2.12
C ILE D 29 8.18 15.68 -1.40
N THR D 30 9.26 16.42 -1.64
CA THR D 30 9.50 17.67 -0.91
C THR D 30 8.65 18.82 -1.46
N ASN D 31 8.72 19.06 -2.77
CA ASN D 31 8.06 20.20 -3.39
C ASN D 31 6.75 19.78 -4.04
N ASP D 32 5.68 20.50 -3.73
CA ASP D 32 4.41 20.25 -4.39
C ASP D 32 4.44 20.65 -5.85
N GLN D 33 5.25 21.66 -6.19
CA GLN D 33 5.31 22.18 -7.56
C GLN D 33 6.76 22.19 -8.02
N ILE D 34 7.08 21.32 -8.98
CA ILE D 34 8.35 21.40 -9.69
C ILE D 34 8.09 21.20 -11.18
N GLU D 35 8.65 22.06 -12.01
CA GLU D 35 8.41 22.01 -13.44
C GLU D 35 9.33 21.01 -14.12
N VAL D 36 8.80 20.34 -15.15
CA VAL D 36 9.55 19.37 -15.92
C VAL D 36 9.27 19.58 -17.41
N THR D 37 10.19 19.04 -18.23
CA THR D 37 10.18 19.31 -19.67
C THR D 37 9.02 18.63 -20.37
N ASN D 38 8.89 17.31 -20.20
CA ASN D 38 7.79 16.58 -20.80
C ASN D 38 7.38 15.47 -19.84
N ALA D 39 6.08 15.20 -19.80
CA ALA D 39 5.55 14.24 -18.84
C ALA D 39 4.28 13.64 -19.41
N THR D 40 3.85 12.51 -18.83
CA THR D 40 2.65 11.84 -19.28
C THR D 40 1.78 11.46 -18.08
N GLU D 41 0.46 11.55 -18.25
CA GLU D 41 -0.44 11.21 -17.15
C GLU D 41 -0.69 9.70 -17.10
N LEU D 42 -0.88 9.19 -15.89
CA LEU D 42 -1.04 7.76 -15.67
C LEU D 42 -2.48 7.37 -15.34
N VAL D 43 -3.42 8.32 -15.42
CA VAL D 43 -4.81 8.06 -15.09
C VAL D 43 -5.66 8.43 -16.28
N GLN D 44 -6.32 7.43 -16.88
CA GLN D 44 -7.28 7.68 -17.95
C GLN D 44 -8.57 8.26 -17.37
N SER D 45 -9.09 9.31 -18.01
CA SER D 45 -10.23 10.05 -17.48
C SER D 45 -11.30 10.38 -18.53
N SER D 46 -11.10 10.01 -19.79
CA SER D 46 -12.05 10.30 -20.85
C SER D 46 -12.47 9.00 -21.53
N SER D 47 -13.77 8.88 -21.80
CA SER D 47 -14.33 7.69 -22.42
C SER D 47 -15.16 8.06 -23.63
N THR D 48 -15.08 7.22 -24.67
CA THR D 48 -15.80 7.48 -25.91
C THR D 48 -17.31 7.39 -25.73
N GLY D 49 -17.77 6.61 -24.76
CA GLY D 49 -19.19 6.40 -24.57
C GLY D 49 -19.78 5.27 -25.38
N GLU D 50 -18.96 4.37 -25.89
CA GLU D 50 -19.42 3.24 -26.70
C GLU D 50 -18.75 1.96 -26.21
N ILE D 51 -19.46 0.84 -26.39
CA ILE D 51 -18.98 -0.47 -25.98
C ILE D 51 -18.56 -1.25 -27.21
N CYS D 52 -17.40 -1.89 -27.14
CA CYS D 52 -16.83 -2.59 -28.28
C CYS D 52 -17.29 -4.04 -28.26
N ASP D 53 -17.89 -4.49 -29.37
CA ASP D 53 -18.35 -5.88 -29.45
C ASP D 53 -17.21 -6.89 -29.45
N SER D 54 -15.96 -6.42 -29.49
CA SER D 54 -14.77 -7.24 -29.43
C SER D 54 -13.83 -6.69 -28.36
N PRO D 55 -13.02 -7.56 -27.73
CA PRO D 55 -12.90 -9.01 -27.93
C PRO D 55 -13.75 -9.78 -26.95
N HIS D 56 -14.88 -9.22 -26.50
CA HIS D 56 -15.74 -9.86 -25.53
C HIS D 56 -17.14 -10.04 -26.13
N GLN D 57 -17.68 -11.24 -25.98
CA GLN D 57 -19.04 -11.52 -26.43
C GLN D 57 -20.03 -10.73 -25.56
N ILE D 58 -20.74 -9.80 -26.18
CA ILE D 58 -21.62 -8.89 -25.47
C ILE D 58 -23.05 -9.11 -25.95
N LEU D 59 -23.96 -9.31 -25.01
CA LEU D 59 -25.37 -9.52 -25.30
C LEU D 59 -26.13 -8.26 -24.91
N ASP D 60 -26.81 -7.64 -25.88
CA ASP D 60 -27.54 -6.41 -25.63
C ASP D 60 -28.86 -6.74 -24.96
N GLY D 61 -29.09 -6.15 -23.79
CA GLY D 61 -30.31 -6.44 -23.04
C GLY D 61 -31.57 -5.89 -23.69
N LYS D 62 -31.44 -4.78 -24.43
CA LYS D 62 -32.58 -4.09 -25.03
C LYS D 62 -33.60 -3.72 -23.96
N ASN D 63 -34.76 -4.38 -23.93
CA ASN D 63 -35.70 -4.16 -22.84
C ASN D 63 -35.71 -5.29 -21.82
N CYS D 64 -34.84 -6.28 -21.95
CA CYS D 64 -35.00 -7.53 -21.22
C CYS D 64 -33.98 -7.62 -20.09
N THR D 65 -34.48 -7.74 -18.87
CA THR D 65 -33.63 -8.09 -17.74
C THR D 65 -33.25 -9.57 -17.82
N LEU D 66 -32.15 -9.93 -17.16
CA LEU D 66 -31.65 -11.29 -17.25
C LEU D 66 -32.67 -12.28 -16.68
N ILE D 67 -33.31 -11.91 -15.57
CA ILE D 67 -34.29 -12.81 -14.95
C ILE D 67 -35.49 -13.02 -15.87
N ASP D 68 -35.87 -11.98 -16.62
CA ASP D 68 -36.97 -12.11 -17.57
C ASP D 68 -36.65 -13.12 -18.66
N ALA D 69 -35.47 -12.99 -19.27
CA ALA D 69 -35.05 -13.95 -20.29
C ALA D 69 -34.95 -15.36 -19.72
N LEU D 70 -34.53 -15.47 -18.46
CA LEU D 70 -34.54 -16.78 -17.80
C LEU D 70 -35.94 -17.36 -17.71
N LEU D 71 -36.89 -16.58 -17.18
CA LEU D 71 -38.25 -17.08 -17.00
C LEU D 71 -38.96 -17.30 -18.33
N GLY D 72 -38.84 -16.36 -19.26
CA GLY D 72 -39.51 -16.52 -20.53
C GLY D 72 -40.54 -15.47 -20.86
N ASP D 73 -40.33 -14.24 -20.41
CA ASP D 73 -41.20 -13.13 -20.80
C ASP D 73 -41.27 -13.03 -22.32
N PRO D 74 -42.45 -12.82 -22.89
CA PRO D 74 -42.60 -12.88 -24.35
C PRO D 74 -41.59 -12.05 -25.13
N GLN D 75 -41.44 -10.76 -24.78
CA GLN D 75 -40.57 -9.85 -25.51
C GLN D 75 -39.12 -10.29 -25.48
N CYS D 76 -38.81 -11.33 -24.71
CA CYS D 76 -37.45 -11.82 -24.55
C CYS D 76 -37.24 -13.18 -25.21
N ASP D 77 -38.19 -13.66 -26.02
CA ASP D 77 -38.03 -14.97 -26.66
C ASP D 77 -36.78 -15.04 -27.53
N GLY D 78 -36.28 -13.89 -28.02
CA GLY D 78 -35.07 -13.89 -28.81
C GLY D 78 -33.82 -14.26 -28.05
N PHE D 79 -33.88 -14.24 -26.73
CA PHE D 79 -32.72 -14.58 -25.91
C PHE D 79 -32.67 -16.05 -25.53
N GLN D 80 -33.65 -16.85 -25.95
CA GLN D 80 -33.67 -18.26 -25.59
C GLN D 80 -32.44 -18.98 -26.12
N ASN D 81 -31.76 -19.71 -25.24
CA ASN D 81 -30.53 -20.44 -25.56
C ASN D 81 -29.49 -19.53 -26.21
N LYS D 82 -29.17 -18.44 -25.50
CA LYS D 82 -28.17 -17.48 -25.93
C LYS D 82 -27.12 -17.33 -24.85
N LYS D 83 -25.85 -17.46 -25.25
CA LYS D 83 -24.72 -17.35 -24.34
C LYS D 83 -24.09 -15.96 -24.44
N TRP D 84 -23.37 -15.58 -23.39
CA TRP D 84 -22.85 -14.23 -23.31
C TRP D 84 -21.68 -14.17 -22.34
N ASP D 85 -20.73 -13.29 -22.63
CA ASP D 85 -19.67 -12.95 -21.68
C ASP D 85 -20.07 -11.79 -20.77
N LEU D 86 -20.81 -10.82 -21.30
CA LEU D 86 -21.27 -9.68 -20.53
C LEU D 86 -22.67 -9.31 -20.98
N PHE D 87 -23.63 -9.45 -20.08
CA PHE D 87 -25.01 -9.04 -20.33
C PHE D 87 -25.18 -7.60 -19.88
N VAL D 88 -25.61 -6.75 -20.81
CA VAL D 88 -25.79 -5.32 -20.54
C VAL D 88 -27.26 -5.13 -20.20
N GLU D 89 -27.58 -5.14 -18.91
CA GLU D 89 -28.91 -4.77 -18.46
C GLU D 89 -29.13 -3.28 -18.67
N ARG D 90 -30.36 -2.91 -18.99
CA ARG D 90 -30.68 -1.55 -19.38
C ARG D 90 -31.67 -0.94 -18.39
N SER D 91 -31.54 0.37 -18.20
CA SER D 91 -32.38 1.07 -17.21
C SER D 91 -33.83 1.13 -17.66
N LYS D 92 -34.07 1.24 -18.96
CA LYS D 92 -35.42 1.37 -19.49
C LYS D 92 -36.17 0.04 -19.56
N ALA D 93 -35.55 -1.06 -19.12
CA ALA D 93 -36.16 -2.37 -19.25
C ALA D 93 -37.46 -2.47 -18.47
N TYR D 94 -38.41 -3.23 -19.01
CA TYR D 94 -39.71 -3.43 -18.39
C TYR D 94 -40.15 -4.87 -18.62
N SER D 95 -41.01 -5.36 -17.72
CA SER D 95 -41.57 -6.69 -17.82
C SER D 95 -43.03 -6.60 -18.25
N ASN D 96 -43.42 -7.47 -19.19
CA ASN D 96 -44.81 -7.56 -19.63
C ASN D 96 -45.24 -9.02 -19.57
N CYS D 97 -45.63 -9.45 -18.38
CA CYS D 97 -46.17 -10.78 -18.13
C CYS D 97 -46.84 -10.76 -16.76
N TYR D 98 -47.13 -11.94 -16.22
CA TYR D 98 -47.69 -12.04 -14.89
C TYR D 98 -46.74 -11.41 -13.86
N PRO D 99 -47.29 -10.78 -12.81
CA PRO D 99 -46.43 -10.25 -11.75
C PRO D 99 -45.60 -11.35 -11.11
N TYR D 100 -44.32 -11.05 -10.88
CA TYR D 100 -43.39 -12.03 -10.34
C TYR D 100 -42.43 -11.35 -9.38
N ASP D 101 -42.22 -11.96 -8.21
CA ASP D 101 -41.22 -11.53 -7.25
C ASP D 101 -40.33 -12.70 -6.92
N VAL D 102 -39.01 -12.47 -6.98
CA VAL D 102 -38.02 -13.52 -6.79
C VAL D 102 -37.29 -13.26 -5.47
N PRO D 103 -37.50 -14.07 -4.44
CA PRO D 103 -36.70 -13.93 -3.22
C PRO D 103 -35.22 -14.12 -3.53
N ASP D 104 -34.39 -13.30 -2.92
CA ASP D 104 -32.94 -13.30 -3.15
C ASP D 104 -32.65 -13.08 -4.64
N TYR D 105 -33.24 -12.01 -5.19
CA TYR D 105 -33.12 -11.71 -6.61
C TYR D 105 -31.67 -11.50 -7.02
N ALA D 106 -30.89 -10.81 -6.18
CA ALA D 106 -29.50 -10.53 -6.52
C ALA D 106 -28.70 -11.83 -6.69
N SER D 107 -28.96 -12.82 -5.84
CA SER D 107 -28.23 -14.08 -5.92
C SER D 107 -28.51 -14.82 -7.22
N LEU D 108 -29.80 -14.92 -7.61
CA LEU D 108 -30.13 -15.58 -8.87
C LEU D 108 -29.55 -14.82 -10.06
N ARG D 109 -29.65 -13.48 -10.04
CA ARG D 109 -29.11 -12.69 -11.13
C ARG D 109 -27.60 -12.90 -11.28
N SER D 110 -26.87 -12.79 -10.17
CA SER D 110 -25.42 -12.97 -10.21
C SER D 110 -25.06 -14.39 -10.65
N LEU D 111 -25.83 -15.38 -10.20
CA LEU D 111 -25.54 -16.76 -10.54
C LEU D 111 -25.67 -17.00 -12.04
N VAL D 112 -26.81 -16.61 -12.61
CA VAL D 112 -27.03 -16.82 -14.03
C VAL D 112 -26.03 -16.00 -14.86
N ALA D 113 -25.75 -14.77 -14.43
CA ALA D 113 -24.77 -13.95 -15.17
C ALA D 113 -23.39 -14.58 -15.15
N SER D 114 -22.97 -15.10 -13.99
CA SER D 114 -21.66 -15.73 -13.89
C SER D 114 -21.58 -16.98 -14.74
N SER D 115 -22.65 -17.79 -14.75
CA SER D 115 -22.66 -18.97 -15.61
C SER D 115 -22.56 -18.58 -17.08
N GLY D 116 -23.28 -17.53 -17.49
CA GLY D 116 -23.15 -17.03 -18.85
C GLY D 116 -23.85 -17.83 -19.92
N THR D 117 -24.83 -18.64 -19.57
CA THR D 117 -25.62 -19.35 -20.58
C THR D 117 -27.07 -19.42 -20.15
N LEU D 118 -27.97 -19.14 -21.09
CA LEU D 118 -29.39 -19.36 -20.91
C LEU D 118 -29.85 -20.66 -21.57
N GLU D 119 -28.92 -21.55 -21.87
CA GLU D 119 -29.25 -22.81 -22.51
C GLU D 119 -30.24 -23.60 -21.67
N PHE D 120 -31.34 -24.03 -22.30
CA PHE D 120 -32.45 -24.67 -21.62
C PHE D 120 -32.72 -26.00 -22.31
N ASN D 121 -32.51 -27.10 -21.59
CA ASN D 121 -32.85 -28.41 -22.10
C ASN D 121 -34.23 -28.80 -21.56
N ASN D 122 -35.17 -29.00 -22.47
CA ASN D 122 -36.53 -29.35 -22.08
C ASN D 122 -36.58 -30.78 -21.58
N GLU D 123 -37.45 -31.02 -20.61
CA GLU D 123 -37.57 -32.33 -19.98
C GLU D 123 -39.05 -32.72 -19.91
N SER D 124 -39.29 -34.03 -19.87
CA SER D 124 -40.65 -34.57 -19.91
C SER D 124 -40.96 -35.24 -18.57
N PHE D 125 -41.64 -34.50 -17.71
CA PHE D 125 -42.07 -35.02 -16.42
C PHE D 125 -43.41 -35.76 -16.55
N ASN D 126 -43.77 -36.46 -15.47
CA ASN D 126 -45.03 -37.20 -15.33
C ASN D 126 -46.26 -36.40 -15.72
N TRP D 127 -46.58 -35.39 -14.90
CA TRP D 127 -47.70 -34.46 -15.09
C TRP D 127 -48.98 -35.17 -15.53
N THR D 128 -49.32 -36.26 -14.84
CA THR D 128 -50.58 -36.95 -15.07
C THR D 128 -51.59 -36.55 -14.00
N GLY D 129 -52.80 -36.20 -14.44
CA GLY D 129 -53.85 -35.78 -13.54
C GLY D 129 -54.01 -34.28 -13.39
N VAL D 130 -53.14 -33.49 -14.01
CA VAL D 130 -53.21 -32.03 -13.96
C VAL D 130 -53.16 -31.49 -15.37
N THR D 131 -53.77 -30.33 -15.57
CA THR D 131 -53.80 -29.69 -16.88
C THR D 131 -52.55 -28.84 -17.05
N GLN D 132 -51.85 -29.03 -18.17
CA GLN D 132 -50.57 -28.39 -18.38
C GLN D 132 -50.78 -27.05 -19.09
N ASN D 133 -49.68 -26.46 -19.57
CA ASN D 133 -49.69 -25.15 -20.21
C ASN D 133 -50.21 -24.07 -19.28
N GLY D 134 -51.44 -23.62 -19.50
CA GLY D 134 -51.93 -22.50 -18.72
C GLY D 134 -51.73 -21.20 -19.47
N THR D 135 -52.65 -20.27 -19.26
CA THR D 135 -52.67 -19.01 -20.00
C THR D 135 -52.91 -17.86 -19.04
N SER D 136 -52.52 -16.67 -19.47
CA SER D 136 -52.82 -15.45 -18.73
C SER D 136 -53.05 -14.34 -19.73
N SER D 137 -53.85 -13.36 -19.30
CA SER D 137 -54.17 -12.20 -20.11
C SER D 137 -53.00 -11.23 -20.20
N ALA D 138 -52.24 -11.08 -19.11
CA ALA D 138 -51.15 -10.11 -19.10
C ALA D 138 -49.98 -10.57 -19.96
N CYS D 139 -49.82 -11.89 -20.14
CA CYS D 139 -48.67 -12.43 -20.86
C CYS D 139 -49.09 -12.74 -22.29
N ILE D 140 -49.38 -11.67 -23.03
CA ILE D 140 -49.76 -11.79 -24.43
C ILE D 140 -48.54 -12.18 -25.25
N ARG D 141 -48.69 -13.21 -26.09
CA ARG D 141 -47.64 -13.65 -27.00
C ARG D 141 -48.27 -14.00 -28.34
N ARG D 142 -47.88 -13.26 -29.39
CA ARG D 142 -48.43 -13.45 -30.73
C ARG D 142 -49.96 -13.33 -30.71
N SER D 143 -50.44 -12.31 -29.99
CA SER D 143 -51.86 -12.00 -29.90
C SER D 143 -52.66 -13.15 -29.28
N LYS D 144 -52.01 -13.97 -28.45
CA LYS D 144 -52.65 -15.07 -27.75
C LYS D 144 -52.29 -15.00 -26.28
N ASN D 145 -53.27 -15.27 -25.42
CA ASN D 145 -52.98 -15.33 -23.99
C ASN D 145 -51.99 -16.45 -23.69
N SER D 146 -51.06 -16.19 -22.78
CA SER D 146 -49.92 -17.11 -22.65
C SER D 146 -49.28 -16.95 -21.28
N PHE D 147 -48.10 -17.55 -21.12
CA PHE D 147 -47.41 -17.60 -19.84
C PHE D 147 -45.91 -17.65 -20.10
N PHE D 148 -45.13 -17.76 -19.03
CA PHE D 148 -43.67 -17.82 -19.15
C PHE D 148 -43.26 -19.03 -19.97
N SER D 149 -42.25 -18.84 -20.81
CA SER D 149 -41.87 -19.89 -21.77
C SER D 149 -41.27 -21.10 -21.05
N ARG D 150 -40.54 -20.88 -19.96
CA ARG D 150 -39.86 -21.95 -19.26
C ARG D 150 -40.59 -22.37 -17.98
N LEU D 151 -41.85 -22.01 -17.84
CA LEU D 151 -42.65 -22.36 -16.67
C LEU D 151 -43.97 -22.96 -17.13
N ASN D 152 -44.53 -23.84 -16.29
CA ASN D 152 -45.74 -24.58 -16.63
C ASN D 152 -46.78 -24.34 -15.55
N TRP D 153 -47.89 -23.72 -15.93
CA TRP D 153 -48.99 -23.44 -15.00
C TRP D 153 -49.89 -24.69 -14.94
N LEU D 154 -49.72 -25.47 -13.89
CA LEU D 154 -50.54 -26.65 -13.68
C LEU D 154 -51.89 -26.25 -13.08
N THR D 155 -52.96 -26.77 -13.66
CA THR D 155 -54.32 -26.48 -13.21
C THR D 155 -55.11 -27.78 -13.08
N HIS D 156 -56.29 -27.69 -12.47
CA HIS D 156 -57.06 -28.87 -12.14
C HIS D 156 -57.53 -29.59 -13.40
N LEU D 157 -57.67 -30.91 -13.29
CA LEU D 157 -58.14 -31.76 -14.37
C LEU D 157 -59.37 -32.52 -13.89
N ASN D 158 -60.49 -32.32 -14.59
CA ASN D 158 -61.77 -32.93 -14.23
C ASN D 158 -62.12 -32.66 -12.78
N PHE D 159 -61.79 -31.44 -12.32
CA PHE D 159 -62.07 -31.00 -10.96
C PHE D 159 -61.44 -31.93 -9.93
N LYS D 160 -60.27 -32.46 -10.28
CA LYS D 160 -59.53 -33.37 -9.42
C LYS D 160 -58.05 -33.02 -9.54
N TYR D 161 -57.44 -32.67 -8.41
CA TYR D 161 -56.01 -32.36 -8.33
C TYR D 161 -55.34 -33.40 -7.45
N PRO D 162 -54.76 -34.45 -8.02
CA PRO D 162 -54.05 -35.43 -7.20
C PRO D 162 -52.77 -34.85 -6.65
N ALA D 163 -52.31 -35.42 -5.54
CA ALA D 163 -51.01 -35.05 -5.01
C ALA D 163 -49.92 -35.37 -6.02
N LEU D 164 -49.06 -34.39 -6.29
CA LEU D 164 -48.02 -34.54 -7.28
C LEU D 164 -46.73 -34.94 -6.58
N ASN D 165 -46.21 -36.13 -6.92
CA ASN D 165 -44.97 -36.72 -6.41
C ASN D 165 -44.22 -37.13 -7.68
N VAL D 166 -43.49 -36.18 -8.23
CA VAL D 166 -42.81 -36.34 -9.52
C VAL D 166 -41.31 -36.26 -9.28
N THR D 167 -40.59 -37.27 -9.75
CA THR D 167 -39.16 -37.39 -9.53
C THR D 167 -38.41 -37.27 -10.85
N MET D 168 -37.38 -36.42 -10.87
CA MET D 168 -36.52 -36.27 -12.05
C MET D 168 -35.07 -36.39 -11.59
N PRO D 169 -34.31 -37.33 -12.13
CA PRO D 169 -32.92 -37.49 -11.75
C PRO D 169 -31.98 -36.79 -12.73
N ASN D 170 -30.73 -36.70 -12.32
CA ASN D 170 -29.64 -36.24 -13.16
C ASN D 170 -28.68 -37.40 -13.32
N ASN D 171 -28.45 -37.82 -14.56
CA ASN D 171 -27.43 -38.82 -14.87
C ASN D 171 -26.29 -38.25 -15.68
N GLU D 172 -26.43 -37.03 -16.19
CA GLU D 172 -25.34 -36.35 -16.86
C GLU D 172 -24.32 -35.86 -15.82
N GLN D 173 -23.18 -35.39 -16.30
CA GLN D 173 -22.08 -34.98 -15.42
C GLN D 173 -21.99 -33.47 -15.23
N PHE D 174 -23.11 -32.75 -15.35
CA PHE D 174 -23.12 -31.32 -15.08
C PHE D 174 -24.19 -30.99 -14.06
N ASP D 175 -23.93 -29.95 -13.27
CA ASP D 175 -24.91 -29.47 -12.30
C ASP D 175 -26.08 -28.81 -13.04
N LYS D 176 -27.29 -29.01 -12.52
CA LYS D 176 -28.49 -28.54 -13.18
C LYS D 176 -29.22 -27.51 -12.34
N LEU D 177 -29.72 -26.46 -13.00
CA LEU D 177 -30.47 -25.38 -12.36
C LEU D 177 -31.94 -25.50 -12.74
N TYR D 178 -32.80 -25.64 -11.74
CA TYR D 178 -34.25 -25.72 -11.94
C TYR D 178 -34.90 -24.47 -11.39
N ILE D 179 -35.80 -23.90 -12.18
CA ILE D 179 -36.54 -22.70 -11.80
C ILE D 179 -37.99 -23.11 -11.54
N TRP D 180 -38.45 -22.93 -10.30
CA TRP D 180 -39.79 -23.33 -9.91
C TRP D 180 -40.49 -22.17 -9.23
N GLY D 181 -41.80 -22.28 -9.04
CA GLY D 181 -42.56 -21.15 -8.53
C GLY D 181 -43.82 -21.57 -7.79
N VAL D 182 -44.31 -20.64 -6.97
CA VAL D 182 -45.54 -20.81 -6.19
C VAL D 182 -46.47 -19.67 -6.54
N HIS D 183 -47.72 -19.99 -6.86
CA HIS D 183 -48.72 -19.00 -7.25
C HIS D 183 -49.55 -18.60 -6.03
N HIS D 184 -49.44 -17.34 -5.61
CA HIS D 184 -50.29 -16.80 -4.57
C HIS D 184 -51.49 -16.14 -5.22
N PRO D 185 -52.70 -16.70 -5.08
CA PRO D 185 -53.88 -16.11 -5.69
C PRO D 185 -54.40 -14.91 -4.91
N GLY D 186 -54.99 -13.98 -5.64
CA GLY D 186 -55.57 -12.80 -5.00
C GLY D 186 -56.79 -13.13 -4.16
N THR D 187 -57.64 -14.02 -4.66
CA THR D 187 -58.94 -14.31 -4.04
C THR D 187 -59.12 -15.81 -3.90
N ASP D 188 -59.99 -16.18 -2.96
CA ASP D 188 -60.30 -17.59 -2.71
C ASP D 188 -61.13 -18.19 -3.84
N LYS D 189 -62.04 -17.40 -4.40
CA LYS D 189 -62.81 -17.83 -5.57
C LYS D 189 -61.87 -18.35 -6.64
N ASP D 190 -60.77 -17.61 -6.88
CA ASP D 190 -59.79 -18.00 -7.88
C ASP D 190 -59.12 -19.31 -7.52
N GLN D 191 -58.84 -19.53 -6.24
CA GLN D 191 -58.22 -20.78 -5.82
C GLN D 191 -59.12 -21.96 -6.16
N ILE D 192 -60.40 -21.85 -5.83
CA ILE D 192 -61.34 -22.93 -6.18
C ILE D 192 -61.42 -23.11 -7.69
N PHE D 193 -61.43 -22.00 -8.43
CA PHE D 193 -61.57 -22.08 -9.89
C PHE D 193 -60.38 -22.78 -10.52
N LEU D 194 -59.16 -22.42 -10.10
CA LEU D 194 -57.95 -22.86 -10.78
C LEU D 194 -57.43 -24.20 -10.29
N TYR D 195 -57.49 -24.46 -8.97
CA TYR D 195 -56.88 -25.66 -8.42
C TYR D 195 -57.87 -26.62 -7.79
N ALA D 196 -59.11 -26.19 -7.53
CA ALA D 196 -60.24 -27.02 -7.16
C ALA D 196 -60.13 -27.62 -5.75
N GLN D 197 -59.13 -27.23 -4.97
CA GLN D 197 -59.03 -27.69 -3.59
C GLN D 197 -58.57 -26.51 -2.74
N ALA D 198 -58.26 -26.78 -1.47
CA ALA D 198 -57.77 -25.75 -0.58
C ALA D 198 -56.28 -25.51 -0.82
N SER D 199 -55.73 -24.51 -0.14
CA SER D 199 -54.31 -24.20 -0.25
C SER D 199 -53.48 -25.33 0.35
N GLY D 200 -52.44 -25.73 -0.37
CA GLY D 200 -51.56 -26.78 0.11
C GLY D 200 -50.18 -26.28 0.50
N ARG D 201 -49.18 -27.13 0.36
CA ARG D 201 -47.79 -26.77 0.59
C ARG D 201 -46.97 -27.28 -0.58
N ILE D 202 -46.09 -26.45 -1.11
CA ILE D 202 -45.20 -26.86 -2.19
C ILE D 202 -43.82 -27.09 -1.61
N THR D 203 -43.33 -28.32 -1.72
CA THR D 203 -42.02 -28.70 -1.18
C THR D 203 -41.20 -29.34 -2.29
N VAL D 204 -40.09 -28.71 -2.64
CA VAL D 204 -39.10 -29.29 -3.55
C VAL D 204 -37.95 -29.79 -2.69
N SER D 205 -37.39 -30.93 -3.07
CA SER D 205 -36.45 -31.61 -2.20
C SER D 205 -35.42 -32.35 -3.02
N THR D 206 -34.19 -32.34 -2.54
CA THR D 206 -33.06 -33.14 -3.01
C THR D 206 -32.39 -33.77 -1.79
N LYS D 207 -31.32 -34.54 -2.03
CA LYS D 207 -30.61 -35.20 -0.94
C LYS D 207 -30.20 -34.21 0.15
N ARG D 208 -29.75 -33.02 -0.23
CA ARG D 208 -29.33 -32.00 0.72
C ARG D 208 -30.38 -30.91 0.93
N SER D 209 -30.74 -30.20 -0.13
CA SER D 209 -31.58 -29.01 -0.01
C SER D 209 -33.07 -29.38 -0.04
N GLN D 210 -33.84 -28.69 0.80
CA GLN D 210 -35.27 -28.89 0.86
C GLN D 210 -35.91 -27.52 1.10
N GLN D 211 -36.83 -27.14 0.23
CA GLN D 211 -37.51 -25.85 0.32
C GLN D 211 -39.01 -26.08 0.38
N THR D 212 -39.65 -25.47 1.38
CA THR D 212 -41.09 -25.59 1.61
C THR D 212 -41.69 -24.19 1.59
N VAL D 213 -42.66 -23.97 0.70
CA VAL D 213 -43.35 -22.69 0.59
C VAL D 213 -44.85 -22.93 0.69
N SER D 214 -45.52 -22.08 1.46
CA SER D 214 -46.95 -22.17 1.66
C SER D 214 -47.65 -21.04 0.91
N PRO D 215 -48.54 -21.35 -0.03
CA PRO D 215 -49.29 -20.28 -0.70
C PRO D 215 -50.11 -19.48 0.30
N ASN D 216 -50.17 -18.17 0.07
CA ASN D 216 -50.97 -17.26 0.89
C ASN D 216 -51.90 -16.50 -0.03
N ILE D 217 -53.19 -16.55 0.26
CA ILE D 217 -54.22 -15.98 -0.61
C ILE D 217 -54.63 -14.64 -0.03
N GLY D 218 -54.38 -13.58 -0.79
CA GLY D 218 -54.77 -12.25 -0.37
C GLY D 218 -54.64 -11.27 -1.51
N SER D 219 -55.42 -10.20 -1.43
CA SER D 219 -55.38 -9.18 -2.47
C SER D 219 -54.17 -8.27 -2.29
N ARG D 220 -53.58 -7.88 -3.40
CA ARG D 220 -52.37 -7.06 -3.42
C ARG D 220 -52.55 -5.98 -4.48
N PRO D 221 -51.79 -4.86 -4.38
CA PRO D 221 -51.89 -3.80 -5.40
C PRO D 221 -51.82 -4.35 -6.82
N ARG D 222 -52.85 -4.07 -7.61
CA ARG D 222 -52.95 -4.67 -8.94
C ARG D 222 -51.86 -4.12 -9.85
N VAL D 223 -51.16 -5.04 -10.52
CA VAL D 223 -50.14 -4.69 -11.51
C VAL D 223 -50.57 -5.33 -12.83
N ARG D 224 -50.71 -4.49 -13.86
CA ARG D 224 -51.27 -4.91 -15.14
C ARG D 224 -52.62 -5.59 -14.94
N ASN D 225 -53.42 -5.02 -14.03
CA ASN D 225 -54.77 -5.47 -13.68
C ASN D 225 -54.78 -6.90 -13.12
N ILE D 226 -53.65 -7.39 -12.66
CA ILE D 226 -53.53 -8.73 -12.09
C ILE D 226 -53.28 -8.59 -10.58
N PRO D 227 -54.25 -8.95 -9.73
CA PRO D 227 -54.00 -8.86 -8.28
C PRO D 227 -53.09 -9.93 -7.74
N SER D 228 -53.09 -11.12 -8.33
CA SER D 228 -52.33 -12.26 -7.81
C SER D 228 -50.83 -12.09 -8.09
N ARG D 229 -50.02 -12.91 -7.44
CA ARG D 229 -48.58 -12.83 -7.61
C ARG D 229 -48.00 -14.24 -7.71
N ILE D 230 -46.78 -14.33 -8.20
CA ILE D 230 -46.05 -15.60 -8.29
C ILE D 230 -44.66 -15.38 -7.73
N SER D 231 -44.23 -16.26 -6.82
CA SER D 231 -42.92 -16.21 -6.21
C SER D 231 -42.04 -17.30 -6.81
N ILE D 232 -40.90 -16.91 -7.35
CA ILE D 232 -40.00 -17.81 -8.08
C ILE D 232 -38.81 -18.14 -7.19
N TYR D 233 -38.48 -19.43 -7.12
CA TYR D 233 -37.33 -19.93 -6.39
C TYR D 233 -36.49 -20.78 -7.32
N TRP D 234 -35.23 -20.99 -6.94
CA TRP D 234 -34.29 -21.76 -7.74
C TRP D 234 -33.74 -22.92 -6.91
N THR D 235 -33.56 -24.07 -7.55
CA THR D 235 -32.99 -25.24 -6.90
C THR D 235 -31.89 -25.81 -7.78
N ILE D 236 -30.72 -26.06 -7.18
CA ILE D 236 -29.58 -26.61 -7.90
C ILE D 236 -29.44 -28.08 -7.54
N VAL D 237 -29.42 -28.93 -8.56
CA VAL D 237 -29.38 -30.38 -8.40
C VAL D 237 -28.01 -30.87 -8.88
N LYS D 238 -27.31 -31.57 -8.00
CA LYS D 238 -26.02 -32.19 -8.28
C LYS D 238 -26.22 -33.45 -9.11
N PRO D 239 -25.16 -33.97 -9.73
CA PRO D 239 -25.32 -35.19 -10.55
C PRO D 239 -25.92 -36.37 -9.80
N GLY D 240 -25.36 -36.76 -8.66
CA GLY D 240 -25.91 -37.89 -7.93
C GLY D 240 -27.31 -37.65 -7.40
N ASP D 241 -27.63 -36.38 -7.13
CA ASP D 241 -28.89 -36.03 -6.49
C ASP D 241 -30.06 -36.13 -7.46
N ILE D 242 -31.26 -36.16 -6.91
CA ILE D 242 -32.51 -36.26 -7.66
C ILE D 242 -33.48 -35.21 -7.11
N LEU D 243 -34.42 -34.76 -7.95
CA LEU D 243 -35.37 -33.73 -7.56
C LEU D 243 -36.75 -34.34 -7.37
N LEU D 244 -37.41 -34.00 -6.24
CA LEU D 244 -38.74 -34.46 -5.91
C LEU D 244 -39.62 -33.29 -5.50
N ILE D 245 -40.88 -33.31 -5.92
CA ILE D 245 -41.83 -32.25 -5.60
C ILE D 245 -43.09 -32.87 -5.01
N ASN D 246 -43.58 -32.30 -3.90
CA ASN D 246 -44.88 -32.69 -3.35
C ASN D 246 -45.83 -31.50 -3.49
N SER D 247 -46.62 -31.51 -4.55
CA SER D 247 -47.52 -30.40 -4.85
C SER D 247 -48.95 -30.78 -4.52
N THR D 248 -49.60 -29.96 -3.69
CA THR D 248 -51.03 -30.06 -3.42
C THR D 248 -51.75 -28.87 -4.04
N GLY D 249 -51.16 -28.31 -5.09
CA GLY D 249 -51.72 -27.16 -5.79
C GLY D 249 -50.80 -25.95 -5.74
N ASN D 250 -51.17 -24.95 -6.55
CA ASN D 250 -50.48 -23.65 -6.59
C ASN D 250 -49.00 -23.80 -6.92
N LEU D 251 -48.66 -24.70 -7.86
CA LEU D 251 -47.29 -24.94 -8.24
C LEU D 251 -47.06 -24.48 -9.68
N ILE D 252 -46.13 -23.55 -9.87
CA ILE D 252 -45.67 -23.16 -11.20
C ILE D 252 -44.45 -24.03 -11.49
N ALA D 253 -44.70 -25.15 -12.19
CA ALA D 253 -43.68 -26.19 -12.29
C ALA D 253 -42.64 -25.86 -13.35
N PRO D 254 -41.44 -26.43 -13.23
CA PRO D 254 -40.43 -26.25 -14.28
C PRO D 254 -40.75 -27.09 -15.50
N ARG D 255 -40.36 -26.58 -16.66
CA ARG D 255 -40.45 -27.32 -17.91
C ARG D 255 -39.16 -28.04 -18.29
N GLY D 256 -38.05 -27.73 -17.62
CA GLY D 256 -36.78 -28.32 -17.98
C GLY D 256 -35.70 -27.71 -17.12
N TYR D 257 -34.45 -27.83 -17.56
CA TYR D 257 -33.35 -27.35 -16.74
C TYR D 257 -32.42 -26.42 -17.50
N PHE D 258 -31.93 -25.41 -16.80
CA PHE D 258 -30.88 -24.51 -17.24
C PHE D 258 -29.52 -25.09 -16.90
N LYS D 259 -28.47 -24.45 -17.41
CA LYS D 259 -27.09 -24.85 -17.14
C LYS D 259 -26.43 -23.83 -16.23
N ILE D 260 -25.74 -24.32 -15.21
CA ILE D 260 -24.91 -23.50 -14.33
C ILE D 260 -23.47 -23.95 -14.48
N ARG D 261 -22.59 -23.02 -14.83
CA ARG D 261 -21.20 -23.33 -15.12
C ARG D 261 -20.28 -22.36 -14.40
N SER D 262 -18.99 -22.70 -14.40
CA SER D 262 -18.00 -21.95 -13.65
C SER D 262 -17.91 -20.51 -14.15
N GLY D 263 -17.62 -19.60 -13.21
CA GLY D 263 -17.69 -18.18 -13.48
C GLY D 263 -16.57 -17.57 -14.31
N LYS D 264 -16.91 -17.15 -15.54
CA LYS D 264 -16.01 -16.37 -16.37
C LYS D 264 -16.75 -15.26 -17.11
N SER D 265 -17.99 -14.97 -16.69
CA SER D 265 -18.84 -13.97 -17.32
C SER D 265 -19.48 -13.12 -16.23
N SER D 266 -20.05 -11.98 -16.62
CA SER D 266 -20.64 -11.06 -15.66
C SER D 266 -21.77 -10.29 -16.32
N ILE D 267 -22.40 -9.41 -15.53
CA ILE D 267 -23.51 -8.58 -15.96
C ILE D 267 -23.22 -7.14 -15.52
N MET D 268 -23.75 -6.18 -16.27
CA MET D 268 -23.44 -4.78 -16.02
C MET D 268 -24.61 -3.90 -16.42
N ARG D 269 -24.89 -2.87 -15.61
CA ARG D 269 -25.97 -1.93 -15.86
C ARG D 269 -25.40 -0.69 -16.54
N SER D 270 -25.87 -0.39 -17.75
CA SER D 270 -25.43 0.79 -18.48
C SER D 270 -26.36 1.04 -19.65
N ASP D 271 -26.42 2.31 -20.07
CA ASP D 271 -27.27 2.73 -21.19
C ASP D 271 -26.45 3.05 -22.44
N ALA D 272 -25.14 2.83 -22.42
CA ALA D 272 -24.31 3.16 -23.56
C ALA D 272 -24.56 2.16 -24.69
N PRO D 273 -24.40 2.60 -25.94
CA PRO D 273 -24.68 1.71 -27.07
C PRO D 273 -23.53 0.75 -27.35
N ILE D 274 -23.81 -0.22 -28.21
CA ILE D 274 -22.83 -1.21 -28.60
C ILE D 274 -22.29 -0.94 -29.99
N GLY D 275 -21.18 -0.22 -30.09
CA GLY D 275 -20.55 0.02 -31.38
C GLY D 275 -19.61 -1.11 -31.78
N LYS D 276 -19.22 -1.11 -33.04
CA LYS D 276 -18.33 -2.14 -33.57
C LYS D 276 -16.89 -1.61 -33.50
N CYS D 277 -16.11 -2.16 -32.57
CA CYS D 277 -14.73 -1.75 -32.36
C CYS D 277 -14.02 -2.85 -31.57
N ASN D 278 -12.82 -2.55 -31.08
CA ASN D 278 -12.03 -3.53 -30.33
C ASN D 278 -11.34 -2.81 -29.17
N SER D 279 -11.86 -2.99 -27.96
CA SER D 279 -11.25 -2.45 -26.75
C SER D 279 -11.43 -3.45 -25.62
N GLU D 280 -10.34 -3.74 -24.90
CA GLU D 280 -10.37 -4.78 -23.87
C GLU D 280 -11.26 -4.38 -22.70
N CYS D 281 -10.97 -3.25 -22.07
CA CYS D 281 -11.72 -2.83 -20.90
C CYS D 281 -13.11 -2.35 -21.28
N ILE D 282 -14.10 -2.71 -20.46
CA ILE D 282 -15.49 -2.29 -20.63
C ILE D 282 -15.98 -1.73 -19.30
N THR D 283 -16.44 -0.49 -19.32
CA THR D 283 -16.98 0.21 -18.16
C THR D 283 -18.32 0.81 -18.54
N PRO D 284 -19.21 1.04 -17.55
CA PRO D 284 -20.56 1.51 -17.88
C PRO D 284 -20.58 2.79 -18.70
N ASN D 285 -19.69 3.74 -18.42
CA ASN D 285 -19.64 4.93 -19.25
C ASN D 285 -19.22 4.60 -20.68
N GLY D 286 -18.26 3.70 -20.83
CA GLY D 286 -17.81 3.30 -22.16
C GLY D 286 -16.47 2.62 -22.08
N SER D 287 -16.09 2.00 -23.21
CA SER D 287 -14.81 1.31 -23.28
C SER D 287 -13.66 2.31 -23.12
N ILE D 288 -12.68 1.94 -22.30
CA ILE D 288 -11.53 2.80 -22.03
C ILE D 288 -10.25 2.04 -22.33
N PRO D 289 -9.20 2.70 -22.77
CA PRO D 289 -7.94 1.98 -23.04
C PRO D 289 -7.33 1.44 -21.76
N ASN D 290 -6.70 0.28 -21.86
CA ASN D 290 -6.00 -0.33 -20.74
C ASN D 290 -4.54 0.09 -20.67
N ASP D 291 -4.13 1.04 -21.52
CA ASP D 291 -2.74 1.49 -21.54
C ASP D 291 -2.33 2.09 -20.20
N LYS D 292 -2.99 3.17 -19.80
CA LYS D 292 -2.63 3.86 -18.57
C LYS D 292 -2.96 2.98 -17.36
N PRO D 293 -2.03 2.85 -16.40
CA PRO D 293 -2.23 1.90 -15.30
C PRO D 293 -3.41 2.22 -14.41
N PHE D 294 -3.74 3.50 -14.21
CA PHE D 294 -4.82 3.90 -13.32
C PHE D 294 -5.91 4.59 -14.13
N GLN D 295 -7.10 4.70 -13.53
CA GLN D 295 -8.23 5.29 -14.23
C GLN D 295 -9.16 5.93 -13.23
N ASN D 296 -9.85 6.99 -13.68
CA ASN D 296 -10.92 7.62 -12.91
C ASN D 296 -12.12 7.80 -13.84
N VAL D 297 -12.89 6.72 -14.03
CA VAL D 297 -14.15 6.79 -14.77
C VAL D 297 -15.27 6.20 -13.93
N ASN D 298 -15.15 4.93 -13.59
CA ASN D 298 -16.15 4.22 -12.80
C ASN D 298 -15.50 3.02 -12.14
N ARG D 299 -16.11 2.58 -11.03
CA ARG D 299 -15.59 1.47 -10.25
C ARG D 299 -16.18 0.14 -10.69
N ILE D 300 -16.69 0.05 -11.91
CA ILE D 300 -17.32 -1.16 -12.43
C ILE D 300 -16.59 -1.52 -13.72
N THR D 301 -15.69 -2.49 -13.65
CA THR D 301 -14.86 -2.85 -14.78
C THR D 301 -14.96 -4.35 -15.04
N TYR D 302 -15.54 -4.72 -16.17
CA TYR D 302 -15.51 -6.10 -16.64
C TYR D 302 -14.38 -6.25 -17.65
N GLY D 303 -13.57 -7.28 -17.49
CA GLY D 303 -12.44 -7.54 -18.35
C GLY D 303 -11.14 -7.02 -17.74
N ALA D 304 -10.09 -7.10 -18.55
CA ALA D 304 -8.79 -6.56 -18.15
C ALA D 304 -8.82 -5.03 -18.19
N CYS D 305 -8.60 -4.40 -17.04
CA CYS D 305 -8.88 -2.99 -16.88
C CYS D 305 -7.85 -2.35 -15.95
N PRO D 306 -7.67 -1.04 -16.03
CA PRO D 306 -6.85 -0.35 -15.03
C PRO D 306 -7.56 -0.28 -13.68
N ARG D 307 -6.75 -0.07 -12.65
CA ARG D 307 -7.26 0.04 -11.29
C ARG D 307 -7.89 1.42 -11.07
N TYR D 308 -9.07 1.43 -10.46
CA TYR D 308 -9.75 2.69 -10.19
C TYR D 308 -9.09 3.45 -9.05
N VAL D 309 -8.96 4.77 -9.23
CA VAL D 309 -8.37 5.66 -8.24
C VAL D 309 -9.18 6.94 -8.17
N LYS D 310 -9.08 7.62 -7.02
CA LYS D 310 -9.85 8.86 -6.83
C LYS D 310 -9.25 10.03 -7.60
N GLN D 311 -7.92 10.10 -7.68
CA GLN D 311 -7.26 11.22 -8.34
C GLN D 311 -7.61 11.25 -9.82
N ASN D 312 -7.75 12.46 -10.38
CA ASN D 312 -8.13 12.62 -11.78
C ASN D 312 -6.92 12.55 -12.71
N THR D 313 -5.93 13.42 -12.51
CA THR D 313 -4.72 13.38 -13.32
C THR D 313 -3.51 13.31 -12.41
N LEU D 314 -2.69 12.29 -12.61
CA LEU D 314 -1.39 12.16 -11.95
C LEU D 314 -0.33 12.15 -13.04
N LYS D 315 0.62 13.07 -12.97
CA LYS D 315 1.60 13.24 -14.04
C LYS D 315 2.93 12.63 -13.62
N LEU D 316 3.50 11.82 -14.52
CA LEU D 316 4.79 11.17 -14.34
C LEU D 316 5.81 11.82 -15.26
N ALA D 317 6.94 12.23 -14.70
CA ALA D 317 7.93 13.02 -15.43
C ALA D 317 8.75 12.13 -16.37
N THR D 318 8.83 12.54 -17.64
CA THR D 318 9.65 11.87 -18.64
C THR D 318 10.89 12.68 -19.00
N GLY D 319 11.17 13.75 -18.27
CA GLY D 319 12.31 14.60 -18.58
C GLY D 319 13.08 15.06 -17.35
N MET D 320 13.60 16.28 -17.40
CA MET D 320 14.40 16.83 -16.32
C MET D 320 13.84 18.18 -15.91
N ARG D 321 14.41 18.75 -14.84
CA ARG D 321 13.93 20.04 -14.35
C ARG D 321 14.08 21.11 -15.42
N ASN D 322 12.98 21.83 -15.66
CA ASN D 322 12.94 22.84 -16.71
C ASN D 322 13.40 24.16 -16.10
N VAL D 323 14.69 24.40 -16.16
CA VAL D 323 15.31 25.60 -15.58
C VAL D 323 15.51 26.63 -16.68
N PRO D 324 15.06 27.87 -16.50
CA PRO D 324 15.10 28.84 -17.60
C PRO D 324 16.51 29.29 -17.92
N GLU D 325 16.64 29.92 -19.08
CA GLU D 325 17.89 30.51 -19.49
C GLU D 325 18.18 31.79 -18.72
N LYS D 326 19.45 32.00 -18.37
CA LYS D 326 19.89 33.19 -17.67
C LYS D 326 20.69 34.07 -18.62
N GLN D 327 20.32 35.35 -18.70
CA GLN D 327 20.98 36.27 -19.63
C GLN D 327 21.10 37.67 -19.03
N GLY D 333 26.48 37.69 -21.63
CA GLY D 333 27.45 37.64 -22.70
C GLY D 333 28.16 36.30 -22.82
N ALA D 334 28.94 35.98 -21.80
CA ALA D 334 29.67 34.72 -21.76
C ALA D 334 28.74 33.56 -21.46
N ILE D 335 29.07 32.41 -22.05
CA ILE D 335 28.26 31.21 -21.85
C ILE D 335 28.51 30.61 -20.48
N ALA D 336 27.49 29.96 -19.93
CA ALA D 336 27.55 29.42 -18.58
C ALA D 336 27.13 27.96 -18.60
N GLY D 337 27.16 27.31 -17.43
CA GLY D 337 26.81 25.90 -17.32
C GLY D 337 25.88 25.40 -16.23
N PHE D 338 26.05 24.15 -15.82
CA PHE D 338 25.05 23.45 -15.00
C PHE D 338 24.86 24.13 -13.64
N ILE D 339 25.59 25.22 -13.39
CA ILE D 339 25.52 25.89 -12.11
C ILE D 339 24.09 26.39 -11.84
N GLU D 340 23.59 27.31 -12.68
CA GLU D 340 22.17 27.67 -12.65
C GLU D 340 21.54 27.86 -14.02
N ASN D 341 22.29 28.19 -15.07
CA ASN D 341 21.65 28.51 -16.34
C ASN D 341 21.35 27.24 -17.12
N GLY D 342 20.27 27.27 -17.88
CA GLY D 342 19.90 26.17 -18.74
C GLY D 342 19.80 26.63 -20.18
N TRP D 343 20.19 25.77 -21.11
CA TRP D 343 20.17 26.09 -22.53
C TRP D 343 18.86 25.59 -23.13
N GLU D 344 17.93 26.53 -23.37
CA GLU D 344 16.73 26.16 -24.10
C GLU D 344 17.02 25.86 -25.57
N GLY D 345 18.17 26.31 -26.08
CA GLY D 345 18.53 26.11 -27.47
C GLY D 345 19.14 24.77 -27.80
N MET D 346 19.46 23.95 -26.80
CA MET D 346 20.01 22.63 -27.06
C MET D 346 18.99 21.76 -27.77
N VAL D 347 19.41 21.15 -28.89
CA VAL D 347 18.51 20.31 -29.67
C VAL D 347 19.06 18.91 -29.90
N ASP D 348 20.38 18.71 -29.85
CA ASP D 348 20.94 17.40 -30.15
C ASP D 348 20.55 16.37 -29.09
N GLY D 349 20.63 16.74 -27.83
CA GLY D 349 20.34 15.83 -26.73
C GLY D 349 20.16 16.63 -25.46
N TRP D 350 19.88 15.90 -24.37
CA TRP D 350 19.57 16.58 -23.11
C TRP D 350 20.80 17.26 -22.51
N TYR D 351 21.97 16.64 -22.60
CA TYR D 351 23.18 17.15 -21.98
C TYR D 351 24.20 17.50 -23.06
N GLY D 352 24.90 18.62 -22.89
CA GLY D 352 25.81 19.06 -23.94
C GLY D 352 26.95 19.93 -23.46
N PHE D 353 27.93 20.08 -24.36
CA PHE D 353 29.09 20.95 -24.19
C PHE D 353 28.95 22.16 -25.12
N ARG D 354 29.08 23.35 -24.56
CA ARG D 354 29.21 24.56 -25.36
C ARG D 354 30.66 25.04 -25.24
N HIS D 355 31.23 25.50 -26.35
CA HIS D 355 32.64 25.86 -26.37
C HIS D 355 32.81 27.26 -26.93
N GLN D 356 33.67 28.04 -26.27
CA GLN D 356 34.11 29.34 -26.74
C GLN D 356 35.63 29.32 -26.83
N ASN D 357 36.16 29.59 -28.01
CA ASN D 357 37.57 29.40 -28.30
C ASN D 357 38.00 30.44 -29.33
N SER D 358 39.14 30.20 -29.97
CA SER D 358 39.66 31.15 -30.94
C SER D 358 38.71 31.33 -32.12
N GLU D 359 38.33 30.22 -32.77
CA GLU D 359 37.47 30.31 -33.94
C GLU D 359 36.07 30.86 -33.64
N GLY D 360 35.28 30.11 -32.86
CA GLY D 360 33.92 30.52 -32.63
C GLY D 360 33.10 29.66 -31.69
N ARG D 361 32.07 30.25 -31.11
CA ARG D 361 31.23 29.57 -30.14
C ARG D 361 30.37 28.52 -30.83
N GLY D 362 30.23 27.36 -30.19
CA GLY D 362 29.41 26.29 -30.74
C GLY D 362 29.00 25.28 -29.70
N GLN D 363 27.96 24.51 -30.01
CA GLN D 363 27.45 23.53 -29.06
C GLN D 363 27.40 22.15 -29.69
N ALA D 364 27.95 21.17 -28.99
CA ALA D 364 27.86 19.77 -29.36
C ALA D 364 27.43 18.98 -28.12
N ALA D 365 26.38 18.18 -28.26
CA ALA D 365 25.78 17.51 -27.12
C ALA D 365 26.26 16.06 -27.01
N ASP D 366 26.72 15.70 -25.82
CA ASP D 366 27.12 14.33 -25.54
C ASP D 366 25.92 13.40 -25.63
N LEU D 367 25.96 12.48 -26.58
CA LEU D 367 24.83 11.59 -26.82
C LEU D 367 24.77 10.47 -25.78
N LYS D 368 25.92 10.02 -25.30
CA LYS D 368 25.98 8.84 -24.44
C LYS D 368 25.22 9.05 -23.13
N SER D 369 25.51 10.15 -22.44
CA SER D 369 24.84 10.43 -21.16
C SER D 369 23.34 10.63 -21.37
N THR D 370 22.98 11.37 -22.42
CA THR D 370 21.58 11.60 -22.74
C THR D 370 20.84 10.28 -22.91
N GLN D 371 21.40 9.37 -23.70
CA GLN D 371 20.70 8.11 -23.95
C GLN D 371 20.73 7.20 -22.72
N ALA D 372 21.74 7.33 -21.84
CA ALA D 372 21.71 6.57 -20.59
C ALA D 372 20.51 6.97 -19.74
N ALA D 373 20.32 8.28 -19.56
CA ALA D 373 19.15 8.76 -18.82
C ALA D 373 17.85 8.31 -19.50
N ILE D 374 17.80 8.42 -20.83
CA ILE D 374 16.60 8.02 -21.56
C ILE D 374 16.31 6.53 -21.37
N ASP D 375 17.34 5.70 -21.38
CA ASP D 375 17.13 4.26 -21.17
C ASP D 375 16.53 3.99 -19.81
N GLN D 376 17.04 4.66 -18.77
CA GLN D 376 16.49 4.42 -17.42
C GLN D 376 15.02 4.84 -17.34
N ILE D 377 14.70 6.01 -17.91
CA ILE D 377 13.31 6.46 -17.89
C ILE D 377 12.43 5.51 -18.68
N ASN D 378 12.92 5.03 -19.82
CA ASN D 378 12.19 4.04 -20.61
C ASN D 378 11.88 2.81 -19.78
N GLY D 379 12.86 2.35 -19.00
CA GLY D 379 12.64 1.18 -18.16
C GLY D 379 11.52 1.37 -17.16
N LYS D 380 11.56 2.51 -16.43
CA LYS D 380 10.51 2.71 -15.44
C LYS D 380 9.13 2.86 -16.10
N LEU D 381 9.06 3.59 -17.21
CA LEU D 381 7.79 3.76 -17.90
C LEU D 381 7.25 2.41 -18.38
N ASN D 382 8.13 1.56 -18.91
CA ASN D 382 7.71 0.23 -19.36
C ASN D 382 7.20 -0.61 -18.19
N ARG D 383 7.80 -0.45 -17.02
CA ARG D 383 7.28 -1.13 -15.84
C ARG D 383 5.86 -0.65 -15.50
N LEU D 384 5.57 0.64 -15.70
CA LEU D 384 4.28 1.15 -15.24
C LEU D 384 3.13 1.02 -16.24
N ILE D 385 3.35 1.22 -17.54
CA ILE D 385 2.23 1.38 -18.46
C ILE D 385 1.82 0.07 -19.14
N GLY D 386 2.21 -1.06 -18.56
CA GLY D 386 1.82 -2.36 -19.10
C GLY D 386 0.89 -3.16 -18.20
N LYS D 387 0.15 -2.47 -17.35
CA LYS D 387 -0.67 -3.14 -16.34
C LYS D 387 -1.95 -3.67 -16.94
N THR D 388 -2.37 -4.86 -16.48
CA THR D 388 -3.65 -5.45 -16.86
C THR D 388 -4.23 -6.16 -15.64
N ASN D 389 -5.36 -5.68 -15.15
CA ASN D 389 -6.07 -6.30 -14.04
C ASN D 389 -7.26 -7.07 -14.63
N GLU D 390 -7.09 -8.38 -14.80
CA GLU D 390 -8.15 -9.22 -15.36
C GLU D 390 -9.05 -9.70 -14.22
N LYS D 391 -10.01 -8.85 -13.86
CA LYS D 391 -10.97 -9.14 -12.81
C LYS D 391 -12.37 -8.98 -13.38
N PHE D 392 -13.17 -10.05 -13.32
CA PHE D 392 -14.47 -10.05 -14.01
C PHE D 392 -15.67 -9.73 -13.11
N HIS D 393 -15.98 -10.59 -12.15
CA HIS D 393 -17.21 -10.46 -11.38
C HIS D 393 -16.91 -9.93 -9.98
N GLN D 394 -17.74 -9.00 -9.53
CA GLN D 394 -17.48 -8.23 -8.32
C GLN D 394 -18.82 -7.91 -7.68
N ILE D 395 -18.82 -6.91 -6.80
CA ILE D 395 -20.04 -6.41 -6.22
C ILE D 395 -20.40 -5.09 -6.91
N GLU D 396 -21.57 -4.58 -6.59
CA GLU D 396 -22.08 -3.38 -7.25
C GLU D 396 -22.20 -2.23 -6.25
N LYS D 397 -22.10 -1.01 -6.77
CA LYS D 397 -22.33 0.19 -5.98
C LYS D 397 -23.60 0.93 -6.41
N GLU D 398 -24.39 0.34 -7.31
CA GLU D 398 -25.70 0.87 -7.69
C GLU D 398 -26.76 0.14 -6.87
N PHE D 399 -27.41 0.86 -5.96
CA PHE D 399 -28.48 0.30 -5.15
C PHE D 399 -29.70 1.21 -5.26
N SER D 400 -30.73 0.72 -5.95
CA SER D 400 -31.97 1.48 -6.08
C SER D 400 -32.78 1.50 -4.79
N GLU D 401 -32.50 0.59 -3.86
CA GLU D 401 -33.18 0.57 -2.57
C GLU D 401 -32.17 0.55 -1.43
N VAL D 402 -32.66 0.38 -0.20
CA VAL D 402 -31.81 0.35 0.98
C VAL D 402 -32.05 -0.97 1.70
N GLU D 403 -30.97 -1.64 2.09
CA GLU D 403 -31.04 -2.99 2.62
C GLU D 403 -30.65 -3.08 4.09
N GLY D 404 -29.45 -2.63 4.46
CA GLY D 404 -29.04 -2.78 5.84
C GLY D 404 -27.66 -3.37 6.02
N ARG D 405 -27.58 -4.56 6.64
CA ARG D 405 -26.29 -5.13 7.01
C ARG D 405 -25.41 -5.35 5.78
N ILE D 406 -25.98 -5.93 4.74
CA ILE D 406 -25.18 -6.25 3.56
C ILE D 406 -24.66 -4.99 2.90
N GLN D 407 -25.56 -4.05 2.62
CA GLN D 407 -25.21 -2.83 1.89
C GLN D 407 -24.08 -2.08 2.59
N ASP D 408 -24.20 -1.87 3.90
CA ASP D 408 -23.17 -1.15 4.64
C ASP D 408 -21.82 -1.84 4.51
N LEU D 409 -21.81 -3.18 4.52
CA LEU D 409 -20.56 -3.91 4.33
C LEU D 409 -20.08 -3.85 2.90
N GLU D 410 -20.98 -3.98 1.93
CA GLU D 410 -20.58 -3.96 0.52
C GLU D 410 -19.92 -2.64 0.15
N LYS D 411 -20.50 -1.52 0.60
CA LYS D 411 -19.94 -0.21 0.30
C LYS D 411 -18.57 -0.04 0.96
N TYR D 412 -18.45 -0.47 2.22
CA TYR D 412 -17.22 -0.27 2.97
C TYR D 412 -16.02 -0.92 2.27
N VAL D 413 -16.22 -2.11 1.72
CA VAL D 413 -15.12 -2.81 1.07
C VAL D 413 -14.61 -2.02 -0.12
N GLU D 414 -15.53 -1.57 -0.98
CA GLU D 414 -15.13 -0.81 -2.17
C GLU D 414 -14.47 0.50 -1.78
N ASP D 415 -15.03 1.20 -0.79
CA ASP D 415 -14.46 2.48 -0.37
C ASP D 415 -13.04 2.30 0.17
N THR D 416 -12.84 1.29 1.01
CA THR D 416 -11.52 1.00 1.54
C THR D 416 -10.54 0.68 0.42
N LYS D 417 -10.95 -0.17 -0.53
CA LYS D 417 -10.07 -0.53 -1.63
C LYS D 417 -9.70 0.69 -2.46
N ILE D 418 -10.69 1.54 -2.77
CA ILE D 418 -10.42 2.70 -3.60
C ILE D 418 -9.48 3.67 -2.90
N ASP D 419 -9.71 3.94 -1.61
CA ASP D 419 -8.83 4.85 -0.89
C ASP D 419 -7.40 4.31 -0.81
N LEU D 420 -7.25 3.01 -0.50
CA LEU D 420 -5.91 2.45 -0.38
C LEU D 420 -5.19 2.46 -1.71
N TRP D 421 -5.89 2.14 -2.80
CA TRP D 421 -5.25 2.16 -4.11
C TRP D 421 -4.88 3.58 -4.52
N SER D 422 -5.71 4.56 -4.16
CA SER D 422 -5.36 5.95 -4.44
C SER D 422 -4.09 6.36 -3.71
N TYR D 423 -3.97 5.98 -2.43
CA TYR D 423 -2.73 6.29 -1.71
C TYR D 423 -1.54 5.60 -2.36
N ASN D 424 -1.69 4.34 -2.75
CA ASN D 424 -0.59 3.63 -3.40
C ASN D 424 -0.16 4.34 -4.66
N ALA D 425 -1.12 4.77 -5.49
CA ALA D 425 -0.81 5.47 -6.73
C ALA D 425 -0.11 6.79 -6.45
N GLU D 426 -0.58 7.53 -5.45
CA GLU D 426 0.04 8.80 -5.11
C GLU D 426 1.50 8.62 -4.70
N LEU D 427 1.75 7.68 -3.79
CA LEU D 427 3.12 7.43 -3.34
C LEU D 427 4.01 6.96 -4.49
N LEU D 428 3.49 6.08 -5.33
CA LEU D 428 4.27 5.58 -6.46
C LEU D 428 4.65 6.72 -7.40
N VAL D 429 3.69 7.58 -7.71
CA VAL D 429 3.96 8.69 -8.63
C VAL D 429 5.01 9.62 -8.05
N ALA D 430 4.86 9.98 -6.77
CA ALA D 430 5.82 10.88 -6.14
C ALA D 430 7.21 10.28 -6.12
N LEU D 431 7.32 9.01 -5.75
CA LEU D 431 8.63 8.37 -5.64
C LEU D 431 9.31 8.27 -7.01
N GLU D 432 8.55 7.86 -8.03
CA GLU D 432 9.13 7.71 -9.37
C GLU D 432 9.58 9.07 -9.92
N ASN D 433 8.78 10.10 -9.69
CA ASN D 433 9.17 11.45 -10.11
C ASN D 433 10.45 11.89 -9.42
N GLN D 434 10.55 11.66 -8.10
CA GLN D 434 11.75 12.05 -7.39
C GLN D 434 12.97 11.33 -7.95
N HIS D 435 12.85 10.04 -8.23
CA HIS D 435 13.99 9.29 -8.76
C HIS D 435 14.41 9.80 -10.12
N THR D 436 13.44 10.13 -11.00
CA THR D 436 13.83 10.58 -12.33
C THR D 436 14.50 11.96 -12.29
N ILE D 437 14.02 12.85 -11.40
CA ILE D 437 14.70 14.14 -11.20
C ILE D 437 16.14 13.93 -10.74
N ASP D 438 16.33 13.08 -9.73
CA ASP D 438 17.68 12.84 -9.21
C ASP D 438 18.58 12.23 -10.29
N LEU D 439 18.04 11.30 -11.08
CA LEU D 439 18.79 10.67 -12.16
C LEU D 439 19.29 11.72 -13.15
N THR D 440 18.39 12.58 -13.61
CA THR D 440 18.78 13.59 -14.59
C THR D 440 19.85 14.51 -14.04
N ASP D 441 19.72 14.94 -12.77
CA ASP D 441 20.75 15.80 -12.20
C ASP D 441 22.08 15.08 -12.10
N SER D 442 22.05 13.81 -11.68
CA SER D 442 23.28 13.05 -11.47
C SER D 442 24.06 12.88 -12.76
N GLU D 443 23.36 12.68 -13.87
CA GLU D 443 24.07 12.52 -15.15
C GLU D 443 24.94 13.73 -15.47
N MET D 444 24.37 14.93 -15.34
CA MET D 444 25.12 16.14 -15.63
C MET D 444 26.28 16.31 -14.66
N ASN D 445 26.06 16.02 -13.38
CA ASN D 445 27.16 16.15 -12.41
C ASN D 445 28.31 15.21 -12.76
N LYS D 446 27.97 13.97 -13.15
CA LYS D 446 28.99 13.00 -13.52
C LYS D 446 29.77 13.45 -14.75
N LEU D 447 29.07 14.02 -15.75
CA LEU D 447 29.78 14.53 -16.92
C LEU D 447 30.75 15.64 -16.53
N PHE D 448 30.32 16.54 -15.64
CA PHE D 448 31.22 17.58 -15.11
C PHE D 448 32.49 16.96 -14.55
N GLU D 449 32.33 15.97 -13.66
CA GLU D 449 33.49 15.37 -13.00
C GLU D 449 34.40 14.66 -14.01
N LYS D 450 33.82 13.96 -14.98
CA LYS D 450 34.63 13.24 -15.96
C LYS D 450 35.45 14.20 -16.81
N THR D 451 34.84 15.29 -17.27
CA THR D 451 35.59 16.28 -18.05
C THR D 451 36.73 16.87 -17.23
N LYS D 452 36.48 17.19 -15.96
CA LYS D 452 37.57 17.67 -15.10
C LYS D 452 38.67 16.63 -14.96
N LYS D 453 38.29 15.36 -14.85
CA LYS D 453 39.27 14.29 -14.71
C LYS D 453 40.22 14.28 -15.90
N GLN D 454 39.67 14.28 -17.12
CA GLN D 454 40.59 14.21 -18.25
C GLN D 454 41.32 15.53 -18.49
N LEU D 455 40.79 16.65 -17.96
CA LEU D 455 41.55 17.89 -18.01
C LEU D 455 42.75 17.84 -17.06
N ARG D 456 42.64 17.09 -15.97
CA ARG D 456 43.74 16.91 -15.02
C ARG D 456 44.19 18.22 -14.38
N GLU D 457 45.38 18.70 -14.78
CA GLU D 457 45.96 19.89 -14.20
C GLU D 457 45.80 21.13 -15.06
N ASN D 458 45.15 21.02 -16.21
CA ASN D 458 45.15 22.11 -17.18
C ASN D 458 44.06 23.14 -16.95
N ALA D 459 43.04 22.85 -16.15
CA ALA D 459 41.93 23.78 -16.02
C ALA D 459 41.31 23.67 -14.63
N GLU D 460 40.47 24.64 -14.31
CA GLU D 460 39.82 24.73 -13.02
C GLU D 460 38.32 24.95 -13.18
N ASP D 461 37.63 25.22 -12.06
CA ASP D 461 36.20 25.50 -12.07
C ASP D 461 35.99 27.00 -11.98
N MET D 462 35.35 27.57 -13.00
CA MET D 462 35.10 29.02 -13.09
C MET D 462 34.13 29.52 -12.04
N GLY D 463 33.67 28.68 -11.12
CA GLY D 463 32.60 29.04 -10.22
C GLY D 463 31.24 28.84 -10.82
N ASN D 464 31.19 28.43 -12.08
CA ASN D 464 29.94 28.09 -12.74
C ASN D 464 30.18 26.78 -13.50
N GLY D 465 29.25 26.44 -14.38
CA GLY D 465 29.33 25.16 -15.07
C GLY D 465 30.35 25.10 -16.19
N CYS D 466 31.38 25.95 -16.16
CA CYS D 466 32.41 25.98 -17.19
C CYS D 466 33.80 25.77 -16.61
N PHE D 467 34.65 25.17 -17.42
CA PHE D 467 36.06 24.97 -17.13
C PHE D 467 36.87 25.96 -17.95
N LYS D 468 37.69 26.75 -17.26
CA LYS D 468 38.57 27.74 -17.89
C LYS D 468 39.89 27.04 -18.18
N ILE D 469 40.02 26.54 -19.41
CA ILE D 469 41.20 25.80 -19.80
C ILE D 469 42.37 26.75 -19.97
N TYR D 470 43.55 26.33 -19.52
CA TYR D 470 44.74 27.18 -19.44
C TYR D 470 45.73 26.91 -20.58
N HIS D 471 45.21 26.62 -21.76
CA HIS D 471 46.06 26.42 -22.93
C HIS D 471 45.22 26.60 -24.17
N LYS D 472 45.78 27.23 -25.18
CA LYS D 472 45.06 27.45 -26.43
C LYS D 472 45.28 26.26 -27.37
N CYS D 473 44.18 25.68 -27.81
CA CYS D 473 44.16 24.57 -28.75
C CYS D 473 43.15 24.87 -29.84
N ASP D 474 43.25 24.12 -30.93
CA ASP D 474 42.37 24.32 -32.06
C ASP D 474 40.93 23.90 -31.71
N ASN D 475 40.04 24.01 -32.69
CA ASN D 475 38.71 23.46 -32.53
C ASN D 475 38.76 21.96 -32.26
N ALA D 476 39.74 21.27 -32.83
CA ALA D 476 39.89 19.84 -32.62
C ALA D 476 40.23 19.48 -31.17
N CYS D 477 40.67 20.44 -30.35
CA CYS D 477 40.90 20.11 -28.94
C CYS D 477 39.59 20.15 -28.14
N ILE D 478 38.78 21.19 -28.36
CA ILE D 478 37.41 21.19 -27.86
C ILE D 478 36.72 19.90 -28.29
N GLY D 479 36.95 19.47 -29.53
CA GLY D 479 36.40 18.19 -29.97
C GLY D 479 37.00 17.00 -29.27
N SER D 480 38.32 17.01 -29.06
CA SER D 480 39.01 15.86 -28.48
C SER D 480 38.54 15.60 -27.06
N ILE D 481 38.34 16.66 -26.28
CA ILE D 481 37.87 16.43 -24.92
C ILE D 481 36.44 15.89 -24.90
N ARG D 482 35.66 16.16 -25.95
CA ARG D 482 34.29 15.62 -26.00
C ARG D 482 34.30 14.11 -26.12
N ASN D 483 35.06 13.56 -27.08
CA ASN D 483 35.18 12.11 -27.20
C ASN D 483 36.44 11.57 -26.54
N GLY D 484 36.99 12.28 -25.55
CA GLY D 484 38.02 11.72 -24.69
C GLY D 484 39.38 11.51 -25.32
N THR D 485 39.60 12.03 -26.52
CA THR D 485 40.91 11.88 -27.15
C THR D 485 41.98 12.67 -26.42
N TYR D 486 41.60 13.78 -25.78
CA TYR D 486 42.53 14.66 -25.09
C TYR D 486 43.42 13.89 -24.13
N ASP D 487 44.69 14.31 -24.06
CA ASP D 487 45.66 13.74 -23.14
C ASP D 487 46.38 14.86 -22.40
N HIS D 488 46.71 14.61 -21.13
CA HIS D 488 47.27 15.65 -20.28
C HIS D 488 48.74 15.94 -20.58
N ASP D 489 49.49 14.96 -21.05
CA ASP D 489 50.93 15.11 -21.18
C ASP D 489 51.31 16.17 -22.21
N VAL D 490 50.57 16.23 -23.32
CA VAL D 490 50.99 17.07 -24.44
C VAL D 490 50.96 18.55 -24.04
N TYR D 491 49.88 18.99 -23.40
CA TYR D 491 49.68 20.39 -23.10
C TYR D 491 50.02 20.75 -21.66
N ARG D 492 50.63 19.84 -20.91
CA ARG D 492 50.88 20.08 -19.49
C ARG D 492 51.81 21.29 -19.29
N ASP D 493 52.93 21.31 -20.01
CA ASP D 493 53.95 22.31 -19.78
C ASP D 493 53.43 23.72 -20.08
N GLU D 494 52.71 23.89 -21.18
CA GLU D 494 52.15 25.19 -21.53
C GLU D 494 51.16 25.67 -20.48
N ALA D 495 50.30 24.76 -20.02
CA ALA D 495 49.30 25.12 -19.03
C ALA D 495 49.95 25.56 -17.73
N LEU D 496 51.03 24.89 -17.32
CA LEU D 496 51.69 25.29 -16.08
C LEU D 496 52.22 26.71 -16.16
N ASN D 497 52.83 27.08 -17.29
CA ASN D 497 53.30 28.46 -17.45
C ASN D 497 52.15 29.45 -17.41
N ASN D 498 51.08 29.18 -18.17
CA ASN D 498 49.96 30.12 -18.14
C ASN D 498 49.22 30.14 -16.81
N ARG D 499 49.46 29.17 -15.94
CA ARG D 499 48.79 29.10 -14.64
C ARG D 499 49.50 29.93 -13.57
N PHE D 500 50.83 29.82 -13.49
CA PHE D 500 51.62 30.50 -12.48
C PHE D 500 52.31 31.70 -13.14
N GLN D 501 51.95 32.90 -12.71
CA GLN D 501 52.44 34.14 -13.30
C GLN D 501 52.17 34.18 -14.81
N ASN E 8 51.27 34.52 11.54
CA ASN E 8 51.34 33.81 10.27
C ASN E 8 50.27 34.28 9.30
N SER E 9 50.51 34.10 8.00
CA SER E 9 49.60 34.55 6.96
C SER E 9 48.71 33.43 6.44
N THR E 10 48.49 32.39 7.23
CA THR E 10 47.64 31.25 6.84
C THR E 10 46.51 31.13 7.85
N ALA E 11 45.29 31.38 7.40
CA ALA E 11 44.09 31.30 8.23
C ALA E 11 43.43 29.93 8.04
N THR E 12 42.22 29.79 8.58
CA THR E 12 41.48 28.54 8.41
C THR E 12 39.99 28.81 8.59
N LEU E 13 39.18 28.20 7.71
CA LEU E 13 37.73 28.37 7.70
C LEU E 13 37.04 27.01 7.73
N CYS E 14 36.30 26.72 8.80
CA CYS E 14 35.64 25.44 8.96
C CYS E 14 34.15 25.58 8.67
N LEU E 15 33.59 24.56 8.04
CA LEU E 15 32.16 24.55 7.70
C LEU E 15 31.48 23.49 8.57
N GLY E 16 30.48 23.91 9.36
CA GLY E 16 29.89 23.03 10.35
C GLY E 16 28.37 23.17 10.40
N HIS E 17 27.74 22.19 11.05
CA HIS E 17 26.30 22.19 11.24
C HIS E 17 25.97 22.43 12.71
N HIS E 18 24.70 22.36 13.03
CA HIS E 18 24.20 22.60 14.37
C HIS E 18 23.83 21.29 15.04
N ALA E 19 23.94 21.27 16.36
CA ALA E 19 23.56 20.10 17.15
C ALA E 19 22.82 20.58 18.39
N VAL E 20 21.95 19.71 18.91
CA VAL E 20 21.19 20.02 20.11
C VAL E 20 21.66 19.12 21.25
N PRO E 21 21.72 19.63 22.48
CA PRO E 21 22.09 18.76 23.61
C PRO E 21 21.06 17.69 23.91
N ASN E 22 19.84 17.87 23.41
CA ASN E 22 18.69 17.03 23.74
C ASN E 22 18.20 16.42 22.43
N GLY E 23 18.52 15.15 22.21
CA GLY E 23 18.30 14.51 20.92
C GLY E 23 17.18 13.47 20.99
N THR E 24 16.29 13.52 20.00
CA THR E 24 15.25 12.51 19.82
C THR E 24 15.74 11.47 18.83
N ILE E 25 15.03 10.35 18.74
CA ILE E 25 15.45 9.23 17.91
C ILE E 25 14.32 8.85 16.96
N VAL E 26 14.65 8.72 15.68
CA VAL E 26 13.72 8.27 14.66
C VAL E 26 14.28 7.02 13.99
N LYS E 27 13.53 6.48 13.03
CA LYS E 27 13.90 5.26 12.32
C LYS E 27 14.06 5.58 10.84
N THR E 28 15.24 5.29 10.29
CA THR E 28 15.45 5.41 8.85
C THR E 28 14.94 4.16 8.16
N ILE E 29 15.23 4.04 6.86
CA ILE E 29 15.01 2.79 6.17
C ILE E 29 15.98 1.73 6.67
N THR E 30 17.23 2.10 6.92
CA THR E 30 18.27 1.15 7.28
C THR E 30 18.48 1.01 8.80
N ASN E 31 18.86 2.09 9.48
CA ASN E 31 19.21 2.00 10.89
C ASN E 31 17.96 2.10 11.76
N ASP E 32 17.84 1.21 12.73
CA ASP E 32 16.69 1.24 13.62
C ASP E 32 16.64 2.52 14.43
N GLN E 33 17.80 2.99 14.89
CA GLN E 33 17.88 4.14 15.79
C GLN E 33 18.83 5.15 15.18
N ILE E 34 18.31 6.32 14.83
CA ILE E 34 19.14 7.42 14.34
C ILE E 34 18.68 8.69 15.03
N GLU E 35 19.64 9.48 15.54
CA GLU E 35 19.33 10.64 16.34
C GLU E 35 19.08 11.87 15.48
N VAL E 36 18.09 12.66 15.88
CA VAL E 36 17.67 13.88 15.19
C VAL E 36 17.41 14.96 16.25
N THR E 37 17.33 16.20 15.76
CA THR E 37 17.18 17.36 16.64
C THR E 37 15.74 17.54 17.10
N ASN E 38 14.82 17.75 16.17
CA ASN E 38 13.42 17.96 16.46
C ASN E 38 12.61 16.93 15.70
N ALA E 39 11.76 16.19 16.41
CA ALA E 39 10.93 15.15 15.81
C ALA E 39 9.48 15.41 16.16
N THR E 40 8.61 15.36 15.16
CA THR E 40 7.18 15.53 15.37
C THR E 40 6.51 14.16 15.45
N GLU E 41 5.41 14.11 16.20
CA GLU E 41 4.67 12.88 16.43
C GLU E 41 3.48 12.82 15.48
N LEU E 42 3.41 11.77 14.68
CA LEU E 42 2.39 11.65 13.65
C LEU E 42 1.17 10.85 14.10
N VAL E 43 1.17 10.34 15.33
CA VAL E 43 0.08 9.49 15.82
C VAL E 43 -0.51 10.10 17.07
N GLN E 44 -1.82 10.31 17.06
CA GLN E 44 -2.56 10.82 18.21
C GLN E 44 -2.98 9.64 19.08
N SER E 45 -2.63 9.69 20.36
CA SER E 45 -2.83 8.56 21.27
C SER E 45 -3.47 9.01 22.58
N SER E 46 -4.41 9.94 22.50
CA SER E 46 -5.07 10.46 23.69
C SER E 46 -6.46 10.95 23.33
N SER E 47 -7.25 11.22 24.36
CA SER E 47 -8.59 11.76 24.18
C SER E 47 -8.85 12.83 25.22
N THR E 48 -9.65 13.83 24.85
CA THR E 48 -10.06 14.84 25.82
C THR E 48 -10.91 14.24 26.93
N GLY E 49 -11.71 13.21 26.62
CA GLY E 49 -12.61 12.59 27.57
C GLY E 49 -14.07 12.94 27.40
N GLU E 50 -14.37 13.99 26.62
CA GLU E 50 -15.73 14.46 26.42
C GLU E 50 -16.04 14.51 24.94
N ILE E 51 -17.27 14.20 24.58
CA ILE E 51 -17.72 14.28 23.19
C ILE E 51 -18.25 15.68 22.94
N CYS E 52 -17.60 16.40 22.03
CA CYS E 52 -17.93 17.81 21.78
C CYS E 52 -19.18 17.93 20.92
N ASP E 53 -20.09 18.82 21.34
CA ASP E 53 -21.35 18.98 20.62
C ASP E 53 -21.14 19.65 19.27
N SER E 54 -20.24 20.62 19.20
CA SER E 54 -20.08 21.24 17.88
C SER E 54 -19.01 20.51 17.08
N PRO E 55 -19.07 20.58 15.75
CA PRO E 55 -20.13 21.15 14.91
C PRO E 55 -20.99 20.06 14.29
N HIS E 56 -21.10 18.91 14.95
CA HIS E 56 -21.94 17.80 14.51
C HIS E 56 -23.09 17.66 15.50
N GLN E 57 -24.33 17.68 15.00
CA GLN E 57 -25.46 17.61 15.90
C GLN E 57 -25.52 16.25 16.59
N ILE E 58 -25.35 16.25 17.91
CA ILE E 58 -25.37 15.04 18.73
C ILE E 58 -26.65 15.00 19.54
N LEU E 59 -27.32 13.84 19.54
CA LEU E 59 -28.50 13.59 20.36
C LEU E 59 -28.15 12.49 21.36
N ASP E 60 -28.11 12.85 22.65
CA ASP E 60 -27.82 11.89 23.71
C ASP E 60 -28.98 10.92 23.83
N GLY E 61 -28.72 9.63 23.58
CA GLY E 61 -29.76 8.62 23.68
C GLY E 61 -30.29 8.45 25.08
N LYS E 62 -29.51 8.83 26.10
CA LYS E 62 -29.91 8.71 27.50
C LYS E 62 -30.29 7.27 27.83
N ASN E 63 -31.57 7.01 28.05
CA ASN E 63 -32.03 5.68 28.44
C ASN E 63 -32.66 4.88 27.30
N CYS E 64 -32.66 5.41 26.08
CA CYS E 64 -33.40 4.80 24.99
C CYS E 64 -32.46 4.43 23.85
N THR E 65 -32.64 3.22 23.32
CA THR E 65 -32.04 2.87 22.05
C THR E 65 -32.82 3.53 20.91
N LEU E 66 -32.17 3.62 19.74
CA LEU E 66 -32.82 4.26 18.61
C LEU E 66 -34.10 3.54 18.21
N ILE E 67 -34.08 2.20 18.24
CA ILE E 67 -35.28 1.44 17.92
C ILE E 67 -36.38 1.71 18.93
N ASP E 68 -36.02 1.81 20.21
CA ASP E 68 -37.01 2.09 21.24
C ASP E 68 -37.63 3.47 21.05
N ALA E 69 -36.82 4.47 20.67
CA ALA E 69 -37.36 5.79 20.37
C ALA E 69 -38.26 5.76 19.14
N LEU E 70 -37.88 4.96 18.14
CA LEU E 70 -38.71 4.81 16.94
C LEU E 70 -40.08 4.23 17.30
N LEU E 71 -40.11 3.19 18.14
CA LEU E 71 -41.37 2.55 18.48
C LEU E 71 -42.29 3.49 19.26
N GLY E 72 -41.73 4.25 20.22
CA GLY E 72 -42.55 5.17 20.99
C GLY E 72 -42.69 4.78 22.44
N ASP E 73 -41.69 4.05 22.94
CA ASP E 73 -41.62 3.68 24.35
C ASP E 73 -41.68 4.95 25.20
N PRO E 74 -42.56 5.01 26.22
CA PRO E 74 -42.90 6.33 26.79
C PRO E 74 -41.71 7.12 27.34
N GLN E 75 -40.67 6.44 27.86
CA GLN E 75 -39.50 7.17 28.35
C GLN E 75 -38.90 8.05 27.25
N CYS E 76 -38.95 7.59 25.99
CA CYS E 76 -38.40 8.32 24.86
C CYS E 76 -39.39 9.31 24.25
N ASP E 77 -40.47 9.65 24.97
CA ASP E 77 -41.42 10.63 24.46
C ASP E 77 -40.74 11.93 24.06
N GLY E 78 -39.68 12.32 24.77
CA GLY E 78 -38.98 13.54 24.43
C GLY E 78 -38.29 13.50 23.07
N PHE E 79 -37.80 12.32 22.67
CA PHE E 79 -37.06 12.22 21.41
C PHE E 79 -37.95 12.23 20.18
N GLN E 80 -39.27 12.28 20.35
CA GLN E 80 -40.20 12.23 19.23
C GLN E 80 -39.94 13.37 18.25
N ASN E 81 -39.89 13.04 16.97
CA ASN E 81 -39.73 14.00 15.88
C ASN E 81 -38.48 14.87 16.10
N LYS E 82 -37.33 14.20 16.12
CA LYS E 82 -36.05 14.86 16.29
C LYS E 82 -35.13 14.51 15.14
N LYS E 83 -34.23 15.43 14.80
CA LYS E 83 -33.24 15.24 13.76
C LYS E 83 -31.85 15.23 14.39
N TRP E 84 -31.05 14.25 14.00
CA TRP E 84 -29.74 14.05 14.61
C TRP E 84 -28.72 13.75 13.53
N ASP E 85 -27.46 14.06 13.83
CA ASP E 85 -26.33 13.61 13.02
C ASP E 85 -25.58 12.44 13.63
N LEU E 86 -25.63 12.31 14.96
CA LEU E 86 -24.96 11.21 15.64
C LEU E 86 -25.75 10.91 16.92
N PHE E 87 -26.56 9.85 16.88
CA PHE E 87 -27.30 9.39 18.05
C PHE E 87 -26.35 8.55 18.90
N VAL E 88 -26.04 9.03 20.10
CA VAL E 88 -25.09 8.35 21.00
C VAL E 88 -25.90 7.44 21.90
N GLU E 89 -26.07 6.19 21.48
CA GLU E 89 -26.69 5.18 22.32
C GLU E 89 -25.83 4.91 23.55
N ARG E 90 -26.48 4.62 24.67
CA ARG E 90 -25.81 4.47 25.95
C ARG E 90 -25.93 3.04 26.44
N SER E 91 -24.96 2.62 27.26
CA SER E 91 -24.95 1.26 27.78
C SER E 91 -26.09 1.02 28.76
N LYS E 92 -26.55 2.06 29.44
CA LYS E 92 -27.61 1.94 30.43
C LYS E 92 -29.00 1.80 29.81
N ALA E 93 -29.07 1.47 28.52
CA ALA E 93 -30.34 1.39 27.82
C ALA E 93 -31.26 0.37 28.47
N TYR E 94 -32.52 0.76 28.66
CA TYR E 94 -33.55 -0.12 29.20
C TYR E 94 -34.88 0.19 28.52
N SER E 95 -35.71 -0.84 28.39
CA SER E 95 -37.03 -0.71 27.79
C SER E 95 -38.10 -0.98 28.84
N ASN E 96 -39.18 -0.21 28.79
CA ASN E 96 -40.32 -0.42 29.69
C ASN E 96 -41.58 -0.45 28.83
N CYS E 97 -41.86 -1.62 28.24
CA CYS E 97 -43.03 -1.83 27.40
C CYS E 97 -43.12 -3.31 26.99
N TYR E 98 -44.17 -3.68 26.26
CA TYR E 98 -44.40 -5.04 25.78
C TYR E 98 -43.12 -5.65 25.22
N PRO E 99 -42.78 -6.88 25.58
CA PRO E 99 -41.57 -7.51 25.05
C PRO E 99 -41.61 -7.56 23.52
N TYR E 100 -40.56 -7.01 22.89
CA TYR E 100 -40.50 -6.89 21.44
C TYR E 100 -39.23 -7.52 20.91
N ASP E 101 -39.39 -8.28 19.81
CA ASP E 101 -38.26 -8.82 19.06
C ASP E 101 -38.37 -8.31 17.63
N VAL E 102 -37.26 -7.79 17.12
CA VAL E 102 -37.22 -7.20 15.79
C VAL E 102 -36.34 -8.10 14.91
N PRO E 103 -36.92 -8.86 13.99
CA PRO E 103 -36.09 -9.60 13.03
C PRO E 103 -35.24 -8.63 12.23
N ASP E 104 -33.97 -9.00 12.04
CA ASP E 104 -32.99 -8.14 11.38
C ASP E 104 -32.94 -6.76 12.05
N TYR E 105 -32.74 -6.79 13.37
CA TYR E 105 -32.73 -5.57 14.17
C TYR E 105 -31.65 -4.59 13.70
N ALA E 106 -30.45 -5.11 13.41
CA ALA E 106 -29.33 -4.25 13.04
C ALA E 106 -29.62 -3.48 11.76
N SER E 107 -30.29 -4.12 10.81
CA SER E 107 -30.63 -3.44 9.55
C SER E 107 -31.55 -2.25 9.81
N LEU E 108 -32.57 -2.43 10.64
CA LEU E 108 -33.47 -1.31 10.95
C LEU E 108 -32.73 -0.20 11.69
N ARG E 109 -31.89 -0.57 12.66
CA ARG E 109 -31.12 0.42 13.39
C ARG E 109 -30.26 1.25 12.44
N SER E 110 -29.47 0.58 11.60
CA SER E 110 -28.59 1.28 10.68
C SER E 110 -29.38 2.11 9.66
N LEU E 111 -30.53 1.59 9.22
CA LEU E 111 -31.36 2.30 8.26
C LEU E 111 -31.86 3.62 8.84
N VAL E 112 -32.46 3.56 10.02
CA VAL E 112 -32.98 4.77 10.63
C VAL E 112 -31.85 5.73 10.96
N ALA E 113 -30.73 5.22 11.46
CA ALA E 113 -29.61 6.08 11.80
C ALA E 113 -29.06 6.78 10.56
N SER E 114 -28.95 6.06 9.44
CA SER E 114 -28.51 6.67 8.19
C SER E 114 -29.48 7.75 7.73
N SER E 115 -30.78 7.52 7.91
CA SER E 115 -31.76 8.54 7.56
C SER E 115 -31.51 9.83 8.34
N GLY E 116 -31.44 9.73 9.66
CA GLY E 116 -31.10 10.87 10.49
C GLY E 116 -32.27 11.63 11.09
N THR E 117 -33.50 11.29 10.75
CA THR E 117 -34.66 11.95 11.32
C THR E 117 -35.66 10.92 11.84
N LEU E 118 -36.27 11.23 12.97
CA LEU E 118 -37.36 10.44 13.51
C LEU E 118 -38.72 11.08 13.21
N GLU E 119 -38.79 11.88 12.15
CA GLU E 119 -40.02 12.60 11.84
C GLU E 119 -41.16 11.64 11.58
N PHE E 120 -42.25 11.80 12.31
CA PHE E 120 -43.46 11.00 12.15
C PHE E 120 -44.59 11.91 11.72
N ASN E 121 -45.11 11.69 10.52
CA ASN E 121 -46.32 12.36 10.07
C ASN E 121 -47.47 11.39 10.22
N ASN E 122 -48.38 11.73 11.14
CA ASN E 122 -49.56 10.89 11.36
C ASN E 122 -50.44 10.90 10.12
N GLU E 123 -50.85 9.71 9.69
CA GLU E 123 -51.66 9.55 8.51
C GLU E 123 -52.94 8.82 8.90
N SER E 124 -54.07 9.32 8.42
CA SER E 124 -55.36 8.72 8.79
C SER E 124 -55.49 7.32 8.21
N PHE E 125 -55.95 6.40 9.05
CA PHE E 125 -56.18 5.01 8.66
C PHE E 125 -57.63 4.66 9.03
N ASN E 126 -58.35 4.03 8.11
CA ASN E 126 -59.79 3.88 8.29
C ASN E 126 -60.12 3.00 9.49
N TRP E 127 -59.64 1.76 9.49
CA TRP E 127 -59.79 0.82 10.61
C TRP E 127 -61.25 0.69 11.05
N THR E 128 -62.10 0.27 10.12
CA THR E 128 -63.52 0.10 10.42
C THR E 128 -63.77 -1.31 10.94
N GLY E 129 -64.43 -1.39 12.10
CA GLY E 129 -64.84 -2.66 12.67
C GLY E 129 -64.00 -3.19 13.81
N VAL E 130 -62.96 -2.46 14.23
CA VAL E 130 -62.07 -2.91 15.29
C VAL E 130 -61.90 -1.78 16.31
N THR E 131 -61.52 -2.17 17.52
CA THR E 131 -61.29 -1.22 18.61
C THR E 131 -59.83 -0.79 18.58
N GLN E 132 -59.62 0.53 18.52
CA GLN E 132 -58.30 1.09 18.31
C GLN E 132 -57.62 1.40 19.65
N ASN E 133 -56.54 2.17 19.57
CA ASN E 133 -55.72 2.54 20.71
C ASN E 133 -55.21 1.28 21.40
N GLY E 134 -55.83 0.85 22.49
CA GLY E 134 -55.48 -0.45 23.02
C GLY E 134 -54.25 -0.39 23.90
N THR E 135 -54.36 -0.78 25.16
CA THR E 135 -53.30 -0.52 26.12
C THR E 135 -52.86 -1.80 26.82
N SER E 136 -51.69 -1.71 27.44
CA SER E 136 -51.14 -2.79 28.26
C SER E 136 -50.54 -2.21 29.52
N SER E 137 -50.34 -3.09 30.51
CA SER E 137 -49.81 -2.71 31.81
C SER E 137 -48.30 -2.51 31.78
N ALA E 138 -47.58 -3.20 30.90
CA ALA E 138 -46.14 -3.07 30.84
C ALA E 138 -45.74 -1.65 30.45
N CYS E 139 -46.45 -1.04 29.52
CA CYS E 139 -46.22 0.33 29.10
C CYS E 139 -47.04 1.27 29.98
N ILE E 140 -46.35 2.15 30.70
CA ILE E 140 -47.00 3.03 31.68
C ILE E 140 -46.71 4.47 31.29
N ARG E 141 -47.77 5.26 31.10
CA ARG E 141 -47.68 6.69 30.85
C ARG E 141 -48.58 7.42 31.84
N ARG E 142 -48.00 8.35 32.58
CA ARG E 142 -48.75 9.18 33.53
C ARG E 142 -49.61 8.32 34.47
N SER E 143 -49.03 7.22 34.94
CA SER E 143 -49.72 6.25 35.78
C SER E 143 -51.02 5.76 35.13
N LYS E 144 -50.89 5.27 33.90
CA LYS E 144 -52.03 4.77 33.14
C LYS E 144 -51.53 3.76 32.12
N ASN E 145 -52.31 2.71 31.88
CA ASN E 145 -51.93 1.68 30.92
C ASN E 145 -51.72 2.30 29.55
N SER E 146 -50.67 1.85 28.85
CA SER E 146 -50.24 2.58 27.65
C SER E 146 -49.69 1.59 26.63
N PHE E 147 -49.11 2.14 25.57
CA PHE E 147 -48.57 1.38 24.45
C PHE E 147 -47.55 2.24 23.72
N PHE E 148 -46.88 1.65 22.73
CA PHE E 148 -45.95 2.40 21.90
C PHE E 148 -46.68 3.55 21.22
N SER E 149 -46.02 4.71 21.14
CA SER E 149 -46.68 5.91 20.65
C SER E 149 -47.02 5.79 19.16
N ARG E 150 -46.13 5.18 18.38
CA ARG E 150 -46.29 5.14 16.93
C ARG E 150 -46.95 3.84 16.45
N LEU E 151 -47.41 3.00 17.36
CA LEU E 151 -48.08 1.74 17.02
C LEU E 151 -49.46 1.71 17.67
N ASN E 152 -50.46 1.25 16.92
CA ASN E 152 -51.83 1.20 17.40
C ASN E 152 -52.29 -0.25 17.46
N TRP E 153 -52.86 -0.63 18.60
CA TRP E 153 -53.30 -2.01 18.83
C TRP E 153 -54.75 -2.15 18.41
N LEU E 154 -55.02 -3.10 17.52
CA LEU E 154 -56.36 -3.35 17.01
C LEU E 154 -56.94 -4.56 17.74
N THR E 155 -58.08 -4.36 18.41
CA THR E 155 -58.73 -5.37 19.23
C THR E 155 -60.16 -5.58 18.75
N HIS E 156 -60.85 -6.53 19.41
CA HIS E 156 -62.17 -6.96 18.95
C HIS E 156 -63.24 -5.90 19.26
N LEU E 157 -64.21 -5.82 18.35
CA LEU E 157 -65.33 -4.89 18.48
C LEU E 157 -66.63 -5.68 18.33
N ASN E 158 -67.51 -5.55 19.31
CA ASN E 158 -68.74 -6.33 19.38
C ASN E 158 -68.45 -7.82 19.29
N PHE E 159 -67.34 -8.23 19.89
CA PHE E 159 -66.87 -9.61 19.84
C PHE E 159 -66.74 -10.10 18.40
N LYS E 160 -66.25 -9.21 17.54
CA LYS E 160 -66.12 -9.50 16.11
C LYS E 160 -64.85 -8.86 15.59
N TYR E 161 -64.17 -9.57 14.68
CA TYR E 161 -62.98 -9.06 14.01
C TYR E 161 -63.18 -9.21 12.50
N PRO E 162 -63.62 -8.16 11.82
CA PRO E 162 -63.82 -8.26 10.37
C PRO E 162 -62.51 -8.39 9.63
N ALA E 163 -62.59 -8.93 8.41
CA ALA E 163 -61.43 -9.01 7.55
C ALA E 163 -60.96 -7.60 7.18
N LEU E 164 -59.69 -7.33 7.44
CA LEU E 164 -59.13 -5.98 7.26
C LEU E 164 -58.35 -5.93 5.96
N ASN E 165 -58.82 -5.13 5.01
CA ASN E 165 -58.12 -4.86 3.75
C ASN E 165 -58.08 -3.33 3.64
N VAL E 166 -57.06 -2.71 4.23
CA VAL E 166 -56.98 -1.25 4.29
C VAL E 166 -55.81 -0.77 3.44
N THR E 167 -56.07 0.20 2.57
CA THR E 167 -55.07 0.75 1.67
C THR E 167 -54.68 2.15 2.11
N MET E 168 -53.37 2.42 2.08
CA MET E 168 -52.85 3.78 2.22
C MET E 168 -51.97 4.09 1.02
N PRO E 169 -52.37 5.00 0.15
CA PRO E 169 -51.53 5.34 -1.01
C PRO E 169 -50.54 6.44 -0.70
N ASN E 170 -49.28 6.22 -1.02
CA ASN E 170 -48.31 7.29 -1.01
C ASN E 170 -48.43 8.04 -2.34
N ASN E 171 -48.75 9.33 -2.27
CA ASN E 171 -48.73 10.19 -3.44
C ASN E 171 -47.67 11.27 -3.36
N GLU E 172 -47.12 11.50 -2.17
CA GLU E 172 -45.99 12.41 -2.03
C GLU E 172 -44.76 11.81 -2.72
N GLN E 173 -43.88 12.69 -3.20
CA GLN E 173 -42.74 12.22 -3.98
C GLN E 173 -41.70 11.49 -3.13
N PHE E 174 -41.57 11.85 -1.85
CA PHE E 174 -40.56 11.23 -1.01
C PHE E 174 -40.96 9.80 -0.64
N ASP E 175 -39.96 9.00 -0.32
CA ASP E 175 -40.16 7.61 0.10
C ASP E 175 -40.67 7.56 1.53
N LYS E 176 -41.49 6.56 1.83
CA LYS E 176 -42.07 6.45 3.17
C LYS E 176 -41.73 5.11 3.82
N LEU E 177 -41.44 5.15 5.12
CA LEU E 177 -41.12 3.97 5.91
C LEU E 177 -42.25 3.72 6.90
N TYR E 178 -42.85 2.54 6.83
CA TYR E 178 -43.92 2.14 7.74
C TYR E 178 -43.39 1.07 8.68
N ILE E 179 -43.66 1.24 9.97
CA ILE E 179 -43.27 0.28 10.99
C ILE E 179 -44.54 -0.42 11.46
N TRP E 180 -44.59 -1.74 11.30
CA TRP E 180 -45.78 -2.52 11.64
C TRP E 180 -45.35 -3.70 12.50
N GLY E 181 -46.33 -4.34 13.12
CA GLY E 181 -46.04 -5.40 14.09
C GLY E 181 -47.09 -6.48 14.07
N VAL E 182 -46.65 -7.68 14.45
CA VAL E 182 -47.52 -8.84 14.60
C VAL E 182 -47.45 -9.29 16.06
N HIS E 183 -48.60 -9.37 16.70
CA HIS E 183 -48.67 -9.79 18.09
C HIS E 183 -48.71 -11.31 18.20
N HIS E 184 -48.00 -11.85 19.19
CA HIS E 184 -47.97 -13.29 19.47
C HIS E 184 -48.48 -13.49 20.90
N PRO E 185 -49.72 -13.95 21.06
CA PRO E 185 -50.30 -14.08 22.41
C PRO E 185 -49.79 -15.33 23.12
N GLY E 186 -49.58 -15.17 24.43
CA GLY E 186 -49.02 -16.26 25.21
C GLY E 186 -50.00 -17.41 25.41
N THR E 187 -51.23 -17.08 25.81
CA THR E 187 -52.22 -18.09 26.15
C THR E 187 -53.29 -18.15 25.06
N ASP E 188 -53.86 -19.35 24.89
CA ASP E 188 -54.89 -19.53 23.88
C ASP E 188 -56.13 -18.72 24.22
N LYS E 189 -56.48 -18.62 25.50
CA LYS E 189 -57.61 -17.80 25.91
C LYS E 189 -57.40 -16.33 25.57
N ASP E 190 -56.14 -15.88 25.57
CA ASP E 190 -55.83 -14.49 25.25
C ASP E 190 -56.23 -14.15 23.82
N GLN E 191 -56.02 -15.08 22.88
CA GLN E 191 -56.40 -14.82 21.50
C GLN E 191 -57.90 -14.59 21.36
N ILE E 192 -58.70 -15.42 22.02
CA ILE E 192 -60.14 -15.24 22.00
C ILE E 192 -60.55 -13.95 22.69
N PHE E 193 -59.90 -13.64 23.82
CA PHE E 193 -60.27 -12.43 24.57
C PHE E 193 -59.94 -11.16 23.79
N LEU E 194 -58.81 -11.13 23.10
CA LEU E 194 -58.32 -9.92 22.46
C LEU E 194 -58.84 -9.74 21.03
N TYR E 195 -58.82 -10.81 20.23
CA TYR E 195 -59.17 -10.70 18.82
C TYR E 195 -60.47 -11.41 18.46
N ALA E 196 -61.05 -12.19 19.37
CA ALA E 196 -62.35 -12.84 19.26
C ALA E 196 -62.40 -13.92 18.18
N GLN E 197 -61.31 -14.19 17.49
CA GLN E 197 -61.27 -15.26 16.50
C GLN E 197 -59.85 -15.80 16.44
N ALA E 198 -59.73 -17.05 15.99
CA ALA E 198 -58.44 -17.71 15.99
C ALA E 198 -57.43 -16.97 15.10
N SER E 199 -56.15 -17.29 15.30
CA SER E 199 -55.07 -16.59 14.61
C SER E 199 -55.22 -16.70 13.10
N GLY E 200 -54.83 -15.64 12.40
CA GLY E 200 -54.90 -15.64 10.95
C GLY E 200 -53.54 -15.67 10.29
N ARG E 201 -53.35 -14.87 9.26
CA ARG E 201 -52.08 -14.78 8.55
C ARG E 201 -51.94 -13.33 8.08
N ILE E 202 -51.12 -12.56 8.79
CA ILE E 202 -50.96 -11.15 8.45
C ILE E 202 -50.18 -11.03 7.14
N THR E 203 -50.65 -10.17 6.23
CA THR E 203 -49.92 -9.90 4.99
C THR E 203 -50.01 -8.42 4.65
N VAL E 204 -48.85 -7.77 4.60
CA VAL E 204 -48.75 -6.41 4.08
C VAL E 204 -48.15 -6.48 2.68
N SER E 205 -48.70 -5.70 1.77
CA SER E 205 -48.29 -5.83 0.38
C SER E 205 -48.11 -4.46 -0.26
N THR E 206 -47.05 -4.34 -1.04
CA THR E 206 -46.81 -3.24 -1.96
C THR E 206 -46.99 -3.77 -3.38
N LYS E 207 -46.71 -2.91 -4.37
CA LYS E 207 -46.72 -3.37 -5.75
C LYS E 207 -45.64 -4.40 -6.02
N ARG E 208 -44.56 -4.42 -5.24
CA ARG E 208 -43.44 -5.32 -5.48
C ARG E 208 -43.25 -6.34 -4.36
N SER E 209 -43.02 -5.87 -3.14
CA SER E 209 -42.63 -6.77 -2.05
C SER E 209 -43.84 -7.10 -1.20
N GLN E 210 -44.02 -8.38 -0.92
CA GLN E 210 -45.13 -8.87 -0.11
C GLN E 210 -44.55 -9.54 1.14
N GLN E 211 -44.90 -9.02 2.31
CA GLN E 211 -44.41 -9.56 3.57
C GLN E 211 -45.57 -10.23 4.29
N THR E 212 -45.45 -11.52 4.54
CA THR E 212 -46.47 -12.30 5.22
C THR E 212 -45.88 -12.94 6.47
N VAL E 213 -46.57 -12.77 7.60
CA VAL E 213 -46.14 -13.28 8.88
C VAL E 213 -47.30 -14.06 9.51
N SER E 214 -46.99 -15.23 10.07
CA SER E 214 -47.99 -16.08 10.69
C SER E 214 -48.00 -15.86 12.19
N PRO E 215 -49.12 -15.45 12.79
CA PRO E 215 -49.19 -15.38 14.25
C PRO E 215 -49.04 -16.76 14.87
N ASN E 216 -48.13 -16.87 15.84
CA ASN E 216 -47.85 -18.11 16.54
C ASN E 216 -48.27 -17.94 18.00
N ILE E 217 -49.35 -18.59 18.40
CA ILE E 217 -49.85 -18.50 19.76
C ILE E 217 -48.98 -19.40 20.64
N GLY E 218 -48.18 -18.79 21.51
CA GLY E 218 -47.33 -19.55 22.40
C GLY E 218 -46.91 -18.81 23.65
N SER E 219 -46.88 -19.50 24.79
CA SER E 219 -46.41 -18.91 26.02
C SER E 219 -44.89 -18.96 26.08
N ARG E 220 -44.27 -17.81 26.33
CA ARG E 220 -42.83 -17.63 26.30
C ARG E 220 -42.36 -17.09 27.65
N PRO E 221 -41.06 -17.22 27.97
CA PRO E 221 -40.57 -16.78 29.27
C PRO E 221 -40.97 -15.35 29.58
N ARG E 222 -41.49 -15.14 30.79
CA ARG E 222 -42.05 -13.84 31.15
C ARG E 222 -40.97 -12.77 31.19
N VAL E 223 -41.26 -11.63 30.56
CA VAL E 223 -40.41 -10.46 30.62
C VAL E 223 -41.30 -9.29 31.05
N ARG E 224 -40.92 -8.62 32.14
CA ARG E 224 -41.73 -7.54 32.72
C ARG E 224 -43.14 -8.04 33.03
N ASN E 225 -43.25 -9.29 33.44
CA ASN E 225 -44.50 -9.97 33.78
C ASN E 225 -45.42 -10.18 32.58
N ILE E 226 -44.89 -10.08 31.37
CA ILE E 226 -45.68 -10.29 30.16
C ILE E 226 -45.13 -11.49 29.38
N PRO E 227 -45.86 -12.59 29.27
CA PRO E 227 -45.36 -13.73 28.47
C PRO E 227 -45.46 -13.52 26.97
N SER E 228 -46.47 -12.78 26.50
CA SER E 228 -46.67 -12.60 25.07
C SER E 228 -45.58 -11.71 24.47
N ARG E 229 -45.50 -11.71 23.14
CA ARG E 229 -44.46 -10.93 22.47
C ARG E 229 -45.05 -10.21 21.27
N ILE E 230 -44.28 -9.27 20.71
CA ILE E 230 -44.67 -8.55 19.50
C ILE E 230 -43.45 -8.50 18.58
N SER E 231 -43.61 -9.00 17.37
CA SER E 231 -42.53 -8.95 16.38
C SER E 231 -42.71 -7.70 15.51
N ILE E 232 -41.66 -6.89 15.42
CA ILE E 232 -41.69 -5.62 14.69
C ILE E 232 -41.02 -5.82 13.34
N TYR E 233 -41.74 -5.47 12.28
CA TYR E 233 -41.21 -5.48 10.92
C TYR E 233 -41.36 -4.08 10.32
N TRP E 234 -40.68 -3.87 9.20
CA TRP E 234 -40.72 -2.59 8.50
C TRP E 234 -40.97 -2.81 7.02
N THR E 235 -41.74 -1.92 6.41
CA THR E 235 -42.02 -1.99 4.98
C THR E 235 -41.94 -0.59 4.40
N ILE E 236 -41.27 -0.46 3.25
CA ILE E 236 -41.02 0.83 2.62
C ILE E 236 -41.93 0.97 1.41
N VAL E 237 -42.67 2.08 1.37
CA VAL E 237 -43.55 2.38 0.25
C VAL E 237 -42.88 3.43 -0.62
N LYS E 238 -42.74 3.08 -1.91
CA LYS E 238 -42.15 3.92 -2.94
C LYS E 238 -43.21 4.91 -3.45
N PRO E 239 -42.80 5.93 -4.26
CA PRO E 239 -43.77 6.99 -4.60
C PRO E 239 -45.07 6.51 -5.26
N GLY E 240 -44.98 5.82 -6.39
CA GLY E 240 -46.21 5.40 -7.04
C GLY E 240 -46.68 4.03 -6.58
N ASP E 241 -47.13 3.93 -5.33
CA ASP E 241 -47.42 2.62 -4.74
C ASP E 241 -48.46 2.80 -3.64
N ILE E 242 -48.99 1.66 -3.19
CA ILE E 242 -49.99 1.63 -2.14
C ILE E 242 -49.58 0.56 -1.12
N LEU E 243 -49.78 0.85 0.17
CA LEU E 243 -49.62 -0.13 1.22
C LEU E 243 -50.97 -0.78 1.50
N LEU E 244 -51.10 -2.07 1.22
CA LEU E 244 -52.32 -2.82 1.48
C LEU E 244 -52.07 -3.72 2.70
N ILE E 245 -52.74 -3.40 3.80
CA ILE E 245 -52.69 -4.19 5.02
C ILE E 245 -53.85 -5.18 4.99
N ASN E 246 -53.54 -6.46 5.16
CA ASN E 246 -54.50 -7.55 5.09
C ASN E 246 -54.37 -8.37 6.38
N SER E 247 -55.43 -8.37 7.18
CA SER E 247 -55.33 -8.87 8.55
C SER E 247 -56.61 -9.58 8.99
N THR E 248 -56.42 -10.66 9.76
CA THR E 248 -57.50 -11.42 10.38
C THR E 248 -57.24 -11.50 11.89
N GLY E 249 -56.64 -10.46 12.44
CA GLY E 249 -56.34 -10.41 13.86
C GLY E 249 -54.85 -10.55 14.13
N ASN E 250 -54.48 -10.17 15.36
CA ASN E 250 -53.08 -10.18 15.82
C ASN E 250 -52.24 -9.14 15.09
N LEU E 251 -52.78 -7.92 14.94
CA LEU E 251 -52.13 -6.89 14.14
C LEU E 251 -51.80 -5.68 15.02
N ILE E 252 -50.51 -5.32 15.07
CA ILE E 252 -50.06 -4.08 15.68
C ILE E 252 -49.81 -3.10 14.53
N ALA E 253 -50.79 -2.26 14.25
CA ALA E 253 -50.86 -1.48 13.02
C ALA E 253 -50.08 -0.18 13.12
N PRO E 254 -49.62 0.34 11.99
CA PRO E 254 -48.95 1.65 11.98
C PRO E 254 -49.93 2.80 12.12
N ARG E 255 -49.44 3.89 12.72
CA ARG E 255 -50.24 5.10 12.87
C ARG E 255 -49.96 6.16 11.81
N GLY E 256 -48.88 6.02 11.07
CA GLY E 256 -48.51 7.04 10.10
C GLY E 256 -47.22 6.65 9.45
N TYR E 257 -46.55 7.63 8.84
CA TYR E 257 -45.33 7.32 8.11
C TYR E 257 -44.15 8.12 8.66
N PHE E 258 -43.00 7.45 8.72
CA PHE E 258 -41.73 8.09 9.03
C PHE E 258 -41.13 8.64 7.75
N LYS E 259 -39.90 9.14 7.82
CA LYS E 259 -39.18 9.65 6.67
C LYS E 259 -37.86 8.91 6.53
N ILE E 260 -37.60 8.40 5.33
CA ILE E 260 -36.34 7.71 5.04
C ILE E 260 -35.57 8.57 4.04
N ARG E 261 -34.46 9.12 4.50
CA ARG E 261 -33.63 10.01 3.69
C ARG E 261 -32.27 9.35 3.51
N SER E 262 -31.74 9.36 2.29
CA SER E 262 -30.34 9.05 2.10
C SER E 262 -29.51 10.14 2.76
N GLY E 263 -28.70 9.75 3.74
CA GLY E 263 -28.06 10.77 4.56
C GLY E 263 -26.74 10.30 5.14
N LYS E 264 -26.07 11.24 5.77
CA LYS E 264 -24.75 11.02 6.37
C LYS E 264 -24.80 10.87 7.88
N SER E 265 -25.98 10.97 8.49
CA SER E 265 -26.10 10.75 9.92
C SER E 265 -25.83 9.27 10.25
N SER E 266 -25.30 9.03 11.45
CA SER E 266 -24.95 7.68 11.86
C SER E 266 -25.15 7.56 13.38
N ILE E 267 -24.83 6.38 13.91
CA ILE E 267 -25.07 6.05 15.31
C ILE E 267 -23.81 5.44 15.90
N MET E 268 -23.57 5.73 17.18
CA MET E 268 -22.37 5.27 17.87
C MET E 268 -22.74 4.80 19.28
N ARG E 269 -22.06 3.76 19.74
CA ARG E 269 -22.30 3.19 21.08
C ARG E 269 -21.15 3.61 22.00
N SER E 270 -21.42 4.54 22.91
CA SER E 270 -20.41 5.05 23.84
C SER E 270 -21.09 5.57 25.10
N ASP E 271 -20.32 5.62 26.19
CA ASP E 271 -20.78 6.14 27.46
C ASP E 271 -20.10 7.44 27.86
N ALA E 272 -19.36 8.07 26.94
CA ALA E 272 -18.61 9.26 27.29
C ALA E 272 -19.55 10.44 27.51
N PRO E 273 -19.18 11.38 28.38
CA PRO E 273 -20.02 12.56 28.62
C PRO E 273 -20.06 13.47 27.41
N ILE E 274 -21.15 14.23 27.30
CA ILE E 274 -21.32 15.23 26.27
C ILE E 274 -20.95 16.59 26.85
N GLY E 275 -19.93 17.22 26.27
CA GLY E 275 -19.47 18.52 26.71
C GLY E 275 -19.79 19.61 25.69
N LYS E 276 -19.28 20.81 25.98
CA LYS E 276 -19.45 21.96 25.12
C LYS E 276 -18.08 22.35 24.56
N CYS E 277 -17.86 22.08 23.27
CA CYS E 277 -16.62 22.40 22.59
C CYS E 277 -16.86 22.17 21.11
N ASN E 278 -15.79 22.35 20.32
CA ASN E 278 -15.85 22.17 18.87
C ASN E 278 -14.74 21.21 18.45
N SER E 279 -15.11 20.16 17.73
CA SER E 279 -14.15 19.16 17.25
C SER E 279 -14.76 18.39 16.09
N GLU E 280 -14.01 18.27 15.00
CA GLU E 280 -14.53 17.61 13.81
C GLU E 280 -14.64 16.10 14.00
N CYS E 281 -13.67 15.51 14.69
CA CYS E 281 -13.63 14.07 14.86
C CYS E 281 -14.24 13.66 16.20
N ILE E 282 -15.04 12.59 16.17
CA ILE E 282 -15.69 12.03 17.35
C ILE E 282 -15.41 10.53 17.39
N THR E 283 -14.90 10.05 18.51
CA THR E 283 -14.67 8.63 18.77
C THR E 283 -15.33 8.28 20.10
N PRO E 284 -15.63 7.01 20.32
CA PRO E 284 -16.35 6.64 21.55
C PRO E 284 -15.67 7.10 22.83
N ASN E 285 -14.34 7.03 22.88
CA ASN E 285 -13.63 7.52 24.06
C ASN E 285 -13.83 9.02 24.22
N GLY E 286 -13.78 9.77 23.12
CA GLY E 286 -13.96 11.21 23.16
C GLY E 286 -13.67 11.82 21.80
N SER E 287 -13.66 13.13 21.77
CA SER E 287 -13.26 13.84 20.56
C SER E 287 -11.74 13.96 20.54
N ILE E 288 -11.15 13.75 19.36
CA ILE E 288 -9.70 13.73 19.22
C ILE E 288 -9.33 14.76 18.15
N PRO E 289 -8.10 15.29 18.21
CA PRO E 289 -7.66 16.24 17.19
C PRO E 289 -7.68 15.63 15.79
N ASN E 290 -8.05 16.45 14.81
CA ASN E 290 -8.11 16.02 13.42
C ASN E 290 -6.82 16.35 12.66
N ASP E 291 -5.79 16.83 13.34
CA ASP E 291 -4.56 17.24 12.66
C ASP E 291 -3.67 16.05 12.34
N LYS E 292 -3.23 15.32 13.36
CA LYS E 292 -2.24 14.27 13.17
C LYS E 292 -2.77 13.21 12.21
N PRO E 293 -1.99 12.79 11.22
CA PRO E 293 -2.53 11.92 10.17
C PRO E 293 -2.93 10.54 10.65
N PHE E 294 -2.44 10.08 11.80
CA PHE E 294 -2.70 8.73 12.27
C PHE E 294 -3.12 8.77 13.73
N GLN E 295 -3.91 7.77 14.13
CA GLN E 295 -4.46 7.73 15.48
C GLN E 295 -4.45 6.29 16.01
N ASN E 296 -4.48 6.17 17.33
CA ASN E 296 -4.48 4.88 18.01
C ASN E 296 -5.45 4.90 19.19
N VAL E 297 -6.62 5.48 19.01
CA VAL E 297 -7.59 5.59 20.09
C VAL E 297 -8.63 4.47 20.00
N ASN E 298 -9.43 4.50 18.93
CA ASN E 298 -10.45 3.49 18.72
C ASN E 298 -10.80 3.49 17.24
N ARG E 299 -11.10 2.29 16.71
CA ARG E 299 -11.40 2.17 15.29
C ARG E 299 -12.67 2.89 14.91
N ILE E 300 -13.63 3.00 15.84
CA ILE E 300 -14.89 3.67 15.54
C ILE E 300 -14.66 5.17 15.40
N THR E 301 -15.09 5.73 14.28
CA THR E 301 -14.89 7.14 13.98
C THR E 301 -16.12 7.71 13.29
N TYR E 302 -16.32 9.01 13.45
CA TYR E 302 -17.38 9.73 12.74
C TYR E 302 -16.88 11.15 12.47
N GLY E 303 -16.71 11.49 11.21
CA GLY E 303 -16.23 12.79 10.81
C GLY E 303 -14.85 12.73 10.18
N ALA E 304 -14.21 13.90 10.12
CA ALA E 304 -12.87 14.02 9.57
C ALA E 304 -11.86 13.55 10.62
N CYS E 305 -11.69 12.23 10.67
CA CYS E 305 -10.85 11.60 11.68
C CYS E 305 -9.56 11.09 11.07
N PRO E 306 -8.48 11.07 11.85
CA PRO E 306 -7.24 10.46 11.40
C PRO E 306 -7.42 8.96 11.14
N ARG E 307 -6.65 8.46 10.17
CA ARG E 307 -6.68 7.03 9.88
C ARG E 307 -6.17 6.26 11.09
N TYR E 308 -6.76 5.10 11.34
CA TYR E 308 -6.42 4.29 12.51
C TYR E 308 -5.31 3.31 12.17
N VAL E 309 -4.23 3.35 12.96
CA VAL E 309 -3.11 2.43 12.81
C VAL E 309 -2.78 1.82 14.16
N LYS E 310 -2.18 0.63 14.14
CA LYS E 310 -1.88 -0.07 15.39
C LYS E 310 -0.75 0.58 16.16
N GLN E 311 0.13 1.32 15.49
CA GLN E 311 1.31 1.87 16.14
C GLN E 311 0.94 2.97 17.13
N ASN E 312 1.64 3.02 18.26
CA ASN E 312 1.43 4.06 19.27
C ASN E 312 2.12 5.37 18.91
N THR E 313 3.42 5.33 18.61
CA THR E 313 4.15 6.53 18.29
C THR E 313 4.95 6.32 17.01
N LEU E 314 4.76 7.22 16.05
CA LEU E 314 5.55 7.24 14.84
C LEU E 314 6.21 8.61 14.75
N LYS E 315 7.54 8.63 14.65
CA LYS E 315 8.30 9.87 14.74
C LYS E 315 8.76 10.29 13.35
N LEU E 316 8.33 11.48 12.93
CA LEU E 316 8.79 12.08 11.68
C LEU E 316 9.86 13.11 12.01
N ALA E 317 11.05 12.92 11.47
CA ALA E 317 12.15 13.82 11.76
C ALA E 317 11.91 15.17 11.11
N THR E 318 12.09 16.24 11.88
CA THR E 318 12.02 17.60 11.38
C THR E 318 13.33 18.33 11.58
N GLY E 319 14.44 17.58 11.57
CA GLY E 319 15.76 18.16 11.76
C GLY E 319 16.83 17.20 11.29
N MET E 320 18.06 17.71 11.24
CA MET E 320 19.19 16.94 10.77
C MET E 320 19.72 16.03 11.88
N ARG E 321 20.62 15.13 11.49
CA ARG E 321 21.23 14.20 12.44
C ARG E 321 21.95 14.98 13.53
N ASN E 322 21.81 14.51 14.77
CA ASN E 322 22.40 15.17 15.92
C ASN E 322 23.77 14.56 16.19
N VAL E 323 24.83 15.20 15.70
CA VAL E 323 26.20 14.72 15.88
C VAL E 323 26.87 15.58 16.94
N PRO E 324 27.36 15.00 18.04
CA PRO E 324 27.97 15.83 19.10
C PRO E 324 29.32 16.39 18.69
N GLU E 325 29.95 17.15 19.60
CA GLU E 325 31.25 17.75 19.38
C GLU E 325 32.14 17.52 20.59
N LYS E 326 33.45 17.56 20.36
CA LYS E 326 34.42 17.31 21.43
C LYS E 326 34.40 18.45 22.44
N GLY E 333 41.34 26.13 21.38
CA GLY E 333 42.48 25.46 20.76
C GLY E 333 42.33 25.35 19.25
N ALA E 334 41.54 24.37 18.80
CA ALA E 334 41.32 24.13 17.38
C ALA E 334 39.83 24.00 17.11
N ILE E 335 39.46 24.09 15.84
CA ILE E 335 38.08 24.05 15.40
C ILE E 335 37.89 22.90 14.39
N ALA E 336 36.63 22.51 14.19
CA ALA E 336 36.29 21.32 13.43
C ALA E 336 35.21 21.62 12.41
N GLY E 337 34.99 20.67 11.51
CA GLY E 337 34.02 20.84 10.45
C GLY E 337 32.99 19.72 10.36
N PHE E 338 32.26 19.69 9.24
CA PHE E 338 31.14 18.78 9.07
C PHE E 338 31.56 17.33 9.00
N ILE E 339 32.86 17.04 8.84
CA ILE E 339 33.30 15.68 8.56
C ILE E 339 32.78 14.71 9.62
N GLU E 340 33.07 15.00 10.90
CA GLU E 340 32.49 14.20 11.97
C GLU E 340 32.17 15.02 13.22
N ASN E 341 32.03 16.33 13.13
CA ASN E 341 31.76 17.14 14.31
C ASN E 341 30.60 18.09 14.05
N GLY E 342 29.85 18.39 15.11
CA GLY E 342 28.72 19.29 15.02
C GLY E 342 28.69 20.32 16.13
N TRP E 343 28.69 21.60 15.75
CA TRP E 343 28.77 22.68 16.73
C TRP E 343 27.46 22.79 17.51
N GLU E 344 27.53 22.56 18.83
CA GLU E 344 26.35 22.72 19.67
C GLU E 344 26.00 24.19 19.87
N GLY E 345 27.02 25.07 19.87
CA GLY E 345 26.81 26.49 20.13
C GLY E 345 26.11 27.24 19.02
N MET E 346 26.18 26.75 17.78
CA MET E 346 25.49 27.39 16.68
C MET E 346 23.98 27.39 16.91
N VAL E 347 23.41 28.58 17.09
CA VAL E 347 21.98 28.72 17.33
C VAL E 347 21.29 29.63 16.33
N ASP E 348 22.01 30.56 15.69
CA ASP E 348 21.38 31.46 14.73
C ASP E 348 20.88 30.71 13.50
N GLY E 349 21.64 29.72 13.02
CA GLY E 349 21.25 28.98 11.84
C GLY E 349 21.67 27.53 11.96
N TRP E 350 21.17 26.71 11.02
CA TRP E 350 21.49 25.28 11.03
C TRP E 350 22.90 25.00 10.53
N TYR E 351 23.33 25.70 9.48
CA TYR E 351 24.65 25.50 8.89
C TYR E 351 25.43 26.81 8.93
N GLY E 352 26.74 26.72 9.20
CA GLY E 352 27.50 27.94 9.36
C GLY E 352 29.00 27.78 9.14
N PHE E 353 29.68 28.93 9.19
CA PHE E 353 31.13 29.07 9.02
C PHE E 353 31.76 29.50 10.33
N ARG E 354 32.81 28.80 10.75
CA ARG E 354 33.66 29.21 11.85
C ARG E 354 35.04 29.52 11.28
N HIS E 355 35.79 30.39 11.95
CA HIS E 355 37.05 30.84 11.37
C HIS E 355 38.06 31.14 12.47
N GLN E 356 39.35 30.89 12.17
CA GLN E 356 40.44 31.27 13.08
C GLN E 356 41.45 32.08 12.28
N ASN E 357 41.20 33.38 12.18
CA ASN E 357 42.08 34.28 11.45
C ASN E 357 43.06 34.96 12.40
N SER E 358 43.82 35.94 11.88
CA SER E 358 44.81 36.64 12.70
C SER E 358 44.16 37.43 13.82
N GLU E 359 43.01 38.05 13.56
CA GLU E 359 42.28 38.76 14.60
C GLU E 359 41.82 37.80 15.69
N GLY E 360 41.25 36.67 15.30
CA GLY E 360 40.86 35.67 16.27
C GLY E 360 39.72 34.82 15.74
N ARG E 361 39.35 33.84 16.56
CA ARG E 361 38.28 32.92 16.20
C ARG E 361 36.92 33.61 16.25
N GLY E 362 36.07 33.31 15.27
CA GLY E 362 34.73 33.83 15.20
C GLY E 362 33.78 32.84 14.55
N GLN E 363 32.49 33.13 14.70
CA GLN E 363 31.44 32.21 14.27
C GLN E 363 30.32 32.99 13.59
N ALA E 364 29.84 32.48 12.46
CA ALA E 364 28.71 33.08 11.78
C ALA E 364 27.94 31.97 11.06
N ALA E 365 26.71 32.26 10.64
CA ALA E 365 25.81 31.26 10.09
C ALA E 365 25.35 31.63 8.69
N ASP E 366 25.30 30.62 7.82
CA ASP E 366 24.80 30.79 6.45
C ASP E 366 23.28 30.65 6.46
N LEU E 367 22.57 31.76 6.22
CA LEU E 367 21.13 31.77 6.35
C LEU E 367 20.44 31.01 5.20
N LYS E 368 20.97 31.18 3.99
CA LYS E 368 20.28 30.70 2.78
C LYS E 368 20.13 29.19 2.78
N SER E 369 21.22 28.45 3.06
CA SER E 369 21.16 27.00 3.05
C SER E 369 20.21 26.47 4.13
N THR E 370 20.30 27.06 5.32
CA THR E 370 19.40 26.68 6.41
C THR E 370 17.96 26.80 5.98
N GLN E 371 17.58 27.95 5.40
CA GLN E 371 16.18 28.11 5.05
C GLN E 371 15.77 27.22 3.88
N ALA E 372 16.68 26.93 2.96
CA ALA E 372 16.34 26.02 1.87
C ALA E 372 15.98 24.63 2.41
N ALA E 373 16.84 24.08 3.27
CA ALA E 373 16.53 22.78 3.85
C ALA E 373 15.25 22.82 4.68
N ILE E 374 15.07 23.89 5.45
CA ILE E 374 13.86 24.01 6.27
C ILE E 374 12.61 24.06 5.39
N ASP E 375 12.70 24.73 4.24
CA ASP E 375 11.58 24.79 3.32
C ASP E 375 11.21 23.41 2.79
N GLN E 376 12.22 22.61 2.45
CA GLN E 376 11.94 21.24 2.04
C GLN E 376 11.18 20.48 3.13
N ILE E 377 11.67 20.58 4.37
CA ILE E 377 11.01 19.91 5.48
C ILE E 377 9.56 20.42 5.63
N ASN E 378 9.38 21.73 5.45
CA ASN E 378 8.05 22.32 5.60
C ASN E 378 7.08 21.77 4.57
N GLY E 379 7.52 21.65 3.32
CA GLY E 379 6.66 21.08 2.29
C GLY E 379 6.26 19.65 2.59
N LYS E 380 7.24 18.84 3.02
CA LYS E 380 6.94 17.48 3.46
C LYS E 380 5.87 17.46 4.55
N LEU E 381 6.09 18.25 5.59
CA LEU E 381 5.15 18.31 6.71
C LEU E 381 3.76 18.73 6.24
N ASN E 382 3.70 19.72 5.34
CA ASN E 382 2.42 20.17 4.81
C ASN E 382 1.70 19.04 4.08
N ARG E 383 2.44 18.25 3.31
CA ARG E 383 1.79 17.15 2.61
C ARG E 383 1.31 16.05 3.56
N LEU E 384 1.87 15.94 4.77
CA LEU E 384 1.38 14.91 5.68
C LEU E 384 0.27 15.39 6.62
N ILE E 385 0.53 16.44 7.41
CA ILE E 385 -0.37 16.75 8.53
C ILE E 385 -1.71 17.30 8.06
N GLY E 386 -1.73 18.08 6.98
CA GLY E 386 -2.93 18.83 6.62
C GLY E 386 -4.12 17.97 6.22
N LYS E 387 -3.85 16.83 5.56
CA LYS E 387 -4.93 16.04 4.96
C LYS E 387 -5.90 15.52 6.01
N THR E 388 -7.18 15.48 5.65
CA THR E 388 -8.24 14.95 6.49
C THR E 388 -9.13 14.03 5.67
N ASN E 389 -9.38 12.83 6.18
CA ASN E 389 -10.22 11.85 5.52
C ASN E 389 -11.62 11.87 6.15
N GLU E 390 -12.62 12.19 5.35
CA GLU E 390 -13.99 12.35 5.83
C GLU E 390 -14.76 11.06 5.59
N LYS E 391 -15.33 10.49 6.65
CA LYS E 391 -16.04 9.22 6.58
C LYS E 391 -17.18 9.25 7.59
N PHE E 392 -18.42 9.08 7.13
CA PHE E 392 -19.55 9.21 8.03
C PHE E 392 -20.13 7.90 8.57
N HIS E 393 -20.74 7.09 7.70
CA HIS E 393 -21.44 5.88 8.12
C HIS E 393 -20.66 4.67 7.68
N GLN E 394 -20.49 3.71 8.58
CA GLN E 394 -19.58 2.60 8.37
C GLN E 394 -20.22 1.34 8.95
N ILE E 395 -19.44 0.26 8.95
CA ILE E 395 -19.81 -1.00 9.58
C ILE E 395 -19.57 -0.88 11.08
N GLU E 396 -20.07 -1.85 11.84
CA GLU E 396 -19.81 -1.94 13.27
C GLU E 396 -18.80 -3.05 13.54
N LYS E 397 -17.77 -2.74 14.31
CA LYS E 397 -16.74 -3.71 14.65
C LYS E 397 -16.94 -4.29 16.05
N GLU E 398 -17.78 -3.68 16.87
CA GLU E 398 -18.08 -4.19 18.20
C GLU E 398 -19.36 -5.02 18.13
N PHE E 399 -19.28 -6.29 18.52
CA PHE E 399 -20.38 -7.22 18.40
C PHE E 399 -20.78 -7.75 19.77
N SER E 400 -22.06 -7.61 20.11
CA SER E 400 -22.55 -8.00 21.43
C SER E 400 -22.67 -9.51 21.55
N GLU E 401 -23.15 -10.19 20.51
CA GLU E 401 -23.40 -11.62 20.53
C GLU E 401 -22.50 -12.31 19.52
N VAL E 402 -22.76 -13.60 19.32
CA VAL E 402 -22.08 -14.38 18.29
C VAL E 402 -23.08 -14.64 17.16
N GLU E 403 -22.77 -14.12 15.98
CA GLU E 403 -23.68 -14.20 14.84
C GLU E 403 -23.16 -15.07 13.71
N GLY E 404 -21.97 -15.63 13.84
CA GLY E 404 -21.47 -16.53 12.81
C GLY E 404 -21.00 -15.81 11.57
N ARG E 405 -21.58 -16.19 10.43
CA ARG E 405 -21.04 -15.82 9.12
C ARG E 405 -20.73 -14.34 9.04
N ILE E 406 -21.75 -13.49 9.16
CA ILE E 406 -21.57 -12.09 8.82
C ILE E 406 -20.54 -11.45 9.73
N GLN E 407 -20.44 -11.89 10.98
CA GLN E 407 -19.45 -11.33 11.89
C GLN E 407 -18.03 -11.59 11.39
N ASP E 408 -17.76 -12.80 10.92
CA ASP E 408 -16.41 -13.13 10.47
C ASP E 408 -15.97 -12.27 9.29
N LEU E 409 -16.88 -12.03 8.34
CA LEU E 409 -16.53 -11.25 7.16
C LEU E 409 -16.18 -9.81 7.50
N GLU E 410 -17.05 -9.12 8.24
CA GLU E 410 -16.83 -7.71 8.54
C GLU E 410 -15.66 -7.51 9.49
N LYS E 411 -15.46 -8.43 10.44
CA LYS E 411 -14.27 -8.36 11.28
C LYS E 411 -13.00 -8.51 10.45
N TYR E 412 -13.01 -9.43 9.48
CA TYR E 412 -11.87 -9.60 8.58
C TYR E 412 -11.61 -8.33 7.78
N VAL E 413 -12.68 -7.67 7.33
CA VAL E 413 -12.53 -6.46 6.52
C VAL E 413 -11.77 -5.40 7.30
N GLU E 414 -12.23 -5.09 8.52
CA GLU E 414 -11.58 -4.05 9.31
C GLU E 414 -10.16 -4.44 9.71
N ASP E 415 -9.95 -5.71 10.06
CA ASP E 415 -8.61 -6.14 10.46
C ASP E 415 -7.62 -6.00 9.31
N THR E 416 -8.00 -6.46 8.13
CA THR E 416 -7.13 -6.33 6.97
C THR E 416 -6.89 -4.86 6.62
N LYS E 417 -7.93 -4.02 6.70
CA LYS E 417 -7.76 -2.60 6.43
C LYS E 417 -6.77 -1.97 7.41
N ILE E 418 -6.90 -2.29 8.69
CA ILE E 418 -6.00 -1.74 9.71
C ILE E 418 -4.56 -2.17 9.42
N ASP E 419 -4.36 -3.44 9.12
CA ASP E 419 -3.00 -3.92 8.86
C ASP E 419 -2.38 -3.24 7.64
N LEU E 420 -3.15 -3.12 6.56
CA LEU E 420 -2.62 -2.49 5.36
C LEU E 420 -2.27 -1.02 5.61
N TRP E 421 -3.15 -0.31 6.31
CA TRP E 421 -2.86 1.10 6.60
C TRP E 421 -1.65 1.23 7.51
N SER E 422 -1.48 0.30 8.46
CA SER E 422 -0.32 0.36 9.34
C SER E 422 0.97 0.18 8.56
N TYR E 423 1.01 -0.80 7.65
CA TYR E 423 2.21 -0.97 6.83
C TYR E 423 2.47 0.29 6.01
N ASN E 424 1.42 0.87 5.41
CA ASN E 424 1.60 2.07 4.62
C ASN E 424 2.16 3.21 5.46
N ALA E 425 1.66 3.36 6.69
CA ALA E 425 2.13 4.43 7.56
C ALA E 425 3.60 4.24 7.92
N GLU E 426 3.99 3.01 8.25
CA GLU E 426 5.40 2.76 8.58
C GLU E 426 6.30 3.05 7.37
N LEU E 427 5.89 2.61 6.18
CA LEU E 427 6.65 2.89 4.98
C LEU E 427 6.81 4.40 4.76
N LEU E 428 5.70 5.13 4.88
CA LEU E 428 5.74 6.57 4.65
C LEU E 428 6.68 7.24 5.64
N VAL E 429 6.56 6.91 6.93
CA VAL E 429 7.37 7.57 7.95
C VAL E 429 8.86 7.29 7.72
N ALA E 430 9.20 6.02 7.47
CA ALA E 430 10.61 5.68 7.28
C ALA E 430 11.19 6.34 6.03
N LEU E 431 10.44 6.32 4.92
CA LEU E 431 10.92 6.93 3.68
C LEU E 431 11.14 8.42 3.87
N GLU E 432 10.19 9.10 4.51
CA GLU E 432 10.30 10.54 4.70
C GLU E 432 11.47 10.87 5.61
N ASN E 433 11.68 10.06 6.65
CA ASN E 433 12.82 10.29 7.55
C ASN E 433 14.14 10.14 6.83
N GLN E 434 14.27 9.07 6.03
CA GLN E 434 15.50 8.87 5.27
C GLN E 434 15.77 10.03 4.33
N HIS E 435 14.73 10.49 3.63
CA HIS E 435 14.90 11.63 2.73
C HIS E 435 15.32 12.87 3.49
N THR E 436 14.72 13.10 4.66
CA THR E 436 15.08 14.27 5.46
C THR E 436 16.56 14.26 5.82
N ILE E 437 17.05 13.14 6.34
CA ILE E 437 18.44 13.06 6.77
C ILE E 437 19.38 13.23 5.58
N ASP E 438 19.09 12.54 4.48
CA ASP E 438 19.94 12.65 3.30
C ASP E 438 20.01 14.07 2.78
N LEU E 439 18.86 14.74 2.73
CA LEU E 439 18.79 16.12 2.25
C LEU E 439 19.59 17.07 3.14
N THR E 440 19.42 16.96 4.46
CA THR E 440 20.13 17.85 5.35
C THR E 440 21.64 17.67 5.25
N ASP E 441 22.10 16.41 5.11
CA ASP E 441 23.53 16.20 4.92
C ASP E 441 24.02 16.77 3.58
N SER E 442 23.22 16.56 2.51
CA SER E 442 23.60 17.03 1.19
C SER E 442 23.72 18.55 1.13
N GLU E 443 22.88 19.27 1.87
CA GLU E 443 22.97 20.73 1.85
C GLU E 443 24.34 21.20 2.35
N MET E 444 24.80 20.62 3.46
CA MET E 444 26.13 20.95 3.96
C MET E 444 27.21 20.59 2.96
N ASN E 445 27.11 19.41 2.36
CA ASN E 445 28.13 19.03 1.39
C ASN E 445 28.15 20.01 0.21
N LYS E 446 26.97 20.53 -0.17
CA LYS E 446 26.88 21.54 -1.22
C LYS E 446 27.58 22.84 -0.82
N LEU E 447 27.40 23.26 0.44
CA LEU E 447 28.12 24.45 0.91
C LEU E 447 29.63 24.23 0.81
N PHE E 448 30.09 23.03 1.19
CA PHE E 448 31.51 22.71 1.12
C PHE E 448 32.04 22.84 -0.31
N GLU E 449 31.33 22.26 -1.28
CA GLU E 449 31.81 22.35 -2.67
C GLU E 449 31.78 23.78 -3.20
N LYS E 450 30.77 24.56 -2.84
CA LYS E 450 30.73 25.96 -3.28
C LYS E 450 31.93 26.73 -2.76
N THR E 451 32.22 26.57 -1.47
CA THR E 451 33.37 27.26 -0.89
C THR E 451 34.67 26.81 -1.55
N LYS E 452 34.77 25.51 -1.87
CA LYS E 452 35.97 25.03 -2.57
C LYS E 452 36.12 25.70 -3.93
N LYS E 453 35.02 25.81 -4.69
CA LYS E 453 35.11 26.49 -5.99
C LYS E 453 35.55 27.94 -5.82
N GLN E 454 35.01 28.64 -4.84
CA GLN E 454 35.35 30.04 -4.67
C GLN E 454 36.82 30.22 -4.28
N LEU E 455 37.31 29.38 -3.36
CA LEU E 455 38.72 29.49 -2.94
C LEU E 455 39.67 29.09 -4.06
N ARG E 456 39.34 28.02 -4.80
CA ARG E 456 40.18 27.48 -5.86
C ARG E 456 41.61 27.19 -5.41
N GLU E 457 42.55 28.02 -5.85
CA GLU E 457 43.97 27.74 -5.67
C GLU E 457 44.51 28.10 -4.30
N ASN E 458 43.75 28.85 -3.49
CA ASN E 458 44.24 29.41 -2.23
C ASN E 458 43.85 28.57 -1.02
N ALA E 459 43.42 27.33 -1.22
CA ALA E 459 42.95 26.53 -0.11
C ALA E 459 43.10 25.05 -0.44
N GLU E 460 42.87 24.24 0.59
CA GLU E 460 42.91 22.80 0.45
C GLU E 460 42.11 22.22 1.61
N ASP E 461 41.45 21.10 1.36
CA ASP E 461 40.70 20.44 2.42
C ASP E 461 41.67 19.81 3.39
N MET E 462 41.55 20.17 4.66
CA MET E 462 42.45 19.67 5.70
C MET E 462 42.00 18.32 6.30
N GLY E 463 41.33 17.47 5.53
CA GLY E 463 40.75 16.22 6.03
C GLY E 463 39.42 16.47 6.72
N ASN E 464 39.50 17.03 7.91
CA ASN E 464 38.31 17.50 8.60
C ASN E 464 37.68 18.66 7.82
N GLY E 465 36.43 19.00 8.19
CA GLY E 465 35.67 19.99 7.46
C GLY E 465 36.37 21.31 7.29
N CYS E 466 37.35 21.62 8.14
CA CYS E 466 38.14 22.85 8.07
C CYS E 466 38.94 22.99 6.78
N PHE E 467 38.58 23.97 5.96
CA PHE E 467 39.39 24.37 4.82
C PHE E 467 40.64 25.06 5.31
N LYS E 468 41.79 24.50 4.96
CA LYS E 468 43.10 25.09 5.24
C LYS E 468 43.41 26.07 4.12
N ILE E 469 43.27 27.36 4.41
CA ILE E 469 43.48 28.42 3.44
C ILE E 469 44.79 29.12 3.77
N TYR E 470 45.63 29.34 2.74
CA TYR E 470 46.94 29.97 2.93
C TYR E 470 46.97 31.29 2.17
N HIS E 471 46.50 32.35 2.83
CA HIS E 471 46.62 33.72 2.35
C HIS E 471 46.22 34.62 3.51
N LYS E 472 46.68 35.87 3.45
CA LYS E 472 46.42 36.83 4.53
C LYS E 472 44.94 37.15 4.57
N CYS E 473 44.24 36.67 5.60
CA CYS E 473 42.80 36.89 5.75
C CYS E 473 42.53 37.70 7.00
N ASP E 474 41.94 38.87 6.82
CA ASP E 474 41.34 39.62 7.90
C ASP E 474 39.88 39.19 8.05
N ASN E 475 39.18 39.80 9.01
CA ASN E 475 37.76 39.52 9.16
C ASN E 475 37.02 39.81 7.85
N ALA E 476 37.51 40.79 7.09
CA ALA E 476 36.92 41.10 5.79
C ALA E 476 37.08 39.93 4.82
N CYS E 477 38.18 39.19 4.91
CA CYS E 477 38.36 38.03 4.03
C CYS E 477 37.28 36.98 4.29
N ILE E 478 37.04 36.65 5.56
CA ILE E 478 36.02 35.67 5.91
C ILE E 478 34.65 36.17 5.46
N GLY E 479 34.34 37.44 5.73
CA GLY E 479 33.09 38.01 5.26
C GLY E 479 32.94 37.92 3.76
N SER E 480 34.03 38.16 3.02
CA SER E 480 33.99 38.08 1.57
C SER E 480 33.77 36.65 1.10
N ILE E 481 34.33 35.68 1.81
CA ILE E 481 34.06 34.28 1.45
C ILE E 481 32.56 33.99 1.60
N ARG E 482 31.97 34.37 2.73
CA ARG E 482 30.57 33.95 2.94
C ARG E 482 29.61 34.70 2.02
N ASN E 483 29.76 36.01 1.88
CA ASN E 483 28.78 36.71 1.05
C ASN E 483 29.05 36.54 -0.44
N GLY E 484 30.23 36.05 -0.82
CA GLY E 484 30.46 35.64 -2.18
C GLY E 484 31.23 36.63 -3.04
N THR E 485 32.28 37.24 -2.48
CA THR E 485 33.12 38.17 -3.23
C THR E 485 34.60 37.83 -3.20
N TYR E 486 35.02 36.79 -2.49
CA TYR E 486 36.43 36.38 -2.52
C TYR E 486 36.87 36.11 -3.95
N ASP E 487 37.78 36.93 -4.44
CA ASP E 487 38.30 36.83 -5.79
C ASP E 487 39.68 36.19 -5.75
N HIS E 488 39.87 35.13 -6.53
CA HIS E 488 41.15 34.43 -6.52
C HIS E 488 42.27 35.34 -7.02
N ASP E 489 41.96 36.25 -7.95
CA ASP E 489 43.00 37.11 -8.52
C ASP E 489 43.58 38.07 -7.49
N VAL E 490 42.73 38.63 -6.62
CA VAL E 490 43.19 39.64 -5.68
C VAL E 490 44.24 39.06 -4.73
N TYR E 491 44.02 37.83 -4.26
CA TYR E 491 44.91 37.16 -3.33
C TYR E 491 45.82 36.15 -4.00
N ARG E 492 45.95 36.21 -5.34
CA ARG E 492 46.57 35.12 -6.08
C ARG E 492 48.05 34.96 -5.76
N ASP E 493 48.75 36.08 -5.54
CA ASP E 493 50.21 36.03 -5.41
C ASP E 493 50.66 35.13 -4.27
N GLU E 494 49.81 34.91 -3.28
CA GLU E 494 50.09 33.98 -2.19
C GLU E 494 50.10 32.51 -2.63
N ALA E 495 50.10 32.24 -3.93
CA ALA E 495 50.22 30.87 -4.46
C ALA E 495 51.57 30.28 -4.08
N LEU E 496 52.39 31.07 -3.40
CA LEU E 496 53.69 30.65 -2.90
C LEU E 496 53.59 29.43 -1.98
N ASN E 497 52.35 29.01 -1.69
CA ASN E 497 52.06 27.84 -0.86
C ASN E 497 52.98 26.65 -1.16
N ASN E 498 53.08 26.26 -2.43
CA ASN E 498 53.88 25.10 -2.81
C ASN E 498 55.34 25.30 -2.44
N ARG E 499 55.91 26.44 -2.81
CA ARG E 499 57.29 26.75 -2.44
C ARG E 499 57.42 27.02 -0.94
N ASN F 8 60.38 3.15 -11.17
CA ASN F 8 60.71 3.06 -9.75
C ASN F 8 60.59 4.41 -9.06
N SER F 9 60.55 5.48 -9.86
CA SER F 9 60.42 6.83 -9.30
C SER F 9 59.02 7.06 -8.72
N THR F 10 57.99 6.48 -9.32
CA THR F 10 56.61 6.70 -8.91
C THR F 10 55.94 5.35 -8.64
N ALA F 11 54.87 5.40 -7.84
CA ALA F 11 54.07 4.24 -7.48
C ALA F 11 52.62 4.47 -7.90
N THR F 12 51.77 3.48 -7.65
CA THR F 12 50.37 3.65 -7.98
C THR F 12 49.48 2.89 -6.99
N LEU F 13 48.34 3.50 -6.65
CA LEU F 13 47.40 2.95 -5.68
C LEU F 13 45.99 2.92 -6.27
N CYS F 14 45.51 1.73 -6.63
CA CYS F 14 44.18 1.54 -7.19
C CYS F 14 43.19 1.13 -6.10
N LEU F 15 41.92 1.43 -6.35
CA LEU F 15 40.83 1.13 -5.42
C LEU F 15 39.78 0.28 -6.12
N GLY F 16 39.26 -0.74 -5.42
CA GLY F 16 38.37 -1.67 -6.07
C GLY F 16 37.38 -2.32 -5.12
N HIS F 17 36.47 -3.10 -5.72
CA HIS F 17 35.34 -3.69 -5.01
C HIS F 17 35.23 -5.18 -5.29
N HIS F 18 34.47 -5.85 -4.42
CA HIS F 18 34.29 -7.29 -4.48
C HIS F 18 33.46 -7.68 -5.70
N ALA F 19 33.79 -8.82 -6.32
CA ALA F 19 33.01 -9.35 -7.43
C ALA F 19 33.00 -10.87 -7.36
N VAL F 20 31.98 -11.48 -7.97
CA VAL F 20 31.78 -12.92 -7.93
C VAL F 20 31.54 -13.47 -9.34
N PRO F 21 31.82 -14.75 -9.59
CA PRO F 21 31.54 -15.32 -10.93
C PRO F 21 30.07 -15.65 -11.17
N ASN F 22 29.37 -16.14 -10.15
CA ASN F 22 27.94 -16.42 -10.25
C ASN F 22 27.20 -15.37 -9.43
N GLY F 23 26.48 -14.49 -10.11
CA GLY F 23 25.73 -13.44 -9.45
C GLY F 23 24.23 -13.68 -9.57
N THR F 24 23.47 -13.13 -8.63
CA THR F 24 22.04 -13.30 -8.59
C THR F 24 21.37 -12.05 -9.15
N ILE F 25 20.37 -12.26 -10.01
CA ILE F 25 19.64 -11.15 -10.62
C ILE F 25 18.59 -10.63 -9.64
N VAL F 26 18.54 -9.32 -9.48
CA VAL F 26 17.54 -8.64 -8.66
C VAL F 26 16.99 -7.47 -9.46
N LYS F 27 15.91 -6.89 -8.95
CA LYS F 27 15.20 -5.82 -9.60
C LYS F 27 15.27 -4.54 -8.77
N THR F 28 15.46 -3.42 -9.45
CA THR F 28 15.36 -2.09 -8.88
C THR F 28 14.31 -1.30 -9.65
N ILE F 29 14.02 -0.10 -9.16
CA ILE F 29 13.00 0.73 -9.80
C ILE F 29 13.41 1.09 -11.21
N THR F 30 14.67 1.48 -11.40
CA THR F 30 15.15 1.87 -12.72
C THR F 30 15.26 0.68 -13.66
N ASN F 31 15.87 -0.41 -13.20
CA ASN F 31 16.22 -1.54 -14.06
C ASN F 31 15.65 -2.82 -13.47
N ASP F 32 15.00 -3.62 -14.31
CA ASP F 32 14.45 -4.90 -13.84
C ASP F 32 15.53 -5.95 -13.64
N GLN F 33 16.60 -5.90 -14.43
CA GLN F 33 17.68 -6.90 -14.38
C GLN F 33 18.96 -6.19 -13.96
N ILE F 34 19.37 -6.40 -12.71
CA ILE F 34 20.68 -5.94 -12.25
C ILE F 34 21.28 -7.04 -11.38
N GLU F 35 22.57 -7.30 -11.54
CA GLU F 35 23.21 -8.43 -10.87
C GLU F 35 23.89 -7.99 -9.59
N VAL F 36 23.72 -8.79 -8.54
CA VAL F 36 24.35 -8.53 -7.25
C VAL F 36 25.07 -9.80 -6.80
N THR F 37 25.98 -9.62 -5.85
CA THR F 37 26.77 -10.74 -5.37
C THR F 37 25.94 -11.73 -4.58
N ASN F 38 25.03 -11.25 -3.72
CA ASN F 38 24.35 -12.14 -2.80
C ASN F 38 22.92 -11.64 -2.61
N ALA F 39 21.96 -12.56 -2.64
CA ALA F 39 20.56 -12.20 -2.45
C ALA F 39 19.87 -13.27 -1.63
N THR F 40 18.77 -12.89 -0.99
CA THR F 40 17.97 -13.81 -0.20
C THR F 40 16.52 -13.74 -0.65
N GLU F 41 15.83 -14.88 -0.53
CA GLU F 41 14.46 -15.02 -1.01
C GLU F 41 13.50 -14.72 0.12
N LEU F 42 12.54 -13.84 -0.12
CA LEU F 42 11.64 -13.35 0.91
C LEU F 42 10.29 -14.06 0.97
N VAL F 43 10.05 -15.05 0.11
CA VAL F 43 8.74 -15.70 -0.01
C VAL F 43 8.96 -17.21 0.05
N GLN F 44 8.63 -17.82 1.19
CA GLN F 44 8.63 -19.27 1.32
C GLN F 44 7.62 -19.89 0.37
N SER F 45 8.09 -20.64 -0.62
CA SER F 45 7.23 -21.30 -1.59
C SER F 45 7.30 -22.82 -1.49
N SER F 46 7.90 -23.34 -0.43
CA SER F 46 8.06 -24.78 -0.23
C SER F 46 7.35 -25.19 1.06
N SER F 47 6.72 -26.35 1.02
CA SER F 47 6.00 -26.89 2.17
C SER F 47 6.56 -28.27 2.53
N THR F 48 6.68 -28.52 3.84
CA THR F 48 7.13 -29.83 4.30
C THR F 48 6.15 -30.93 3.90
N GLY F 49 4.89 -30.58 3.67
CA GLY F 49 3.87 -31.54 3.27
C GLY F 49 3.15 -32.22 4.41
N GLU F 50 3.48 -31.90 5.66
CA GLU F 50 2.86 -32.51 6.82
C GLU F 50 2.44 -31.42 7.80
N ILE F 51 1.37 -31.69 8.53
CA ILE F 51 0.88 -30.79 9.56
C ILE F 51 1.61 -31.14 10.85
N CYS F 52 2.49 -30.25 11.30
CA CYS F 52 3.27 -30.50 12.51
C CYS F 52 2.39 -30.24 13.73
N ASP F 53 2.38 -31.20 14.67
CA ASP F 53 1.44 -31.13 15.78
C ASP F 53 1.76 -29.96 16.72
N SER F 54 3.02 -29.75 17.04
CA SER F 54 3.35 -28.68 17.97
C SER F 54 3.39 -27.33 17.26
N PRO F 55 3.11 -26.23 17.99
CA PRO F 55 2.68 -26.15 19.38
C PRO F 55 1.18 -25.88 19.50
N HIS F 56 0.43 -26.14 18.45
CA HIS F 56 -1.00 -25.86 18.40
C HIS F 56 -1.76 -27.18 18.46
N GLN F 57 -2.74 -27.26 19.36
CA GLN F 57 -3.51 -28.49 19.52
C GLN F 57 -4.25 -28.83 18.23
N ILE F 58 -3.91 -29.96 17.62
CA ILE F 58 -4.49 -30.42 16.36
C ILE F 58 -5.33 -31.65 16.64
N LEU F 59 -6.59 -31.62 16.19
CA LEU F 59 -7.49 -32.77 16.29
C LEU F 59 -7.89 -33.20 14.88
N ASP F 60 -7.56 -34.43 14.52
CA ASP F 60 -7.80 -34.94 13.19
C ASP F 60 -9.19 -35.55 13.12
N GLY F 61 -10.03 -35.03 12.21
CA GLY F 61 -11.40 -35.49 12.12
C GLY F 61 -11.53 -36.93 11.62
N LYS F 62 -10.59 -37.38 10.82
CA LYS F 62 -10.61 -38.71 10.19
C LYS F 62 -11.92 -38.81 9.41
N ASN F 63 -12.74 -39.85 9.63
CA ASN F 63 -13.99 -40.00 8.89
C ASN F 63 -15.10 -39.19 9.54
N CYS F 64 -14.88 -37.91 9.82
CA CYS F 64 -15.86 -37.13 10.56
C CYS F 64 -15.79 -35.66 10.17
N THR F 65 -16.90 -34.96 10.39
CA THR F 65 -16.98 -33.51 10.27
C THR F 65 -17.36 -32.93 11.62
N LEU F 66 -17.10 -31.63 11.79
CA LEU F 66 -17.30 -31.01 13.09
C LEU F 66 -18.76 -31.02 13.49
N ILE F 67 -19.67 -30.71 12.56
CA ILE F 67 -21.09 -30.71 12.90
C ILE F 67 -21.55 -32.12 13.23
N ASP F 68 -21.09 -33.12 12.47
CA ASP F 68 -21.44 -34.50 12.77
C ASP F 68 -20.93 -34.91 14.15
N ALA F 69 -19.70 -34.53 14.50
CA ALA F 69 -19.16 -34.87 15.81
C ALA F 69 -19.92 -34.16 16.92
N LEU F 70 -20.32 -32.91 16.69
CA LEU F 70 -21.12 -32.18 17.66
C LEU F 70 -22.46 -32.87 17.91
N LEU F 71 -23.13 -33.28 16.83
CA LEU F 71 -24.42 -33.95 16.95
C LEU F 71 -24.28 -35.32 17.59
N GLY F 72 -23.24 -36.07 17.24
CA GLY F 72 -23.05 -37.39 17.82
C GLY F 72 -23.27 -38.56 16.89
N ASP F 73 -22.78 -38.45 15.66
CA ASP F 73 -22.74 -39.60 14.77
C ASP F 73 -21.94 -40.72 15.45
N PRO F 74 -22.37 -41.98 15.35
CA PRO F 74 -21.72 -43.04 16.12
C PRO F 74 -20.22 -43.13 15.89
N GLN F 75 -19.79 -43.10 14.62
CA GLN F 75 -18.37 -43.19 14.31
C GLN F 75 -17.58 -42.05 14.95
N CYS F 76 -18.21 -40.89 15.12
CA CYS F 76 -17.56 -39.72 15.70
C CYS F 76 -17.61 -39.70 17.22
N ASP F 77 -18.28 -40.67 17.85
CA ASP F 77 -18.41 -40.67 19.30
C ASP F 77 -17.07 -40.67 20.02
N GLY F 78 -15.97 -40.95 19.32
CA GLY F 78 -14.67 -40.88 19.96
C GLY F 78 -14.27 -39.47 20.35
N PHE F 79 -14.63 -38.48 19.52
CA PHE F 79 -14.22 -37.10 19.77
C PHE F 79 -15.04 -36.41 20.86
N GLN F 80 -15.87 -37.15 21.58
CA GLN F 80 -16.78 -36.56 22.55
C GLN F 80 -16.02 -35.94 23.71
N ASN F 81 -16.46 -34.75 24.11
CA ASN F 81 -15.85 -34.00 25.22
C ASN F 81 -14.36 -33.79 24.99
N LYS F 82 -14.02 -33.21 23.83
CA LYS F 82 -12.64 -32.90 23.49
C LYS F 82 -12.54 -31.46 23.03
N LYS F 83 -11.37 -30.87 23.25
CA LYS F 83 -11.11 -29.48 22.88
C LYS F 83 -10.02 -29.45 21.81
N TRP F 84 -9.96 -28.33 21.09
CA TRP F 84 -9.01 -28.20 20.00
C TRP F 84 -8.61 -26.75 19.81
N ASP F 85 -7.39 -26.54 19.32
CA ASP F 85 -6.98 -25.25 18.81
C ASP F 85 -7.25 -25.13 17.32
N LEU F 86 -7.12 -26.24 16.58
CA LEU F 86 -7.44 -26.30 15.16
C LEU F 86 -8.03 -27.66 14.86
N PHE F 87 -9.24 -27.67 14.27
CA PHE F 87 -9.89 -28.89 13.85
C PHE F 87 -9.64 -29.10 12.36
N VAL F 88 -9.33 -30.34 11.99
CA VAL F 88 -9.01 -30.69 10.62
C VAL F 88 -10.08 -31.63 10.10
N GLU F 89 -10.70 -31.24 8.97
CA GLU F 89 -11.74 -32.04 8.34
C GLU F 89 -11.18 -32.70 7.08
N ARG F 90 -11.32 -34.02 7.00
CA ARG F 90 -10.87 -34.75 5.83
C ARG F 90 -11.96 -34.74 4.74
N SER F 91 -11.52 -34.80 3.49
CA SER F 91 -12.47 -34.81 2.37
C SER F 91 -13.33 -36.07 2.39
N LYS F 92 -12.74 -37.20 2.77
CA LYS F 92 -13.43 -38.48 2.80
C LYS F 92 -14.48 -38.57 3.91
N ALA F 93 -14.70 -37.48 4.66
CA ALA F 93 -15.65 -37.50 5.75
C ALA F 93 -17.04 -37.87 5.26
N TYR F 94 -17.69 -38.80 5.97
CA TYR F 94 -19.02 -39.26 5.61
C TYR F 94 -19.85 -39.37 6.88
N SER F 95 -21.17 -39.34 6.70
CA SER F 95 -22.12 -39.42 7.80
C SER F 95 -22.80 -40.79 7.77
N ASN F 96 -22.94 -41.41 8.94
CA ASN F 96 -23.64 -42.69 9.08
C ASN F 96 -24.69 -42.54 10.17
N CYS F 97 -25.83 -41.95 9.79
CA CYS F 97 -26.96 -41.73 10.70
C CYS F 97 -28.11 -41.11 9.92
N TYR F 98 -29.19 -40.76 10.62
CA TYR F 98 -30.35 -40.15 10.00
C TYR F 98 -29.95 -38.96 9.15
N PRO F 99 -30.48 -38.82 7.92
CA PRO F 99 -30.18 -37.64 7.11
C PRO F 99 -30.40 -36.34 7.86
N TYR F 100 -29.34 -35.56 8.04
CA TYR F 100 -29.40 -34.31 8.78
C TYR F 100 -29.10 -33.16 7.84
N ASP F 101 -29.92 -32.12 7.89
CA ASP F 101 -29.67 -30.86 7.21
C ASP F 101 -29.73 -29.74 8.23
N VAL F 102 -28.75 -28.85 8.19
CA VAL F 102 -28.67 -27.78 9.17
C VAL F 102 -28.80 -26.45 8.45
N PRO F 103 -29.91 -25.72 8.62
CA PRO F 103 -29.99 -24.36 8.08
C PRO F 103 -28.89 -23.50 8.67
N ASP F 104 -28.27 -22.70 7.80
CA ASP F 104 -27.09 -21.91 8.17
C ASP F 104 -26.00 -22.81 8.74
N TYR F 105 -25.69 -23.89 8.01
CA TYR F 105 -24.71 -24.86 8.47
C TYR F 105 -23.35 -24.20 8.71
N ALA F 106 -22.98 -23.26 7.85
CA ALA F 106 -21.68 -22.61 7.97
C ALA F 106 -21.57 -21.80 9.26
N SER F 107 -22.68 -21.16 9.69
CA SER F 107 -22.65 -20.38 10.92
C SER F 107 -22.40 -21.27 12.13
N LEU F 108 -23.11 -22.40 12.22
CA LEU F 108 -22.88 -23.34 13.31
C LEU F 108 -21.44 -23.85 13.29
N ARG F 109 -20.97 -24.27 12.11
CA ARG F 109 -19.59 -24.72 11.97
C ARG F 109 -18.62 -23.65 12.49
N SER F 110 -18.83 -22.41 12.06
CA SER F 110 -17.94 -21.31 12.43
C SER F 110 -17.92 -21.07 13.94
N LEU F 111 -19.11 -20.90 14.54
CA LEU F 111 -19.13 -20.53 15.96
C LEU F 111 -18.62 -21.67 16.83
N VAL F 112 -18.94 -22.92 16.46
CA VAL F 112 -18.42 -24.06 17.21
C VAL F 112 -16.89 -24.11 17.11
N ALA F 113 -16.34 -23.95 15.90
CA ALA F 113 -14.89 -23.98 15.74
C ALA F 113 -14.22 -22.84 16.51
N SER F 114 -14.83 -21.65 16.47
CA SER F 114 -14.27 -20.50 17.16
C SER F 114 -14.27 -20.70 18.67
N SER F 115 -15.32 -21.33 19.21
CA SER F 115 -15.33 -21.68 20.63
C SER F 115 -14.17 -22.60 20.97
N GLY F 116 -14.11 -23.76 20.31
CA GLY F 116 -12.98 -24.67 20.42
C GLY F 116 -13.20 -25.90 21.27
N THR F 117 -14.40 -26.12 21.82
CA THR F 117 -14.65 -27.28 22.64
C THR F 117 -15.98 -27.93 22.25
N LEU F 118 -16.02 -29.25 22.36
CA LEU F 118 -17.24 -30.03 22.26
C LEU F 118 -17.79 -30.42 23.62
N GLU F 119 -17.38 -29.70 24.66
CA GLU F 119 -17.75 -30.02 26.04
C GLU F 119 -19.26 -30.03 26.23
N PHE F 120 -19.80 -31.22 26.48
CA PHE F 120 -21.23 -31.43 26.64
C PHE F 120 -21.49 -31.84 28.08
N ASN F 121 -22.33 -31.07 28.78
CA ASN F 121 -22.81 -31.45 30.10
C ASN F 121 -24.24 -31.93 29.98
N ASN F 122 -24.45 -33.21 30.31
CA ASN F 122 -25.78 -33.80 30.26
C ASN F 122 -26.65 -33.17 31.33
N GLU F 123 -27.84 -32.73 30.92
CA GLU F 123 -28.71 -31.96 31.80
C GLU F 123 -30.07 -32.64 31.85
N SER F 124 -30.61 -32.80 33.06
CA SER F 124 -31.89 -33.48 33.25
C SER F 124 -33.04 -32.58 32.84
N PHE F 125 -34.07 -33.18 32.24
CA PHE F 125 -35.28 -32.49 31.85
C PHE F 125 -36.47 -33.21 32.49
N ASN F 126 -37.68 -32.75 32.20
CA ASN F 126 -38.87 -33.44 32.69
C ASN F 126 -39.27 -34.59 31.76
N TRP F 127 -39.54 -34.27 30.49
CA TRP F 127 -39.94 -35.25 29.47
C TRP F 127 -40.94 -36.28 30.02
N THR F 128 -41.95 -35.77 30.74
CA THR F 128 -42.98 -36.63 31.31
C THR F 128 -44.15 -36.71 30.34
N GLY F 129 -44.48 -37.92 29.91
CA GLY F 129 -45.58 -38.16 28.99
C GLY F 129 -45.16 -38.60 27.61
N VAL F 130 -43.87 -38.60 27.31
CA VAL F 130 -43.36 -39.01 26.00
C VAL F 130 -42.31 -40.09 26.19
N THR F 131 -42.35 -41.11 25.32
CA THR F 131 -41.33 -42.14 25.34
C THR F 131 -40.03 -41.61 24.75
N GLN F 132 -38.92 -41.84 25.44
CA GLN F 132 -37.66 -41.22 25.11
C GLN F 132 -36.75 -42.16 24.33
N ASN F 133 -35.49 -41.75 24.17
CA ASN F 133 -34.47 -42.51 23.45
C ASN F 133 -34.73 -42.68 21.96
N GLY F 134 -35.71 -43.48 21.56
CA GLY F 134 -36.10 -43.51 20.17
C GLY F 134 -35.00 -43.91 19.21
N THR F 135 -34.60 -45.18 19.23
CA THR F 135 -33.57 -45.66 18.32
C THR F 135 -34.08 -45.71 16.88
N SER F 136 -33.13 -45.75 15.96
CA SER F 136 -33.43 -45.88 14.54
C SER F 136 -32.44 -46.85 13.90
N SER F 137 -32.84 -47.40 12.75
CA SER F 137 -32.05 -48.43 12.09
C SER F 137 -30.82 -47.84 11.41
N ALA F 138 -30.94 -46.63 10.86
CA ALA F 138 -29.83 -46.04 10.12
C ALA F 138 -28.62 -45.80 11.02
N CYS F 139 -28.85 -45.32 12.23
CA CYS F 139 -27.78 -45.04 13.18
C CYS F 139 -27.47 -46.32 13.95
N ILE F 140 -26.27 -46.86 13.73
CA ILE F 140 -25.88 -48.15 14.30
C ILE F 140 -24.72 -47.93 15.25
N ARG F 141 -24.91 -48.28 16.52
CA ARG F 141 -23.87 -48.22 17.53
C ARG F 141 -23.80 -49.57 18.24
N ARG F 142 -22.62 -50.20 18.23
CA ARG F 142 -22.41 -51.52 18.82
C ARG F 142 -23.37 -52.54 18.23
N SER F 143 -23.57 -52.47 16.91
CA SER F 143 -24.47 -53.37 16.19
C SER F 143 -25.88 -53.35 16.78
N LYS F 144 -26.32 -52.17 17.21
CA LYS F 144 -27.65 -51.97 17.75
C LYS F 144 -28.26 -50.73 17.10
N ASN F 145 -29.57 -50.75 16.91
CA ASN F 145 -30.25 -49.55 16.42
C ASN F 145 -30.11 -48.43 17.43
N SER F 146 -29.83 -47.23 16.95
CA SER F 146 -29.47 -46.13 17.84
C SER F 146 -29.76 -44.81 17.14
N PHE F 147 -29.24 -43.72 17.71
CA PHE F 147 -29.57 -42.37 17.28
C PHE F 147 -28.39 -41.46 17.56
N PHE F 148 -28.56 -40.17 17.26
CA PHE F 148 -27.55 -39.18 17.59
C PHE F 148 -27.36 -39.13 19.11
N SER F 149 -26.10 -39.08 19.54
CA SER F 149 -25.80 -39.20 20.96
C SER F 149 -26.35 -38.04 21.77
N ARG F 150 -26.25 -36.82 21.26
CA ARG F 150 -26.65 -35.63 22.00
C ARG F 150 -28.12 -35.27 21.83
N LEU F 151 -28.88 -36.06 21.08
CA LEU F 151 -30.27 -35.78 20.79
C LEU F 151 -31.15 -36.92 21.30
N ASN F 152 -32.30 -36.57 21.84
CA ASN F 152 -33.23 -37.52 22.45
C ASN F 152 -34.51 -37.49 21.61
N TRP F 153 -34.82 -38.62 20.98
CA TRP F 153 -36.06 -38.71 20.21
C TRP F 153 -37.24 -38.90 21.15
N LEU F 154 -38.30 -38.13 20.92
CA LEU F 154 -39.50 -38.19 21.74
C LEU F 154 -40.61 -38.84 20.92
N THR F 155 -41.13 -39.97 21.40
CA THR F 155 -42.17 -40.72 20.70
C THR F 155 -43.43 -40.78 21.56
N HIS F 156 -44.46 -41.41 21.00
CA HIS F 156 -45.77 -41.45 21.66
C HIS F 156 -45.73 -42.33 22.89
N LEU F 157 -46.54 -41.97 23.88
CA LEU F 157 -46.74 -42.75 25.08
C LEU F 157 -48.23 -43.07 25.21
N ASN F 158 -48.55 -44.36 25.17
CA ASN F 158 -49.94 -44.82 25.13
C ASN F 158 -50.70 -44.17 23.97
N PHE F 159 -50.00 -44.02 22.85
CA PHE F 159 -50.54 -43.36 21.65
C PHE F 159 -51.03 -41.95 21.97
N LYS F 160 -50.26 -41.23 22.78
CA LYS F 160 -50.59 -39.85 23.16
C LYS F 160 -49.30 -39.04 23.24
N TYR F 161 -49.20 -37.99 22.43
CA TYR F 161 -48.14 -37.01 22.56
C TYR F 161 -48.70 -35.82 23.32
N PRO F 162 -48.45 -35.70 24.62
CA PRO F 162 -49.02 -34.59 25.38
C PRO F 162 -48.43 -33.26 24.95
N ALA F 163 -49.22 -32.20 25.12
CA ALA F 163 -48.72 -30.85 24.91
C ALA F 163 -47.58 -30.57 25.88
N LEU F 164 -46.42 -30.20 25.35
CA LEU F 164 -45.19 -30.10 26.12
C LEU F 164 -44.80 -28.64 26.33
N ASN F 165 -44.56 -28.28 27.59
CA ASN F 165 -44.16 -26.95 28.06
C ASN F 165 -42.88 -27.05 28.87
N VAL F 166 -41.88 -27.73 28.32
CA VAL F 166 -40.70 -28.07 29.11
C VAL F 166 -39.79 -26.87 29.23
N THR F 167 -39.26 -26.63 30.43
CA THR F 167 -38.46 -25.45 30.71
C THR F 167 -37.18 -25.82 31.45
N MET F 168 -36.07 -25.20 31.04
CA MET F 168 -34.79 -25.39 31.73
C MET F 168 -34.12 -24.03 31.95
N PRO F 169 -33.73 -23.72 33.21
CA PRO F 169 -33.11 -22.42 33.48
C PRO F 169 -31.60 -22.46 33.44
N ASN F 170 -31.00 -21.50 32.76
CA ASN F 170 -29.57 -21.23 32.88
C ASN F 170 -29.39 -20.21 33.99
N ASN F 171 -28.81 -20.65 35.10
CA ASN F 171 -28.44 -19.76 36.19
C ASN F 171 -26.95 -19.84 36.49
N GLU F 172 -26.18 -20.49 35.63
CA GLU F 172 -24.74 -20.53 35.74
C GLU F 172 -24.14 -19.32 35.02
N GLN F 173 -23.02 -18.83 35.53
CA GLN F 173 -22.47 -17.58 35.01
C GLN F 173 -21.86 -17.70 33.62
N PHE F 174 -21.87 -18.88 33.00
CA PHE F 174 -21.31 -19.06 31.67
C PHE F 174 -22.42 -19.19 30.64
N ASP F 175 -22.21 -18.57 29.48
CA ASP F 175 -23.18 -18.65 28.39
C ASP F 175 -23.32 -20.10 27.92
N LYS F 176 -24.54 -20.50 27.57
CA LYS F 176 -24.81 -21.88 27.21
C LYS F 176 -25.40 -21.98 25.81
N LEU F 177 -25.08 -23.06 25.11
CA LEU F 177 -25.56 -23.30 23.76
C LEU F 177 -26.36 -24.59 23.74
N TYR F 178 -27.59 -24.54 23.23
CA TYR F 178 -28.46 -25.69 23.12
C TYR F 178 -28.72 -26.01 21.66
N ILE F 179 -28.67 -27.31 21.33
CA ILE F 179 -28.90 -27.79 19.98
C ILE F 179 -30.23 -28.52 19.96
N TRP F 180 -31.17 -28.03 19.14
CA TRP F 180 -32.50 -28.61 19.07
C TRP F 180 -32.80 -28.97 17.63
N GLY F 181 -33.83 -29.78 17.42
CA GLY F 181 -34.13 -30.28 16.09
C GLY F 181 -35.60 -30.56 15.87
N VAL F 182 -35.96 -30.58 14.59
CA VAL F 182 -37.31 -30.90 14.14
C VAL F 182 -37.24 -32.05 13.16
N HIS F 183 -38.02 -33.10 13.42
CA HIS F 183 -38.05 -34.27 12.54
C HIS F 183 -39.18 -34.13 11.53
N HIS F 184 -38.84 -34.28 10.25
CA HIS F 184 -39.80 -34.26 9.16
C HIS F 184 -40.03 -35.68 8.66
N PRO F 185 -41.22 -36.24 8.87
CA PRO F 185 -41.49 -37.63 8.51
C PRO F 185 -41.83 -37.78 7.03
N GLY F 186 -41.52 -38.96 6.51
CA GLY F 186 -41.76 -39.22 5.09
C GLY F 186 -43.24 -39.27 4.75
N THR F 187 -44.02 -39.97 5.57
CA THR F 187 -45.44 -40.20 5.28
C THR F 187 -46.29 -39.84 6.50
N ASP F 188 -47.57 -39.61 6.24
CA ASP F 188 -48.51 -39.34 7.33
C ASP F 188 -48.65 -40.53 8.26
N LYS F 189 -48.57 -41.75 7.71
CA LYS F 189 -48.64 -42.95 8.54
C LYS F 189 -47.48 -42.98 9.53
N ASP F 190 -46.28 -42.60 9.09
CA ASP F 190 -45.14 -42.52 10.00
C ASP F 190 -45.38 -41.49 11.09
N GLN F 191 -45.95 -40.34 10.74
CA GLN F 191 -46.25 -39.32 11.73
C GLN F 191 -47.23 -39.83 12.78
N ILE F 192 -48.29 -40.51 12.34
CA ILE F 192 -49.29 -41.03 13.27
C ILE F 192 -48.67 -42.09 14.18
N PHE F 193 -47.86 -42.99 13.60
CA PHE F 193 -47.24 -44.03 14.41
C PHE F 193 -46.27 -43.45 15.43
N LEU F 194 -45.44 -42.49 15.02
CA LEU F 194 -44.41 -41.96 15.90
C LEU F 194 -44.99 -41.07 16.98
N TYR F 195 -45.96 -40.23 16.63
CA TYR F 195 -46.42 -39.18 17.54
C TYR F 195 -47.89 -39.27 17.92
N ALA F 196 -48.72 -39.94 17.12
CA ALA F 196 -50.16 -40.09 17.35
C ALA F 196 -50.89 -38.75 17.40
N GLN F 197 -50.25 -37.68 16.95
CA GLN F 197 -50.87 -36.36 16.88
C GLN F 197 -50.57 -35.76 15.50
N ALA F 198 -51.40 -34.82 15.09
CA ALA F 198 -51.14 -34.13 13.84
C ALA F 198 -49.90 -33.24 13.98
N SER F 199 -49.44 -32.72 12.84
CA SER F 199 -48.24 -31.90 12.83
C SER F 199 -48.41 -30.70 13.75
N GLY F 200 -47.40 -30.45 14.58
CA GLY F 200 -47.48 -29.38 15.56
C GLY F 200 -46.24 -28.52 15.63
N ARG F 201 -46.44 -27.21 15.57
CA ARG F 201 -45.31 -26.29 15.52
C ARG F 201 -44.48 -26.38 16.81
N ILE F 202 -43.16 -26.35 16.64
CA ILE F 202 -42.22 -26.39 17.75
C ILE F 202 -41.69 -24.99 17.96
N THR F 203 -41.79 -24.49 19.20
CA THR F 203 -41.27 -23.16 19.52
C THR F 203 -40.29 -23.27 20.68
N VAL F 204 -39.07 -22.79 20.47
CA VAL F 204 -38.05 -22.66 21.51
C VAL F 204 -37.86 -21.16 21.75
N SER F 205 -38.06 -20.74 22.99
CA SER F 205 -38.02 -19.32 23.30
C SER F 205 -37.17 -19.09 24.54
N THR F 206 -36.25 -18.13 24.43
CA THR F 206 -35.60 -17.53 25.57
C THR F 206 -36.34 -16.24 25.91
N LYS F 207 -35.84 -15.51 26.91
CA LYS F 207 -36.38 -14.18 27.15
C LYS F 207 -36.04 -13.24 25.99
N ARG F 208 -34.85 -13.39 25.42
CA ARG F 208 -34.39 -12.46 24.39
C ARG F 208 -35.01 -12.74 23.02
N SER F 209 -35.18 -14.00 22.64
CA SER F 209 -35.61 -14.30 21.28
C SER F 209 -36.50 -15.53 21.26
N GLN F 210 -37.31 -15.61 20.19
CA GLN F 210 -38.19 -16.74 19.94
C GLN F 210 -37.85 -17.35 18.58
N GLN F 211 -37.83 -18.67 18.51
CA GLN F 211 -37.62 -19.39 17.26
C GLN F 211 -38.73 -20.41 17.09
N THR F 212 -39.51 -20.26 16.03
CA THR F 212 -40.64 -21.13 15.74
C THR F 212 -40.39 -21.84 14.42
N VAL F 213 -40.54 -23.17 14.43
CA VAL F 213 -40.39 -23.98 13.22
C VAL F 213 -41.57 -24.90 13.13
N SER F 214 -42.17 -24.99 11.92
CA SER F 214 -43.35 -25.82 11.67
C SER F 214 -42.95 -27.08 10.92
N PRO F 215 -43.29 -28.27 11.43
CA PRO F 215 -42.93 -29.50 10.72
C PRO F 215 -43.59 -29.57 9.35
N ASN F 216 -42.83 -30.08 8.38
CA ASN F 216 -43.31 -30.29 7.02
C ASN F 216 -43.23 -31.79 6.73
N ILE F 217 -44.38 -32.40 6.48
CA ILE F 217 -44.47 -33.84 6.28
C ILE F 217 -44.56 -34.10 4.78
N GLY F 218 -43.56 -34.80 4.26
CA GLY F 218 -43.57 -35.16 2.86
C GLY F 218 -42.43 -36.10 2.52
N SER F 219 -42.61 -36.83 1.42
CA SER F 219 -41.57 -37.73 0.94
C SER F 219 -40.42 -36.93 0.33
N ARG F 220 -39.21 -37.41 0.53
CA ARG F 220 -38.01 -36.72 0.08
C ARG F 220 -37.04 -37.78 -0.44
N PRO F 221 -36.09 -37.38 -1.31
CA PRO F 221 -35.21 -38.37 -1.94
C PRO F 221 -34.46 -39.21 -0.90
N ARG F 222 -34.34 -40.49 -1.19
CA ARG F 222 -33.80 -41.42 -0.20
C ARG F 222 -32.32 -41.18 0.03
N VAL F 223 -31.93 -41.03 1.29
CA VAL F 223 -30.54 -40.93 1.69
C VAL F 223 -30.29 -42.00 2.74
N ARG F 224 -29.36 -42.91 2.44
CA ARG F 224 -29.08 -44.05 3.31
C ARG F 224 -30.35 -44.85 3.59
N ASN F 225 -31.18 -44.99 2.54
CA ASN F 225 -32.45 -45.71 2.60
C ASN F 225 -33.41 -45.11 3.63
N ILE F 226 -33.26 -43.82 3.91
CA ILE F 226 -34.15 -43.11 4.84
C ILE F 226 -34.73 -41.88 4.15
N PRO F 227 -36.00 -41.87 3.78
CA PRO F 227 -36.56 -40.69 3.12
C PRO F 227 -36.80 -39.52 4.05
N SER F 228 -37.13 -39.78 5.31
CA SER F 228 -37.40 -38.70 6.26
C SER F 228 -36.11 -37.96 6.60
N ARG F 229 -36.26 -36.73 7.10
CA ARG F 229 -35.08 -35.94 7.45
C ARG F 229 -35.28 -35.27 8.80
N ILE F 230 -34.19 -34.66 9.29
CA ILE F 230 -34.21 -33.89 10.52
C ILE F 230 -33.46 -32.59 10.29
N SER F 231 -34.08 -31.47 10.63
CA SER F 231 -33.46 -30.15 10.54
C SER F 231 -33.00 -29.72 11.92
N ILE F 232 -31.76 -29.26 12.02
CA ILE F 232 -31.13 -28.94 13.30
C ILE F 232 -30.93 -27.43 13.39
N TYR F 233 -31.34 -26.84 14.51
CA TYR F 233 -31.18 -25.43 14.79
C TYR F 233 -30.50 -25.26 16.14
N TRP F 234 -29.95 -24.07 16.38
CA TRP F 234 -29.23 -23.77 17.60
C TRP F 234 -29.85 -22.57 18.30
N THR F 235 -29.86 -22.61 19.64
CA THR F 235 -30.33 -21.51 20.46
C THR F 235 -29.34 -21.22 21.56
N ILE F 236 -28.97 -19.95 21.71
CA ILE F 236 -28.02 -19.51 22.73
C ILE F 236 -28.81 -18.99 23.93
N VAL F 237 -28.44 -19.45 25.11
CA VAL F 237 -29.06 -19.02 26.35
C VAL F 237 -28.04 -18.20 27.14
N LYS F 238 -28.43 -16.97 27.47
CA LYS F 238 -27.57 -16.00 28.14
C LYS F 238 -27.46 -16.38 29.62
N PRO F 239 -26.67 -15.58 30.46
CA PRO F 239 -26.34 -16.10 31.79
C PRO F 239 -27.53 -16.36 32.72
N GLY F 240 -28.40 -15.36 32.89
CA GLY F 240 -29.68 -15.56 33.50
C GLY F 240 -30.78 -15.56 32.46
N ASP F 241 -31.20 -16.74 32.03
CA ASP F 241 -32.22 -16.87 31.01
C ASP F 241 -32.83 -18.26 31.13
N ILE F 242 -33.93 -18.46 30.41
CA ILE F 242 -34.72 -19.69 30.50
C ILE F 242 -35.04 -20.17 29.10
N LEU F 243 -34.80 -21.46 28.84
CA LEU F 243 -35.18 -22.07 27.57
C LEU F 243 -36.51 -22.76 27.78
N LEU F 244 -37.55 -22.25 27.12
CA LEU F 244 -38.89 -22.80 27.20
C LEU F 244 -39.27 -23.39 25.84
N ILE F 245 -39.67 -24.66 25.83
CA ILE F 245 -39.97 -25.40 24.60
C ILE F 245 -41.43 -25.82 24.65
N ASN F 246 -42.21 -25.39 23.65
CA ASN F 246 -43.60 -25.79 23.49
C ASN F 246 -43.66 -26.68 22.26
N SER F 247 -44.15 -27.92 22.44
CA SER F 247 -44.16 -28.90 21.36
C SER F 247 -45.37 -29.80 21.47
N THR F 248 -46.13 -29.93 20.39
CA THR F 248 -47.19 -30.91 20.29
C THR F 248 -46.77 -32.12 19.47
N GLY F 249 -45.57 -32.13 18.94
CA GLY F 249 -45.07 -33.27 18.21
C GLY F 249 -43.83 -32.92 17.42
N ASN F 250 -43.23 -33.96 16.85
CA ASN F 250 -42.10 -33.84 15.92
C ASN F 250 -40.95 -33.05 16.51
N LEU F 251 -40.56 -33.40 17.74
CA LEU F 251 -39.48 -32.69 18.44
C LEU F 251 -38.32 -33.65 18.69
N ILE F 252 -37.17 -33.37 18.06
CA ILE F 252 -35.90 -33.98 18.44
C ILE F 252 -35.29 -33.11 19.53
N ALA F 253 -35.15 -33.65 20.75
CA ALA F 253 -34.95 -32.76 21.88
C ALA F 253 -33.49 -32.77 22.35
N PRO F 254 -33.04 -31.68 22.97
CA PRO F 254 -31.68 -31.67 23.52
C PRO F 254 -31.56 -32.57 24.74
N ARG F 255 -30.33 -33.03 24.99
CA ARG F 255 -30.01 -33.76 26.21
C ARG F 255 -29.19 -32.97 27.20
N GLY F 256 -28.58 -31.87 26.79
CA GLY F 256 -27.75 -31.09 27.69
C GLY F 256 -27.21 -29.88 26.96
N TYR F 257 -26.23 -29.23 27.59
CA TYR F 257 -25.73 -27.97 27.05
C TYR F 257 -24.25 -28.07 26.69
N PHE F 258 -23.88 -27.28 25.68
CA PHE F 258 -22.50 -27.10 25.27
C PHE F 258 -21.99 -25.76 25.80
N LYS F 259 -20.68 -25.55 25.63
CA LYS F 259 -20.02 -24.33 26.09
C LYS F 259 -19.60 -23.50 24.88
N ILE F 260 -20.02 -22.24 24.87
CA ILE F 260 -19.63 -21.29 23.82
C ILE F 260 -18.67 -20.27 24.44
N ARG F 261 -17.50 -20.15 23.83
CA ARG F 261 -16.42 -19.30 24.33
C ARG F 261 -16.19 -18.15 23.36
N SER F 262 -15.12 -17.38 23.62
CA SER F 262 -14.67 -16.34 22.71
C SER F 262 -13.87 -16.99 21.58
N GLY F 263 -13.24 -16.17 20.74
CA GLY F 263 -12.59 -16.69 19.55
C GLY F 263 -11.08 -16.79 19.62
N LYS F 264 -10.56 -18.02 19.75
CA LYS F 264 -9.12 -18.27 19.67
C LYS F 264 -8.78 -19.47 18.81
N SER F 265 -9.77 -20.22 18.32
CA SER F 265 -9.56 -21.45 17.57
C SER F 265 -10.30 -21.36 16.25
N SER F 266 -9.89 -22.20 15.29
CA SER F 266 -10.48 -22.20 13.96
C SER F 266 -10.57 -23.63 13.44
N ILE F 267 -11.01 -23.76 12.20
CA ILE F 267 -11.18 -25.06 11.54
C ILE F 267 -10.63 -24.96 10.12
N MET F 268 -10.00 -26.03 9.65
CA MET F 268 -9.34 -26.04 8.35
C MET F 268 -9.63 -27.34 7.63
N ARG F 269 -9.84 -27.26 6.31
CA ARG F 269 -10.08 -28.42 5.47
C ARG F 269 -8.76 -28.81 4.79
N SER F 270 -8.30 -30.03 5.06
CA SER F 270 -7.03 -30.49 4.50
C SER F 270 -6.92 -32.00 4.67
N ASP F 271 -6.27 -32.65 3.70
CA ASP F 271 -6.00 -34.09 3.76
C ASP F 271 -4.55 -34.40 4.13
N ALA F 272 -3.73 -33.39 4.42
CA ALA F 272 -2.33 -33.63 4.70
C ALA F 272 -2.16 -34.38 6.03
N PRO F 273 -1.13 -35.21 6.14
CA PRO F 273 -0.95 -36.00 7.36
C PRO F 273 -0.45 -35.13 8.52
N ILE F 274 -0.64 -35.67 9.72
CA ILE F 274 -0.17 -35.03 10.94
C ILE F 274 1.20 -35.58 11.29
N GLY F 275 2.16 -34.68 11.56
CA GLY F 275 3.53 -35.07 11.84
C GLY F 275 4.00 -34.57 13.20
N LYS F 276 5.13 -35.11 13.64
CA LYS F 276 5.70 -34.79 14.96
C LYS F 276 6.83 -33.78 14.78
N CYS F 277 6.45 -32.51 14.74
CA CYS F 277 7.42 -31.41 14.64
C CYS F 277 6.78 -30.17 15.27
N ASN F 278 7.53 -29.08 15.30
CA ASN F 278 7.10 -27.86 15.98
C ASN F 278 7.24 -26.68 15.01
N SER F 279 6.10 -26.16 14.55
CA SER F 279 6.08 -24.97 13.69
C SER F 279 4.91 -24.09 14.07
N GLU F 280 5.15 -22.78 14.17
CA GLU F 280 4.11 -21.85 14.63
C GLU F 280 3.02 -21.66 13.58
N CYS F 281 3.34 -21.82 12.30
CA CYS F 281 2.40 -21.59 11.22
C CYS F 281 1.94 -22.91 10.60
N ILE F 282 0.66 -22.98 10.28
CA ILE F 282 0.04 -24.15 9.65
C ILE F 282 -0.83 -23.69 8.49
N THR F 283 -0.60 -24.26 7.31
CA THR F 283 -1.37 -24.06 6.10
C THR F 283 -1.95 -25.38 5.65
N PRO F 284 -3.00 -25.38 4.82
CA PRO F 284 -3.59 -26.66 4.39
C PRO F 284 -2.60 -27.62 3.77
N ASN F 285 -1.64 -27.11 2.99
CA ASN F 285 -0.63 -27.99 2.40
C ASN F 285 0.27 -28.60 3.47
N GLY F 286 0.60 -27.85 4.51
CA GLY F 286 1.53 -28.34 5.52
C GLY F 286 1.89 -27.31 6.55
N SER F 287 3.18 -27.18 6.85
CA SER F 287 3.67 -26.15 7.75
C SER F 287 4.84 -25.44 7.10
N ILE F 288 4.93 -24.14 7.32
CA ILE F 288 5.96 -23.33 6.69
C ILE F 288 6.69 -22.51 7.76
N PRO F 289 7.97 -22.21 7.58
CA PRO F 289 8.67 -21.37 8.55
C PRO F 289 8.11 -19.95 8.55
N ASN F 290 8.12 -19.34 9.74
CA ASN F 290 7.73 -17.95 9.87
C ASN F 290 8.91 -17.00 9.70
N ASP F 291 10.07 -17.53 9.32
CA ASP F 291 11.25 -16.69 9.14
C ASP F 291 11.04 -15.68 8.02
N LYS F 292 10.56 -16.14 6.87
CA LYS F 292 10.42 -15.27 5.71
C LYS F 292 9.17 -14.41 5.86
N PRO F 293 9.25 -13.10 5.59
CA PRO F 293 8.08 -12.23 5.80
C PRO F 293 6.87 -12.57 4.96
N PHE F 294 7.07 -13.09 3.74
CA PHE F 294 5.97 -13.33 2.82
C PHE F 294 5.90 -14.82 2.46
N GLN F 295 4.76 -15.24 1.94
CA GLN F 295 4.54 -16.63 1.58
C GLN F 295 3.67 -16.72 0.33
N ASN F 296 3.85 -17.81 -0.42
CA ASN F 296 3.11 -18.05 -1.65
C ASN F 296 2.43 -19.42 -1.67
N VAL F 297 2.38 -20.12 -0.54
CA VAL F 297 1.89 -21.49 -0.55
C VAL F 297 0.37 -21.53 -0.72
N ASN F 298 -0.36 -20.97 0.24
CA ASN F 298 -1.82 -21.02 0.20
C ASN F 298 -2.37 -19.90 1.06
N ARG F 299 -3.54 -19.40 0.66
CA ARG F 299 -4.14 -18.25 1.34
C ARG F 299 -4.57 -18.59 2.77
N ILE F 300 -5.13 -19.78 2.98
CA ILE F 300 -5.63 -20.14 4.30
C ILE F 300 -4.46 -20.35 5.26
N THR F 301 -4.54 -19.71 6.42
CA THR F 301 -3.45 -19.76 7.38
C THR F 301 -4.02 -19.74 8.80
N TYR F 302 -3.24 -20.28 9.73
CA TYR F 302 -3.58 -20.25 11.16
C TYR F 302 -2.31 -19.98 11.96
N GLY F 303 -2.38 -18.99 12.84
CA GLY F 303 -1.25 -18.64 13.69
C GLY F 303 -0.35 -17.60 13.06
N ALA F 304 0.80 -17.40 13.72
CA ALA F 304 1.81 -16.47 13.22
C ALA F 304 2.38 -16.97 11.90
N CYS F 305 2.04 -16.30 10.80
CA CYS F 305 2.35 -16.76 9.46
C CYS F 305 2.85 -15.62 8.61
N PRO F 306 3.63 -15.92 7.58
CA PRO F 306 3.97 -14.88 6.60
C PRO F 306 2.72 -14.40 5.87
N ARG F 307 2.75 -13.12 5.48
CA ARG F 307 1.65 -12.56 4.72
C ARG F 307 1.63 -13.17 3.33
N TYR F 308 0.43 -13.50 2.84
CA TYR F 308 0.29 -14.16 1.55
C TYR F 308 0.39 -13.13 0.41
N VAL F 309 1.12 -13.52 -0.65
CA VAL F 309 1.29 -12.71 -1.85
C VAL F 309 1.14 -13.60 -3.07
N LYS F 310 1.04 -12.97 -4.24
CA LYS F 310 0.91 -13.73 -5.48
C LYS F 310 2.25 -14.00 -6.15
N GLN F 311 3.21 -13.10 -6.03
CA GLN F 311 4.48 -13.24 -6.73
C GLN F 311 5.18 -14.53 -6.31
N ASN F 312 5.73 -15.24 -7.30
CA ASN F 312 6.38 -16.52 -7.01
C ASN F 312 7.72 -16.33 -6.30
N THR F 313 8.49 -15.31 -6.69
CA THR F 313 9.78 -15.05 -6.08
C THR F 313 10.03 -13.55 -5.97
N LEU F 314 10.65 -13.14 -4.86
CA LEU F 314 11.03 -11.76 -4.62
C LEU F 314 12.42 -11.77 -4.01
N LYS F 315 13.43 -11.32 -4.76
CA LYS F 315 14.82 -11.42 -4.34
C LYS F 315 15.26 -10.10 -3.72
N LEU F 316 15.70 -10.15 -2.47
CA LEU F 316 16.21 -8.98 -1.76
C LEU F 316 17.73 -9.06 -1.78
N ALA F 317 18.36 -8.03 -2.35
CA ALA F 317 19.80 -8.01 -2.53
C ALA F 317 20.50 -7.77 -1.20
N THR F 318 21.49 -8.60 -0.89
CA THR F 318 22.30 -8.45 0.31
C THR F 318 23.75 -8.13 0.00
N GLY F 319 24.06 -7.79 -1.26
CA GLY F 319 25.43 -7.49 -1.65
C GLY F 319 25.45 -6.42 -2.72
N MET F 320 26.65 -5.97 -3.03
CA MET F 320 26.84 -4.88 -3.98
C MET F 320 26.67 -5.37 -5.42
N ARG F 321 26.68 -4.42 -6.34
CA ARG F 321 26.62 -4.72 -7.76
C ARG F 321 27.80 -5.57 -8.18
N ASN F 322 27.56 -6.53 -9.07
CA ASN F 322 28.61 -7.40 -9.58
C ASN F 322 29.05 -6.91 -10.95
N VAL F 323 30.30 -6.45 -11.05
CA VAL F 323 30.85 -5.91 -12.28
C VAL F 323 32.17 -6.62 -12.54
N PRO F 324 32.31 -7.40 -13.62
CA PRO F 324 33.52 -8.18 -13.82
C PRO F 324 34.73 -7.39 -14.32
N GLU F 325 35.88 -8.07 -14.29
CA GLU F 325 37.17 -7.43 -14.55
C GLU F 325 37.38 -7.25 -16.04
N LYS F 326 38.42 -6.49 -16.39
CA LYS F 326 38.79 -6.17 -17.75
C LYS F 326 40.20 -6.67 -18.04
N GLN F 327 40.31 -7.59 -19.01
CA GLN F 327 41.56 -8.07 -19.59
C GLN F 327 42.75 -8.17 -18.63
N THR F 328 43.90 -7.63 -19.04
CA THR F 328 45.15 -7.79 -18.30
C THR F 328 45.30 -6.75 -17.18
N GLY F 333 48.20 -3.91 -18.80
CA GLY F 333 49.15 -4.69 -18.02
C GLY F 333 49.33 -4.17 -16.61
N ALA F 334 48.40 -3.33 -16.17
CA ALA F 334 48.45 -2.73 -14.84
C ALA F 334 47.08 -2.79 -14.20
N ILE F 335 47.06 -2.56 -12.89
CA ILE F 335 45.80 -2.60 -12.14
C ILE F 335 44.94 -1.38 -12.49
N ALA F 336 43.64 -1.51 -12.19
CA ALA F 336 42.66 -0.50 -12.54
C ALA F 336 41.75 -0.25 -11.34
N GLY F 337 40.83 0.71 -11.51
CA GLY F 337 40.01 1.19 -10.42
C GLY F 337 38.52 0.94 -10.61
N PHE F 338 37.76 1.19 -9.55
CA PHE F 338 36.36 0.80 -9.44
C PHE F 338 35.47 1.46 -10.49
N ILE F 339 35.98 2.40 -11.27
CA ILE F 339 35.15 3.15 -12.20
C ILE F 339 34.44 2.19 -13.16
N GLU F 340 35.19 1.24 -13.73
CA GLU F 340 34.60 0.15 -14.52
C GLU F 340 35.22 -1.20 -14.22
N ASN F 341 36.28 -1.26 -13.43
CA ASN F 341 36.98 -2.50 -13.14
C ASN F 341 36.41 -3.15 -11.89
N GLY F 342 36.48 -4.48 -11.85
CA GLY F 342 36.06 -5.23 -10.68
C GLY F 342 37.10 -6.27 -10.31
N TRP F 343 37.21 -6.54 -9.02
CA TRP F 343 38.23 -7.42 -8.48
C TRP F 343 37.61 -8.75 -8.09
N GLU F 344 37.74 -9.74 -8.97
CA GLU F 344 37.28 -11.10 -8.66
C GLU F 344 38.07 -11.70 -7.51
N GLY F 345 39.37 -11.40 -7.45
CA GLY F 345 40.25 -12.06 -6.50
C GLY F 345 39.97 -11.69 -5.05
N MET F 346 39.62 -10.42 -4.80
CA MET F 346 39.45 -9.98 -3.42
C MET F 346 38.35 -10.74 -2.71
N VAL F 347 38.72 -11.40 -1.61
CA VAL F 347 37.76 -12.14 -0.79
C VAL F 347 37.77 -11.71 0.68
N ASP F 348 38.85 -11.14 1.21
CA ASP F 348 38.89 -10.75 2.62
C ASP F 348 37.88 -9.67 2.95
N GLY F 349 37.63 -8.75 2.01
CA GLY F 349 36.68 -7.67 2.23
C GLY F 349 36.03 -7.25 0.92
N TRP F 350 34.99 -6.43 1.04
CA TRP F 350 34.28 -5.97 -0.15
C TRP F 350 35.05 -4.84 -0.85
N TYR F 351 35.53 -3.87 -0.10
CA TYR F 351 36.24 -2.72 -0.65
C TYR F 351 37.72 -2.80 -0.30
N GLY F 352 38.59 -2.46 -1.24
CA GLY F 352 40.01 -2.61 -0.96
C GLY F 352 40.92 -1.76 -1.82
N PHE F 353 42.20 -1.78 -1.43
CA PHE F 353 43.28 -1.09 -2.12
C PHE F 353 44.25 -2.11 -2.72
N ARG F 354 44.74 -1.80 -3.92
CA ARG F 354 45.81 -2.57 -4.54
C ARG F 354 46.94 -1.60 -4.89
N HIS F 355 48.18 -2.05 -4.73
CA HIS F 355 49.34 -1.18 -4.87
C HIS F 355 50.37 -1.81 -5.79
N GLN F 356 50.92 -1.00 -6.69
CA GLN F 356 52.09 -1.35 -7.48
C GLN F 356 53.19 -0.35 -7.16
N ASN F 357 54.26 -0.86 -6.56
CA ASN F 357 55.37 -0.03 -6.11
C ASN F 357 56.72 -0.65 -6.48
N SER F 358 57.80 -0.09 -5.94
CA SER F 358 59.13 -0.62 -6.23
C SER F 358 59.27 -2.07 -5.78
N GLU F 359 58.70 -2.42 -4.62
CA GLU F 359 58.86 -3.77 -4.09
C GLU F 359 58.06 -4.79 -4.89
N GLY F 360 56.74 -4.65 -4.90
CA GLY F 360 55.91 -5.59 -5.64
C GLY F 360 54.44 -5.30 -5.45
N ARG F 361 53.65 -5.84 -6.39
CA ARG F 361 52.20 -5.63 -6.36
C ARG F 361 51.56 -6.38 -5.20
N GLY F 362 50.57 -5.74 -4.58
CA GLY F 362 49.88 -6.36 -3.47
C GLY F 362 48.48 -5.80 -3.29
N GLN F 363 47.73 -6.43 -2.38
CA GLN F 363 46.36 -6.03 -2.11
C GLN F 363 46.08 -6.08 -0.61
N ALA F 364 45.10 -5.28 -0.20
CA ALA F 364 44.57 -5.32 1.16
C ALA F 364 43.18 -4.72 1.13
N ALA F 365 42.45 -4.89 2.24
CA ALA F 365 41.05 -4.48 2.32
C ALA F 365 40.83 -3.51 3.46
N ASP F 366 39.93 -2.55 3.24
CA ASP F 366 39.50 -1.61 4.28
C ASP F 366 38.33 -2.25 5.03
N LEU F 367 38.63 -2.86 6.17
CA LEU F 367 37.64 -3.67 6.87
C LEU F 367 36.49 -2.82 7.39
N LYS F 368 36.79 -1.59 7.82
CA LYS F 368 35.79 -0.75 8.46
C LYS F 368 34.64 -0.42 7.51
N SER F 369 34.96 -0.03 6.28
CA SER F 369 33.91 0.31 5.31
C SER F 369 33.06 -0.91 4.96
N THR F 370 33.70 -2.06 4.74
CA THR F 370 32.97 -3.28 4.48
C THR F 370 31.98 -3.57 5.60
N GLN F 371 32.46 -3.48 6.84
CA GLN F 371 31.57 -3.76 7.97
C GLN F 371 30.48 -2.71 8.11
N ALA F 372 30.73 -1.46 7.73
CA ALA F 372 29.68 -0.46 7.79
C ALA F 372 28.54 -0.81 6.82
N ALA F 373 28.90 -1.15 5.58
CA ALA F 373 27.89 -1.55 4.61
C ALA F 373 27.15 -2.81 5.09
N ILE F 374 27.90 -3.78 5.63
CA ILE F 374 27.29 -5.00 6.16
C ILE F 374 26.33 -4.68 7.30
N ASP F 375 26.70 -3.74 8.17
CA ASP F 375 25.85 -3.39 9.30
C ASP F 375 24.53 -2.81 8.83
N GLN F 376 24.57 -1.93 7.82
CA GLN F 376 23.31 -1.34 7.35
C GLN F 376 22.43 -2.37 6.65
N ILE F 377 23.04 -3.21 5.79
CA ILE F 377 22.27 -4.27 5.15
C ILE F 377 21.71 -5.23 6.18
N ASN F 378 22.52 -5.57 7.19
CA ASN F 378 22.09 -6.49 8.22
C ASN F 378 20.94 -5.88 9.03
N GLY F 379 20.96 -4.56 9.23
CA GLY F 379 19.88 -3.92 9.95
C GLY F 379 18.56 -3.98 9.21
N LYS F 380 18.57 -3.70 7.90
CA LYS F 380 17.32 -3.85 7.16
C LYS F 380 16.87 -5.31 7.17
N LEU F 381 17.82 -6.25 7.10
CA LEU F 381 17.45 -7.66 7.20
C LEU F 381 16.79 -7.98 8.54
N ASN F 382 17.32 -7.42 9.64
CA ASN F 382 16.69 -7.59 10.96
C ASN F 382 15.26 -7.11 10.93
N ARG F 383 15.02 -5.92 10.41
CA ARG F 383 13.67 -5.38 10.48
C ARG F 383 12.70 -5.99 9.46
N LEU F 384 13.20 -6.70 8.44
CA LEU F 384 12.29 -7.23 7.43
C LEU F 384 11.86 -8.68 7.68
N ILE F 385 12.70 -9.51 8.28
CA ILE F 385 12.39 -10.93 8.43
C ILE F 385 11.86 -11.28 9.81
N GLY F 386 11.62 -10.28 10.66
CA GLY F 386 11.13 -10.57 12.00
C GLY F 386 9.68 -10.18 12.21
N LYS F 387 8.86 -10.39 11.18
CA LYS F 387 7.45 -10.01 11.22
C LYS F 387 6.59 -11.24 11.48
N THR F 388 5.78 -11.17 12.55
CA THR F 388 4.82 -12.21 12.89
C THR F 388 3.42 -11.63 12.79
N ASN F 389 2.63 -12.14 11.86
CA ASN F 389 1.25 -11.72 11.67
C ASN F 389 0.34 -12.85 12.13
N GLU F 390 -0.25 -12.70 13.31
CA GLU F 390 -1.13 -13.72 13.86
C GLU F 390 -2.51 -13.58 13.24
N LYS F 391 -3.02 -14.67 12.64
CA LYS F 391 -4.36 -14.71 12.05
C LYS F 391 -5.03 -15.99 12.55
N PHE F 392 -5.64 -15.93 13.74
CA PHE F 392 -6.24 -17.13 14.32
C PHE F 392 -7.52 -17.52 13.60
N HIS F 393 -8.44 -16.59 13.40
CA HIS F 393 -9.69 -16.90 12.73
C HIS F 393 -9.79 -16.08 11.46
N GLN F 394 -10.47 -16.65 10.47
CA GLN F 394 -10.49 -16.06 9.13
C GLN F 394 -11.69 -16.64 8.39
N ILE F 395 -12.09 -15.93 7.33
CA ILE F 395 -13.21 -16.39 6.50
C ILE F 395 -12.78 -17.60 5.67
N GLU F 396 -13.69 -18.53 5.48
CA GLU F 396 -13.45 -19.62 4.53
C GLU F 396 -13.36 -19.06 3.12
N LYS F 397 -12.36 -19.51 2.37
CA LYS F 397 -12.14 -19.01 1.02
C LYS F 397 -12.49 -20.00 -0.07
N GLU F 398 -12.15 -21.28 0.09
CA GLU F 398 -12.63 -22.29 -0.83
C GLU F 398 -14.13 -22.50 -0.62
N PHE F 399 -14.89 -22.47 -1.71
CA PHE F 399 -16.34 -22.63 -1.66
C PHE F 399 -16.75 -23.83 -2.49
N SER F 400 -17.58 -24.70 -1.92
CA SER F 400 -18.05 -25.87 -2.64
C SER F 400 -19.22 -25.53 -3.56
N GLU F 401 -20.30 -25.01 -2.98
CA GLU F 401 -21.51 -24.66 -3.71
C GLU F 401 -21.47 -23.16 -4.00
N VAL F 402 -22.46 -22.66 -4.72
CA VAL F 402 -22.50 -21.27 -5.21
C VAL F 402 -23.75 -20.57 -4.69
N GLU F 403 -23.54 -19.49 -3.90
CA GLU F 403 -24.66 -18.85 -3.20
C GLU F 403 -24.70 -17.34 -3.40
N GLY F 404 -24.08 -16.82 -4.45
CA GLY F 404 -24.28 -15.43 -4.82
C GLY F 404 -23.68 -14.39 -3.89
N ARG F 405 -24.51 -13.55 -3.30
CA ARG F 405 -24.03 -12.32 -2.66
C ARG F 405 -23.08 -12.61 -1.50
N ILE F 406 -23.42 -13.56 -0.65
CA ILE F 406 -22.52 -13.91 0.44
C ILE F 406 -21.20 -14.41 -0.12
N GLN F 407 -21.25 -15.25 -1.15
CA GLN F 407 -20.02 -15.74 -1.78
C GLN F 407 -19.26 -14.62 -2.48
N ASP F 408 -19.98 -13.76 -3.23
CA ASP F 408 -19.31 -12.78 -4.08
C ASP F 408 -18.47 -11.81 -3.26
N LEU F 409 -19.01 -11.32 -2.14
CA LEU F 409 -18.24 -10.41 -1.29
C LEU F 409 -17.00 -11.07 -0.73
N GLU F 410 -17.11 -12.34 -0.32
CA GLU F 410 -15.98 -13.03 0.29
C GLU F 410 -14.81 -13.17 -0.68
N LYS F 411 -15.11 -13.52 -1.94
CA LYS F 411 -14.06 -13.58 -2.94
C LYS F 411 -13.46 -12.20 -3.21
N TYR F 412 -14.31 -11.17 -3.28
CA TYR F 412 -13.81 -9.82 -3.56
C TYR F 412 -12.88 -9.34 -2.46
N VAL F 413 -13.24 -9.61 -1.21
CA VAL F 413 -12.42 -9.15 -0.08
C VAL F 413 -11.04 -9.77 -0.16
N GLU F 414 -10.97 -11.09 -0.30
CA GLU F 414 -9.68 -11.77 -0.33
C GLU F 414 -8.86 -11.32 -1.53
N ASP F 415 -9.49 -11.20 -2.70
CA ASP F 415 -8.76 -10.78 -3.89
C ASP F 415 -8.16 -9.39 -3.71
N THR F 416 -8.96 -8.46 -3.20
CA THR F 416 -8.46 -7.10 -2.97
C THR F 416 -7.29 -7.12 -1.99
N LYS F 417 -7.42 -7.88 -0.90
CA LYS F 417 -6.35 -7.92 0.10
C LYS F 417 -5.07 -8.48 -0.51
N ILE F 418 -5.18 -9.58 -1.26
CA ILE F 418 -4.00 -10.20 -1.85
C ILE F 418 -3.30 -9.25 -2.80
N ASP F 419 -4.08 -8.60 -3.68
CA ASP F 419 -3.45 -7.67 -4.63
C ASP F 419 -2.78 -6.50 -3.92
N LEU F 420 -3.44 -5.94 -2.91
CA LEU F 420 -2.87 -4.80 -2.21
C LEU F 420 -1.58 -5.18 -1.49
N TRP F 421 -1.60 -6.31 -0.77
CA TRP F 421 -0.40 -6.78 -0.08
C TRP F 421 0.72 -7.07 -1.07
N SER F 422 0.38 -7.64 -2.22
CA SER F 422 1.40 -7.96 -3.22
C SER F 422 2.05 -6.69 -3.76
N TYR F 423 1.25 -5.67 -4.08
CA TYR F 423 1.85 -4.42 -4.55
C TYR F 423 2.73 -3.81 -3.47
N ASN F 424 2.28 -3.84 -2.21
CA ASN F 424 3.11 -3.30 -1.13
C ASN F 424 4.45 -4.02 -1.05
N ALA F 425 4.43 -5.36 -1.16
CA ALA F 425 5.66 -6.13 -1.11
C ALA F 425 6.56 -5.82 -2.30
N GLU F 426 5.98 -5.67 -3.49
CA GLU F 426 6.79 -5.36 -4.67
C GLU F 426 7.48 -4.02 -4.52
N LEU F 427 6.74 -2.99 -4.08
CA LEU F 427 7.36 -1.69 -3.85
C LEU F 427 8.46 -1.77 -2.81
N LEU F 428 8.21 -2.52 -1.73
CA LEU F 428 9.21 -2.66 -0.68
C LEU F 428 10.49 -3.29 -1.22
N VAL F 429 10.34 -4.37 -1.99
CA VAL F 429 11.51 -5.05 -2.54
C VAL F 429 12.31 -4.13 -3.44
N ALA F 430 11.60 -3.42 -4.34
CA ALA F 430 12.29 -2.54 -5.28
C ALA F 430 13.05 -1.44 -4.54
N LEU F 431 12.38 -0.75 -3.62
CA LEU F 431 13.01 0.36 -2.92
C LEU F 431 14.19 -0.10 -2.08
N GLU F 432 14.02 -1.22 -1.36
CA GLU F 432 15.10 -1.69 -0.50
C GLU F 432 16.31 -2.13 -1.31
N ASN F 433 16.09 -2.79 -2.45
CA ASN F 433 17.20 -3.17 -3.31
C ASN F 433 17.94 -1.95 -3.84
N GLN F 434 17.19 -0.93 -4.27
CA GLN F 434 17.83 0.29 -4.76
C GLN F 434 18.68 0.92 -3.65
N HIS F 435 18.14 0.95 -2.43
CA HIS F 435 18.90 1.52 -1.31
C HIS F 435 20.18 0.73 -1.04
N THR F 436 20.12 -0.60 -1.09
CA THR F 436 21.32 -1.40 -0.85
C THR F 436 22.40 -1.10 -1.89
N ILE F 437 22.02 -1.03 -3.17
CA ILE F 437 23.01 -0.70 -4.21
C ILE F 437 23.60 0.68 -3.97
N ASP F 438 22.74 1.66 -3.67
CA ASP F 438 23.24 3.02 -3.46
C ASP F 438 24.19 3.10 -2.28
N LEU F 439 23.86 2.41 -1.18
CA LEU F 439 24.71 2.37 0.00
C LEU F 439 26.09 1.80 -0.33
N THR F 440 26.11 0.65 -1.02
CA THR F 440 27.37 0.01 -1.34
C THR F 440 28.25 0.90 -2.20
N ASP F 441 27.67 1.54 -3.22
CA ASP F 441 28.49 2.40 -4.08
C ASP F 441 28.95 3.68 -3.35
N SER F 442 28.09 4.23 -2.49
CA SER F 442 28.43 5.46 -1.79
C SER F 442 29.61 5.26 -0.86
N GLU F 443 29.68 4.10 -0.19
CA GLU F 443 30.83 3.86 0.69
C GLU F 443 32.15 3.88 -0.08
N MET F 444 32.18 3.26 -1.26
CA MET F 444 33.38 3.26 -2.08
C MET F 444 33.75 4.67 -2.53
N ASN F 445 32.76 5.46 -2.96
CA ASN F 445 33.04 6.83 -3.37
C ASN F 445 33.63 7.64 -2.21
N LYS F 446 33.08 7.46 -1.00
CA LYS F 446 33.61 8.16 0.17
C LYS F 446 35.05 7.73 0.47
N LEU F 447 35.36 6.45 0.32
CA LEU F 447 36.73 5.99 0.51
C LEU F 447 37.68 6.67 -0.47
N PHE F 448 37.26 6.77 -1.74
CA PHE F 448 38.05 7.49 -2.74
C PHE F 448 38.32 8.92 -2.29
N GLU F 449 37.28 9.62 -1.83
CA GLU F 449 37.44 11.01 -1.41
C GLU F 449 38.41 11.13 -0.23
N LYS F 450 38.27 10.24 0.76
CA LYS F 450 39.15 10.33 1.93
C LYS F 450 40.60 10.05 1.55
N THR F 451 40.83 9.09 0.66
CA THR F 451 42.19 8.83 0.20
C THR F 451 42.77 10.05 -0.51
N LYS F 452 41.97 10.72 -1.34
CA LYS F 452 42.42 11.95 -1.99
C LYS F 452 42.80 13.01 -0.96
N LYS F 453 41.96 13.18 0.07
CA LYS F 453 42.24 14.17 1.09
C LYS F 453 43.55 13.87 1.81
N GLN F 454 43.79 12.60 2.14
CA GLN F 454 45.05 12.26 2.79
C GLN F 454 46.25 12.52 1.88
N LEU F 455 46.14 12.16 0.60
CA LEU F 455 47.29 12.32 -0.29
C LEU F 455 47.59 13.80 -0.56
N ARG F 456 46.58 14.67 -0.44
CA ARG F 456 46.77 16.12 -0.54
C ARG F 456 47.30 16.45 -1.94
N GLU F 457 48.47 17.07 -2.07
CA GLU F 457 49.05 17.48 -3.34
C GLU F 457 50.12 16.51 -3.83
N ASN F 458 50.23 15.34 -3.20
CA ASN F 458 51.25 14.37 -3.59
C ASN F 458 50.90 13.64 -4.88
N ALA F 459 49.61 13.48 -5.18
CA ALA F 459 49.22 12.76 -6.39
C ALA F 459 47.90 13.29 -6.89
N GLU F 460 47.64 13.05 -8.18
CA GLU F 460 46.41 13.43 -8.84
C GLU F 460 45.57 12.20 -9.13
N ASP F 461 44.33 12.44 -9.53
CA ASP F 461 43.45 11.35 -9.95
C ASP F 461 43.83 10.94 -11.36
N MET F 462 44.29 9.70 -11.52
CA MET F 462 44.77 9.23 -12.81
C MET F 462 43.65 9.12 -13.85
N GLY F 463 42.39 9.13 -13.43
CA GLY F 463 41.27 9.04 -14.34
C GLY F 463 40.43 7.80 -14.11
N ASN F 464 41.09 6.65 -13.96
CA ASN F 464 40.46 5.46 -13.39
C ASN F 464 40.64 5.53 -11.88
N GLY F 465 40.11 4.54 -11.17
CA GLY F 465 40.14 4.62 -9.72
C GLY F 465 41.51 4.32 -9.14
N CYS F 466 42.55 4.93 -9.71
CA CYS F 466 43.93 4.76 -9.27
C CYS F 466 44.59 6.12 -9.10
N PHE F 467 45.49 6.19 -8.11
CA PHE F 467 46.23 7.39 -7.80
C PHE F 467 47.66 7.23 -8.29
N LYS F 468 48.13 8.23 -9.03
CA LYS F 468 49.44 8.25 -9.67
C LYS F 468 50.43 8.93 -8.73
N ILE F 469 50.73 8.24 -7.64
CA ILE F 469 51.62 8.78 -6.61
C ILE F 469 53.00 9.04 -7.20
N TYR F 470 53.59 10.19 -6.84
CA TYR F 470 54.87 10.62 -7.39
C TYR F 470 56.06 10.34 -6.47
N HIS F 471 55.93 10.63 -5.17
CA HIS F 471 57.01 10.36 -4.24
C HIS F 471 57.28 8.86 -4.17
N LYS F 472 58.54 8.51 -3.96
CA LYS F 472 58.89 7.11 -3.79
C LYS F 472 58.22 6.57 -2.54
N CYS F 473 57.56 5.42 -2.67
CA CYS F 473 56.71 4.87 -1.62
C CYS F 473 57.05 3.40 -1.43
N ASP F 474 57.59 3.05 -0.28
CA ASP F 474 57.79 1.67 0.09
C ASP F 474 56.50 1.07 0.65
N ASN F 475 56.54 -0.23 0.94
CA ASN F 475 55.33 -0.92 1.39
C ASN F 475 54.79 -0.29 2.67
N ALA F 476 55.69 0.11 3.58
CA ALA F 476 55.26 0.78 4.81
C ALA F 476 54.53 2.10 4.52
N CYS F 477 54.94 2.82 3.47
CA CYS F 477 54.25 4.06 3.13
C CYS F 477 52.83 3.80 2.62
N ILE F 478 52.64 2.75 1.83
CA ILE F 478 51.28 2.35 1.43
C ILE F 478 50.45 2.01 2.66
N GLY F 479 51.04 1.23 3.57
CA GLY F 479 50.35 0.91 4.81
C GLY F 479 49.99 2.17 5.60
N SER F 480 50.87 3.16 5.58
CA SER F 480 50.59 4.43 6.24
C SER F 480 49.40 5.13 5.61
N ILE F 481 49.31 5.10 4.28
CA ILE F 481 48.15 5.69 3.62
C ILE F 481 46.87 5.01 4.09
N ARG F 482 46.84 3.66 4.06
CA ARG F 482 45.58 3.01 4.42
C ARG F 482 45.29 3.12 5.91
N ASN F 483 46.32 3.16 6.76
CA ASN F 483 46.11 3.30 8.19
C ASN F 483 45.76 4.72 8.59
N GLY F 484 46.14 5.72 7.80
CA GLY F 484 45.88 7.11 8.14
C GLY F 484 47.02 7.83 8.79
N THR F 485 48.19 7.21 8.88
CA THR F 485 49.38 7.85 9.43
C THR F 485 50.22 8.54 8.37
N TYR F 486 49.63 8.87 7.23
CA TYR F 486 50.31 9.62 6.19
C TYR F 486 50.18 11.11 6.45
N ASP F 487 51.31 11.82 6.45
CA ASP F 487 51.31 13.27 6.50
C ASP F 487 51.95 13.79 5.22
N HIS F 488 51.28 14.75 4.58
CA HIS F 488 51.73 15.22 3.28
C HIS F 488 53.04 16.00 3.36
N ASP F 489 53.40 16.51 4.54
CA ASP F 489 54.57 17.39 4.66
C ASP F 489 55.87 16.66 4.36
N VAL F 490 56.00 15.42 4.83
CA VAL F 490 57.28 14.71 4.72
C VAL F 490 57.64 14.49 3.25
N TYR F 491 56.67 14.05 2.46
CA TYR F 491 56.89 13.74 1.05
C TYR F 491 56.54 14.88 0.12
N ARG F 492 56.19 16.06 0.66
CA ARG F 492 55.64 17.13 -0.17
C ARG F 492 56.66 17.62 -1.18
N ASP F 493 57.90 17.86 -0.74
CA ASP F 493 58.87 18.53 -1.60
C ASP F 493 59.23 17.68 -2.82
N GLU F 494 59.46 16.38 -2.60
CA GLU F 494 59.85 15.52 -3.71
C GLU F 494 58.77 15.45 -4.78
N ALA F 495 57.53 15.15 -4.36
CA ALA F 495 56.43 15.05 -5.31
C ALA F 495 56.13 16.39 -5.96
N LEU F 496 56.27 17.49 -5.22
CA LEU F 496 56.06 18.81 -5.80
C LEU F 496 57.05 19.10 -6.90
N ASN F 497 58.33 18.79 -6.68
CA ASN F 497 59.31 18.96 -7.76
C ASN F 497 59.01 18.02 -8.93
N ASN F 498 58.58 16.79 -8.64
CA ASN F 498 58.31 15.83 -9.71
C ASN F 498 57.15 16.27 -10.59
N ARG F 499 56.08 16.80 -10.00
CA ARG F 499 54.89 17.08 -10.79
C ARG F 499 55.03 18.33 -11.66
N PHE F 500 55.82 19.32 -11.21
CA PHE F 500 56.11 20.50 -12.02
C PHE F 500 57.48 20.33 -12.64
N GLN F 501 57.52 19.73 -13.83
CA GLN F 501 58.75 19.45 -14.56
C GLN F 501 59.84 18.83 -13.68
N GLN G 1 4.16 46.16 21.13
CA GLN G 1 3.52 45.04 20.45
C GLN G 1 4.00 44.96 19.00
N VAL G 2 3.65 43.87 18.32
CA VAL G 2 3.99 43.71 16.91
C VAL G 2 3.26 44.79 16.13
N GLN G 3 4.00 45.59 15.37
CA GLN G 3 3.39 46.70 14.67
C GLN G 3 4.10 46.96 13.34
N LEU G 4 3.32 47.36 12.34
CA LEU G 4 3.82 47.62 11.00
C LEU G 4 3.40 49.02 10.57
N VAL G 5 4.38 49.86 10.23
CA VAL G 5 4.15 51.26 9.87
C VAL G 5 4.60 51.47 8.45
N GLN G 6 3.69 51.95 7.59
CA GLN G 6 3.98 52.06 6.16
C GLN G 6 4.52 53.45 5.83
N SER G 7 4.62 53.75 4.53
CA SER G 7 5.14 55.01 4.04
C SER G 7 3.99 56.01 3.92
N ALA G 8 4.22 57.12 3.22
CA ALA G 8 3.27 58.21 3.09
C ALA G 8 2.55 58.15 1.75
N PRO G 9 1.35 58.76 1.66
CA PRO G 9 0.65 58.82 0.37
C PRO G 9 1.47 59.53 -0.70
N GLU G 10 1.35 59.05 -1.93
CA GLU G 10 2.19 59.53 -3.01
C GLU G 10 1.35 59.82 -4.25
N VAL G 11 1.81 60.77 -5.06
CA VAL G 11 1.23 61.11 -6.34
C VAL G 11 2.33 61.00 -7.39
N LYS G 12 2.04 60.28 -8.47
CA LYS G 12 3.07 60.01 -9.49
C LYS G 12 2.50 60.25 -10.87
N ARG G 13 3.39 60.54 -11.82
CA ARG G 13 3.07 60.76 -13.22
C ARG G 13 3.26 59.46 -14.01
N PRO G 14 2.38 59.17 -14.97
CA PRO G 14 2.49 57.90 -15.72
C PRO G 14 3.86 57.73 -16.36
N GLY G 15 4.44 56.55 -16.18
CA GLY G 15 5.77 56.25 -16.65
C GLY G 15 6.89 56.45 -15.64
N ALA G 16 6.58 56.92 -14.44
CA ALA G 16 7.58 57.16 -13.42
C ALA G 16 7.78 55.92 -12.56
N SER G 17 8.62 56.04 -11.55
CA SER G 17 8.93 54.96 -10.62
C SER G 17 8.64 55.42 -9.19
N VAL G 18 8.06 54.54 -8.39
CA VAL G 18 7.70 54.87 -7.01
C VAL G 18 8.29 53.83 -6.06
N ARG G 19 8.74 54.30 -4.90
CA ARG G 19 9.30 53.47 -3.85
C ARG G 19 8.44 53.59 -2.60
N LEU G 20 8.11 52.45 -2.01
CA LEU G 20 7.23 52.36 -0.85
C LEU G 20 7.96 51.65 0.27
N SER G 21 7.77 52.14 1.50
CA SER G 21 8.51 51.65 2.66
C SER G 21 7.57 51.04 3.69
N CYS G 22 8.04 49.99 4.34
CA CYS G 22 7.29 49.29 5.37
C CYS G 22 8.25 48.95 6.50
N LYS G 23 7.91 49.35 7.72
CA LYS G 23 8.79 49.25 8.88
C LYS G 23 8.15 48.38 9.96
N ALA G 24 8.95 47.50 10.55
CA ALA G 24 8.48 46.52 11.51
C ALA G 24 9.03 46.83 12.90
N SER G 25 8.16 46.72 13.92
CA SER G 25 8.57 46.93 15.30
C SER G 25 8.00 45.84 16.19
N GLY G 26 8.77 45.50 17.23
CA GLY G 26 8.42 44.46 18.17
C GLY G 26 8.96 43.09 17.86
N TYR G 27 8.43 42.42 16.83
CA TYR G 27 8.88 41.08 16.52
C TYR G 27 10.23 41.12 15.82
N THR G 28 11.01 40.04 15.96
CA THR G 28 12.31 39.95 15.30
C THR G 28 12.12 39.96 13.79
N PHE G 29 12.71 40.96 13.12
CA PHE G 29 12.42 41.21 11.72
C PHE G 29 12.87 40.06 10.83
N ASN G 30 14.04 39.49 11.11
CA ASN G 30 14.62 38.50 10.20
C ASN G 30 13.82 37.20 10.14
N THR G 31 12.94 36.95 11.11
CA THR G 31 12.24 35.67 11.18
C THR G 31 11.07 35.57 10.21
N TYR G 32 10.35 36.68 9.95
CA TYR G 32 9.18 36.66 9.09
C TYR G 32 9.41 37.51 7.85
N GLY G 33 8.76 37.08 6.75
CA GLY G 33 8.79 37.85 5.52
C GLY G 33 7.72 38.93 5.48
N ILE G 34 7.86 39.82 4.50
CA ILE G 34 6.94 40.92 4.29
C ILE G 34 6.27 40.73 2.94
N ILE G 35 4.93 40.76 2.93
CA ILE G 35 4.15 40.44 1.76
C ILE G 35 3.27 41.63 1.41
N TRP G 36 3.33 42.08 0.16
CA TRP G 36 2.63 43.26 -0.31
C TRP G 36 1.39 42.86 -1.10
N VAL G 37 0.24 43.41 -0.71
CA VAL G 37 -1.03 43.19 -1.38
C VAL G 37 -1.72 44.53 -1.56
N ARG G 38 -2.31 44.75 -2.73
CA ARG G 38 -2.88 46.04 -3.11
C ARG G 38 -4.37 45.91 -3.41
N GLN G 39 -5.09 47.02 -3.22
CA GLN G 39 -6.52 47.10 -3.50
C GLN G 39 -6.77 48.26 -4.45
N ALA G 40 -7.11 47.95 -5.70
CA ALA G 40 -7.50 48.97 -6.65
C ALA G 40 -8.88 49.50 -6.30
N PRO G 41 -9.23 50.72 -6.74
CA PRO G 41 -10.56 51.27 -6.43
C PRO G 41 -11.67 50.37 -6.97
N GLY G 42 -12.58 50.00 -6.08
CA GLY G 42 -13.65 49.09 -6.45
C GLY G 42 -13.16 47.73 -6.92
N GLN G 43 -12.13 47.20 -6.27
CA GLN G 43 -11.54 45.93 -6.66
C GLN G 43 -11.12 45.16 -5.41
N GLY G 44 -11.05 43.84 -5.54
CA GLY G 44 -10.60 43.01 -4.44
C GLY G 44 -9.11 43.09 -4.22
N LEU G 45 -8.67 42.56 -3.09
CA LEU G 45 -7.25 42.54 -2.77
C LEU G 45 -6.47 41.74 -3.81
N GLU G 46 -5.27 42.22 -4.14
CA GLU G 46 -4.49 41.63 -5.23
C GLU G 46 -3.06 41.45 -4.74
N TRP G 47 -2.58 40.20 -4.75
CA TRP G 47 -1.23 39.93 -4.31
C TRP G 47 -0.21 40.46 -5.31
N MET G 48 0.90 41.00 -4.79
CA MET G 48 1.96 41.55 -5.62
C MET G 48 3.26 40.77 -5.52
N GLY G 49 3.78 40.57 -4.32
CA GLY G 49 5.03 39.85 -4.18
C GLY G 49 5.37 39.59 -2.72
N TRP G 50 6.43 38.82 -2.52
CA TRP G 50 6.90 38.46 -1.20
C TRP G 50 8.41 38.61 -1.13
N ILE G 51 8.90 39.24 -0.07
CA ILE G 51 10.31 39.39 0.21
C ILE G 51 10.61 38.74 1.55
N SER G 52 11.76 38.10 1.65
CA SER G 52 12.19 37.47 2.89
C SER G 52 13.25 38.33 3.57
N ALA G 53 13.23 38.34 4.91
CA ALA G 53 14.28 38.99 5.67
C ALA G 53 15.45 38.05 5.95
N TYR G 54 15.17 36.77 6.17
CA TYR G 54 16.21 35.76 6.31
C TYR G 54 17.00 35.61 5.01
N THR G 55 16.34 35.16 3.95
CA THR G 55 16.97 35.05 2.64
C THR G 55 16.66 36.27 1.80
N GLY G 56 17.42 36.44 0.72
CA GLY G 56 17.10 37.51 -0.19
C GLY G 56 16.07 37.17 -1.25
N ASN G 57 15.47 35.98 -1.15
CA ASN G 57 14.59 35.47 -2.18
C ASN G 57 13.35 36.34 -2.35
N THR G 58 12.92 36.51 -3.60
CA THR G 58 11.74 37.28 -3.96
C THR G 58 10.89 36.49 -4.94
N ASN G 59 9.58 36.58 -4.78
CA ASN G 59 8.62 36.05 -5.75
C ASN G 59 7.61 37.13 -6.09
N TYR G 60 7.40 37.34 -7.38
CA TYR G 60 6.54 38.41 -7.87
C TYR G 60 5.35 37.85 -8.62
N ALA G 61 4.29 38.65 -8.69
CA ALA G 61 3.12 38.27 -9.47
C ALA G 61 3.44 38.31 -10.96
N GLN G 62 2.74 37.46 -11.72
CA GLN G 62 3.01 37.35 -13.15
C GLN G 62 2.73 38.67 -13.86
N LYS G 63 1.67 39.38 -13.45
CA LYS G 63 1.30 40.62 -14.13
C LYS G 63 2.34 41.72 -13.95
N VAL G 64 3.16 41.65 -12.90
CA VAL G 64 4.09 42.73 -12.59
C VAL G 64 5.50 42.19 -12.40
N GLN G 65 5.81 41.05 -13.03
CA GLN G 65 7.11 40.42 -12.86
C GLN G 65 8.24 41.35 -13.29
N GLY G 66 8.12 41.93 -14.48
CA GLY G 66 9.21 42.74 -15.01
C GLY G 66 9.41 44.04 -14.26
N ARG G 67 8.32 44.66 -13.82
CA ARG G 67 8.35 46.05 -13.36
C ARG G 67 8.58 46.20 -11.85
N VAL G 68 8.62 45.11 -11.09
CA VAL G 68 8.61 45.16 -9.63
C VAL G 68 9.97 44.72 -9.12
N THR G 69 10.53 45.51 -8.19
CA THR G 69 11.76 45.14 -7.50
C THR G 69 11.58 45.38 -6.01
N MET G 70 11.85 44.35 -5.20
CA MET G 70 11.63 44.39 -3.76
C MET G 70 12.94 44.15 -3.02
N THR G 71 13.15 44.92 -1.96
CA THR G 71 14.40 44.86 -1.20
C THR G 71 14.09 44.88 0.30
N THR G 72 15.07 44.43 1.08
CA THR G 72 14.97 44.39 2.53
C THR G 72 16.20 45.01 3.15
N ASP G 73 16.03 45.57 4.35
CA ASP G 73 17.13 46.17 5.10
C ASP G 73 17.01 45.76 6.57
N ILE G 74 18.02 45.03 7.06
CA ILE G 74 18.02 44.55 8.43
C ILE G 74 18.05 45.71 9.41
N THR G 75 18.87 46.71 9.14
CA THR G 75 18.88 47.96 9.89
C THR G 75 18.25 49.04 9.02
N THR G 76 17.02 49.44 9.36
CA THR G 76 16.33 48.89 10.52
C THR G 76 14.94 48.36 10.17
N SER G 77 14.90 47.06 9.83
CA SER G 77 13.66 46.33 9.62
C SER G 77 12.77 47.02 8.60
N THR G 78 13.35 47.41 7.47
CA THR G 78 12.61 48.19 6.48
C THR G 78 12.54 47.42 5.17
N ALA G 79 11.33 47.29 4.64
CA ALA G 79 11.09 46.62 3.36
C ALA G 79 10.68 47.65 2.32
N TYR G 80 11.29 47.60 1.15
CA TYR G 80 11.05 48.56 0.09
C TYR G 80 10.46 47.86 -1.12
N LEU G 81 9.39 48.42 -1.65
CA LEU G 81 8.75 47.99 -2.90
C LEU G 81 8.90 49.08 -3.94
N GLU G 82 9.56 48.79 -5.05
CA GLU G 82 9.72 49.73 -6.14
C GLU G 82 8.92 49.24 -7.33
N LEU G 83 7.99 50.08 -7.81
CA LEU G 83 7.21 49.80 -9.00
C LEU G 83 7.60 50.81 -10.07
N ARG G 84 7.98 50.29 -11.24
CA ARG G 84 8.42 51.09 -12.37
C ARG G 84 7.37 51.06 -13.46
N GLY G 85 7.46 52.02 -14.38
CA GLY G 85 6.55 52.07 -15.50
C GLY G 85 5.09 52.16 -15.09
N LEU G 86 4.80 53.08 -14.17
CA LEU G 86 3.48 53.15 -13.56
C LEU G 86 2.40 53.40 -14.60
N ARG G 87 1.27 52.72 -14.43
CA ARG G 87 0.13 52.81 -15.33
C ARG G 87 -1.11 53.19 -14.51
N SER G 88 -2.12 53.69 -15.23
CA SER G 88 -3.32 54.18 -14.57
C SER G 88 -3.97 53.11 -13.71
N ASP G 89 -3.88 51.84 -14.13
CA ASP G 89 -4.45 50.74 -13.35
C ASP G 89 -3.73 50.53 -12.03
N ASP G 90 -2.49 51.02 -11.90
CA ASP G 90 -1.73 50.85 -10.67
C ASP G 90 -2.20 51.76 -9.55
N THR G 91 -3.09 52.71 -9.82
CA THR G 91 -3.70 53.49 -8.76
C THR G 91 -4.43 52.55 -7.79
N ALA G 92 -3.97 52.51 -6.55
CA ALA G 92 -4.50 51.56 -5.57
C ALA G 92 -3.99 51.92 -4.18
N VAL G 93 -4.46 51.17 -3.20
CA VAL G 93 -3.96 51.26 -1.83
C VAL G 93 -3.10 50.03 -1.58
N TYR G 94 -1.84 50.25 -1.23
CA TYR G 94 -0.87 49.16 -1.08
C TYR G 94 -0.66 48.86 0.40
N TYR G 95 -0.84 47.60 0.77
CA TYR G 95 -0.67 47.13 2.15
C TYR G 95 0.57 46.25 2.23
N CYS G 96 1.11 46.13 3.44
CA CYS G 96 2.29 45.29 3.71
C CYS G 96 2.03 44.48 4.99
N ALA G 97 1.55 43.25 4.81
CA ALA G 97 1.30 42.37 5.93
C ALA G 97 2.48 41.44 6.18
N ARG G 98 2.57 40.95 7.42
CA ARG G 98 3.64 40.04 7.81
C ARG G 98 3.41 38.66 7.21
N GLY G 99 4.51 38.01 6.81
CA GLY G 99 4.41 36.77 6.05
C GLY G 99 4.91 35.53 6.75
N LEU G 100 5.37 34.55 5.97
CA LEU G 100 5.73 33.25 6.50
C LEU G 100 6.99 33.33 7.36
N LEU G 101 7.05 32.43 8.35
CA LEU G 101 8.18 32.34 9.27
C LEU G 101 9.37 31.71 8.57
N GLN G 102 10.36 32.50 8.22
CA GLN G 102 11.56 31.99 7.57
C GLN G 102 12.69 31.81 8.59
N GLY G 103 12.43 31.07 9.66
CA GLY G 103 13.51 30.72 10.57
C GLY G 103 13.53 29.30 11.09
N ALA G 104 12.42 28.57 10.95
CA ALA G 104 12.28 27.27 11.60
C ALA G 104 11.13 26.51 10.96
N VAL G 105 11.05 25.22 11.29
CA VAL G 105 9.96 24.41 10.77
C VAL G 105 8.63 24.96 11.27
N ILE G 106 7.59 24.70 10.50
CA ILE G 106 6.31 25.37 10.68
C ILE G 106 5.20 24.32 10.77
N LEU G 107 4.49 24.32 11.92
CA LEU G 107 3.33 23.47 12.13
C LEU G 107 2.04 24.25 12.33
N ASP G 108 2.07 25.33 13.12
CA ASP G 108 0.92 26.22 13.21
C ASP G 108 0.71 26.90 11.87
N SER G 109 -0.55 27.01 11.45
CA SER G 109 -0.85 27.71 10.21
C SER G 109 -0.87 29.22 10.40
N TYR G 110 -0.54 29.70 11.60
CA TYR G 110 -0.56 31.14 11.85
C TYR G 110 0.53 31.84 11.05
N HIS G 111 1.72 31.25 10.99
CA HIS G 111 2.79 31.83 10.19
C HIS G 111 2.55 31.67 8.69
N TYR G 112 1.74 30.71 8.28
CA TYR G 112 1.40 30.56 6.87
C TYR G 112 0.29 31.50 6.43
N ALA G 113 -0.03 32.51 7.23
CA ALA G 113 -1.06 33.48 6.86
C ALA G 113 -0.58 34.88 7.21
N LEU G 114 -1.20 35.87 6.57
CA LEU G 114 -0.87 37.27 6.82
C LEU G 114 -1.62 37.72 8.07
N ASP G 115 -0.90 38.20 9.09
CA ASP G 115 -1.53 38.49 10.38
C ASP G 115 -1.54 39.97 10.74
N PHE G 116 -0.38 40.62 10.83
CA PHE G 116 -0.31 42.01 11.26
C PHE G 116 -0.15 42.89 10.03
N TRP G 117 -1.09 43.82 9.85
CA TRP G 117 -1.20 44.61 8.63
C TRP G 117 -0.86 46.06 8.90
N GLY G 118 -0.23 46.70 7.92
CA GLY G 118 0.02 48.12 8.01
C GLY G 118 -1.20 48.94 7.64
N GLN G 119 -1.10 50.25 7.86
CA GLN G 119 -2.22 51.14 7.56
C GLN G 119 -2.49 51.23 6.07
N GLY G 120 -1.46 51.12 5.24
CA GLY G 120 -1.61 51.22 3.80
C GLY G 120 -1.26 52.61 3.29
N THR G 121 -0.73 52.66 2.06
CA THR G 121 -0.35 53.90 1.42
C THR G 121 -1.09 54.02 0.10
N THR G 122 -1.70 55.18 -0.14
CA THR G 122 -2.46 55.40 -1.36
C THR G 122 -1.54 56.01 -2.42
N VAL G 123 -1.45 55.34 -3.56
CA VAL G 123 -0.66 55.82 -4.70
C VAL G 123 -1.63 56.11 -5.85
N THR G 124 -1.67 57.36 -6.27
CA THR G 124 -2.51 57.78 -7.39
C THR G 124 -1.61 58.19 -8.53
N VAL G 125 -1.76 57.53 -9.68
CA VAL G 125 -0.94 57.80 -10.87
C VAL G 125 -1.85 58.33 -11.97
N SER G 126 -1.59 59.57 -12.38
CA SER G 126 -2.35 60.24 -13.42
C SER G 126 -1.54 61.43 -13.91
N GLY G 127 -1.73 61.78 -15.18
CA GLY G 127 -0.98 62.88 -15.76
C GLY G 127 -1.53 64.25 -15.48
N ALA G 128 -2.60 64.35 -14.70
CA ALA G 128 -3.26 65.63 -14.46
C ALA G 128 -2.39 66.54 -13.59
N SER G 129 -2.47 67.84 -13.88
CA SER G 129 -1.84 68.83 -13.03
C SER G 129 -2.63 69.00 -11.74
N THR G 130 -1.91 69.20 -10.64
CA THR G 130 -2.57 69.48 -9.36
C THR G 130 -3.42 70.74 -9.49
N LYS G 131 -4.65 70.67 -9.01
CA LYS G 131 -5.62 71.71 -9.27
C LYS G 131 -6.54 71.88 -8.07
N GLY G 132 -6.75 73.13 -7.67
CA GLY G 132 -7.67 73.44 -6.59
C GLY G 132 -9.12 73.28 -7.03
N PRO G 133 -9.99 73.01 -6.07
CA PRO G 133 -11.40 72.78 -6.40
C PRO G 133 -12.14 74.08 -6.69
N SER G 134 -13.25 73.93 -7.41
CA SER G 134 -14.20 75.01 -7.65
C SER G 134 -15.53 74.63 -7.03
N VAL G 135 -16.08 75.52 -6.22
CA VAL G 135 -17.27 75.24 -5.41
C VAL G 135 -18.46 76.00 -6.00
N PHE G 136 -19.49 75.26 -6.39
CA PHE G 136 -20.72 75.82 -6.90
C PHE G 136 -21.88 75.40 -6.00
N PRO G 137 -22.69 76.34 -5.52
CA PRO G 137 -23.73 75.99 -4.54
C PRO G 137 -24.86 75.19 -5.17
N LEU G 138 -25.46 74.33 -4.34
CA LEU G 138 -26.69 73.61 -4.67
C LEU G 138 -27.81 74.24 -3.84
N ALA G 139 -28.64 75.05 -4.50
CA ALA G 139 -29.59 75.92 -3.81
C ALA G 139 -30.78 75.15 -3.27
N PRO G 140 -31.33 75.57 -2.12
CA PRO G 140 -32.61 75.04 -1.67
C PRO G 140 -33.69 75.33 -2.69
N SER G 141 -34.50 74.31 -2.99
CA SER G 141 -35.51 74.44 -4.02
C SER G 141 -36.69 75.25 -3.51
N SER G 142 -37.47 75.77 -4.46
CA SER G 142 -38.71 76.46 -4.16
C SER G 142 -39.78 75.48 -3.74
N LYS G 143 -40.95 76.01 -3.38
CA LYS G 143 -42.05 75.24 -2.79
C LYS G 143 -41.62 74.55 -1.50
N SER G 144 -40.64 75.11 -0.77
CA SER G 144 -40.02 74.58 0.45
C SER G 144 -39.30 73.24 0.23
N THR G 145 -39.36 72.63 -0.98
CA THR G 145 -38.75 71.38 -1.41
C THR G 145 -39.44 70.17 -0.76
N SER G 146 -40.24 70.45 0.26
CA SER G 146 -40.97 69.48 1.07
C SER G 146 -41.60 70.25 2.21
N GLY G 147 -42.57 69.61 2.84
CA GLY G 147 -43.33 70.26 3.90
C GLY G 147 -42.46 70.73 5.06
N GLY G 148 -41.54 69.88 5.49
CA GLY G 148 -40.71 70.22 6.64
C GLY G 148 -39.24 69.92 6.46
N THR G 149 -38.86 69.36 5.31
CA THR G 149 -37.48 69.00 5.02
C THR G 149 -36.95 69.85 3.87
N ALA G 150 -35.82 70.50 4.11
CA ALA G 150 -35.15 71.30 3.09
C ALA G 150 -33.76 70.74 2.84
N ALA G 151 -33.40 70.62 1.56
CA ALA G 151 -32.13 70.05 1.15
C ALA G 151 -31.28 71.12 0.47
N LEU G 152 -30.03 71.26 0.94
CA LEU G 152 -29.08 72.19 0.35
C LEU G 152 -27.71 71.54 0.33
N GLY G 153 -26.86 71.99 -0.58
CA GLY G 153 -25.57 71.34 -0.71
C GLY G 153 -24.55 72.19 -1.45
N CYS G 154 -23.36 71.63 -1.58
CA CYS G 154 -22.24 72.25 -2.27
C CYS G 154 -21.64 71.24 -3.24
N LEU G 155 -21.35 71.69 -4.46
CA LEU G 155 -20.73 70.85 -5.47
C LEU G 155 -19.25 71.16 -5.54
N VAL G 156 -18.41 70.17 -5.23
CA VAL G 156 -16.96 70.30 -5.34
C VAL G 156 -16.54 69.61 -6.63
N LYS G 157 -16.01 70.39 -7.57
CA LYS G 157 -15.79 69.90 -8.93
C LYS G 157 -14.40 70.28 -9.40
N ASP G 158 -13.84 69.43 -10.27
CA ASP G 158 -12.57 69.69 -10.95
C ASP G 158 -11.43 69.91 -9.96
N TYR G 159 -11.18 68.89 -9.14
CA TYR G 159 -10.08 68.91 -8.18
C TYR G 159 -9.19 67.70 -8.40
N PHE G 160 -7.88 67.88 -8.22
CA PHE G 160 -6.91 66.83 -8.35
C PHE G 160 -5.70 67.12 -7.49
N PRO G 161 -5.21 66.15 -6.73
CA PRO G 161 -5.79 64.83 -6.48
C PRO G 161 -6.46 64.78 -5.12
N GLU G 162 -7.07 63.65 -4.75
CA GLU G 162 -7.70 63.52 -3.44
C GLU G 162 -6.63 63.60 -2.35
N PRO G 163 -7.01 64.00 -1.12
CA PRO G 163 -8.34 64.18 -0.56
C PRO G 163 -8.86 65.62 -0.47
N VAL G 164 -10.16 65.78 -0.24
CA VAL G 164 -10.76 67.05 0.17
C VAL G 164 -11.52 66.82 1.46
N THR G 165 -11.47 67.80 2.35
CA THR G 165 -12.19 67.76 3.61
C THR G 165 -13.26 68.84 3.57
N VAL G 166 -14.51 68.44 3.79
CA VAL G 166 -15.65 69.33 3.70
C VAL G 166 -16.35 69.37 5.05
N SER G 167 -16.52 70.59 5.59
CA SER G 167 -17.25 70.80 6.82
C SER G 167 -18.28 71.89 6.60
N TRP G 168 -19.37 71.84 7.37
CA TRP G 168 -20.50 72.74 7.21
C TRP G 168 -20.58 73.70 8.40
N ASN G 169 -20.60 74.99 8.10
CA ASN G 169 -20.72 76.05 9.11
C ASN G 169 -19.66 75.89 10.19
N SER G 170 -18.43 75.58 9.77
CA SER G 170 -17.29 75.44 10.68
C SER G 170 -17.54 74.40 11.77
N GLY G 171 -18.16 73.29 11.39
CA GLY G 171 -18.37 72.19 12.30
C GLY G 171 -19.59 72.28 13.19
N ALA G 172 -20.37 73.36 13.09
CA ALA G 172 -21.58 73.47 13.89
C ALA G 172 -22.61 72.43 13.47
N LEU G 173 -22.69 72.14 12.17
CA LEU G 173 -23.69 71.23 11.62
C LEU G 173 -23.06 69.86 11.41
N THR G 174 -23.49 68.88 12.21
CA THR G 174 -23.03 67.50 12.06
C THR G 174 -24.17 66.53 11.85
N SER G 175 -25.42 67.00 11.81
CA SER G 175 -26.58 66.13 11.68
C SER G 175 -27.10 66.21 10.25
N GLY G 176 -27.27 65.04 9.64
CA GLY G 176 -27.76 64.98 8.28
C GLY G 176 -26.73 65.32 7.22
N VAL G 177 -25.46 65.46 7.60
CA VAL G 177 -24.41 65.81 6.65
C VAL G 177 -23.98 64.54 5.91
N HIS G 178 -24.03 64.57 4.59
CA HIS G 178 -23.62 63.47 3.75
C HIS G 178 -22.57 63.95 2.75
N THR G 179 -21.42 63.27 2.73
CA THR G 179 -20.36 63.58 1.78
C THR G 179 -20.12 62.34 0.93
N PHE G 180 -20.50 62.42 -0.33
CA PHE G 180 -20.45 61.29 -1.24
C PHE G 180 -19.01 61.02 -1.70
N PRO G 181 -18.68 59.77 -1.99
CA PRO G 181 -17.34 59.48 -2.53
C PRO G 181 -17.13 60.19 -3.86
N ALA G 182 -15.88 60.57 -4.11
CA ALA G 182 -15.53 61.24 -5.34
C ALA G 182 -15.65 60.29 -6.54
N VAL G 183 -15.90 60.87 -7.71
CA VAL G 183 -15.96 60.13 -8.95
C VAL G 183 -14.91 60.71 -9.89
N LEU G 184 -14.23 59.82 -10.62
CA LEU G 184 -13.23 60.26 -11.58
C LEU G 184 -13.93 60.63 -12.88
N GLN G 185 -13.88 61.91 -13.23
CA GLN G 185 -14.49 62.36 -14.48
C GLN G 185 -13.62 61.96 -15.67
N SER G 186 -14.20 62.08 -16.87
CA SER G 186 -13.48 61.73 -18.08
C SER G 186 -12.25 62.62 -18.26
N SER G 187 -12.36 63.89 -17.88
CA SER G 187 -11.23 64.81 -18.00
C SER G 187 -10.06 64.41 -17.11
N GLY G 188 -10.30 63.58 -16.09
CA GLY G 188 -9.26 63.16 -15.18
C GLY G 188 -9.23 63.88 -13.85
N LEU G 189 -10.16 64.81 -13.63
CA LEU G 189 -10.23 65.56 -12.39
C LEU G 189 -11.39 65.02 -11.56
N TYR G 190 -11.15 64.77 -10.28
CA TYR G 190 -12.17 64.20 -9.43
C TYR G 190 -13.28 65.21 -9.14
N SER G 191 -14.49 64.71 -8.88
CA SER G 191 -15.64 65.54 -8.55
C SER G 191 -16.41 64.91 -7.39
N LEU G 192 -17.03 65.76 -6.56
CA LEU G 192 -17.66 65.34 -5.33
C LEU G 192 -18.85 66.23 -5.06
N SER G 193 -19.81 65.71 -4.28
CA SER G 193 -20.98 66.47 -3.88
C SER G 193 -21.27 66.23 -2.41
N SER G 194 -21.56 67.30 -1.69
CA SER G 194 -21.90 67.23 -0.26
C SER G 194 -23.23 67.95 -0.04
N VAL G 195 -24.14 67.28 0.67
CA VAL G 195 -25.47 67.81 0.93
C VAL G 195 -25.82 67.61 2.40
N VAL G 196 -26.80 68.40 2.86
CA VAL G 196 -27.30 68.26 4.23
C VAL G 196 -28.76 68.67 4.24
N THR G 197 -29.53 68.08 5.14
CA THR G 197 -30.96 68.34 5.29
C THR G 197 -31.19 69.19 6.53
N VAL G 198 -31.94 70.27 6.37
CA VAL G 198 -32.25 71.18 7.47
C VAL G 198 -33.75 71.45 7.47
N PRO G 199 -34.31 71.88 8.60
CA PRO G 199 -35.73 72.25 8.64
C PRO G 199 -36.03 73.38 7.68
N SER G 200 -37.23 73.32 7.08
CA SER G 200 -37.63 74.34 6.12
C SER G 200 -37.75 75.71 6.78
N SER G 201 -38.25 75.75 8.01
CA SER G 201 -38.41 77.02 8.72
C SER G 201 -37.07 77.70 8.96
N SER G 202 -36.03 76.91 9.24
CA SER G 202 -34.72 77.45 9.60
C SER G 202 -33.98 78.06 8.42
N LEU G 203 -34.51 77.95 7.19
CA LEU G 203 -33.81 78.47 6.03
C LEU G 203 -33.57 79.97 6.15
N GLY G 204 -34.59 80.72 6.56
CA GLY G 204 -34.38 82.15 6.80
C GLY G 204 -33.52 82.42 8.01
N THR G 205 -33.69 81.63 9.09
CA THR G 205 -33.06 81.95 10.37
C THR G 205 -31.55 81.78 10.32
N GLN G 206 -31.06 80.70 9.71
CA GLN G 206 -29.65 80.34 9.77
C GLN G 206 -29.04 80.42 8.38
N THR G 207 -27.86 81.03 8.31
CA THR G 207 -27.06 81.06 7.08
C THR G 207 -26.19 79.82 7.03
N TYR G 208 -26.21 79.13 5.89
CA TYR G 208 -25.50 77.86 5.73
C TYR G 208 -24.34 78.06 4.77
N ILE G 209 -23.13 77.77 5.25
CA ILE G 209 -21.89 77.96 4.50
C ILE G 209 -21.10 76.66 4.57
N CYS G 210 -20.58 76.22 3.43
CA CYS G 210 -19.78 75.00 3.34
C CYS G 210 -18.31 75.35 3.22
N ASN G 211 -17.47 74.66 3.98
CA ASN G 211 -16.03 74.90 4.00
C ASN G 211 -15.32 73.73 3.33
N VAL G 212 -14.48 74.05 2.35
CA VAL G 212 -13.76 73.05 1.55
C VAL G 212 -12.27 73.31 1.66
N ASN G 213 -11.51 72.30 2.06
CA ASN G 213 -10.06 72.36 2.15
C ASN G 213 -9.44 71.39 1.16
N HIS G 214 -8.45 71.86 0.42
CA HIS G 214 -7.68 71.01 -0.51
C HIS G 214 -6.21 71.25 -0.19
N LYS G 215 -5.66 70.44 0.72
CA LYS G 215 -4.26 70.62 1.12
C LYS G 215 -3.26 70.52 -0.01
N PRO G 216 -3.36 69.57 -0.96
CA PRO G 216 -2.34 69.51 -2.03
C PRO G 216 -2.21 70.80 -2.82
N SER G 217 -3.34 71.43 -3.17
CA SER G 217 -3.30 72.73 -3.85
C SER G 217 -3.11 73.88 -2.88
N ASN G 218 -3.22 73.63 -1.58
CA ASN G 218 -3.15 74.66 -0.54
C ASN G 218 -4.23 75.71 -0.76
N THR G 219 -5.43 75.25 -1.15
CA THR G 219 -6.55 76.12 -1.48
C THR G 219 -7.73 75.79 -0.58
N LYS G 220 -8.28 76.81 0.07
CA LYS G 220 -9.45 76.65 0.94
C LYS G 220 -10.50 77.65 0.51
N VAL G 221 -11.69 77.16 0.16
CA VAL G 221 -12.77 77.98 -0.38
C VAL G 221 -14.02 77.77 0.45
N ASP G 222 -14.67 78.87 0.85
CA ASP G 222 -15.91 78.85 1.60
C ASP G 222 -16.99 79.55 0.78
N LYS G 223 -18.10 78.86 0.54
CA LYS G 223 -19.19 79.37 -0.29
C LYS G 223 -20.48 79.37 0.51
N ARG G 224 -21.20 80.49 0.46
CA ARG G 224 -22.50 80.60 1.11
C ARG G 224 -23.57 79.91 0.27
N VAL G 225 -24.44 79.16 0.93
CA VAL G 225 -25.55 78.48 0.30
C VAL G 225 -26.84 79.18 0.74
N GLU G 226 -27.58 79.70 -0.24
CA GLU G 226 -28.80 80.46 0.02
C GLU G 226 -29.83 80.12 -1.04
N PRO G 227 -31.11 80.21 -0.69
CA PRO G 227 -32.17 79.99 -1.70
C PRO G 227 -32.21 81.14 -2.69
N LYS G 228 -32.26 80.80 -3.98
CA LYS G 228 -32.32 81.80 -5.04
C LYS G 228 -33.73 82.38 -5.10
N SER G 229 -33.81 83.71 -5.21
CA SER G 229 -35.08 84.42 -5.17
C SER G 229 -35.25 85.26 -6.42
N CYS G 230 -36.44 85.17 -7.03
CA CYS G 230 -36.80 86.02 -8.16
C CYS G 230 -38.22 86.55 -8.01
N GLN H 1 10.51 6.33 -48.69
CA GLN H 1 10.05 5.35 -47.71
C GLN H 1 11.21 4.70 -46.98
N VAL H 2 10.93 4.17 -45.79
CA VAL H 2 11.97 3.51 -45.00
C VAL H 2 12.34 2.19 -45.65
N GLN H 3 13.65 1.96 -45.80
CA GLN H 3 14.12 0.77 -46.49
C GLN H 3 15.52 0.41 -46.01
N LEU H 4 15.80 -0.89 -45.98
CA LEU H 4 17.10 -1.42 -45.59
C LEU H 4 17.60 -2.34 -46.70
N VAL H 5 18.83 -2.11 -47.13
CA VAL H 5 19.43 -2.84 -48.24
C VAL H 5 20.69 -3.54 -47.74
N GLN H 6 20.75 -4.86 -47.91
CA GLN H 6 21.83 -5.64 -47.36
C GLN H 6 22.90 -5.93 -48.41
N SER H 7 23.93 -6.64 -47.99
CA SER H 7 25.09 -6.95 -48.82
C SER H 7 24.84 -8.19 -49.67
N ALA H 8 25.80 -8.48 -50.54
CA ALA H 8 25.68 -9.57 -51.50
C ALA H 8 25.90 -10.92 -50.82
N PRO H 9 25.40 -12.00 -51.43
CA PRO H 9 25.66 -13.34 -50.89
C PRO H 9 27.14 -13.67 -50.90
N GLU H 10 27.56 -14.45 -49.91
CA GLU H 10 28.97 -14.76 -49.68
C GLU H 10 29.16 -16.25 -49.42
N VAL H 11 30.32 -16.76 -49.84
CA VAL H 11 30.74 -18.12 -49.56
C VAL H 11 32.16 -18.07 -48.99
N LYS H 12 32.35 -18.64 -47.81
CA LYS H 12 33.62 -18.56 -47.10
C LYS H 12 34.05 -19.93 -46.61
N ARG H 13 35.36 -20.11 -46.46
CA ARG H 13 35.93 -21.35 -45.93
C ARG H 13 35.80 -21.39 -44.41
N PRO H 14 35.82 -22.57 -43.82
CA PRO H 14 35.79 -22.66 -42.35
C PRO H 14 36.99 -21.96 -41.73
N GLY H 15 36.74 -21.27 -40.63
CA GLY H 15 37.78 -20.54 -39.93
C GLY H 15 38.10 -19.18 -40.49
N ALA H 16 37.33 -18.70 -41.48
CA ALA H 16 37.57 -17.38 -42.05
C ALA H 16 36.70 -16.35 -41.33
N SER H 17 36.71 -15.11 -41.82
CA SER H 17 35.91 -14.03 -41.25
C SER H 17 35.11 -13.37 -42.36
N VAL H 18 33.91 -12.93 -42.02
CA VAL H 18 33.00 -12.34 -43.00
C VAL H 18 32.42 -11.04 -42.44
N ARG H 19 32.20 -10.08 -43.34
CA ARG H 19 31.64 -8.77 -43.00
C ARG H 19 30.40 -8.52 -43.84
N LEU H 20 29.32 -8.13 -43.18
CA LEU H 20 28.02 -7.93 -43.81
C LEU H 20 27.56 -6.50 -43.60
N SER H 21 26.96 -5.91 -44.64
CA SER H 21 26.63 -4.50 -44.68
C SER H 21 25.12 -4.31 -44.78
N CYS H 22 24.60 -3.31 -44.06
CA CYS H 22 23.16 -3.03 -44.01
C CYS H 22 22.94 -1.53 -44.12
N LYS H 23 22.70 -1.06 -45.34
CA LYS H 23 22.40 0.34 -45.60
C LYS H 23 20.96 0.68 -45.20
N ALA H 24 20.78 1.91 -44.70
CA ALA H 24 19.47 2.41 -44.26
C ALA H 24 19.10 3.65 -45.07
N SER H 25 17.83 3.75 -45.46
CA SER H 25 17.35 4.87 -46.24
C SER H 25 15.95 5.27 -45.79
N GLY H 26 15.68 6.57 -45.82
CA GLY H 26 14.35 7.09 -45.55
C GLY H 26 14.14 7.62 -44.15
N TYR H 27 14.99 7.26 -43.20
CA TYR H 27 14.87 7.71 -41.83
C TYR H 27 16.24 8.14 -41.32
N THR H 28 16.26 9.09 -40.40
CA THR H 28 17.51 9.52 -39.80
C THR H 28 18.17 8.35 -39.06
N PHE H 29 19.45 8.13 -39.35
CA PHE H 29 20.11 6.89 -38.93
C PHE H 29 20.24 6.79 -37.42
N ASN H 30 20.60 7.89 -36.75
CA ASN H 30 20.96 7.80 -35.33
C ASN H 30 19.77 7.50 -34.44
N THR H 31 18.53 7.73 -34.90
CA THR H 31 17.37 7.55 -34.04
C THR H 31 17.01 6.08 -33.81
N TYR H 32 17.55 5.15 -34.60
CA TYR H 32 17.17 3.74 -34.48
C TYR H 32 18.42 2.86 -34.51
N GLY H 33 18.29 1.69 -33.91
CA GLY H 33 19.37 0.71 -33.87
C GLY H 33 19.04 -0.49 -34.75
N ILE H 34 20.07 -1.11 -35.30
CA ILE H 34 19.92 -2.19 -36.26
C ILE H 34 20.20 -3.52 -35.55
N ILE H 35 19.24 -4.44 -35.65
CA ILE H 35 19.33 -5.76 -35.02
C ILE H 35 19.53 -6.82 -36.09
N TRP H 36 20.42 -7.77 -35.82
CA TRP H 36 20.72 -8.85 -36.74
C TRP H 36 20.13 -10.15 -36.21
N VAL H 37 19.39 -10.83 -37.06
CA VAL H 37 18.77 -12.11 -36.73
C VAL H 37 18.93 -13.07 -37.91
N ARG H 38 19.30 -14.32 -37.61
CA ARG H 38 19.68 -15.30 -38.61
C ARG H 38 18.71 -16.48 -38.62
N GLN H 39 18.54 -17.07 -39.80
CA GLN H 39 17.72 -18.27 -39.99
C GLN H 39 18.58 -19.35 -40.60
N ALA H 40 18.94 -20.35 -39.79
CA ALA H 40 19.68 -21.49 -40.30
C ALA H 40 18.76 -22.39 -41.13
N PRO H 41 19.34 -23.21 -42.01
CA PRO H 41 18.50 -24.15 -42.79
C PRO H 41 17.74 -25.10 -41.87
N GLY H 42 16.42 -25.14 -42.04
CA GLY H 42 15.59 -25.98 -41.19
C GLY H 42 15.60 -25.56 -39.74
N GLN H 43 15.67 -24.26 -39.48
CA GLN H 43 15.68 -23.74 -38.11
C GLN H 43 14.85 -22.47 -38.05
N GLY H 44 14.33 -22.18 -36.86
CA GLY H 44 13.61 -20.94 -36.64
C GLY H 44 14.56 -19.76 -36.54
N LEU H 45 13.96 -18.57 -36.54
CA LEU H 45 14.75 -17.35 -36.47
C LEU H 45 15.52 -17.27 -35.14
N GLU H 46 16.77 -16.87 -35.23
CA GLU H 46 17.69 -16.84 -34.09
C GLU H 46 18.31 -15.46 -33.98
N TRP H 47 18.14 -14.82 -32.82
CA TRP H 47 18.74 -13.51 -32.62
C TRP H 47 20.24 -13.62 -32.41
N MET H 48 20.97 -12.62 -32.88
CA MET H 48 22.43 -12.59 -32.74
C MET H 48 22.96 -11.37 -32.00
N GLY H 49 22.57 -10.16 -32.38
CA GLY H 49 23.17 -8.99 -31.76
C GLY H 49 22.46 -7.72 -32.14
N TRP H 50 22.83 -6.64 -31.45
CA TRP H 50 22.24 -5.33 -31.63
C TRP H 50 23.30 -4.25 -31.50
N ILE H 51 23.25 -3.26 -32.40
CA ILE H 51 24.15 -2.11 -32.39
C ILE H 51 23.32 -0.83 -32.35
N SER H 52 23.69 0.07 -31.46
CA SER H 52 23.04 1.38 -31.39
C SER H 52 23.73 2.34 -32.37
N ALA H 53 22.98 3.34 -32.83
CA ALA H 53 23.50 4.41 -33.67
C ALA H 53 23.68 5.72 -32.93
N TYR H 54 22.80 6.03 -31.98
CA TYR H 54 23.02 7.18 -31.10
C TYR H 54 24.29 7.00 -30.29
N THR H 55 24.51 5.78 -29.79
CA THR H 55 25.67 5.46 -28.98
C THR H 55 26.38 4.24 -29.56
N GLY H 56 27.65 4.08 -29.21
CA GLY H 56 28.40 2.93 -29.67
C GLY H 56 28.31 1.75 -28.72
N ASN H 57 27.09 1.29 -28.46
CA ASN H 57 26.84 0.21 -27.51
C ASN H 57 26.36 -1.02 -28.27
N THR H 58 26.93 -2.17 -27.94
CA THR H 58 26.59 -3.43 -28.59
C THR H 58 26.21 -4.46 -27.53
N ASN H 59 25.24 -5.31 -27.87
CA ASN H 59 24.93 -6.50 -27.09
C ASN H 59 24.85 -7.69 -28.03
N TYR H 60 25.51 -8.79 -27.65
CA TYR H 60 25.61 -9.98 -28.47
C TYR H 60 24.97 -11.15 -27.76
N ALA H 61 24.54 -12.15 -28.54
CA ALA H 61 23.92 -13.34 -27.98
C ALA H 61 24.97 -14.30 -27.43
N GLN H 62 24.49 -15.27 -26.65
CA GLN H 62 25.38 -16.12 -25.87
C GLN H 62 26.35 -16.90 -26.75
N LYS H 63 25.84 -17.53 -27.82
CA LYS H 63 26.68 -18.43 -28.60
C LYS H 63 27.81 -17.71 -29.34
N VAL H 64 27.66 -16.42 -29.61
CA VAL H 64 28.60 -15.71 -30.47
C VAL H 64 29.20 -14.51 -29.75
N GLN H 65 29.37 -14.61 -28.44
CA GLN H 65 29.93 -13.50 -27.66
C GLN H 65 31.31 -13.10 -28.17
N GLY H 66 32.26 -14.03 -28.12
CA GLY H 66 33.62 -13.69 -28.51
C GLY H 66 33.88 -13.61 -29.99
N ARG H 67 32.94 -14.06 -30.83
CA ARG H 67 33.18 -14.20 -32.27
C ARG H 67 32.59 -13.07 -33.11
N VAL H 68 31.84 -12.15 -32.50
CA VAL H 68 31.05 -11.17 -33.25
C VAL H 68 31.50 -9.77 -32.89
N THR H 69 31.74 -8.94 -33.90
CA THR H 69 32.02 -7.53 -33.71
C THR H 69 31.11 -6.70 -34.62
N MET H 70 30.41 -5.73 -34.06
CA MET H 70 29.41 -4.95 -34.78
C MET H 70 29.77 -3.48 -34.73
N THR H 71 29.75 -2.82 -35.89
CA THR H 71 30.13 -1.42 -36.00
C THR H 71 29.12 -0.65 -36.83
N THR H 72 29.17 0.67 -36.71
CA THR H 72 28.24 1.55 -37.41
C THR H 72 29.00 2.72 -38.03
N ASP H 73 28.60 3.09 -39.24
CA ASP H 73 29.15 4.25 -39.93
C ASP H 73 28.01 5.24 -40.16
N ILE H 74 28.12 6.42 -39.54
CA ILE H 74 27.06 7.42 -39.60
C ILE H 74 26.82 7.86 -41.03
N THR H 75 27.89 7.99 -41.81
CA THR H 75 27.77 8.23 -43.24
C THR H 75 28.47 7.09 -43.98
N THR H 76 27.74 6.49 -44.91
CA THR H 76 26.37 6.85 -45.21
C THR H 76 25.39 5.83 -44.63
N SER H 77 25.12 5.97 -43.33
CA SER H 77 24.09 5.20 -42.63
C SER H 77 24.22 3.70 -42.90
N THR H 78 25.42 3.16 -42.65
CA THR H 78 25.69 1.76 -42.95
C THR H 78 26.16 1.02 -41.72
N ALA H 79 25.55 -0.13 -41.44
CA ALA H 79 25.89 -0.96 -40.29
C ALA H 79 26.64 -2.20 -40.77
N TYR H 80 27.64 -2.63 -40.00
CA TYR H 80 28.50 -3.73 -40.38
C TYR H 80 28.54 -4.77 -39.27
N LEU H 81 28.47 -6.03 -39.68
CA LEU H 81 28.52 -7.19 -38.79
C LEU H 81 29.69 -8.08 -39.22
N GLU H 82 30.60 -8.36 -38.29
CA GLU H 82 31.76 -9.21 -38.58
C GLU H 82 31.68 -10.46 -37.74
N LEU H 83 31.74 -11.61 -38.41
CA LEU H 83 31.76 -12.92 -37.77
C LEU H 83 33.09 -13.59 -38.05
N ARG H 84 33.70 -14.11 -36.99
CA ARG H 84 35.02 -14.72 -37.04
C ARG H 84 34.96 -16.14 -36.53
N GLY H 85 35.97 -16.93 -36.89
CA GLY H 85 35.98 -18.33 -36.50
C GLY H 85 34.81 -19.10 -37.07
N LEU H 86 34.49 -18.85 -38.34
CA LEU H 86 33.28 -19.40 -38.93
C LEU H 86 33.32 -20.93 -38.92
N ARG H 87 32.19 -21.53 -38.54
CA ARG H 87 32.03 -22.98 -38.57
C ARG H 87 30.75 -23.32 -39.31
N SER H 88 30.54 -24.62 -39.53
CA SER H 88 29.49 -25.07 -40.45
C SER H 88 28.10 -24.63 -40.00
N ASP H 89 27.84 -24.63 -38.69
CA ASP H 89 26.51 -24.29 -38.20
C ASP H 89 26.13 -22.84 -38.49
N ASP H 90 27.11 -21.98 -38.78
CA ASP H 90 26.84 -20.59 -39.11
C ASP H 90 26.22 -20.42 -40.50
N THR H 91 26.19 -21.47 -41.32
CA THR H 91 25.51 -21.40 -42.61
C THR H 91 24.05 -21.04 -42.38
N ALA H 92 23.63 -19.91 -42.92
CA ALA H 92 22.30 -19.38 -42.65
C ALA H 92 22.05 -18.19 -43.57
N VAL H 93 20.85 -17.62 -43.44
CA VAL H 93 20.47 -16.37 -44.09
C VAL H 93 20.38 -15.30 -43.00
N TYR H 94 21.11 -14.20 -43.18
CA TYR H 94 21.24 -13.18 -42.15
C TYR H 94 20.44 -11.95 -42.53
N TYR H 95 19.54 -11.52 -41.64
CA TYR H 95 18.68 -10.37 -41.83
C TYR H 95 19.13 -9.23 -40.92
N CYS H 96 18.76 -8.00 -41.30
CA CYS H 96 19.07 -6.80 -40.51
C CYS H 96 17.79 -5.97 -40.35
N ALA H 97 17.09 -6.18 -39.23
CA ALA H 97 15.90 -5.42 -38.92
C ALA H 97 16.24 -4.21 -38.06
N ARG H 98 15.31 -3.24 -38.03
CA ARG H 98 15.50 -1.99 -37.31
C ARG H 98 14.48 -1.91 -36.18
N GLY H 99 14.99 -1.81 -34.95
CA GLY H 99 14.19 -1.84 -33.75
C GLY H 99 14.18 -0.61 -32.87
N LEU H 100 15.00 -0.68 -31.82
CA LEU H 100 14.93 0.22 -30.68
C LEU H 100 15.06 1.69 -31.08
N LEU H 101 14.36 2.55 -30.35
CA LEU H 101 14.39 3.99 -30.56
C LEU H 101 15.36 4.65 -29.59
N GLN H 102 16.43 5.24 -30.13
CA GLN H 102 17.42 5.96 -29.35
C GLN H 102 17.29 7.45 -29.63
N GLY H 103 17.03 8.23 -28.59
CA GLY H 103 16.93 9.67 -28.74
C GLY H 103 15.80 10.32 -27.98
N ALA H 104 14.73 9.56 -27.72
CA ALA H 104 13.58 10.09 -26.99
C ALA H 104 12.95 8.99 -26.17
N VAL H 105 12.24 9.40 -25.11
CA VAL H 105 11.56 8.42 -24.27
C VAL H 105 10.48 7.73 -25.08
N ILE H 106 10.29 6.44 -24.82
CA ILE H 106 9.41 5.59 -25.62
C ILE H 106 8.15 5.27 -24.83
N LEU H 107 7.00 5.49 -25.45
CA LEU H 107 5.71 5.16 -24.87
C LEU H 107 4.99 4.10 -25.70
N ASP H 108 4.78 4.31 -26.99
CA ASP H 108 4.19 3.27 -27.84
C ASP H 108 5.25 2.23 -28.20
N SER H 109 4.78 1.07 -28.65
CA SER H 109 5.66 -0.08 -28.85
C SER H 109 6.07 -0.27 -30.30
N TYR H 110 5.70 0.64 -31.20
CA TYR H 110 6.19 0.52 -32.58
C TYR H 110 7.69 0.77 -32.66
N HIS H 111 8.19 1.77 -31.91
CA HIS H 111 9.61 2.04 -31.82
C HIS H 111 10.30 1.10 -30.85
N TYR H 112 9.67 -0.04 -30.59
CA TYR H 112 10.08 -0.96 -29.55
C TYR H 112 10.24 -2.37 -30.07
N ALA H 113 10.08 -2.59 -31.38
CA ALA H 113 10.19 -3.90 -31.99
C ALA H 113 10.65 -3.74 -33.43
N LEU H 114 11.06 -4.84 -34.04
CA LEU H 114 11.58 -4.85 -35.40
C LEU H 114 10.44 -4.61 -36.39
N ASP H 115 10.54 -3.58 -37.23
CA ASP H 115 9.47 -3.28 -38.18
C ASP H 115 9.90 -3.44 -39.63
N PHE H 116 10.92 -2.70 -40.08
CA PHE H 116 11.39 -2.78 -41.46
C PHE H 116 12.59 -3.71 -41.52
N TRP H 117 12.51 -4.70 -42.39
CA TRP H 117 13.48 -5.77 -42.49
C TRP H 117 14.29 -5.60 -43.77
N GLY H 118 15.17 -6.56 -44.04
CA GLY H 118 16.00 -6.55 -45.23
C GLY H 118 15.79 -7.82 -46.04
N GLN H 119 16.30 -7.78 -47.28
CA GLN H 119 16.21 -8.97 -48.14
C GLN H 119 17.00 -10.14 -47.55
N GLY H 120 18.07 -9.85 -46.83
CA GLY H 120 18.89 -10.90 -46.24
C GLY H 120 20.00 -11.38 -47.15
N THR H 121 21.19 -11.56 -46.61
CA THR H 121 22.32 -12.08 -47.35
C THR H 121 22.61 -13.50 -46.89
N THR H 122 22.62 -14.44 -47.84
CA THR H 122 22.92 -15.82 -47.54
C THR H 122 24.42 -15.98 -47.35
N VAL H 123 24.81 -16.69 -46.30
CA VAL H 123 26.22 -16.94 -46.00
C VAL H 123 26.40 -18.45 -45.91
N THR H 124 27.15 -19.01 -46.85
CA THR H 124 27.44 -20.44 -46.88
C THR H 124 28.90 -20.66 -46.52
N VAL H 125 29.15 -21.46 -45.49
CA VAL H 125 30.50 -21.78 -45.05
C VAL H 125 30.69 -23.29 -45.16
N SER H 126 31.71 -23.68 -45.91
CA SER H 126 32.06 -25.08 -46.14
C SER H 126 33.38 -25.12 -46.86
N GLY H 127 34.08 -26.23 -46.73
CA GLY H 127 35.35 -26.44 -47.40
C GLY H 127 35.26 -26.93 -48.83
N ALA H 128 34.07 -27.25 -49.32
CA ALA H 128 33.93 -27.80 -50.66
C ALA H 128 34.27 -26.77 -51.72
N SER H 129 34.94 -27.21 -52.78
CA SER H 129 35.25 -26.35 -53.91
C SER H 129 34.01 -26.12 -54.76
N THR H 130 34.02 -25.00 -55.48
CA THR H 130 32.93 -24.73 -56.41
C THR H 130 32.95 -25.78 -57.52
N LYS H 131 31.85 -26.52 -57.63
CA LYS H 131 31.78 -27.66 -58.53
C LYS H 131 30.57 -27.50 -59.45
N GLY H 132 30.78 -27.75 -60.74
CA GLY H 132 29.71 -27.69 -61.70
C GLY H 132 28.72 -28.83 -61.56
N PRO H 133 27.46 -28.58 -61.88
CA PRO H 133 26.44 -29.62 -61.74
C PRO H 133 26.62 -30.71 -62.77
N SER H 134 26.19 -31.91 -62.39
CA SER H 134 26.15 -33.07 -63.28
C SER H 134 24.69 -33.46 -63.48
N VAL H 135 24.25 -33.50 -64.74
CA VAL H 135 22.85 -33.70 -65.07
C VAL H 135 22.69 -35.08 -65.71
N PHE H 136 21.86 -35.90 -65.10
CA PHE H 136 21.60 -37.25 -65.57
C PHE H 136 20.11 -37.42 -65.85
N PRO H 137 19.74 -37.90 -67.04
CA PRO H 137 18.31 -37.98 -67.39
C PRO H 137 17.59 -39.05 -66.59
N LEU H 138 16.29 -38.81 -66.37
CA LEU H 138 15.39 -39.78 -65.75
C LEU H 138 14.34 -40.16 -66.78
N ALA H 139 14.44 -41.39 -67.31
CA ALA H 139 13.63 -41.83 -68.44
C ALA H 139 12.21 -42.18 -68.01
N PRO H 140 11.23 -41.98 -68.90
CA PRO H 140 9.85 -42.38 -68.57
C PRO H 140 9.73 -43.89 -68.41
N SER H 141 8.83 -44.30 -67.53
CA SER H 141 8.66 -45.70 -67.20
C SER H 141 7.91 -46.44 -68.30
N SER H 142 8.00 -47.77 -68.24
CA SER H 142 7.28 -48.61 -69.19
C SER H 142 5.78 -48.56 -68.93
N LYS H 143 5.01 -48.43 -70.01
CA LYS H 143 3.57 -48.15 -69.99
C LYS H 143 3.27 -46.75 -69.45
N SER H 144 4.30 -45.94 -69.16
CA SER H 144 4.17 -44.56 -68.66
C SER H 144 3.44 -44.49 -67.32
N THR H 145 3.33 -45.65 -66.63
CA THR H 145 2.70 -45.83 -65.32
C THR H 145 1.18 -45.71 -65.43
N SER H 146 0.70 -45.18 -66.56
CA SER H 146 -0.72 -44.92 -66.76
C SER H 146 -0.91 -44.37 -68.17
N GLY H 147 -2.01 -44.76 -68.81
CA GLY H 147 -2.31 -44.23 -70.13
C GLY H 147 -2.54 -42.73 -70.14
N GLY H 148 -3.09 -42.19 -69.05
CA GLY H 148 -3.42 -40.76 -69.04
C GLY H 148 -2.21 -39.86 -68.96
N THR H 149 -1.26 -40.19 -68.07
CA THR H 149 -0.18 -39.27 -67.76
C THR H 149 1.13 -40.03 -67.61
N ALA H 150 2.23 -39.36 -67.99
CA ALA H 150 3.57 -39.90 -67.88
C ALA H 150 4.47 -38.91 -67.17
N ALA H 151 5.57 -39.42 -66.61
CA ALA H 151 6.51 -38.61 -65.83
C ALA H 151 7.93 -38.78 -66.36
N LEU H 152 8.65 -37.66 -66.44
CA LEU H 152 10.05 -37.65 -66.85
C LEU H 152 10.77 -36.56 -66.09
N GLY H 153 12.08 -36.68 -65.98
CA GLY H 153 12.82 -35.71 -65.18
C GLY H 153 14.31 -35.75 -65.43
N CYS H 154 15.00 -34.87 -64.69
CA CYS H 154 16.45 -34.72 -64.75
C CYS H 154 17.01 -34.75 -63.34
N LEU H 155 18.16 -35.37 -63.16
CA LEU H 155 18.83 -35.47 -61.87
C LEU H 155 20.06 -34.57 -61.87
N VAL H 156 20.06 -33.56 -61.01
CA VAL H 156 21.20 -32.67 -60.84
C VAL H 156 21.94 -33.09 -59.58
N LYS H 157 23.21 -33.44 -59.73
CA LYS H 157 23.99 -34.01 -58.64
C LYS H 157 25.35 -33.33 -58.53
N ASP H 158 25.89 -33.31 -57.32
CA ASP H 158 27.25 -32.85 -57.04
C ASP H 158 27.47 -31.41 -57.49
N TYR H 159 26.68 -30.51 -56.91
CA TYR H 159 26.78 -29.09 -57.23
C TYR H 159 26.98 -28.29 -55.96
N PHE H 160 27.91 -27.34 -56.00
CA PHE H 160 28.31 -26.50 -54.88
C PHE H 160 28.92 -25.21 -55.40
N PRO H 161 28.58 -24.07 -54.82
CA PRO H 161 27.53 -23.85 -53.82
C PRO H 161 26.20 -23.53 -54.50
N GLU H 162 25.11 -23.44 -53.73
CA GLU H 162 23.83 -23.09 -54.31
C GLU H 162 23.89 -21.67 -54.86
N PRO H 163 23.04 -21.33 -55.85
CA PRO H 163 21.88 -22.04 -56.39
C PRO H 163 22.04 -22.69 -57.77
N VAL H 164 20.98 -23.37 -58.20
CA VAL H 164 20.84 -23.86 -59.56
C VAL H 164 19.46 -23.45 -60.08
N THR H 165 19.42 -22.98 -61.32
CA THR H 165 18.16 -22.65 -61.99
C THR H 165 17.91 -23.67 -63.08
N VAL H 166 16.77 -24.35 -63.00
CA VAL H 166 16.42 -25.42 -63.93
C VAL H 166 15.16 -25.02 -64.67
N SER H 167 15.23 -25.02 -66.00
CA SER H 167 14.10 -24.75 -66.86
C SER H 167 13.93 -25.88 -67.86
N TRP H 168 12.71 -26.04 -68.36
CA TRP H 168 12.37 -27.15 -69.24
C TRP H 168 12.00 -26.63 -70.61
N ASN H 169 12.62 -27.20 -71.65
CA ASN H 169 12.38 -26.80 -73.04
C ASN H 169 12.58 -25.30 -73.22
N SER H 170 13.66 -24.78 -72.63
CA SER H 170 13.98 -23.36 -72.67
C SER H 170 12.85 -22.51 -72.09
N GLY H 171 12.21 -23.02 -71.03
CA GLY H 171 11.16 -22.29 -70.36
C GLY H 171 9.78 -22.41 -70.97
N ALA H 172 9.65 -23.14 -72.09
CA ALA H 172 8.34 -23.31 -72.71
C ALA H 172 7.40 -24.11 -71.82
N LEU H 173 7.91 -25.15 -71.17
CA LEU H 173 7.11 -26.04 -70.34
C LEU H 173 7.00 -25.48 -68.93
N THR H 174 5.82 -24.96 -68.59
CA THR H 174 5.59 -24.33 -67.29
C THR H 174 4.55 -25.05 -66.43
N SER H 175 3.97 -26.14 -66.91
CA SER H 175 2.88 -26.83 -66.22
C SER H 175 3.32 -28.21 -65.79
N GLY H 176 2.93 -28.59 -64.58
CA GLY H 176 3.33 -29.88 -64.04
C GLY H 176 4.78 -29.96 -63.64
N VAL H 177 5.49 -28.83 -63.58
CA VAL H 177 6.91 -28.81 -63.31
C VAL H 177 7.10 -28.62 -61.81
N HIS H 178 7.65 -29.65 -61.15
CA HIS H 178 8.00 -29.58 -59.74
C HIS H 178 9.52 -29.68 -59.62
N THR H 179 10.13 -28.66 -59.03
CA THR H 179 11.56 -28.63 -58.77
C THR H 179 11.76 -28.70 -57.26
N PHE H 180 12.32 -29.81 -56.80
CA PHE H 180 12.46 -30.06 -55.37
C PHE H 180 13.61 -29.25 -54.78
N PRO H 181 13.54 -28.91 -53.50
CA PRO H 181 14.65 -28.22 -52.85
C PRO H 181 15.88 -29.11 -52.77
N ALA H 182 17.04 -28.47 -52.75
CA ALA H 182 18.31 -29.19 -52.71
C ALA H 182 18.49 -29.89 -51.36
N VAL H 183 19.28 -30.96 -51.38
CA VAL H 183 19.65 -31.69 -50.17
C VAL H 183 21.16 -31.78 -50.12
N LEU H 184 21.69 -31.84 -48.91
CA LEU H 184 23.14 -31.88 -48.69
C LEU H 184 23.58 -33.33 -48.62
N GLN H 185 24.38 -33.75 -49.59
CA GLN H 185 25.01 -35.06 -49.51
C GLN H 185 26.11 -35.04 -48.45
N SER H 186 26.52 -36.26 -48.04
CA SER H 186 27.59 -36.37 -47.05
C SER H 186 28.89 -35.74 -47.55
N SER H 187 29.11 -35.75 -48.86
CA SER H 187 30.32 -35.19 -49.44
C SER H 187 30.40 -33.67 -49.27
N GLY H 188 29.29 -33.02 -48.95
CA GLY H 188 29.22 -31.58 -48.88
C GLY H 188 28.69 -30.91 -50.14
N LEU H 189 28.64 -31.63 -51.24
CA LEU H 189 28.00 -31.15 -52.46
C LEU H 189 26.50 -31.35 -52.36
N TYR H 190 25.76 -30.60 -53.17
CA TYR H 190 24.30 -30.63 -53.13
C TYR H 190 23.75 -31.45 -54.29
N SER H 191 22.55 -32.01 -54.08
CA SER H 191 21.86 -32.78 -55.09
C SER H 191 20.41 -32.30 -55.19
N LEU H 192 19.87 -32.36 -56.41
CA LEU H 192 18.54 -31.82 -56.69
C LEU H 192 17.89 -32.66 -57.78
N SER H 193 16.56 -32.70 -57.76
CA SER H 193 15.79 -33.45 -58.75
C SER H 193 14.63 -32.60 -59.23
N SER H 194 14.42 -32.59 -60.55
CA SER H 194 13.31 -31.86 -61.16
C SER H 194 12.59 -32.78 -62.13
N VAL H 195 11.26 -32.84 -62.02
CA VAL H 195 10.44 -33.74 -62.82
C VAL H 195 9.22 -32.97 -63.34
N VAL H 196 8.60 -33.54 -64.37
CA VAL H 196 7.41 -32.95 -64.98
C VAL H 196 6.49 -34.07 -65.42
N THR H 197 5.18 -33.86 -65.29
CA THR H 197 4.18 -34.82 -65.74
C THR H 197 3.63 -34.37 -67.10
N VAL H 198 3.68 -35.27 -68.07
CA VAL H 198 3.27 -34.96 -69.44
C VAL H 198 2.33 -36.06 -69.93
N PRO H 199 1.48 -35.76 -70.92
CA PRO H 199 0.67 -36.81 -71.52
C PRO H 199 1.54 -37.90 -72.14
N SER H 200 1.09 -39.15 -72.01
CA SER H 200 1.85 -40.27 -72.56
C SER H 200 1.92 -40.22 -74.08
N SER H 201 0.86 -39.71 -74.73
CA SER H 201 0.86 -39.60 -76.18
C SER H 201 1.93 -38.65 -76.67
N SER H 202 2.12 -37.52 -75.97
CA SER H 202 3.08 -36.50 -76.37
C SER H 202 4.53 -36.94 -76.19
N LEU H 203 4.77 -38.16 -75.69
CA LEU H 203 6.15 -38.61 -75.47
C LEU H 203 6.94 -38.65 -76.78
N GLY H 204 6.33 -39.20 -77.84
CA GLY H 204 6.99 -39.18 -79.14
C GLY H 204 6.83 -37.87 -79.88
N THR H 205 5.75 -37.14 -79.60
CA THR H 205 5.45 -35.93 -80.35
C THR H 205 6.42 -34.80 -80.00
N GLN H 206 6.68 -34.58 -78.72
CA GLN H 206 7.41 -33.42 -78.26
C GLN H 206 8.73 -33.84 -77.62
N THR H 207 9.82 -33.26 -78.10
CA THR H 207 11.12 -33.46 -77.49
C THR H 207 11.19 -32.72 -76.16
N TYR H 208 11.77 -33.37 -75.14
CA TYR H 208 11.88 -32.80 -73.80
C TYR H 208 13.35 -32.65 -73.42
N ILE H 209 13.73 -31.43 -73.05
CA ILE H 209 15.10 -31.09 -72.68
C ILE H 209 15.05 -30.24 -71.42
N CYS H 210 15.96 -30.51 -70.49
CA CYS H 210 16.08 -29.73 -69.26
C CYS H 210 17.33 -28.86 -69.32
N ASN H 211 17.18 -27.58 -68.99
CA ASN H 211 18.26 -26.61 -69.03
C ASN H 211 18.63 -26.24 -67.60
N VAL H 212 19.86 -26.52 -67.21
CA VAL H 212 20.36 -26.27 -65.86
C VAL H 212 21.48 -25.25 -65.95
N ASN H 213 21.37 -24.19 -65.16
CA ASN H 213 22.37 -23.13 -65.11
C ASN H 213 22.92 -23.03 -63.70
N HIS H 214 24.25 -22.98 -63.58
CA HIS H 214 24.94 -22.84 -62.31
C HIS H 214 25.84 -21.62 -62.42
N LYS H 215 25.40 -20.49 -61.86
CA LYS H 215 26.18 -19.27 -61.93
C LYS H 215 27.58 -19.39 -61.31
N PRO H 216 27.76 -19.98 -60.13
CA PRO H 216 29.13 -20.05 -59.57
C PRO H 216 30.14 -20.75 -60.46
N SER H 217 29.76 -21.84 -61.12
CA SER H 217 30.69 -22.60 -61.94
C SER H 217 30.73 -22.15 -63.39
N ASN H 218 29.90 -21.17 -63.77
CA ASN H 218 29.82 -20.67 -65.15
C ASN H 218 29.46 -21.82 -66.10
N THR H 219 28.60 -22.72 -65.64
CA THR H 219 28.27 -23.94 -66.36
C THR H 219 26.80 -23.97 -66.69
N LYS H 220 26.48 -24.22 -67.96
CA LYS H 220 25.11 -24.39 -68.42
C LYS H 220 25.03 -25.68 -69.22
N VAL H 221 24.26 -26.64 -68.73
CA VAL H 221 24.17 -27.97 -69.33
C VAL H 221 22.73 -28.21 -69.75
N ASP H 222 22.55 -28.61 -71.01
CA ASP H 222 21.24 -29.01 -71.53
C ASP H 222 21.29 -30.50 -71.85
N LYS H 223 20.37 -31.26 -71.24
CA LYS H 223 20.33 -32.71 -71.37
C LYS H 223 18.97 -33.14 -71.87
N ARG H 224 18.94 -33.98 -72.90
CA ARG H 224 17.70 -34.44 -73.51
C ARG H 224 17.21 -35.69 -72.80
N VAL H 225 15.93 -35.67 -72.39
CA VAL H 225 15.28 -36.82 -71.80
C VAL H 225 14.55 -37.53 -72.94
N GLU H 226 15.10 -38.65 -73.39
CA GLU H 226 14.50 -39.39 -74.48
C GLU H 226 13.76 -40.61 -73.95
N PRO H 227 12.60 -40.94 -74.54
CA PRO H 227 11.81 -42.06 -74.03
C PRO H 227 12.56 -43.37 -74.13
N LYS H 228 12.41 -44.21 -73.11
CA LYS H 228 12.94 -45.57 -73.14
C LYS H 228 11.89 -46.48 -73.76
N SER H 229 12.31 -47.27 -74.74
CA SER H 229 11.38 -48.09 -75.50
C SER H 229 11.99 -49.45 -75.80
N CYS H 230 11.17 -50.49 -75.74
CA CYS H 230 11.61 -51.83 -76.08
C CYS H 230 11.84 -52.00 -77.57
N ASP H 231 11.46 -51.03 -78.40
CA ASP H 231 11.71 -51.05 -79.84
C ASP H 231 12.71 -49.96 -80.19
N LYS H 232 13.62 -50.28 -81.12
CA LYS H 232 14.67 -49.37 -81.58
C LYS H 232 15.51 -48.82 -80.42
N GLY H 233 15.71 -49.64 -79.38
CA GLY H 233 16.53 -49.25 -78.25
C GLY H 233 17.89 -49.92 -78.27
N SER H 234 18.34 -50.28 -79.46
CA SER H 234 19.46 -51.19 -79.64
C SER H 234 20.76 -50.44 -79.97
N SER H 235 21.86 -51.02 -79.51
CA SER H 235 23.17 -50.40 -79.67
C SER H 235 23.55 -50.33 -81.14
N LEU H 236 24.19 -49.21 -81.52
CA LEU H 236 24.61 -49.01 -82.90
C LEU H 236 25.80 -49.91 -83.22
N GLU H 237 26.08 -50.03 -84.52
CA GLU H 237 27.17 -50.87 -84.97
C GLU H 237 28.52 -50.27 -84.56
N VAL H 238 29.54 -51.13 -84.54
CA VAL H 238 30.88 -50.74 -84.12
C VAL H 238 31.82 -50.97 -85.31
N LEU H 239 31.99 -49.94 -86.14
CA LEU H 239 32.85 -49.97 -87.33
C LEU H 239 32.84 -51.31 -88.08
N GLN I 1 37.00 -27.36 19.05
CA GLN I 1 35.81 -26.75 19.63
C GLN I 1 36.03 -25.26 19.83
N VAL I 2 34.93 -24.51 19.91
CA VAL I 2 35.01 -23.08 20.20
C VAL I 2 35.14 -22.91 21.71
N GLN I 3 36.27 -22.34 22.16
CA GLN I 3 36.54 -22.25 23.58
C GLN I 3 37.12 -20.88 23.91
N LEU I 4 36.71 -20.34 25.05
CA LEU I 4 37.19 -19.06 25.55
C LEU I 4 37.86 -19.27 26.90
N VAL I 5 39.10 -18.81 27.02
CA VAL I 5 39.87 -18.92 28.25
C VAL I 5 40.11 -17.51 28.79
N GLN I 6 39.96 -17.33 30.09
CA GLN I 6 40.06 -16.01 30.69
C GLN I 6 41.22 -15.93 31.67
N SER I 7 41.58 -14.70 32.01
CA SER I 7 42.73 -14.43 32.86
C SER I 7 42.45 -14.85 34.30
N ALA I 8 43.53 -14.94 35.09
CA ALA I 8 43.43 -15.39 36.46
C ALA I 8 42.73 -14.34 37.33
N PRO I 9 42.13 -14.77 38.45
CA PRO I 9 41.49 -13.81 39.36
C PRO I 9 42.48 -12.80 39.92
N GLU I 10 42.00 -11.57 40.12
CA GLU I 10 42.82 -10.47 40.57
C GLU I 10 42.16 -9.77 41.75
N VAL I 11 43.00 -9.26 42.65
CA VAL I 11 42.54 -8.57 43.86
C VAL I 11 43.24 -7.21 43.87
N LYS I 12 42.57 -6.19 43.32
CA LYS I 12 43.11 -4.85 43.23
C LYS I 12 42.61 -4.00 44.40
N ARG I 13 43.12 -2.78 44.48
CA ARG I 13 42.77 -1.79 45.48
C ARG I 13 41.94 -0.67 44.87
N PRO I 14 41.17 0.06 45.67
CA PRO I 14 40.37 1.16 45.11
C PRO I 14 41.25 2.19 44.42
N GLY I 15 40.77 2.67 43.28
CA GLY I 15 41.49 3.64 42.49
C GLY I 15 42.50 3.07 41.52
N ALA I 16 42.74 1.76 41.54
CA ALA I 16 43.71 1.14 40.65
C ALA I 16 43.05 0.80 39.31
N SER I 17 43.80 0.13 38.44
CA SER I 17 43.31 -0.29 37.14
C SER I 17 43.61 -1.75 36.94
N VAL I 18 42.64 -2.48 36.40
CA VAL I 18 42.75 -3.92 36.17
C VAL I 18 42.59 -4.20 34.69
N ARG I 19 43.44 -5.09 34.18
CA ARG I 19 43.41 -5.55 32.80
C ARG I 19 43.02 -7.02 32.76
N LEU I 20 41.97 -7.35 32.03
CA LEU I 20 41.42 -8.69 31.94
C LEU I 20 41.56 -9.22 30.52
N SER I 21 41.66 -10.55 30.40
CA SER I 21 41.98 -11.18 29.14
C SER I 21 40.90 -12.18 28.75
N CYS I 22 40.79 -12.42 27.44
CA CYS I 22 39.87 -13.43 26.90
C CYS I 22 40.49 -14.00 25.61
N LYS I 23 41.19 -15.13 25.75
CA LYS I 23 41.75 -15.84 24.61
C LYS I 23 40.71 -16.73 23.95
N ALA I 24 40.76 -16.78 22.62
CA ALA I 24 39.77 -17.49 21.80
C ALA I 24 40.42 -18.62 21.03
N SER I 25 39.72 -19.75 20.91
CA SER I 25 40.24 -20.88 20.15
C SER I 25 39.09 -21.58 19.44
N GLY I 26 39.40 -22.16 18.28
CA GLY I 26 38.46 -22.96 17.53
C GLY I 26 37.68 -22.23 16.46
N TYR I 27 37.75 -20.90 16.41
CA TYR I 27 37.05 -20.10 15.42
C TYR I 27 37.92 -18.91 15.06
N THR I 28 37.91 -18.53 13.79
CA THR I 28 38.74 -17.41 13.35
C THR I 28 38.33 -16.14 14.07
N PHE I 29 39.34 -15.40 14.57
CA PHE I 29 39.06 -14.30 15.49
C PHE I 29 38.34 -13.15 14.83
N ASN I 30 38.74 -12.78 13.61
CA ASN I 30 38.23 -11.56 12.98
C ASN I 30 36.73 -11.64 12.69
N THR I 31 36.17 -12.84 12.54
CA THR I 31 34.79 -13.01 12.13
C THR I 31 33.78 -12.58 13.19
N TYR I 32 34.09 -12.71 14.49
CA TYR I 32 33.11 -12.36 15.51
C TYR I 32 33.72 -11.50 16.61
N GLY I 33 32.91 -10.58 17.13
CA GLY I 33 33.33 -9.77 18.26
C GLY I 33 33.03 -10.43 19.59
N ILE I 34 33.64 -9.89 20.64
CA ILE I 34 33.56 -10.43 22.00
C ILE I 34 32.91 -9.37 22.88
N ILE I 35 31.92 -9.77 23.67
CA ILE I 35 31.28 -8.83 24.57
C ILE I 35 31.46 -9.33 26.00
N TRP I 36 31.46 -8.37 26.94
CA TRP I 36 31.76 -8.63 28.34
C TRP I 36 30.53 -8.33 29.18
N VAL I 37 30.20 -9.24 30.09
CA VAL I 37 29.07 -9.10 31.01
C VAL I 37 29.52 -9.51 32.41
N ARG I 38 29.07 -8.79 33.42
CA ARG I 38 29.52 -8.97 34.79
C ARG I 38 28.34 -9.26 35.71
N GLN I 39 28.64 -9.97 36.81
CA GLN I 39 27.65 -10.34 37.80
C GLN I 39 28.16 -9.91 39.17
N ALA I 40 27.61 -8.83 39.70
CA ALA I 40 27.91 -8.40 41.05
C ALA I 40 27.34 -9.39 42.06
N PRO I 41 27.88 -9.44 43.27
CA PRO I 41 27.37 -10.38 44.28
C PRO I 41 25.89 -10.17 44.53
N GLY I 42 25.13 -11.25 44.45
CA GLY I 42 23.69 -11.19 44.65
C GLY I 42 22.99 -10.27 43.68
N GLN I 43 23.42 -10.26 42.42
CA GLN I 43 22.87 -9.36 41.42
C GLN I 43 22.80 -10.09 40.09
N GLY I 44 21.98 -9.56 39.20
CA GLY I 44 21.82 -10.16 37.88
C GLY I 44 22.95 -9.78 36.93
N LEU I 45 22.92 -10.40 35.76
CA LEU I 45 23.91 -10.13 34.74
C LEU I 45 23.75 -8.71 34.19
N GLU I 46 24.88 -8.07 33.89
CA GLU I 46 24.88 -6.69 33.40
C GLU I 46 25.88 -6.58 32.25
N TRP I 47 25.38 -6.24 31.07
CA TRP I 47 26.28 -6.00 29.94
C TRP I 47 27.11 -4.75 30.17
N MET I 48 28.36 -4.79 29.70
CA MET I 48 29.26 -3.65 29.86
C MET I 48 29.78 -3.09 28.54
N GLY I 49 30.29 -3.93 27.65
CA GLY I 49 30.88 -3.43 26.44
C GLY I 49 31.07 -4.50 25.38
N TRP I 50 31.24 -4.04 24.15
CA TRP I 50 31.42 -4.90 23.00
C TRP I 50 32.51 -4.33 22.11
N ILE I 51 33.40 -5.20 21.63
CA ILE I 51 34.41 -4.84 20.65
C ILE I 51 34.44 -5.92 19.58
N SER I 52 34.84 -5.53 18.38
CA SER I 52 34.92 -6.43 17.23
C SER I 52 36.34 -6.50 16.73
N ALA I 53 36.77 -7.68 16.29
CA ALA I 53 38.08 -7.80 15.68
C ALA I 53 38.11 -7.17 14.29
N TYR I 54 37.02 -7.34 13.53
CA TYR I 54 36.95 -6.72 12.21
C TYR I 54 36.99 -5.20 12.31
N THR I 55 36.19 -4.62 13.22
CA THR I 55 36.12 -3.19 13.43
C THR I 55 36.44 -2.88 14.88
N GLY I 56 37.45 -2.04 15.11
CA GLY I 56 37.82 -1.68 16.46
C GLY I 56 36.76 -0.89 17.21
N ASN I 57 35.67 -0.52 16.55
CA ASN I 57 34.62 0.29 17.17
C ASN I 57 34.10 -0.40 18.43
N THR I 58 33.98 0.39 19.50
CA THR I 58 33.55 -0.11 20.80
C THR I 58 32.30 0.64 21.25
N ASN I 59 31.34 -0.10 21.79
CA ASN I 59 30.19 0.49 22.43
C ASN I 59 30.21 0.07 23.89
N TYR I 60 30.16 1.06 24.79
CA TYR I 60 30.22 0.81 26.22
C TYR I 60 28.89 1.17 26.88
N ALA I 61 28.66 0.58 28.05
CA ALA I 61 27.46 0.88 28.81
C ALA I 61 27.54 2.26 29.45
N GLN I 62 26.37 2.83 29.74
CA GLN I 62 26.30 4.17 30.33
C GLN I 62 26.94 4.19 31.71
N LYS I 63 26.79 3.12 32.49
CA LYS I 63 27.32 3.08 33.84
C LYS I 63 28.84 3.23 33.86
N VAL I 64 29.52 2.56 32.94
CA VAL I 64 30.98 2.61 32.80
C VAL I 64 31.34 3.03 31.38
N GLN I 65 31.47 4.34 31.16
CA GLN I 65 31.86 4.87 29.87
C GLN I 65 33.25 5.49 29.89
N GLY I 66 33.51 6.38 30.84
CA GLY I 66 34.82 7.02 30.90
C GLY I 66 35.91 6.09 31.37
N ARG I 67 35.57 5.06 32.13
CA ARG I 67 36.56 4.25 32.82
C ARG I 67 36.92 2.96 32.10
N VAL I 68 36.27 2.64 30.98
CA VAL I 68 36.43 1.34 30.33
C VAL I 68 37.12 1.54 28.99
N THR I 69 38.20 0.78 28.77
CA THR I 69 38.85 0.73 27.47
C THR I 69 39.04 -0.72 27.06
N MET I 70 38.50 -1.08 25.89
CA MET I 70 38.57 -2.45 25.39
C MET I 70 39.45 -2.48 24.16
N THR I 71 40.42 -3.40 24.16
CA THR I 71 41.36 -3.53 23.06
C THR I 71 41.36 -4.99 22.57
N THR I 72 41.79 -5.16 21.33
CA THR I 72 41.88 -6.48 20.73
C THR I 72 43.21 -6.64 20.03
N ASP I 73 43.84 -7.81 20.16
CA ASP I 73 45.06 -8.12 19.43
C ASP I 73 44.83 -9.40 18.64
N ILE I 74 45.03 -9.30 17.32
CA ILE I 74 44.78 -10.42 16.42
C ILE I 74 45.73 -11.58 16.74
N THR I 75 46.97 -11.27 17.08
CA THR I 75 47.91 -12.27 17.55
C THR I 75 48.06 -12.12 19.06
N THR I 76 47.64 -13.15 19.80
CA THR I 76 47.03 -14.34 19.22
C THR I 76 45.59 -14.50 19.71
N SER I 77 44.67 -13.84 19.00
CA SER I 77 43.24 -13.92 19.28
C SER I 77 42.92 -13.58 20.73
N THR I 78 43.46 -12.45 21.20
CA THR I 78 43.33 -12.10 22.61
C THR I 78 42.64 -10.75 22.77
N ALA I 79 41.61 -10.72 23.61
CA ALA I 79 40.84 -9.52 23.90
C ALA I 79 41.11 -9.05 25.32
N TYR I 80 41.20 -7.74 25.50
CA TYR I 80 41.58 -7.13 26.77
C TYR I 80 40.53 -6.11 27.17
N LEU I 81 40.12 -6.19 28.43
CA LEU I 81 39.18 -5.23 29.02
C LEU I 81 39.89 -4.53 30.17
N GLU I 82 40.04 -3.21 30.09
CA GLU I 82 40.71 -2.43 31.12
C GLU I 82 39.71 -1.55 31.84
N LEU I 83 39.66 -1.68 33.16
CA LEU I 83 38.81 -0.88 34.02
C LEU I 83 39.68 -0.04 34.95
N ARG I 84 39.41 1.26 34.98
CA ARG I 84 40.20 2.23 35.74
C ARG I 84 39.34 2.86 36.83
N GLY I 85 40.01 3.32 37.88
CA GLY I 85 39.32 3.97 38.99
C GLY I 85 38.34 3.05 39.66
N LEU I 86 38.78 1.82 39.95
CA LEU I 86 37.89 0.81 40.49
C LEU I 86 37.31 1.25 41.83
N ARG I 87 36.02 1.00 42.02
CA ARG I 87 35.34 1.27 43.28
C ARG I 87 34.71 -0.01 43.80
N SER I 88 34.20 0.06 45.03
CA SER I 88 33.78 -1.14 45.76
C SER I 88 32.70 -1.91 45.00
N ASP I 89 31.77 -1.19 44.37
CA ASP I 89 30.68 -1.87 43.66
C ASP I 89 31.17 -2.67 42.46
N ASP I 90 32.38 -2.38 41.97
CA ASP I 90 32.92 -3.10 40.81
C ASP I 90 33.25 -4.55 41.11
N THR I 91 33.38 -4.91 42.39
CA THR I 91 33.65 -6.30 42.76
C THR I 91 32.58 -7.22 42.18
N ALA I 92 32.98 -8.10 41.26
CA ALA I 92 32.03 -8.93 40.53
C ALA I 92 32.81 -10.01 39.80
N VAL I 93 32.07 -10.90 39.14
CA VAL I 93 32.64 -11.92 38.27
C VAL I 93 32.43 -11.46 36.83
N TYR I 94 33.52 -11.37 36.07
CA TYR I 94 33.48 -10.82 34.72
C TYR I 94 33.61 -11.96 33.71
N TYR I 95 32.62 -12.09 32.84
CA TYR I 95 32.61 -13.11 31.79
C TYR I 95 32.84 -12.46 30.43
N CYS I 96 33.33 -13.26 29.48
CA CYS I 96 33.44 -12.85 28.09
C CYS I 96 32.75 -13.87 27.21
N ALA I 97 32.18 -13.41 26.10
CA ALA I 97 31.47 -14.30 25.20
C ALA I 97 31.48 -13.74 23.80
N ARG I 98 31.48 -14.64 22.83
CA ARG I 98 31.48 -14.28 21.41
C ARG I 98 30.11 -13.79 20.95
N GLY I 99 30.10 -12.71 20.17
CA GLY I 99 28.88 -12.00 19.81
C GLY I 99 28.54 -11.92 18.34
N LEU I 100 28.67 -10.72 17.76
CA LEU I 100 28.16 -10.41 16.43
C LEU I 100 28.99 -11.11 15.36
N LEU I 101 28.40 -11.23 14.17
CA LEU I 101 29.13 -11.68 12.98
C LEU I 101 29.64 -10.45 12.21
N GLN I 102 30.91 -10.49 11.85
CA GLN I 102 31.54 -9.46 11.04
C GLN I 102 32.13 -10.11 9.79
N GLY I 103 31.97 -9.45 8.66
CA GLY I 103 32.48 -9.95 7.39
C GLY I 103 31.44 -10.57 6.49
N ALA I 104 30.22 -10.80 6.98
CA ALA I 104 29.14 -11.32 6.15
C ALA I 104 27.82 -10.84 6.71
N VAL I 105 26.87 -10.56 5.82
CA VAL I 105 25.50 -10.32 6.25
C VAL I 105 24.97 -11.62 6.87
N ILE I 106 24.03 -11.49 7.82
CA ILE I 106 23.52 -12.68 8.50
C ILE I 106 22.00 -12.68 8.47
N LEU I 107 21.45 -13.86 8.67
CA LEU I 107 20.02 -14.12 8.74
C LEU I 107 19.65 -14.95 9.97
N ASP I 108 20.51 -15.87 10.37
CA ASP I 108 20.30 -16.70 11.55
C ASP I 108 20.82 -15.97 12.79
N SER I 109 20.03 -16.02 13.87
CA SER I 109 20.30 -15.20 15.05
C SER I 109 21.40 -15.77 15.94
N TYR I 110 21.95 -16.95 15.63
CA TYR I 110 23.15 -17.41 16.32
C TYR I 110 24.24 -16.37 16.28
N HIS I 111 24.38 -15.69 15.16
CA HIS I 111 25.38 -14.65 15.00
C HIS I 111 24.93 -13.33 15.60
N TYR I 112 23.89 -13.37 16.43
CA TYR I 112 23.33 -12.26 17.19
C TYR I 112 23.12 -12.63 18.65
N ALA I 113 23.89 -13.60 19.15
CA ALA I 113 23.73 -14.15 20.48
C ALA I 113 25.11 -14.42 21.08
N LEU I 114 25.11 -14.98 22.29
CA LEU I 114 26.31 -15.20 23.10
C LEU I 114 26.34 -16.68 23.48
N ASP I 115 27.01 -17.53 22.69
CA ASP I 115 26.95 -18.95 22.98
C ASP I 115 28.13 -19.43 23.82
N PHE I 116 29.34 -19.23 23.32
CA PHE I 116 30.54 -19.77 23.95
C PHE I 116 31.10 -18.76 24.93
N TRP I 117 30.94 -19.03 26.22
CA TRP I 117 31.37 -18.17 27.30
C TRP I 117 32.69 -18.65 27.86
N GLY I 118 33.27 -17.81 28.72
CA GLY I 118 34.47 -18.17 29.45
C GLY I 118 34.14 -18.62 30.86
N GLN I 119 35.18 -19.12 31.54
CA GLN I 119 35.01 -19.50 32.94
C GLN I 119 34.72 -18.28 33.81
N GLY I 120 35.26 -17.12 33.44
CA GLY I 120 35.03 -15.90 34.20
C GLY I 120 36.12 -15.58 35.18
N THR I 121 36.57 -14.33 35.21
CA THR I 121 37.54 -13.85 36.18
C THR I 121 36.82 -13.17 37.33
N THR I 122 37.13 -13.57 38.55
CA THR I 122 36.55 -12.98 39.75
C THR I 122 37.47 -11.86 40.24
N VAL I 123 36.97 -10.63 40.23
CA VAL I 123 37.75 -9.46 40.60
C VAL I 123 37.18 -8.90 41.90
N THR I 124 38.01 -8.85 42.94
CA THR I 124 37.64 -8.30 44.23
C THR I 124 38.46 -7.04 44.46
N VAL I 125 37.77 -5.92 44.71
CA VAL I 125 38.41 -4.64 44.98
C VAL I 125 38.00 -4.16 46.37
N SER I 126 38.98 -4.03 47.26
CA SER I 126 38.75 -3.59 48.63
C SER I 126 40.08 -3.15 49.22
N GLY I 127 40.01 -2.22 50.17
CA GLY I 127 41.19 -1.70 50.84
C GLY I 127 41.69 -2.52 52.00
N ALA I 128 40.98 -3.59 52.37
CA ALA I 128 41.39 -4.41 53.50
C ALA I 128 42.68 -5.16 53.18
N SER I 129 43.57 -5.21 54.16
CA SER I 129 44.80 -5.99 54.01
C SER I 129 44.49 -7.48 54.02
N THR I 130 45.32 -8.25 53.32
CA THR I 130 45.19 -9.70 53.35
C THR I 130 45.40 -10.19 54.78
N LYS I 131 44.40 -10.91 55.30
CA LYS I 131 44.43 -11.34 56.69
C LYS I 131 43.92 -12.77 56.79
N GLY I 132 44.56 -13.57 57.65
CA GLY I 132 44.16 -14.93 57.87
C GLY I 132 42.91 -15.03 58.73
N PRO I 133 42.21 -16.15 58.64
CA PRO I 133 40.98 -16.32 59.41
C PRO I 133 41.25 -16.67 60.86
N SER I 134 40.33 -16.23 61.71
CA SER I 134 40.33 -16.58 63.12
C SER I 134 39.16 -17.54 63.37
N VAL I 135 39.46 -18.72 63.90
CA VAL I 135 38.47 -19.78 64.06
C VAL I 135 38.12 -19.90 65.53
N PHE I 136 36.84 -19.74 65.84
CA PHE I 136 36.33 -19.86 67.19
C PHE I 136 35.30 -20.98 67.25
N PRO I 137 35.40 -21.88 68.23
CA PRO I 137 34.49 -23.03 68.26
C PRO I 137 33.08 -22.64 68.66
N LEU I 138 32.11 -23.33 68.06
CA LEU I 138 30.70 -23.25 68.43
C LEU I 138 30.35 -24.51 69.20
N ALA I 139 30.10 -24.35 70.50
CA ALA I 139 30.01 -25.50 71.38
C ALA I 139 28.82 -26.37 71.04
N PRO I 140 28.95 -27.69 71.14
CA PRO I 140 27.76 -28.55 71.13
C PRO I 140 26.83 -28.14 72.25
N SER I 141 25.55 -28.03 71.92
CA SER I 141 24.57 -27.59 72.91
C SER I 141 24.50 -28.58 74.05
N SER I 142 24.61 -28.07 75.27
CA SER I 142 24.37 -28.89 76.45
C SER I 142 22.90 -29.29 76.48
N LYS I 143 22.60 -30.34 77.24
CA LYS I 143 21.30 -30.96 77.45
C LYS I 143 20.89 -31.82 76.25
N SER I 144 21.70 -31.87 75.17
CA SER I 144 21.54 -32.84 74.08
C SER I 144 20.16 -32.77 73.42
N THR I 145 19.90 -31.60 72.81
CA THR I 145 18.67 -31.29 72.06
C THR I 145 17.44 -31.93 72.70
N SER I 146 16.87 -32.96 72.06
CA SER I 146 15.73 -33.68 72.64
C SER I 146 16.06 -35.14 72.93
N GLY I 147 16.39 -35.92 71.91
CA GLY I 147 16.75 -37.32 72.07
C GLY I 147 18.17 -37.60 71.63
N GLY I 148 18.27 -38.09 70.39
CA GLY I 148 19.53 -38.42 69.74
C GLY I 148 19.93 -37.46 68.65
N THR I 149 19.75 -36.16 68.89
CA THR I 149 20.17 -35.12 67.96
C THR I 149 21.18 -34.19 68.62
N ALA I 150 22.13 -33.71 67.83
CA ALA I 150 23.14 -32.78 68.33
C ALA I 150 23.75 -32.02 67.17
N ALA I 151 24.21 -30.79 67.45
CA ALA I 151 24.82 -29.94 66.44
C ALA I 151 26.01 -29.19 67.02
N LEU I 152 27.09 -29.13 66.24
CA LEU I 152 28.29 -28.40 66.62
C LEU I 152 28.84 -27.69 65.39
N GLY I 153 29.64 -26.66 65.62
CA GLY I 153 30.12 -25.88 64.48
C GLY I 153 31.40 -25.13 64.77
N CYS I 154 31.87 -24.45 63.74
CA CYS I 154 33.06 -23.61 63.79
C CYS I 154 32.73 -22.25 63.21
N LEU I 155 33.26 -21.19 63.82
CA LEU I 155 33.06 -19.83 63.37
C LEU I 155 34.36 -19.29 62.78
N VAL I 156 34.32 -18.93 61.50
CA VAL I 156 35.47 -18.36 60.79
C VAL I 156 35.19 -16.87 60.59
N LYS I 157 36.05 -16.03 61.14
CA LYS I 157 35.81 -14.59 61.18
C LYS I 157 37.05 -13.83 60.74
N ASP I 158 36.80 -12.64 60.17
CA ASP I 158 37.86 -11.68 59.82
C ASP I 158 38.87 -12.29 58.85
N TYR I 159 38.37 -12.81 57.74
CA TYR I 159 39.23 -13.35 56.69
C TYR I 159 39.04 -12.56 55.42
N PHE I 160 40.16 -12.28 54.74
CA PHE I 160 40.13 -11.53 53.48
C PHE I 160 41.38 -11.86 52.68
N PRO I 161 41.25 -12.07 51.37
CA PRO I 161 40.02 -12.13 50.58
C PRO I 161 39.49 -13.56 50.47
N GLU I 162 38.32 -13.73 49.86
CA GLU I 162 37.77 -15.06 49.65
C GLU I 162 38.68 -15.85 48.72
N PRO I 163 38.68 -17.19 48.81
CA PRO I 163 37.82 -18.07 49.59
C PRO I 163 38.45 -18.71 50.83
N VAL I 164 37.65 -19.44 51.60
CA VAL I 164 38.16 -20.38 52.60
C VAL I 164 37.55 -21.74 52.32
N THR I 165 38.33 -22.78 52.56
CA THR I 165 37.87 -24.17 52.45
C THR I 165 37.85 -24.76 53.86
N VAL I 166 36.66 -25.16 54.31
CA VAL I 166 36.48 -25.71 55.64
C VAL I 166 36.13 -27.18 55.50
N SER I 167 36.88 -28.04 56.19
CA SER I 167 36.66 -29.47 56.17
C SER I 167 36.63 -29.98 57.60
N TRP I 168 35.88 -31.06 57.81
CA TRP I 168 35.66 -31.62 59.13
C TRP I 168 36.35 -32.96 59.27
N ASN I 169 37.16 -33.12 60.32
CA ASN I 169 37.89 -34.35 60.60
C ASN I 169 38.73 -34.78 59.40
N SER I 170 39.41 -33.81 58.79
CA SER I 170 40.31 -34.05 57.66
C SER I 170 39.63 -34.80 56.52
N GLY I 171 38.40 -34.39 56.21
CA GLY I 171 37.66 -34.99 55.12
C GLY I 171 36.93 -36.28 55.46
N ALA I 172 37.06 -36.78 56.69
CA ALA I 172 36.34 -37.99 57.08
C ALA I 172 34.84 -37.74 57.14
N LEU I 173 34.43 -36.56 57.61
CA LEU I 173 33.02 -36.24 57.83
C LEU I 173 32.51 -35.39 56.66
N THR I 174 31.64 -35.99 55.83
CA THR I 174 31.04 -35.30 54.68
C THR I 174 29.52 -35.29 54.76
N SER I 175 28.94 -35.80 55.84
CA SER I 175 27.50 -35.92 55.99
C SER I 175 27.02 -34.94 57.05
N GLY I 176 25.98 -34.18 56.71
CA GLY I 176 25.46 -33.18 57.61
C GLY I 176 26.27 -31.90 57.66
N VAL I 177 27.29 -31.77 56.81
CA VAL I 177 28.17 -30.61 56.84
C VAL I 177 27.52 -29.50 56.03
N HIS I 178 27.17 -28.40 56.71
CA HIS I 178 26.68 -27.20 56.06
C HIS I 178 27.67 -26.07 56.30
N THR I 179 28.21 -25.52 55.22
CA THR I 179 29.12 -24.38 55.28
C THR I 179 28.46 -23.21 54.57
N PHE I 180 28.11 -22.20 55.33
CA PHE I 180 27.31 -21.10 54.83
C PHE I 180 28.14 -20.13 54.00
N PRO I 181 27.50 -19.41 53.07
CA PRO I 181 28.25 -18.39 52.30
C PRO I 181 28.72 -17.25 53.18
N ALA I 182 29.79 -16.61 52.73
CA ALA I 182 30.39 -15.51 53.49
C ALA I 182 29.48 -14.29 53.48
N VAL I 183 29.58 -13.52 54.57
CA VAL I 183 28.90 -12.24 54.68
C VAL I 183 29.97 -11.16 54.82
N LEU I 184 29.85 -10.11 54.02
CA LEU I 184 30.83 -9.03 54.02
C LEU I 184 30.56 -8.11 55.21
N GLN I 185 31.48 -8.11 56.17
CA GLN I 185 31.38 -7.21 57.31
C GLN I 185 31.71 -5.78 56.89
N SER I 186 31.27 -4.82 57.71
CA SER I 186 31.42 -3.42 57.35
C SER I 186 32.88 -3.01 57.25
N SER I 187 33.76 -3.64 58.05
CA SER I 187 35.18 -3.35 58.01
C SER I 187 35.84 -3.73 56.68
N GLY I 188 35.15 -4.51 55.85
CA GLY I 188 35.73 -5.04 54.64
C GLY I 188 36.19 -6.47 54.74
N LEU I 189 36.05 -7.09 55.90
CA LEU I 189 36.45 -8.48 56.12
C LEU I 189 35.26 -9.40 55.90
N TYR I 190 35.53 -10.71 55.88
CA TYR I 190 34.50 -11.72 55.64
C TYR I 190 34.36 -12.60 56.87
N SER I 191 33.12 -12.98 57.18
CA SER I 191 32.82 -13.91 58.27
C SER I 191 32.03 -15.08 57.72
N LEU I 192 32.35 -16.28 58.19
CA LEU I 192 31.77 -17.51 57.68
C LEU I 192 31.57 -18.49 58.82
N SER I 193 30.59 -19.38 58.67
CA SER I 193 30.28 -20.37 59.68
C SER I 193 30.01 -21.72 59.03
N SER I 194 30.60 -22.77 59.59
CA SER I 194 30.38 -24.14 59.14
C SER I 194 29.94 -24.99 60.32
N VAL I 195 28.85 -25.73 60.13
CA VAL I 195 28.26 -26.53 61.19
C VAL I 195 27.96 -27.92 60.66
N VAL I 196 27.80 -28.87 61.57
CA VAL I 196 27.48 -30.25 61.21
C VAL I 196 26.62 -30.85 62.32
N THR I 197 25.69 -31.72 61.92
CA THR I 197 24.80 -32.41 62.83
C THR I 197 25.35 -33.81 63.11
N VAL I 198 25.46 -34.16 64.39
CA VAL I 198 26.09 -35.42 64.81
C VAL I 198 25.18 -36.09 65.83
N PRO I 199 25.31 -37.41 66.01
CA PRO I 199 24.54 -38.10 67.04
C PRO I 199 24.92 -37.62 68.44
N SER I 200 23.93 -37.67 69.35
CA SER I 200 24.17 -37.19 70.70
C SER I 200 25.15 -38.07 71.46
N SER I 201 25.06 -39.40 71.29
CA SER I 201 25.95 -40.29 72.01
C SER I 201 27.40 -40.15 71.57
N SER I 202 27.63 -39.76 70.30
CA SER I 202 28.98 -39.73 69.75
C SER I 202 29.86 -38.68 70.41
N LEU I 203 29.28 -37.76 71.17
CA LEU I 203 30.04 -36.65 71.74
C LEU I 203 31.31 -37.15 72.44
N GLY I 204 31.14 -38.04 73.41
CA GLY I 204 32.30 -38.62 74.07
C GLY I 204 33.09 -39.56 73.17
N THR I 205 32.37 -40.33 72.32
CA THR I 205 33.01 -41.41 71.58
C THR I 205 34.00 -40.90 70.54
N GLN I 206 33.67 -39.81 69.85
CA GLN I 206 34.46 -39.35 68.72
C GLN I 206 34.93 -37.91 68.94
N THR I 207 36.02 -37.57 68.25
CA THR I 207 36.63 -36.25 68.34
C THR I 207 36.36 -35.49 67.04
N TYR I 208 35.96 -34.23 67.16
CA TYR I 208 35.61 -33.41 66.02
C TYR I 208 36.52 -32.19 65.95
N ILE I 209 37.17 -32.02 64.81
CA ILE I 209 38.07 -30.89 64.55
C ILE I 209 37.71 -30.33 63.18
N CYS I 210 37.62 -29.00 63.09
CA CYS I 210 37.36 -28.34 61.82
C CYS I 210 38.66 -27.81 61.24
N ASN I 211 38.91 -28.13 59.97
CA ASN I 211 40.12 -27.73 59.27
C ASN I 211 39.78 -26.57 58.34
N VAL I 212 40.44 -25.43 58.52
CA VAL I 212 40.17 -24.23 57.76
C VAL I 212 41.43 -23.82 57.01
N ASN I 213 41.31 -23.62 55.70
CA ASN I 213 42.42 -23.19 54.85
C ASN I 213 42.09 -21.86 54.19
N HIS I 214 43.06 -20.95 54.18
CA HIS I 214 42.94 -19.66 53.51
C HIS I 214 44.16 -19.50 52.62
N LYS I 215 44.00 -19.78 51.33
CA LYS I 215 45.13 -19.78 50.41
C LYS I 215 45.88 -18.45 50.35
N PRO I 216 45.21 -17.29 50.26
CA PRO I 216 45.99 -16.03 50.18
C PRO I 216 46.90 -15.79 51.37
N SER I 217 46.49 -16.19 52.57
CA SER I 217 47.30 -15.98 53.76
C SER I 217 48.28 -17.11 54.03
N ASN I 218 48.20 -18.21 53.29
CA ASN I 218 49.03 -19.40 53.52
C ASN I 218 48.88 -19.90 54.95
N THR I 219 47.65 -19.84 55.46
CA THR I 219 47.34 -20.19 56.85
C THR I 219 46.32 -21.32 56.86
N LYS I 220 46.63 -22.38 57.63
CA LYS I 220 45.72 -23.49 57.86
C LYS I 220 45.58 -23.67 59.36
N VAL I 221 44.34 -23.58 59.85
CA VAL I 221 44.04 -23.63 61.28
C VAL I 221 43.10 -24.80 61.54
N ASP I 222 43.47 -25.63 62.52
CA ASP I 222 42.63 -26.74 62.97
C ASP I 222 42.14 -26.41 64.38
N LYS I 223 40.82 -26.44 64.56
CA LYS I 223 40.19 -26.07 65.82
C LYS I 223 39.26 -27.20 66.24
N ARG I 224 39.64 -27.92 67.30
CA ARG I 224 38.76 -28.94 67.84
C ARG I 224 37.58 -28.29 68.54
N VAL I 225 36.40 -28.89 68.40
CA VAL I 225 35.19 -28.44 69.05
C VAL I 225 34.78 -29.49 70.06
N GLU I 226 34.66 -29.09 71.31
CA GLU I 226 34.33 -29.99 72.41
C GLU I 226 33.34 -29.29 73.32
N PRO I 227 32.46 -30.04 73.97
CA PRO I 227 31.43 -29.42 74.82
C PRO I 227 32.04 -28.55 75.90
N LYS I 228 31.51 -27.34 76.04
CA LYS I 228 31.98 -26.43 77.08
C LYS I 228 31.70 -27.02 78.45
N SER I 229 32.70 -26.98 79.32
CA SER I 229 32.61 -27.57 80.65
C SER I 229 32.63 -26.45 81.70
N CYS I 230 31.59 -26.41 82.53
CA CYS I 230 31.56 -25.46 83.64
C CYS I 230 31.29 -26.21 84.93
#